data_6TCA
#
_entry.id   6TCA
#
_cell.length_a   279.346
_cell.length_b   69.286
_cell.length_c   221.107
_cell.angle_alpha   90.000
_cell.angle_beta   123.850
_cell.angle_gamma   90.000
#
_symmetry.space_group_name_H-M   'C 1 2 1'
#
loop_
_entity.id
_entity.type
_entity.pdbx_description
1 polymer 'MAP kinase-activated protein kinase 2'
2 polymer 'Mitogen-activated protein kinase 14'
3 non-polymer N-[5-(dimethylsulfamoyl)-2-methylphenyl]-1-phenyl-5-propyl-1H-pyrazole-4-carboxamide
#
loop_
_entity_poly.entity_id
_entity_poly.type
_entity_poly.pdbx_seq_one_letter_code
_entity_poly.pdbx_strand_id
1 'polypeptide(L)'
;GSQQFPQFHVKSGLQIKKNAIIDDYKVTSQVLGLGINGKVLQIFNKRTQEKFALKMLQDCPKARREVELHWRASQCPHIV
RIVDVYENLYAGRKCLLIVMECLDGGELFSRIQDRGDQAFTEREASEIMKSIGEAIQYLHSINIAHRDVKPENLLYTSKR
PNAILKLTDFGFAKETTSHNSLTTPCYTPYYVAPEVLGPEKYDKSCDMWSLGVIMYILLCGYPPFYSNHGLAISPGMKTR
IRMGQYEFPNPEWSEVSEEVKMLIRNLLKTEPTQRMTITEFMNHPWIMQSTKVPQTPLHTSRVLKEDKERWEDVKEEMTS
ALATMRVDYEQIKIKKIEDASNPLLLKRRKKARALEAAALAHGSRHHHHHH
;
A,C,E,G
2 'polypeptide(L)'
;GSASMSQERPTFYRQELNKTIWEVPERYQNLSPVGSGAYGSVCAAFDTKTGLRVAVKKLSRPFQSIIHAKRTYRELRLLK
HMKHENVIGLLDVFTPARSLEEFNDVYLVTHLMGADLNNIVKCQKLTDDHVQFLIYQILRGLKYIHSADIIHRDLKPSNL
AVNEDCELKILDFGLARHTDDEM(TPO)G(PTR)VATRWYRAPEIMLNWMHYNQTVDIWSVGCIMAELLTGRTLFPGTDH
IDQLKLILRLVGTPGAELLKKISSESARNYIQSLTQMPKMNFANVFIGANPLAVDLLEKMLVLDSDKRITAAQALAHAYF
AQYHDPDDEPVADPYDQSFESRDLLIDEWKSLTYDEVISFVPPPLDQEEMES
;
B,D,F,H
#
loop_
_chem_comp.id
_chem_comp.type
_chem_comp.name
_chem_comp.formula
39G non-polymer N-[5-(dimethylsulfamoyl)-2-methylphenyl]-1-phenyl-5-propyl-1H-pyrazole-4-carboxamide 'C22 H26 N4 O3 S'
#
# COMPACT_ATOMS: atom_id res chain seq x y z
N GLY A 13 36.68 -42.71 22.01
CA GLY A 13 37.74 -43.69 22.01
C GLY A 13 37.24 -45.12 22.04
N LEU A 14 35.93 -45.28 21.83
CA LEU A 14 35.32 -46.60 21.83
C LEU A 14 35.76 -47.39 20.61
N GLN A 15 36.06 -48.67 20.82
CA GLN A 15 36.41 -49.59 19.74
C GLN A 15 35.30 -50.62 19.60
N ILE A 16 34.70 -50.67 18.42
CA ILE A 16 33.59 -51.59 18.14
C ILE A 16 34.19 -52.97 17.89
N LYS A 17 33.92 -53.91 18.80
CA LYS A 17 34.37 -55.28 18.60
C LYS A 17 33.68 -55.87 17.38
N LYS A 18 34.47 -56.51 16.51
CA LYS A 18 34.00 -56.99 15.22
C LYS A 18 33.67 -58.49 15.23
N ASN A 19 33.89 -59.16 16.35
CA ASN A 19 33.67 -60.60 16.45
C ASN A 19 32.20 -60.88 16.76
N ALA A 20 31.76 -62.09 16.43
CA ALA A 20 30.38 -62.50 16.65
C ALA A 20 30.01 -62.36 18.13
N ILE A 21 28.73 -62.03 18.36
CA ILE A 21 28.26 -61.78 19.73
C ILE A 21 28.15 -63.08 20.52
N ILE A 22 27.89 -64.20 19.83
CA ILE A 22 27.69 -65.47 20.52
C ILE A 22 28.98 -66.05 21.08
N ASP A 23 30.14 -65.49 20.72
CA ASP A 23 31.39 -65.98 21.28
C ASP A 23 31.60 -65.52 22.71
N ASP A 24 31.08 -64.35 23.07
CA ASP A 24 31.18 -63.82 24.42
C ASP A 24 29.88 -63.84 25.20
N TYR A 25 28.75 -63.71 24.52
CA TYR A 25 27.44 -63.63 25.17
C TYR A 25 26.56 -64.78 24.72
N LYS A 26 25.46 -64.96 25.46
CA LYS A 26 24.45 -65.98 25.16
C LYS A 26 23.13 -65.29 24.89
N VAL A 27 22.71 -65.30 23.63
CA VAL A 27 21.46 -64.66 23.22
C VAL A 27 20.32 -65.63 23.40
N THR A 28 19.24 -65.18 24.02
CA THR A 28 18.05 -65.99 24.24
C THR A 28 16.88 -65.41 23.43
N SER A 29 15.80 -66.20 23.36
CA SER A 29 14.59 -65.79 22.67
C SER A 29 13.66 -64.97 23.55
N GLN A 30 14.03 -64.72 24.80
CA GLN A 30 13.20 -63.92 25.69
C GLN A 30 13.24 -62.46 25.25
N VAL A 31 12.07 -61.88 25.02
CA VAL A 31 11.96 -60.51 24.56
C VAL A 31 11.90 -59.57 25.75
N LEU A 32 12.66 -58.47 25.68
CA LEU A 32 12.69 -57.46 26.72
C LEU A 32 12.00 -56.17 26.26
N GLY A 33 10.90 -56.32 25.54
CA GLY A 33 10.19 -55.19 24.98
C GLY A 33 10.56 -54.93 23.53
N LEU A 34 9.67 -54.22 22.84
CA LEU A 34 9.85 -53.90 21.43
C LEU A 34 10.42 -52.51 21.27
N GLY A 35 11.52 -52.39 20.54
CA GLY A 35 12.13 -51.12 20.26
C GLY A 35 11.48 -50.41 19.09
N ILE A 36 12.17 -49.38 18.60
CA ILE A 36 11.66 -48.59 17.48
C ILE A 36 12.04 -49.24 16.14
N ASN A 37 13.23 -49.82 16.06
CA ASN A 37 13.73 -50.38 14.81
C ASN A 37 13.94 -51.88 14.87
N GLY A 38 13.53 -52.54 15.96
CA GLY A 38 13.72 -53.97 16.08
C GLY A 38 13.20 -54.55 17.37
N LYS A 39 13.83 -55.62 17.85
CA LYS A 39 13.43 -56.31 19.06
C LYS A 39 14.56 -56.24 20.08
N VAL A 40 14.18 -56.09 21.35
CA VAL A 40 15.13 -56.09 22.46
C VAL A 40 15.13 -57.47 23.11
N LEU A 41 16.31 -58.08 23.20
CA LEU A 41 16.44 -59.45 23.65
C LEU A 41 17.25 -59.50 24.95
N GLN A 42 16.98 -60.53 25.76
CA GLN A 42 17.77 -60.77 26.95
C GLN A 42 19.09 -61.44 26.57
N ILE A 43 20.16 -61.06 27.27
CA ILE A 43 21.50 -61.49 26.90
C ILE A 43 22.36 -61.57 28.15
N PHE A 44 23.14 -62.64 28.24
CA PHE A 44 24.01 -62.90 29.38
C PHE A 44 25.45 -63.04 28.91
N ASN A 45 26.39 -62.58 29.74
CA ASN A 45 27.80 -62.76 29.49
C ASN A 45 28.29 -63.95 30.31
N LYS A 46 28.80 -64.98 29.63
CA LYS A 46 29.17 -66.22 30.30
C LYS A 46 30.28 -65.99 31.33
N ARG A 47 31.25 -65.13 31.00
CA ARG A 47 32.35 -64.89 31.91
C ARG A 47 31.94 -64.14 33.17
N THR A 48 30.73 -63.57 33.20
CA THR A 48 30.25 -62.84 34.37
C THR A 48 28.84 -63.23 34.80
N GLN A 49 28.12 -64.03 34.01
CA GLN A 49 26.71 -64.35 34.27
C GLN A 49 25.88 -63.08 34.44
N GLU A 50 26.26 -62.03 33.73
CA GLU A 50 25.66 -60.71 33.87
C GLU A 50 24.57 -60.53 32.83
N LYS A 51 23.33 -60.38 33.29
CA LYS A 51 22.20 -60.20 32.39
C LYS A 51 22.20 -58.79 31.82
N PHE A 52 21.88 -58.67 30.54
CA PHE A 52 21.85 -57.39 29.85
C PHE A 52 20.65 -57.35 28.92
N ALA A 53 20.62 -56.33 28.07
CA ALA A 53 19.63 -56.20 27.00
C ALA A 53 20.36 -56.03 25.67
N LEU A 54 19.62 -56.16 24.58
CA LEU A 54 20.23 -56.14 23.24
C LEU A 54 19.42 -55.24 22.32
N LYS A 55 20.11 -54.35 21.61
CA LYS A 55 19.50 -53.44 20.65
C LYS A 55 20.03 -53.74 19.26
N MET A 56 19.13 -53.74 18.28
CA MET A 56 19.53 -54.08 16.91
C MET A 56 20.29 -52.94 16.26
N LEU A 57 19.61 -51.80 16.05
CA LEU A 57 20.24 -50.57 15.56
C LEU A 57 21.03 -50.81 14.28
N GLN A 58 20.28 -51.11 13.21
CA GLN A 58 20.87 -51.36 11.90
C GLN A 58 21.93 -50.33 11.56
N ASP A 59 23.04 -50.81 10.98
CA ASP A 59 24.18 -49.95 10.71
C ASP A 59 23.86 -48.91 9.64
N CYS A 60 24.34 -47.69 9.86
CA CYS A 60 24.16 -46.56 8.96
C CYS A 60 25.00 -45.40 9.47
N PRO A 61 25.20 -44.34 8.67
CA PRO A 61 25.92 -43.16 9.20
C PRO A 61 25.28 -42.57 10.44
N LYS A 62 23.96 -42.70 10.61
CA LYS A 62 23.31 -42.20 11.81
C LYS A 62 23.65 -43.05 13.02
N ALA A 63 23.71 -44.38 12.86
CA ALA A 63 23.88 -45.26 14.00
C ALA A 63 25.26 -45.12 14.62
N ARG A 64 26.29 -44.94 13.79
CA ARG A 64 27.65 -44.90 14.34
C ARG A 64 27.93 -43.59 15.07
N ARG A 65 27.28 -42.50 14.68
CA ARG A 65 27.47 -41.26 15.42
C ARG A 65 26.67 -41.23 16.71
N GLU A 66 25.52 -41.91 16.75
CA GLU A 66 24.76 -41.99 17.99
C GLU A 66 25.52 -42.79 19.05
N VAL A 67 25.94 -44.00 18.69
CA VAL A 67 26.67 -44.85 19.64
C VAL A 67 27.94 -44.17 20.10
N GLU A 68 28.58 -43.38 19.23
CA GLU A 68 29.75 -42.62 19.64
C GLU A 68 29.41 -41.62 20.74
N LEU A 69 28.19 -41.11 20.77
CA LEU A 69 27.75 -40.17 21.80
C LEU A 69 27.22 -40.89 23.03
N HIS A 70 26.38 -41.89 22.84
CA HIS A 70 25.89 -42.69 23.97
C HIS A 70 27.04 -43.40 24.68
N TRP A 71 28.16 -43.62 24.01
CA TRP A 71 29.34 -44.15 24.67
C TRP A 71 29.94 -43.12 25.63
N ARG A 72 30.04 -41.87 25.20
CA ARG A 72 30.67 -40.85 26.03
C ARG A 72 29.84 -40.55 27.26
N ALA A 73 28.52 -40.58 27.13
CA ALA A 73 27.62 -40.31 28.26
C ALA A 73 27.46 -41.50 29.20
N SER A 74 28.14 -42.62 28.93
CA SER A 74 27.98 -43.79 29.78
C SER A 74 28.54 -43.57 31.18
N GLN A 75 29.61 -42.79 31.30
CA GLN A 75 30.20 -42.50 32.60
C GLN A 75 29.42 -41.39 33.30
N CYS A 76 28.12 -41.64 33.45
CA CYS A 76 27.19 -40.77 34.16
C CYS A 76 26.08 -41.63 34.74
N PRO A 77 26.00 -41.76 36.06
CA PRO A 77 25.08 -42.75 36.66
C PRO A 77 23.63 -42.54 36.27
N HIS A 78 23.21 -41.31 35.96
CA HIS A 78 21.84 -41.05 35.55
C HIS A 78 21.62 -41.25 34.05
N ILE A 79 22.54 -41.94 33.38
CA ILE A 79 22.39 -42.31 31.98
C ILE A 79 22.71 -43.80 31.88
N VAL A 80 21.88 -44.53 31.13
CA VAL A 80 22.03 -45.98 31.05
C VAL A 80 23.41 -46.32 30.51
N ARG A 81 24.01 -47.36 31.08
CA ARG A 81 25.39 -47.72 30.78
C ARG A 81 25.43 -48.62 29.54
N ILE A 82 26.06 -48.13 28.48
CA ILE A 82 26.44 -49.00 27.38
C ILE A 82 27.59 -49.88 27.86
N VAL A 83 27.49 -51.18 27.59
CA VAL A 83 28.53 -52.11 28.03
C VAL A 83 29.51 -52.44 26.91
N ASP A 84 29.00 -52.65 25.69
CA ASP A 84 29.82 -52.85 24.51
C ASP A 84 28.89 -52.89 23.29
N VAL A 85 29.49 -52.70 22.12
CA VAL A 85 28.76 -52.68 20.86
C VAL A 85 29.49 -53.57 19.86
N TYR A 86 28.72 -54.41 19.17
CA TYR A 86 29.24 -55.31 18.15
C TYR A 86 28.78 -54.86 16.77
N GLU A 87 29.53 -55.29 15.74
CA GLU A 87 29.14 -55.09 14.35
C GLU A 87 29.06 -56.47 13.70
N ASN A 88 27.86 -57.04 13.70
CA ASN A 88 27.65 -58.36 13.11
C ASN A 88 26.52 -58.31 12.09
N LEU A 89 26.10 -59.47 11.59
CA LEU A 89 25.03 -59.57 10.60
C LEU A 89 23.89 -60.38 11.20
N TYR A 90 22.70 -59.80 11.20
CA TYR A 90 21.49 -60.49 11.64
C TYR A 90 20.44 -60.38 10.56
N ALA A 91 19.87 -61.52 10.16
CA ALA A 91 18.85 -61.59 9.11
C ALA A 91 19.35 -60.94 7.82
N GLY A 92 20.62 -61.15 7.50
CA GLY A 92 21.20 -60.60 6.29
C GLY A 92 21.32 -59.10 6.26
N ARG A 93 21.29 -58.45 7.43
CA ARG A 93 21.37 -57.00 7.53
C ARG A 93 22.66 -56.61 8.23
N LYS A 94 23.31 -55.58 7.71
CA LYS A 94 24.48 -54.98 8.36
C LYS A 94 24.00 -54.25 9.61
N CYS A 95 24.22 -54.85 10.77
CA CYS A 95 23.68 -54.35 12.03
C CYS A 95 24.79 -54.02 13.01
N LEU A 96 24.47 -53.13 13.93
CA LEU A 96 25.37 -52.72 15.02
C LEU A 96 24.75 -53.22 16.33
N LEU A 97 25.07 -54.45 16.69
CA LEU A 97 24.50 -55.06 17.90
C LEU A 97 24.94 -54.27 19.14
N ILE A 98 23.95 -53.83 19.92
CA ILE A 98 24.17 -52.99 21.09
C ILE A 98 23.72 -53.76 22.32
N VAL A 99 24.60 -53.85 23.31
CA VAL A 99 24.29 -54.47 24.60
C VAL A 99 24.26 -53.38 25.65
N MET A 100 23.24 -53.40 26.51
CA MET A 100 23.00 -52.35 27.48
C MET A 100 22.73 -52.92 28.86
N GLU A 101 22.75 -52.04 29.85
CA GLU A 101 22.31 -52.40 31.19
C GLU A 101 20.80 -52.60 31.21
N CYS A 102 20.37 -53.67 31.87
CA CYS A 102 18.95 -53.99 31.94
C CYS A 102 18.27 -53.08 32.95
N LEU A 103 17.27 -52.33 32.49
CA LEU A 103 16.51 -51.43 33.35
C LEU A 103 15.16 -52.07 33.65
N ASP A 104 14.91 -52.34 34.94
CA ASP A 104 13.72 -53.05 35.36
C ASP A 104 12.77 -52.22 36.22
N GLY A 105 13.16 -50.99 36.59
CA GLY A 105 12.31 -50.18 37.45
C GLY A 105 11.08 -49.65 36.78
N GLY A 106 11.05 -49.61 35.45
CA GLY A 106 9.92 -49.09 34.73
C GLY A 106 10.00 -47.59 34.52
N GLU A 107 8.95 -47.05 33.91
CA GLU A 107 8.89 -45.63 33.62
C GLU A 107 8.85 -44.81 34.91
N LEU A 108 9.34 -43.57 34.81
CA LEU A 108 9.41 -42.70 35.99
C LEU A 108 8.03 -42.44 36.57
N PHE A 109 7.06 -42.13 35.71
CA PHE A 109 5.72 -41.80 36.18
C PHE A 109 4.86 -43.02 36.45
N SER A 110 5.28 -44.20 35.95
CA SER A 110 4.61 -45.43 36.36
C SER A 110 4.95 -45.79 37.81
N ARG A 111 6.13 -45.39 38.28
CA ARG A 111 6.46 -45.56 39.69
C ARG A 111 5.63 -44.63 40.56
N ILE A 112 5.38 -43.41 40.08
CA ILE A 112 4.50 -42.49 40.80
C ILE A 112 3.03 -42.88 40.58
N GLN A 113 2.74 -43.53 39.46
CA GLN A 113 1.37 -44.00 39.19
C GLN A 113 0.85 -44.87 40.32
N ASP A 114 1.56 -45.97 40.60
CA ASP A 114 1.18 -46.89 41.67
C ASP A 114 1.85 -46.43 42.96
N ARG A 115 1.09 -45.72 43.79
CA ARG A 115 1.55 -45.26 45.09
C ARG A 115 0.52 -45.67 46.13
N GLY A 116 0.96 -46.43 47.13
CA GLY A 116 0.02 -47.00 48.09
C GLY A 116 -0.68 -45.97 48.95
N ASP A 117 0.05 -45.36 49.88
CA ASP A 117 -0.51 -44.31 50.72
C ASP A 117 0.38 -43.08 50.87
N GLN A 118 1.70 -43.19 50.74
CA GLN A 118 2.59 -42.06 50.94
C GLN A 118 2.42 -41.03 49.83
N ALA A 119 2.02 -39.82 50.20
CA ALA A 119 1.76 -38.78 49.22
C ALA A 119 3.06 -38.25 48.64
N PHE A 120 2.99 -37.80 47.39
CA PHE A 120 4.13 -37.21 46.71
C PHE A 120 4.39 -35.80 47.25
N THR A 121 5.60 -35.55 47.70
CA THR A 121 5.99 -34.26 48.25
C THR A 121 6.81 -33.47 47.24
N GLU A 122 6.85 -32.16 47.44
CA GLU A 122 7.63 -31.30 46.54
C GLU A 122 9.12 -31.56 46.66
N ARG A 123 9.58 -31.95 47.85
CA ARG A 123 10.98 -32.32 48.01
C ARG A 123 11.33 -33.55 47.18
N GLU A 124 10.44 -34.55 47.18
CA GLU A 124 10.67 -35.74 46.36
C GLU A 124 10.78 -35.40 44.89
N ALA A 125 10.05 -34.37 44.44
CA ALA A 125 10.16 -33.90 43.06
C ALA A 125 11.42 -33.07 42.83
N SER A 126 12.15 -32.72 43.88
CA SER A 126 13.37 -31.93 43.72
C SER A 126 14.58 -32.79 43.39
N GLU A 127 14.82 -33.83 44.19
CA GLU A 127 15.93 -34.75 43.88
C GLU A 127 15.66 -35.54 42.60
N ILE A 128 14.40 -35.72 42.22
CA ILE A 128 14.09 -36.31 40.93
C ILE A 128 14.52 -35.38 39.80
N MET A 129 14.22 -34.09 39.94
CA MET A 129 14.65 -33.11 38.95
C MET A 129 16.16 -32.84 39.03
N LYS A 130 16.72 -32.89 40.25
CA LYS A 130 18.17 -32.79 40.38
C LYS A 130 18.86 -33.97 39.72
N SER A 131 18.23 -35.15 39.76
CA SER A 131 18.79 -36.32 39.08
C SER A 131 18.79 -36.12 37.58
N ILE A 132 17.65 -35.72 37.01
CA ILE A 132 17.57 -35.48 35.58
C ILE A 132 18.50 -34.34 35.16
N GLY A 133 18.61 -33.33 36.02
CA GLY A 133 19.50 -32.22 35.71
C GLY A 133 20.96 -32.62 35.64
N GLU A 134 21.39 -33.52 36.53
CA GLU A 134 22.77 -33.99 36.50
C GLU A 134 23.07 -34.73 35.20
N ALA A 135 22.06 -35.38 34.61
CA ALA A 135 22.26 -36.03 33.31
C ALA A 135 22.37 -35.01 32.20
N ILE A 136 21.48 -34.02 32.19
CA ILE A 136 21.53 -32.98 31.16
C ILE A 136 22.75 -32.09 31.35
N GLN A 137 23.18 -31.88 32.60
CA GLN A 137 24.37 -31.06 32.84
C GLN A 137 25.62 -31.77 32.35
N TYR A 138 25.68 -33.10 32.49
CA TYR A 138 26.79 -33.85 31.94
C TYR A 138 26.79 -33.81 30.42
N LEU A 139 25.62 -34.05 29.82
CA LEU A 139 25.53 -34.07 28.36
C LEU A 139 25.88 -32.71 27.76
N HIS A 140 25.42 -31.62 28.38
CA HIS A 140 25.69 -30.30 27.84
C HIS A 140 27.12 -29.86 28.10
N SER A 141 27.75 -30.39 29.15
CA SER A 141 29.15 -30.04 29.41
C SER A 141 30.08 -30.60 28.35
N ILE A 142 29.74 -31.76 27.78
CA ILE A 142 30.53 -32.34 26.68
C ILE A 142 29.85 -32.12 25.33
N ASN A 143 28.81 -31.29 25.28
CA ASN A 143 28.22 -30.80 24.03
C ASN A 143 27.50 -31.90 23.26
N ILE A 144 26.81 -32.78 23.97
CA ILE A 144 25.89 -33.74 23.36
C ILE A 144 24.48 -33.31 23.76
N ALA A 145 23.71 -32.83 22.79
CA ALA A 145 22.38 -32.29 23.05
C ALA A 145 21.33 -33.36 22.74
N HIS A 146 21.10 -34.22 23.73
CA HIS A 146 19.93 -35.09 23.72
C HIS A 146 18.69 -34.24 23.51
N ARG A 147 17.77 -34.72 22.68
CA ARG A 147 16.55 -33.95 22.42
C ARG A 147 15.34 -34.86 22.35
N ASP A 148 15.27 -35.86 23.24
CA ASP A 148 14.09 -36.71 23.34
C ASP A 148 13.78 -37.04 24.79
N VAL A 149 14.08 -36.11 25.71
CA VAL A 149 13.89 -36.35 27.13
C VAL A 149 12.40 -36.29 27.45
N LYS A 150 11.77 -37.45 27.57
CA LYS A 150 10.34 -37.53 27.85
C LYS A 150 10.11 -38.65 28.85
N PRO A 151 8.89 -38.76 29.44
CA PRO A 151 8.68 -39.78 30.49
C PRO A 151 9.07 -41.20 30.10
N GLU A 152 8.74 -41.64 28.89
CA GLU A 152 9.04 -43.01 28.50
C GLU A 152 10.53 -43.25 28.28
N ASN A 153 11.37 -42.23 28.40
CA ASN A 153 12.82 -42.38 28.30
C ASN A 153 13.52 -42.20 29.65
N LEU A 154 12.77 -42.31 30.74
CA LEU A 154 13.29 -42.15 32.10
C LEU A 154 12.93 -43.41 32.87
N LEU A 155 13.81 -44.41 32.83
CA LEU A 155 13.57 -45.69 33.47
C LEU A 155 14.39 -45.82 34.74
N TYR A 156 13.81 -46.50 35.73
CA TYR A 156 14.54 -46.86 36.94
C TYR A 156 15.23 -48.21 36.76
N THR A 157 16.20 -48.47 37.63
CA THR A 157 17.00 -49.68 37.50
C THR A 157 16.25 -50.91 37.99
N SER A 158 15.47 -50.78 39.08
CA SER A 158 14.79 -51.92 39.66
C SER A 158 13.52 -51.46 40.35
N LYS A 159 12.65 -52.43 40.66
CA LYS A 159 11.45 -52.14 41.44
C LYS A 159 11.78 -51.75 42.87
N ARG A 160 12.97 -52.09 43.34
CA ARG A 160 13.35 -51.73 44.70
C ARG A 160 13.45 -50.21 44.84
N PRO A 161 13.05 -49.65 45.98
CA PRO A 161 13.13 -48.18 46.13
C PRO A 161 14.53 -47.62 45.97
N ASN A 162 15.56 -48.45 46.05
CA ASN A 162 16.95 -48.03 45.89
C ASN A 162 17.32 -47.77 44.44
N ALA A 163 16.35 -47.75 43.54
CA ALA A 163 16.64 -47.60 42.11
C ALA A 163 17.19 -46.21 41.80
N ILE A 164 17.86 -46.11 40.66
CA ILE A 164 18.45 -44.86 40.18
C ILE A 164 17.82 -44.52 38.85
N LEU A 165 17.27 -43.31 38.75
CA LEU A 165 16.66 -42.86 37.49
C LEU A 165 17.74 -42.65 36.43
N LYS A 166 17.46 -43.13 35.22
CA LYS A 166 18.41 -43.08 34.12
C LYS A 166 17.75 -42.55 32.86
N LEU A 167 18.56 -41.94 32.00
CA LEU A 167 18.10 -41.39 30.73
C LEU A 167 18.46 -42.36 29.60
N THR A 168 17.52 -42.53 28.67
CA THR A 168 17.68 -43.49 27.58
C THR A 168 17.23 -42.83 26.27
N ASP A 169 17.11 -43.65 25.22
CA ASP A 169 16.58 -43.24 23.92
C ASP A 169 17.39 -42.09 23.31
N PHE A 170 18.63 -42.43 22.98
CA PHE A 170 19.56 -41.50 22.34
C PHE A 170 19.37 -41.41 20.84
N GLY A 171 18.19 -41.78 20.33
CA GLY A 171 17.98 -41.80 18.89
C GLY A 171 18.11 -40.44 18.24
N PHE A 172 17.74 -39.38 18.95
CA PHE A 172 17.82 -38.03 18.42
C PHE A 172 19.02 -37.25 18.94
N ALA A 173 19.96 -37.93 19.61
CA ALA A 173 21.12 -37.26 20.18
C ALA A 173 21.91 -36.54 19.11
N LYS A 174 22.65 -35.50 19.53
CA LYS A 174 23.40 -34.68 18.58
C LYS A 174 24.52 -33.96 19.31
N GLU A 175 25.72 -34.01 18.74
CA GLU A 175 26.82 -33.19 19.22
C GLU A 175 26.66 -31.77 18.66
N THR A 176 26.76 -30.78 19.53
CA THR A 176 26.49 -29.39 19.16
C THR A 176 27.70 -28.52 19.48
N THR A 177 27.63 -27.27 19.00
CA THR A 177 28.66 -26.28 19.27
C THR A 177 28.35 -25.56 20.58
N SER A 178 29.37 -25.43 21.42
CA SER A 178 29.22 -24.74 22.71
C SER A 178 29.36 -23.23 22.51
N HIS A 179 28.34 -22.67 21.87
CA HIS A 179 28.31 -21.24 21.56
C HIS A 179 27.12 -20.61 22.28
N ASN A 180 27.39 -19.97 23.42
CA ASN A 180 26.36 -19.27 24.15
C ASN A 180 25.82 -18.11 23.32
N SER A 181 24.49 -18.02 23.22
CA SER A 181 23.87 -16.96 22.45
C SER A 181 24.12 -15.61 23.11
N LEU A 182 24.14 -14.56 22.27
CA LEU A 182 24.49 -13.22 22.72
C LEU A 182 23.27 -12.39 23.15
N THR A 183 22.13 -13.05 23.40
CA THR A 183 21.03 -12.48 24.20
C THR A 183 20.48 -11.14 23.68
N THR A 184 19.63 -11.22 22.66
CA THR A 184 18.99 -10.11 21.96
C THR A 184 18.63 -8.93 22.87
N PRO A 185 18.78 -7.70 22.39
CA PRO A 185 18.59 -6.53 23.25
C PRO A 185 17.13 -6.16 23.41
N CYS A 186 16.88 -5.29 24.40
CA CYS A 186 15.53 -4.84 24.71
C CYS A 186 15.01 -3.81 23.72
N TYR A 187 15.89 -3.14 22.98
CA TYR A 187 15.49 -2.10 22.02
C TYR A 187 15.52 -2.69 20.62
N THR A 188 14.33 -2.87 20.03
CA THR A 188 14.20 -3.41 18.69
C THR A 188 13.39 -2.46 17.82
N PRO A 189 13.72 -2.35 16.54
CA PRO A 189 12.95 -1.47 15.64
C PRO A 189 11.54 -2.00 15.43
N TYR A 190 10.72 -1.15 14.81
CA TYR A 190 9.34 -1.54 14.51
C TYR A 190 9.30 -2.67 13.50
N TYR A 191 10.09 -2.56 12.43
CA TYR A 191 10.09 -3.59 11.40
C TYR A 191 10.77 -4.86 11.90
N VAL A 192 10.41 -5.97 11.27
CA VAL A 192 10.98 -7.27 11.62
C VAL A 192 12.15 -7.54 10.67
N ALA A 193 13.36 -7.56 11.22
CA ALA A 193 14.54 -7.77 10.41
C ALA A 193 14.60 -9.20 9.90
N PRO A 194 15.13 -9.42 8.69
CA PRO A 194 15.30 -10.78 8.20
C PRO A 194 16.17 -11.61 9.13
N GLU A 195 15.69 -12.80 9.47
CA GLU A 195 16.37 -13.62 10.46
C GLU A 195 17.64 -14.24 9.89
N VAL A 196 18.70 -14.25 10.70
CA VAL A 196 19.93 -14.95 10.38
C VAL A 196 19.80 -16.38 10.88
N LEU A 197 20.08 -17.35 10.01
CA LEU A 197 19.81 -18.76 10.32
C LEU A 197 20.83 -19.28 11.34
N GLY A 198 20.32 -19.72 12.48
CA GLY A 198 21.14 -20.21 13.56
C GLY A 198 20.67 -21.56 14.10
N PRO A 199 20.30 -22.50 13.21
CA PRO A 199 19.52 -23.67 13.63
C PRO A 199 20.06 -24.43 14.84
N GLU A 200 21.36 -24.30 15.10
CA GLU A 200 21.94 -24.94 16.28
C GLU A 200 21.42 -24.38 17.59
N LYS A 201 20.73 -23.24 17.57
CA LYS A 201 20.18 -22.68 18.79
C LYS A 201 19.02 -23.49 19.35
N TYR A 202 18.48 -24.42 18.58
CA TYR A 202 17.41 -25.31 19.05
C TYR A 202 17.94 -26.61 19.62
N ASP A 203 19.26 -26.79 19.69
CA ASP A 203 19.82 -28.05 20.16
C ASP A 203 19.79 -28.15 21.68
N LYS A 204 20.49 -27.26 22.37
CA LYS A 204 20.49 -27.27 23.83
C LYS A 204 19.18 -26.72 24.40
N SER A 205 18.62 -25.70 23.75
CA SER A 205 17.41 -25.07 24.26
C SER A 205 16.23 -26.02 24.29
N CYS A 206 16.21 -27.01 23.40
CA CYS A 206 15.15 -28.01 23.42
C CYS A 206 15.24 -28.89 24.67
N ASP A 207 16.44 -29.15 25.15
CA ASP A 207 16.63 -29.94 26.37
C ASP A 207 15.90 -29.32 27.55
N MET A 208 16.24 -28.08 27.89
CA MET A 208 15.60 -27.41 29.01
C MET A 208 14.10 -27.33 28.84
N TRP A 209 13.61 -27.28 27.60
CA TRP A 209 12.18 -27.28 27.37
C TRP A 209 11.53 -28.54 27.94
N SER A 210 12.18 -29.69 27.78
CA SER A 210 11.67 -30.92 28.38
C SER A 210 11.78 -30.88 29.90
N LEU A 211 12.79 -30.20 30.42
CA LEU A 211 12.94 -30.09 31.88
C LEU A 211 11.74 -29.40 32.51
N GLY A 212 11.27 -28.32 31.89
CA GLY A 212 10.12 -27.62 32.42
C GLY A 212 8.84 -28.45 32.33
N VAL A 213 8.67 -29.18 31.23
CA VAL A 213 7.49 -30.02 31.08
C VAL A 213 7.51 -31.14 32.12
N ILE A 214 8.63 -31.87 32.22
CA ILE A 214 8.75 -32.93 33.22
C ILE A 214 8.54 -32.37 34.62
N MET A 215 9.15 -31.22 34.91
CA MET A 215 8.95 -30.58 36.20
C MET A 215 7.49 -30.19 36.40
N TYR A 216 6.84 -29.71 35.34
CA TYR A 216 5.43 -29.38 35.42
C TYR A 216 4.58 -30.62 35.63
N ILE A 217 4.87 -31.70 34.89
CA ILE A 217 4.12 -32.95 35.03
C ILE A 217 4.20 -33.45 36.46
N LEU A 218 5.42 -33.44 37.04
CA LEU A 218 5.62 -34.01 38.37
C LEU A 218 4.78 -33.30 39.42
N LEU A 219 4.69 -31.97 39.34
CA LEU A 219 4.06 -31.22 40.42
C LEU A 219 2.55 -31.33 40.42
N CYS A 220 1.92 -31.50 39.25
CA CYS A 220 0.47 -31.56 39.15
C CYS A 220 -0.06 -32.85 38.57
N GLY A 221 0.77 -33.65 37.91
CA GLY A 221 0.32 -34.89 37.33
C GLY A 221 -0.27 -34.80 35.94
N TYR A 222 -0.04 -33.71 35.22
CA TYR A 222 -0.58 -33.55 33.87
C TYR A 222 0.28 -32.52 33.13
N PRO A 223 0.16 -32.43 31.81
CA PRO A 223 1.05 -31.56 31.04
C PRO A 223 0.44 -30.19 30.80
N PRO A 224 1.27 -29.21 30.41
CA PRO A 224 0.76 -27.85 30.15
C PRO A 224 -0.25 -27.77 29.03
N PHE A 225 0.02 -28.44 27.91
CA PHE A 225 -0.77 -28.24 26.70
C PHE A 225 -2.10 -28.99 26.84
N TYR A 226 -3.21 -28.28 26.61
CA TYR A 226 -4.52 -28.92 26.74
C TYR A 226 -4.71 -30.01 25.70
N SER A 227 -4.38 -29.71 24.45
CA SER A 227 -4.71 -30.54 23.30
C SER A 227 -3.75 -30.22 22.16
N ASN A 228 -4.32 -30.08 20.96
CA ASN A 228 -3.60 -29.70 19.75
C ASN A 228 -3.00 -28.31 19.89
N HIS A 229 -2.13 -28.14 20.88
CA HIS A 229 -1.42 -26.90 21.12
C HIS A 229 -0.11 -27.24 21.83
N GLY A 230 0.69 -26.20 22.11
CA GLY A 230 1.99 -26.38 22.72
C GLY A 230 2.55 -25.25 23.58
N LEU A 231 3.02 -25.66 24.74
CA LEU A 231 3.97 -24.96 25.62
C LEU A 231 3.27 -23.73 26.21
N ALA A 232 1.96 -23.72 26.14
CA ALA A 232 1.17 -22.55 26.48
C ALA A 232 0.92 -22.47 27.96
N ILE A 233 1.48 -23.42 28.71
CA ILE A 233 1.26 -23.56 30.13
C ILE A 233 -0.21 -23.36 30.48
N LYS A 238 -7.85 -25.61 27.85
CA LYS A 238 -8.95 -24.76 28.31
C LYS A 238 -10.18 -24.94 27.43
N THR A 239 -11.22 -25.56 28.00
CA THR A 239 -12.48 -25.77 27.30
C THR A 239 -13.47 -24.62 27.49
N ARG A 240 -13.03 -23.53 28.12
CA ARG A 240 -13.84 -22.33 28.27
C ARG A 240 -12.96 -21.13 28.02
N ILE A 241 -13.59 -19.97 27.86
CA ILE A 241 -12.82 -18.75 27.59
C ILE A 241 -12.26 -18.27 28.92
N ARG A 242 -11.06 -18.72 29.25
CA ARG A 242 -10.36 -18.25 30.44
C ARG A 242 -9.63 -16.96 30.12
N MET A 243 -9.70 -16.01 31.04
CA MET A 243 -9.07 -14.71 30.85
C MET A 243 -7.78 -14.55 31.65
N GLY A 244 -7.64 -15.27 32.76
CA GLY A 244 -6.44 -15.22 33.55
C GLY A 244 -6.35 -16.45 34.44
N GLN A 245 -5.24 -16.55 35.17
CA GLN A 245 -4.98 -17.65 36.10
C GLN A 245 -5.08 -19.01 35.41
N TYR A 246 -4.76 -19.05 34.12
CA TYR A 246 -4.73 -20.30 33.39
C TYR A 246 -3.36 -20.97 33.44
N GLU A 247 -2.36 -20.27 33.97
CA GLU A 247 -0.99 -20.76 33.90
C GLU A 247 -0.79 -21.98 34.77
N PHE A 248 -1.15 -21.87 36.05
CA PHE A 248 -1.08 -22.96 37.01
C PHE A 248 -2.40 -22.95 37.77
N PRO A 249 -3.39 -23.73 37.31
CA PRO A 249 -4.72 -23.65 37.93
C PRO A 249 -4.68 -24.07 39.40
N ASN A 250 -5.42 -23.31 40.21
CA ASN A 250 -5.33 -23.46 41.66
C ASN A 250 -5.77 -24.81 42.21
N PRO A 251 -6.77 -25.52 41.66
CA PRO A 251 -7.19 -26.79 42.27
C PRO A 251 -6.06 -27.73 42.66
N GLU A 252 -4.94 -27.71 41.94
CA GLU A 252 -3.79 -28.53 42.29
C GLU A 252 -2.49 -27.74 42.43
N TRP A 253 -2.43 -26.50 41.95
CA TRP A 253 -1.22 -25.69 42.02
C TRP A 253 -1.27 -24.67 43.15
N SER A 254 -2.18 -24.81 44.11
CA SER A 254 -2.36 -23.78 45.12
C SER A 254 -1.17 -23.71 46.06
N GLU A 255 -0.75 -24.86 46.62
CA GLU A 255 0.30 -24.89 47.63
C GLU A 255 1.69 -25.05 47.04
N VAL A 256 1.89 -24.62 45.79
CA VAL A 256 3.19 -24.73 45.14
C VAL A 256 3.96 -23.43 45.37
N SER A 257 5.26 -23.56 45.59
CA SER A 257 6.11 -22.40 45.87
C SER A 257 6.15 -21.45 44.67
N GLU A 258 6.30 -20.16 44.98
CA GLU A 258 6.36 -19.15 43.93
C GLU A 258 7.69 -19.23 43.18
N GLU A 259 8.78 -19.55 43.89
CA GLU A 259 10.06 -19.73 43.22
C GLU A 259 10.03 -20.90 42.25
N VAL A 260 9.26 -21.94 42.58
CA VAL A 260 9.13 -23.09 41.69
C VAL A 260 8.18 -22.77 40.54
N LYS A 261 7.06 -22.11 40.84
CA LYS A 261 6.09 -21.77 39.82
C LYS A 261 6.66 -20.85 38.75
N MET A 262 7.71 -20.09 39.08
CA MET A 262 8.35 -19.20 38.13
C MET A 262 9.58 -19.80 37.46
N LEU A 263 10.15 -20.85 38.04
CA LEU A 263 11.23 -21.57 37.36
C LEU A 263 10.72 -22.25 36.10
N ILE A 264 9.51 -22.80 36.16
CA ILE A 264 8.90 -23.43 34.99
C ILE A 264 8.66 -22.39 33.89
N ARG A 265 8.36 -21.14 34.28
CA ARG A 265 8.20 -20.09 33.29
C ARG A 265 9.50 -19.83 32.54
N ASN A 266 10.64 -19.92 33.24
CA ASN A 266 11.92 -19.72 32.57
C ASN A 266 12.27 -20.90 31.67
N LEU A 267 11.96 -22.12 32.11
CA LEU A 267 12.28 -23.30 31.32
C LEU A 267 11.34 -23.46 30.13
N LEU A 268 10.07 -23.09 30.29
CA LEU A 268 9.09 -23.16 29.21
C LEU A 268 8.93 -21.82 28.49
N LYS A 269 9.98 -21.00 28.48
CA LYS A 269 9.98 -19.78 27.69
C LYS A 269 9.86 -20.12 26.21
N THR A 270 9.00 -19.38 25.49
CA THR A 270 8.79 -19.64 24.07
C THR A 270 10.05 -19.38 23.25
N GLU A 271 10.94 -18.53 23.74
CA GLU A 271 12.15 -18.16 23.00
C GLU A 271 13.27 -19.14 23.36
N PRO A 272 13.94 -19.72 22.35
CA PRO A 272 15.03 -20.65 22.67
C PRO A 272 16.22 -19.98 23.33
N THR A 273 16.63 -18.81 22.85
CA THR A 273 17.82 -18.15 23.38
C THR A 273 17.57 -17.61 24.78
N GLN A 274 16.44 -16.94 25.00
CA GLN A 274 16.12 -16.39 26.31
C GLN A 274 15.77 -17.45 27.33
N ARG A 275 15.64 -18.71 26.92
CA ARG A 275 15.33 -19.79 27.85
C ARG A 275 16.47 -19.99 28.84
N MET A 276 16.12 -20.49 30.02
CA MET A 276 17.12 -20.76 31.05
C MET A 276 18.05 -21.89 30.62
N THR A 277 19.33 -21.74 30.92
CA THR A 277 20.33 -22.74 30.54
C THR A 277 20.43 -23.82 31.62
N ILE A 278 21.24 -24.84 31.33
CA ILE A 278 21.40 -25.94 32.27
C ILE A 278 22.34 -25.57 33.40
N THR A 279 23.30 -24.68 33.16
CA THR A 279 24.16 -24.20 34.23
C THR A 279 23.38 -23.40 35.26
N GLU A 280 22.38 -22.65 34.81
CA GLU A 280 21.54 -21.89 35.72
C GLU A 280 20.54 -22.78 36.44
N PHE A 281 19.97 -23.77 35.74
CA PHE A 281 18.98 -24.64 36.36
C PHE A 281 19.59 -25.46 37.49
N MET A 282 20.81 -25.98 37.29
CA MET A 282 21.47 -26.73 38.35
C MET A 282 21.95 -25.83 39.48
N ASN A 283 22.08 -24.53 39.24
CA ASN A 283 22.49 -23.59 40.26
C ASN A 283 21.31 -22.87 40.92
N HIS A 284 20.09 -23.16 40.50
CA HIS A 284 18.93 -22.55 41.12
C HIS A 284 18.77 -23.06 42.55
N PRO A 285 18.32 -22.23 43.48
CA PRO A 285 18.21 -22.68 44.89
C PRO A 285 17.34 -23.91 45.08
N TRP A 286 16.23 -24.02 44.34
CA TRP A 286 15.37 -25.19 44.48
C TRP A 286 16.06 -26.48 44.01
N ILE A 287 17.11 -26.36 43.21
CA ILE A 287 17.88 -27.51 42.76
C ILE A 287 19.19 -27.64 43.52
N MET A 288 19.83 -26.52 43.83
CA MET A 288 21.13 -26.55 44.51
C MET A 288 20.98 -27.09 45.93
N GLN A 289 20.22 -26.38 46.76
CA GLN A 289 19.96 -26.82 48.14
C GLN A 289 18.63 -27.57 48.19
N SER A 290 18.59 -28.70 47.51
CA SER A 290 17.39 -29.51 47.44
C SER A 290 17.00 -30.12 48.78
N THR A 291 17.92 -30.12 49.76
CA THR A 291 17.62 -30.74 51.05
C THR A 291 16.63 -29.90 51.85
N LYS A 292 16.78 -28.57 51.84
CA LYS A 292 15.89 -27.68 52.57
C LYS A 292 14.77 -27.17 51.66
N VAL A 293 14.01 -28.12 51.11
CA VAL A 293 12.90 -27.83 50.22
C VAL A 293 11.61 -28.11 50.96
N PRO A 294 10.57 -27.27 50.81
CA PRO A 294 9.32 -27.50 51.54
C PRO A 294 8.72 -28.86 51.25
N GLN A 295 8.03 -29.41 52.26
CA GLN A 295 7.47 -30.76 52.22
C GLN A 295 5.97 -30.74 51.93
N THR A 296 5.52 -29.81 51.09
CA THR A 296 4.10 -29.72 50.78
C THR A 296 3.64 -30.95 50.02
N PRO A 297 2.44 -31.46 50.30
CA PRO A 297 1.92 -32.61 49.54
C PRO A 297 1.38 -32.17 48.19
N LEU A 298 1.39 -33.13 47.26
CA LEU A 298 1.00 -32.89 45.88
C LEU A 298 -0.21 -33.75 45.52
N HIS A 299 -0.57 -33.73 44.23
CA HIS A 299 -1.71 -34.49 43.72
C HIS A 299 -1.32 -35.32 42.49
N THR A 300 -0.02 -35.51 42.26
CA THR A 300 0.42 -36.32 41.13
C THR A 300 -0.15 -37.73 41.22
N SER A 301 0.13 -38.43 42.33
CA SER A 301 -0.32 -39.79 42.54
C SER A 301 -1.81 -39.97 42.27
N ARG A 302 -2.62 -38.94 42.55
CA ARG A 302 -4.06 -39.02 42.33
C ARG A 302 -4.47 -38.55 40.93
N VAL A 303 -3.79 -37.54 40.39
CA VAL A 303 -4.15 -37.05 39.06
C VAL A 303 -3.81 -38.09 38.00
N LEU A 304 -2.62 -38.70 38.08
CA LEU A 304 -2.28 -39.77 37.15
C LEU A 304 -3.22 -40.96 37.33
N LYS A 305 -3.58 -41.28 38.58
CA LYS A 305 -4.49 -42.38 38.84
C LYS A 305 -5.90 -42.10 38.35
N GLU A 306 -6.25 -40.83 38.13
CA GLU A 306 -7.60 -40.49 37.71
C GLU A 306 -7.90 -41.00 36.32
N ASP A 307 -6.89 -41.10 35.45
CA ASP A 307 -7.10 -41.59 34.10
C ASP A 307 -5.78 -42.15 33.57
N LYS A 308 -5.70 -43.47 33.45
CA LYS A 308 -4.53 -44.09 32.82
C LYS A 308 -4.57 -43.97 31.31
N GLU A 309 -5.78 -43.97 30.73
CA GLU A 309 -5.89 -43.90 29.27
C GLU A 309 -5.46 -42.54 28.74
N ARG A 310 -5.85 -41.46 29.42
CA ARG A 310 -5.39 -40.13 29.02
C ARG A 310 -3.88 -40.00 29.14
N TRP A 311 -3.25 -40.78 30.02
CA TRP A 311 -1.80 -40.65 30.19
C TRP A 311 -1.04 -41.08 28.96
N GLU A 312 -1.54 -42.09 28.23
CA GLU A 312 -0.87 -42.51 27.01
C GLU A 312 -0.88 -41.40 25.98
N ASP A 313 -2.01 -40.72 25.82
CA ASP A 313 -2.08 -39.56 24.94
C ASP A 313 -1.09 -38.46 25.37
N VAL A 314 -0.89 -38.30 26.68
CA VAL A 314 0.12 -37.35 27.17
C VAL A 314 1.48 -37.67 26.56
N LYS A 315 1.81 -38.96 26.45
CA LYS A 315 3.07 -39.35 25.82
C LYS A 315 3.07 -39.06 24.32
N GLU A 316 1.89 -39.08 23.69
CA GLU A 316 1.81 -38.85 22.25
C GLU A 316 2.00 -37.38 21.92
N GLU A 317 1.23 -36.49 22.57
CA GLU A 317 1.30 -35.07 22.26
C GLU A 317 2.65 -34.47 22.63
N MET A 318 3.27 -34.96 23.72
CA MET A 318 4.60 -34.48 24.08
C MET A 318 5.62 -34.84 23.01
N THR A 319 5.51 -36.04 22.45
CA THR A 319 6.41 -36.44 21.37
C THR A 319 6.22 -35.59 20.12
N SER A 320 4.95 -35.31 19.76
CA SER A 320 4.68 -34.48 18.60
C SER A 320 5.14 -33.04 18.83
N ALA A 321 4.85 -32.49 20.01
CA ALA A 321 5.31 -31.14 20.32
C ALA A 321 6.83 -31.07 20.47
N LEU A 322 7.49 -32.19 20.77
CA LEU A 322 8.94 -32.19 20.86
C LEU A 322 9.59 -31.94 19.50
N ALA A 323 8.91 -32.33 18.41
CA ALA A 323 9.47 -32.12 17.08
C ALA A 323 9.56 -30.64 16.73
N THR A 324 8.69 -29.81 17.32
CA THR A 324 8.75 -28.37 17.05
C THR A 324 9.89 -27.70 17.79
N MET A 325 10.31 -28.27 18.92
CA MET A 325 11.43 -27.73 19.67
C MET A 325 12.79 -28.20 19.16
N ARG A 326 12.82 -29.24 18.34
CA ARG A 326 14.04 -29.76 17.77
C ARG A 326 14.06 -29.53 16.26
N VAL A 327 15.23 -29.74 15.67
CA VAL A 327 15.43 -29.57 14.24
C VAL A 327 15.79 -30.92 13.64
N ASP A 328 15.06 -31.33 12.61
CA ASP A 328 15.32 -32.58 11.91
C ASP A 328 16.40 -32.31 10.86
N TYR A 329 17.66 -32.49 11.26
CA TYR A 329 18.77 -32.27 10.34
C TYR A 329 18.77 -33.26 9.19
N GLU A 330 18.09 -34.39 9.33
CA GLU A 330 18.01 -35.40 8.28
C GLU A 330 16.78 -35.17 7.39
N GLN A 331 16.64 -33.95 6.88
CA GLN A 331 15.61 -33.62 5.92
C GLN A 331 16.23 -32.82 4.78
N ILE A 332 15.56 -32.84 3.63
CA ILE A 332 16.16 -32.32 2.41
C ILE A 332 16.11 -30.79 2.41
N LYS A 333 16.89 -30.20 1.51
CA LYS A 333 16.88 -28.76 1.27
C LYS A 333 16.09 -28.50 0.00
N ILE A 334 15.18 -27.53 0.06
CA ILE A 334 14.39 -27.18 -1.12
C ILE A 334 15.31 -26.55 -2.16
N LYS A 335 15.32 -27.12 -3.35
CA LYS A 335 16.19 -26.61 -4.41
C LYS A 335 15.69 -25.28 -4.92
N LYS A 336 16.58 -24.55 -5.60
CA LYS A 336 16.17 -23.33 -6.27
C LYS A 336 15.12 -23.66 -7.32
N ILE A 337 14.17 -22.74 -7.51
CA ILE A 337 12.96 -23.03 -8.26
C ILE A 337 13.29 -23.50 -9.67
N GLU A 338 14.27 -22.87 -10.31
CA GLU A 338 14.61 -23.23 -11.68
C GLU A 338 15.25 -24.61 -11.79
N ASP A 339 15.86 -25.11 -10.71
CA ASP A 339 16.53 -26.40 -10.75
C ASP A 339 15.61 -27.57 -10.44
N ALA A 340 14.41 -27.31 -9.94
CA ALA A 340 13.48 -28.36 -9.55
C ALA A 340 12.40 -28.54 -10.62
N SER A 341 11.80 -29.73 -10.64
CA SER A 341 10.71 -30.03 -11.55
C SER A 341 9.74 -30.97 -10.86
N ASN A 342 8.46 -30.81 -11.19
CA ASN A 342 7.41 -31.63 -10.62
C ASN A 342 6.23 -31.62 -11.58
N PRO A 343 5.25 -32.52 -11.39
CA PRO A 343 4.09 -32.52 -12.29
C PRO A 343 3.38 -31.17 -12.39
N LEU A 344 3.23 -30.45 -11.29
CA LEU A 344 2.56 -29.15 -11.34
C LEU A 344 3.45 -28.08 -11.95
N LEU A 345 4.77 -28.20 -11.80
CA LEU A 345 5.67 -27.20 -12.38
C LEU A 345 5.67 -27.29 -13.90
N LEU A 346 5.77 -28.51 -14.45
CA LEU A 346 5.75 -28.66 -15.90
C LEU A 346 4.36 -28.49 -16.49
N LYS A 347 3.31 -28.71 -15.68
CA LYS A 347 1.96 -28.44 -16.16
C LYS A 347 1.76 -26.96 -16.48
N ARG A 348 2.45 -26.09 -15.74
CA ARG A 348 2.39 -24.65 -15.98
C ARG A 348 3.41 -24.20 -17.02
N ARG A 349 4.61 -24.78 -16.98
CA ARG A 349 5.66 -24.35 -17.90
C ARG A 349 5.41 -24.85 -19.32
N LYS A 350 4.84 -26.05 -19.48
CA LYS A 350 4.49 -26.51 -20.81
C LYS A 350 3.31 -25.74 -21.38
N LYS A 351 2.38 -25.32 -20.51
CA LYS A 351 1.30 -24.44 -20.95
C LYS A 351 1.85 -23.11 -21.44
N ALA A 352 2.92 -22.62 -20.81
CA ALA A 352 3.55 -21.38 -21.26
C ALA A 352 4.05 -21.49 -22.69
N ARG A 353 4.52 -22.67 -23.10
CA ARG A 353 4.96 -22.86 -24.47
C ARG A 353 3.79 -22.84 -25.44
N ALA A 354 2.61 -23.28 -24.99
CA ALA A 354 1.44 -23.33 -25.87
C ALA A 354 1.06 -21.94 -26.36
N LEU A 355 1.14 -20.93 -25.47
CA LEU A 355 0.84 -19.56 -25.88
C LEU A 355 1.85 -19.05 -26.91
N GLU A 356 3.09 -19.52 -26.84
CA GLU A 356 4.12 -19.08 -27.77
C GLU A 356 3.81 -19.54 -29.19
N ALA A 357 3.56 -20.85 -29.35
CA ALA A 357 3.20 -21.36 -30.67
C ALA A 357 1.84 -20.83 -31.12
N ALA A 358 0.92 -20.60 -30.18
CA ALA A 358 -0.37 -20.03 -30.55
C ALA A 358 -0.23 -18.59 -31.02
N ALA A 359 0.70 -17.83 -30.44
CA ALA A 359 0.93 -16.47 -30.89
C ALA A 359 1.56 -16.41 -32.27
N LEU A 360 2.23 -17.48 -32.70
CA LEU A 360 2.83 -17.50 -34.03
C LEU A 360 1.77 -17.47 -35.12
N ALA A 361 0.71 -18.25 -34.96
CA ALA A 361 -0.37 -18.30 -35.94
C ALA A 361 -1.65 -17.70 -35.38
N PRO B 10 -4.74 -61.24 -0.58
CA PRO B 10 -3.62 -60.49 0.01
C PRO B 10 -2.92 -61.28 1.10
N THR B 11 -1.61 -61.06 1.25
CA THR B 11 -0.81 -61.75 2.25
C THR B 11 0.12 -60.75 2.94
N PHE B 12 0.22 -60.86 4.26
CA PHE B 12 1.01 -59.95 5.08
C PHE B 12 2.19 -60.69 5.70
N TYR B 13 3.12 -59.92 6.25
CA TYR B 13 4.29 -60.46 6.92
C TYR B 13 4.56 -59.63 8.17
N ARG B 14 4.80 -60.31 9.28
CA ARG B 14 4.97 -59.64 10.57
C ARG B 14 6.35 -58.97 10.66
N GLN B 15 6.39 -57.86 11.39
CA GLN B 15 7.62 -57.09 11.56
C GLN B 15 7.44 -56.17 12.76
N GLU B 16 8.45 -56.13 13.64
CA GLU B 16 8.39 -55.32 14.86
C GLU B 16 8.96 -53.95 14.56
N LEU B 17 8.12 -52.92 14.60
CA LEU B 17 8.54 -51.55 14.33
C LEU B 17 7.73 -50.60 15.18
N ASN B 18 8.39 -49.53 15.64
CA ASN B 18 7.75 -48.45 16.41
C ASN B 18 7.04 -49.00 17.65
N LYS B 19 7.76 -49.85 18.39
CA LYS B 19 7.30 -50.45 19.64
C LYS B 19 6.04 -51.29 19.48
N THR B 20 5.66 -51.62 18.25
CA THR B 20 4.49 -52.47 17.99
C THR B 20 4.88 -53.47 16.89
N ILE B 21 3.96 -54.38 16.59
CA ILE B 21 4.15 -55.36 15.53
C ILE B 21 3.39 -54.92 14.29
N TRP B 22 4.07 -54.93 13.16
CA TRP B 22 3.49 -54.54 11.88
C TRP B 22 3.33 -55.77 11.00
N GLU B 23 2.14 -55.94 10.44
CA GLU B 23 1.88 -56.96 9.42
C GLU B 23 1.12 -56.28 8.28
N VAL B 24 1.86 -55.82 7.28
CA VAL B 24 1.30 -55.12 6.13
C VAL B 24 1.48 -56.00 4.90
N PRO B 25 0.77 -55.75 3.80
CA PRO B 25 0.96 -56.56 2.60
C PRO B 25 2.40 -56.48 2.11
N GLU B 26 2.87 -57.59 1.52
CA GLU B 26 4.25 -57.65 1.04
C GLU B 26 4.50 -56.78 -0.18
N ARG B 27 3.48 -56.08 -0.68
CA ARG B 27 3.70 -55.09 -1.73
C ARG B 27 4.46 -53.86 -1.22
N TYR B 28 4.57 -53.69 0.10
CA TYR B 28 5.34 -52.61 0.70
C TYR B 28 6.57 -53.22 1.37
N GLN B 29 7.74 -52.95 0.81
CA GLN B 29 8.99 -53.51 1.30
C GLN B 29 9.86 -52.41 1.89
N ASN B 30 10.83 -52.84 2.70
CA ASN B 30 11.81 -51.94 3.33
C ASN B 30 11.13 -50.93 4.24
N LEU B 31 10.33 -51.43 5.18
CA LEU B 31 9.69 -50.58 6.17
C LEU B 31 10.74 -50.04 7.14
N SER B 32 10.88 -48.71 7.18
CA SER B 32 11.84 -48.06 8.04
C SER B 32 11.20 -46.90 8.77
N PRO B 33 11.50 -46.71 10.06
CA PRO B 33 10.87 -45.64 10.83
C PRO B 33 11.31 -44.26 10.34
N VAL B 34 10.59 -43.24 10.83
CA VAL B 34 10.85 -41.86 10.46
C VAL B 34 11.31 -41.02 11.66
N GLY B 35 10.71 -41.24 12.82
CA GLY B 35 11.08 -40.50 14.01
C GLY B 35 9.85 -40.27 14.88
N SER B 36 9.78 -39.07 15.45
CA SER B 36 8.64 -38.71 16.30
C SER B 36 7.35 -38.72 15.48
N GLY B 37 7.31 -37.91 14.42
CA GLY B 37 6.18 -37.88 13.51
C GLY B 37 4.83 -37.61 14.13
N SER B 41 3.57 -43.04 14.64
CA SER B 41 4.11 -44.31 14.15
C SER B 41 3.94 -44.42 12.63
N VAL B 42 4.92 -43.86 11.90
CA VAL B 42 4.92 -43.89 10.44
C VAL B 42 6.19 -44.60 9.99
N CYS B 43 6.12 -45.23 8.81
CA CYS B 43 7.24 -45.98 8.26
C CYS B 43 7.42 -45.64 6.79
N ALA B 44 8.66 -45.38 6.38
CA ALA B 44 8.99 -45.18 4.98
C ALA B 44 9.21 -46.52 4.31
N ALA B 45 8.63 -46.68 3.12
CA ALA B 45 8.67 -47.96 2.43
C ALA B 45 8.67 -47.73 0.92
N PHE B 46 8.72 -48.84 0.18
CA PHE B 46 8.68 -48.84 -1.27
C PHE B 46 7.50 -49.70 -1.72
N ASP B 47 6.63 -49.12 -2.55
CA ASP B 47 5.47 -49.83 -3.06
C ASP B 47 5.83 -50.52 -4.37
N THR B 48 5.67 -51.84 -4.40
CA THR B 48 6.05 -52.60 -5.58
C THR B 48 4.98 -52.54 -6.67
N LYS B 49 3.71 -52.51 -6.28
CA LYS B 49 2.62 -52.51 -7.26
C LYS B 49 2.45 -51.16 -7.94
N THR B 50 3.06 -50.09 -7.43
CA THR B 50 3.01 -48.79 -8.06
C THR B 50 4.38 -48.25 -8.46
N GLY B 51 5.47 -48.86 -7.98
CA GLY B 51 6.79 -48.36 -8.29
C GLY B 51 7.17 -47.07 -7.61
N LEU B 52 6.40 -46.63 -6.62
CA LEU B 52 6.67 -45.38 -5.91
C LEU B 52 7.21 -45.67 -4.51
N ARG B 53 7.77 -44.62 -3.91
CA ARG B 53 8.27 -44.66 -2.54
C ARG B 53 7.27 -43.95 -1.66
N VAL B 54 6.59 -44.70 -0.79
CA VAL B 54 5.45 -44.19 -0.04
C VAL B 54 5.74 -44.31 1.46
N ALA B 55 4.86 -43.70 2.25
CA ALA B 55 4.91 -43.74 3.70
C ALA B 55 3.66 -44.42 4.23
N VAL B 56 3.84 -45.30 5.22
CA VAL B 56 2.74 -46.05 5.81
C VAL B 56 2.61 -45.65 7.28
N LYS B 57 1.41 -45.24 7.67
CA LYS B 57 1.13 -44.76 9.02
C LYS B 57 0.32 -45.80 9.78
N LYS B 58 0.75 -46.10 11.00
CA LYS B 58 0.05 -47.02 11.88
C LYS B 58 -0.66 -46.22 12.96
N LEU B 59 -1.98 -46.28 12.96
CA LEU B 59 -2.78 -45.55 13.96
C LEU B 59 -2.64 -46.24 15.31
N SER B 60 -1.89 -45.62 16.22
CA SER B 60 -1.68 -46.17 17.55
C SER B 60 -2.93 -45.92 18.39
N ARG B 61 -3.53 -47.01 18.90
CA ARG B 61 -4.73 -46.96 19.72
C ARG B 61 -5.85 -46.22 18.98
N PRO B 62 -6.37 -46.76 17.87
CA PRO B 62 -7.39 -46.03 17.12
C PRO B 62 -8.76 -46.04 17.76
N PHE B 63 -9.06 -47.02 18.62
CA PHE B 63 -10.37 -47.16 19.25
C PHE B 63 -10.16 -47.46 20.73
N GLN B 64 -10.08 -46.41 21.56
CA GLN B 64 -9.93 -46.58 22.99
C GLN B 64 -11.00 -45.81 23.75
N SER B 65 -11.46 -44.69 23.18
CA SER B 65 -12.50 -43.88 23.80
C SER B 65 -13.49 -43.48 22.73
N ILE B 66 -14.68 -43.04 23.20
CA ILE B 66 -15.73 -42.63 22.27
C ILE B 66 -15.23 -41.51 21.36
N ILE B 67 -14.41 -40.61 21.89
CA ILE B 67 -13.84 -39.54 21.06
C ILE B 67 -12.87 -40.12 20.04
N HIS B 68 -12.06 -41.10 20.45
CA HIS B 68 -11.08 -41.68 19.53
C HIS B 68 -11.76 -42.50 18.45
N ALA B 69 -12.73 -43.34 18.83
CA ALA B 69 -13.42 -44.17 17.85
C ALA B 69 -14.23 -43.31 16.88
N LYS B 70 -14.84 -42.23 17.38
CA LYS B 70 -15.60 -41.34 16.51
C LYS B 70 -14.67 -40.54 15.60
N ARG B 71 -13.53 -40.09 16.12
CA ARG B 71 -12.62 -39.29 15.32
C ARG B 71 -11.95 -40.11 14.23
N THR B 72 -11.77 -41.42 14.45
CA THR B 72 -11.16 -42.26 13.43
C THR B 72 -12.08 -42.43 12.24
N TYR B 73 -13.37 -42.64 12.48
CA TYR B 73 -14.33 -42.72 11.37
C TYR B 73 -14.47 -41.39 10.67
N ARG B 74 -14.45 -40.29 11.42
CA ARG B 74 -14.53 -38.96 10.81
C ARG B 74 -13.28 -38.65 10.00
N GLU B 75 -12.11 -39.02 10.52
CA GLU B 75 -10.86 -38.75 9.80
C GLU B 75 -10.77 -39.58 8.54
N LEU B 76 -10.99 -40.90 8.65
CA LEU B 76 -10.83 -41.78 7.51
C LEU B 76 -11.77 -41.40 6.37
N ARG B 77 -12.98 -40.97 6.70
CA ARG B 77 -13.93 -40.56 5.67
C ARG B 77 -13.48 -39.30 4.94
N LEU B 78 -12.60 -38.50 5.56
CA LEU B 78 -12.13 -37.28 4.91
C LEU B 78 -11.03 -37.57 3.91
N LEU B 79 -10.05 -38.39 4.29
CA LEU B 79 -8.96 -38.75 3.38
C LEU B 79 -9.47 -39.41 2.12
N LYS B 80 -10.60 -40.12 2.22
CA LYS B 80 -11.19 -40.79 1.06
C LYS B 80 -11.54 -39.78 -0.03
N HIS B 81 -12.06 -38.63 0.36
N HIS B 81 -12.08 -38.63 0.34
CA HIS B 81 -12.64 -37.63 -0.55
CA HIS B 81 -12.61 -37.66 -0.62
C HIS B 81 -11.60 -36.64 -1.09
C HIS B 81 -11.64 -36.54 -0.94
N MET B 82 -10.36 -36.71 -0.62
CA MET B 82 -9.34 -35.73 -0.96
C MET B 82 -8.53 -36.22 -2.17
N LYS B 83 -8.59 -35.48 -3.27
CA LYS B 83 -8.08 -35.92 -4.57
C LYS B 83 -7.28 -34.81 -5.26
N HIS B 84 -6.33 -34.20 -4.55
CA HIS B 84 -5.56 -33.10 -5.11
C HIS B 84 -4.09 -33.44 -5.22
N GLU B 85 -3.36 -32.57 -5.95
CA GLU B 85 -1.92 -32.61 -6.05
C GLU B 85 -1.24 -31.69 -5.05
N ASN B 86 -2.01 -31.00 -4.22
CA ASN B 86 -1.47 -30.14 -3.17
C ASN B 86 -2.05 -30.46 -1.81
N VAL B 87 -2.92 -31.46 -1.71
CA VAL B 87 -3.45 -31.97 -0.46
C VAL B 87 -3.02 -33.42 -0.33
N ILE B 88 -2.89 -33.87 0.93
CA ILE B 88 -2.51 -35.26 1.15
C ILE B 88 -3.59 -36.18 0.57
N GLY B 89 -3.15 -37.24 -0.10
CA GLY B 89 -4.09 -38.12 -0.79
C GLY B 89 -3.90 -39.58 -0.47
N LEU B 90 -4.90 -40.19 0.15
CA LEU B 90 -4.81 -41.59 0.57
C LEU B 90 -4.65 -42.53 -0.62
N LEU B 91 -3.48 -43.18 -0.71
CA LEU B 91 -3.24 -44.13 -1.78
C LEU B 91 -3.82 -45.50 -1.46
N ASP B 92 -3.66 -45.97 -0.21
CA ASP B 92 -4.15 -47.28 0.16
C ASP B 92 -4.40 -47.33 1.66
N VAL B 93 -5.52 -47.95 2.04
CA VAL B 93 -5.83 -48.25 3.43
C VAL B 93 -6.11 -49.75 3.53
N PHE B 94 -5.61 -50.37 4.58
CA PHE B 94 -5.75 -51.81 4.75
C PHE B 94 -5.76 -52.14 6.23
N THR B 95 -5.95 -53.43 6.53
CA THR B 95 -5.92 -53.93 7.90
C THR B 95 -5.56 -55.40 7.85
N PRO B 96 -4.71 -55.89 8.76
CA PRO B 96 -4.35 -57.31 8.74
C PRO B 96 -5.52 -58.22 9.12
N ALA B 97 -6.56 -57.67 9.73
CA ALA B 97 -7.72 -58.48 10.12
C ALA B 97 -8.48 -58.96 8.90
N ARG B 98 -8.85 -60.24 8.90
CA ARG B 98 -9.64 -60.79 7.81
C ARG B 98 -11.13 -60.54 8.01
N SER B 99 -11.60 -60.52 9.26
CA SER B 99 -13.00 -60.29 9.57
C SER B 99 -13.10 -59.21 10.64
N LEU B 100 -14.34 -58.78 10.90
CA LEU B 100 -14.59 -57.74 11.89
C LEU B 100 -14.27 -58.21 13.30
N GLU B 101 -14.42 -59.51 13.57
CA GLU B 101 -14.18 -60.03 14.91
C GLU B 101 -12.75 -59.79 15.36
N GLU B 102 -11.79 -59.88 14.43
CA GLU B 102 -10.38 -59.68 14.73
C GLU B 102 -9.89 -58.30 14.30
N PHE B 103 -10.80 -57.37 14.06
CA PHE B 103 -10.45 -56.02 13.63
C PHE B 103 -10.10 -55.18 14.86
N ASN B 104 -8.80 -54.93 15.06
CA ASN B 104 -8.37 -53.98 16.08
C ASN B 104 -7.19 -53.13 15.63
N ASP B 105 -6.83 -53.14 14.35
CA ASP B 105 -5.69 -52.37 13.86
C ASP B 105 -5.99 -51.87 12.46
N VAL B 106 -5.41 -50.72 12.12
CA VAL B 106 -5.63 -50.09 10.82
C VAL B 106 -4.36 -49.34 10.42
N TYR B 107 -4.17 -49.19 9.11
CA TYR B 107 -2.99 -48.53 8.56
C TYR B 107 -3.43 -47.56 7.47
N LEU B 108 -2.52 -46.65 7.10
CA LEU B 108 -2.77 -45.68 6.06
C LEU B 108 -1.49 -45.47 5.25
N VAL B 109 -1.63 -45.37 3.93
CA VAL B 109 -0.50 -45.23 3.02
C VAL B 109 -0.68 -43.96 2.20
N THR B 110 0.41 -43.20 2.06
CA THR B 110 0.40 -41.97 1.28
C THR B 110 1.81 -41.72 0.76
N HIS B 111 1.93 -40.76 -0.15
CA HIS B 111 3.22 -40.39 -0.73
C HIS B 111 4.20 -39.97 0.36
N LEU B 112 5.45 -40.41 0.22
CA LEU B 112 6.53 -39.91 1.05
C LEU B 112 6.96 -38.54 0.56
N MET B 113 7.29 -37.64 1.48
CA MET B 113 7.49 -36.23 1.13
C MET B 113 8.93 -35.76 1.27
N GLY B 114 9.51 -35.81 2.47
CA GLY B 114 10.90 -35.42 2.69
C GLY B 114 11.10 -34.33 3.71
N ALA B 115 10.14 -33.40 3.84
CA ALA B 115 10.30 -32.29 4.78
C ALA B 115 8.95 -31.63 5.04
N ASP B 116 8.97 -30.66 5.95
CA ASP B 116 7.84 -29.81 6.30
C ASP B 116 8.33 -28.37 6.41
N LEU B 117 7.41 -27.41 6.25
CA LEU B 117 7.82 -26.01 6.25
C LEU B 117 8.53 -25.63 7.54
N ASN B 118 8.01 -26.09 8.67
CA ASN B 118 8.54 -25.69 9.97
C ASN B 118 10.05 -25.93 10.04
N ASN B 119 10.48 -27.13 9.66
CA ASN B 119 11.91 -27.42 9.66
C ASN B 119 12.62 -26.70 8.51
N ILE B 120 11.90 -26.39 7.43
CA ILE B 120 12.50 -25.65 6.33
C ILE B 120 12.76 -24.20 6.74
N VAL B 121 11.83 -23.59 7.46
CA VAL B 121 12.00 -22.20 7.89
C VAL B 121 13.20 -22.08 8.81
N LYS B 122 13.33 -22.99 9.77
CA LYS B 122 14.47 -22.97 10.68
C LYS B 122 15.77 -23.45 10.03
N CYS B 123 15.74 -23.87 8.78
CA CYS B 123 16.92 -24.38 8.10
C CYS B 123 17.31 -23.61 6.84
N GLN B 124 16.35 -23.04 6.12
CA GLN B 124 16.61 -22.43 4.83
C GLN B 124 16.14 -20.98 4.81
N LYS B 125 16.88 -20.15 4.07
CA LYS B 125 16.50 -18.77 3.79
C LYS B 125 15.68 -18.78 2.50
N LEU B 126 14.36 -18.75 2.65
CA LEU B 126 13.49 -18.86 1.48
C LEU B 126 13.47 -17.56 0.69
N THR B 127 13.42 -17.68 -0.62
CA THR B 127 13.42 -16.53 -1.52
C THR B 127 12.00 -16.09 -1.84
N ASP B 128 11.89 -14.94 -2.51
CA ASP B 128 10.58 -14.44 -2.91
C ASP B 128 9.91 -15.36 -3.91
N ASP B 129 10.69 -15.98 -4.80
CA ASP B 129 10.13 -16.92 -5.76
C ASP B 129 9.64 -18.20 -5.06
N HIS B 130 10.29 -18.58 -3.95
CA HIS B 130 9.82 -19.72 -3.18
C HIS B 130 8.44 -19.46 -2.61
N VAL B 131 8.25 -18.29 -2.00
CA VAL B 131 6.97 -17.95 -1.38
C VAL B 131 5.86 -17.90 -2.43
N GLN B 132 6.19 -17.45 -3.64
CA GLN B 132 5.19 -17.38 -4.70
C GLN B 132 4.59 -18.75 -4.98
N PHE B 133 5.44 -19.76 -5.16
CA PHE B 133 4.96 -21.10 -5.53
C PHE B 133 4.52 -21.90 -4.31
N LEU B 134 5.14 -21.69 -3.16
CA LEU B 134 4.72 -22.41 -1.95
C LEU B 134 3.33 -21.97 -1.50
N ILE B 135 3.10 -20.66 -1.39
CA ILE B 135 1.80 -20.17 -0.96
C ILE B 135 0.75 -20.42 -2.03
N TYR B 136 1.14 -20.42 -3.31
CA TYR B 136 0.18 -20.65 -4.38
C TYR B 136 -0.54 -21.98 -4.22
N GLN B 137 0.22 -23.05 -4.02
CA GLN B 137 -0.40 -24.37 -3.93
C GLN B 137 -1.20 -24.53 -2.65
N ILE B 138 -0.80 -23.84 -1.57
CA ILE B 138 -1.63 -23.80 -0.37
C ILE B 138 -2.99 -23.21 -0.70
N LEU B 139 -3.00 -22.03 -1.32
CA LEU B 139 -4.26 -21.40 -1.72
C LEU B 139 -4.98 -22.24 -2.77
N ARG B 140 -4.22 -22.80 -3.73
CA ARG B 140 -4.81 -23.74 -4.67
C ARG B 140 -5.36 -24.96 -3.95
N GLY B 141 -4.64 -25.42 -2.91
CA GLY B 141 -5.19 -26.46 -2.06
C GLY B 141 -6.29 -25.96 -1.16
N LEU B 142 -6.20 -24.70 -0.73
CA LEU B 142 -7.27 -24.12 0.08
C LEU B 142 -8.58 -24.04 -0.70
N LYS B 143 -8.51 -23.80 -2.00
CA LYS B 143 -9.73 -23.74 -2.81
C LYS B 143 -10.43 -25.09 -2.84
N TYR B 144 -9.66 -26.18 -3.00
CA TYR B 144 -10.25 -27.51 -3.00
C TYR B 144 -10.89 -27.82 -1.66
N ILE B 145 -10.11 -27.79 -0.58
CA ILE B 145 -10.63 -28.22 0.72
C ILE B 145 -11.85 -27.40 1.10
N HIS B 146 -11.85 -26.10 0.76
CA HIS B 146 -13.00 -25.26 1.05
C HIS B 146 -14.14 -25.45 0.05
N SER B 147 -13.87 -26.05 -1.12
CA SER B 147 -14.95 -26.32 -2.07
C SER B 147 -16.00 -27.23 -1.44
N ALA B 148 -15.58 -28.39 -0.97
CA ALA B 148 -16.40 -29.13 -0.02
C ALA B 148 -16.44 -28.35 1.29
N ASP B 149 -17.62 -28.26 1.89
CA ASP B 149 -17.74 -27.47 3.12
C ASP B 149 -16.89 -28.11 4.21
N ILE B 150 -15.77 -27.48 4.56
CA ILE B 150 -14.84 -28.01 5.55
C ILE B 150 -13.95 -26.87 6.00
N ILE B 151 -13.42 -26.99 7.22
CA ILE B 151 -12.40 -26.08 7.74
C ILE B 151 -11.21 -26.91 8.19
N HIS B 152 -10.02 -26.58 7.69
CA HIS B 152 -8.84 -27.34 8.08
C HIS B 152 -8.52 -27.15 9.56
N ARG B 153 -8.56 -25.90 10.03
CA ARG B 153 -8.50 -25.55 11.44
C ARG B 153 -7.14 -25.79 12.08
N ASP B 154 -6.21 -26.41 11.35
CA ASP B 154 -4.91 -26.70 11.95
C ASP B 154 -3.78 -26.36 10.98
N LEU B 155 -4.00 -25.37 10.12
CA LEU B 155 -2.97 -24.93 9.20
C LEU B 155 -1.82 -24.28 9.97
N LYS B 156 -0.62 -24.86 9.82
CA LYS B 156 0.57 -24.33 10.47
C LYS B 156 1.78 -24.90 9.74
N PRO B 157 2.96 -24.30 9.93
CA PRO B 157 4.15 -24.75 9.16
C PRO B 157 4.52 -26.20 9.37
N SER B 158 4.10 -26.82 10.47
CA SER B 158 4.42 -28.23 10.73
C SER B 158 3.39 -29.18 10.12
N ASN B 159 2.36 -28.67 9.44
CA ASN B 159 1.35 -29.50 8.80
C ASN B 159 1.38 -29.41 7.29
N LEU B 160 2.38 -28.77 6.70
CA LEU B 160 2.53 -28.68 5.25
C LEU B 160 3.83 -29.37 4.87
N ALA B 161 3.74 -30.63 4.48
CA ALA B 161 4.92 -31.36 4.03
C ALA B 161 5.40 -30.82 2.70
N VAL B 162 6.72 -30.85 2.49
CA VAL B 162 7.36 -30.32 1.30
C VAL B 162 8.34 -31.37 0.78
N ASN B 163 8.30 -31.64 -0.53
CA ASN B 163 9.16 -32.66 -1.10
C ASN B 163 10.55 -32.08 -1.38
N GLU B 164 11.41 -32.92 -1.96
CA GLU B 164 12.77 -32.48 -2.26
C GLU B 164 12.78 -31.38 -3.30
N ASP B 165 11.93 -31.46 -4.32
CA ASP B 165 12.03 -30.48 -5.40
C ASP B 165 11.30 -29.19 -5.07
N CYS B 166 9.96 -29.18 -5.18
CA CYS B 166 9.18 -28.07 -4.63
C CYS B 166 7.75 -28.44 -4.24
N GLU B 167 7.32 -29.68 -4.41
CA GLU B 167 5.91 -30.01 -4.22
C GLU B 167 5.57 -30.04 -2.73
N LEU B 168 4.40 -29.51 -2.38
CA LEU B 168 3.93 -29.56 -1.00
C LEU B 168 2.49 -30.04 -0.95
N LYS B 169 2.14 -30.66 0.18
CA LYS B 169 0.83 -31.26 0.40
C LYS B 169 0.36 -30.89 1.81
N ILE B 170 -0.91 -30.50 1.92
CA ILE B 170 -1.48 -30.21 3.23
C ILE B 170 -1.71 -31.51 3.99
N LEU B 171 -1.57 -31.46 5.31
CA LEU B 171 -1.61 -32.66 6.15
C LEU B 171 -2.58 -32.44 7.30
N ASP B 172 -2.69 -33.46 8.17
CA ASP B 172 -3.32 -33.37 9.49
C ASP B 172 -4.78 -32.92 9.39
N PHE B 173 -5.60 -33.83 8.86
CA PHE B 173 -7.05 -33.63 8.82
C PHE B 173 -7.74 -34.07 10.10
N GLY B 174 -7.02 -34.12 11.22
CA GLY B 174 -7.61 -34.64 12.45
C GLY B 174 -8.78 -33.82 12.96
N LEU B 175 -8.70 -32.49 12.78
CA LEU B 175 -9.72 -31.56 13.29
C LEU B 175 -10.27 -30.77 12.11
N ALA B 176 -11.25 -31.35 11.42
CA ALA B 176 -11.88 -30.73 10.27
C ALA B 176 -13.32 -31.25 10.17
N ARG B 177 -14.23 -30.36 9.81
CA ARG B 177 -15.64 -30.73 9.78
C ARG B 177 -16.40 -29.85 8.80
N HIS B 178 -17.56 -30.36 8.39
CA HIS B 178 -18.47 -29.60 7.54
C HIS B 178 -18.96 -28.36 8.29
N THR B 179 -18.85 -27.21 7.64
CA THR B 179 -19.13 -25.94 8.29
C THR B 179 -20.55 -25.89 8.84
N ASP B 180 -20.68 -25.46 10.09
CA ASP B 180 -21.99 -25.28 10.72
C ASP B 180 -21.99 -23.95 11.46
N ASP B 181 -23.19 -23.50 11.81
CA ASP B 181 -23.33 -22.21 12.50
C ASP B 181 -22.62 -22.22 13.84
N GLU B 182 -22.81 -23.27 14.63
CA GLU B 182 -22.16 -23.42 15.93
C GLU B 182 -21.30 -24.67 15.92
N MET B 183 -20.12 -24.55 16.53
CA MET B 183 -19.13 -25.63 16.54
C MET B 183 -18.12 -25.41 17.65
N TPO B 184 -17.24 -26.38 17.87
CA TPO B 184 -16.29 -26.38 18.99
CB TPO B 184 -15.50 -27.71 19.04
CG2 TPO B 184 -16.30 -28.79 19.78
OG1 TPO B 184 -15.03 -28.08 17.73
P TPO B 184 -15.96 -29.12 16.91
O1P TPO B 184 -17.40 -28.78 16.99
O2P TPO B 184 -15.52 -29.01 15.37
O3P TPO B 184 -15.70 -30.63 17.39
C TPO B 184 -15.32 -25.21 18.94
O TPO B 184 -14.59 -25.03 17.96
N GLY B 185 -15.31 -24.40 20.01
CA GLY B 185 -14.44 -23.26 20.09
C GLY B 185 -13.05 -23.61 20.58
N PTR B 186 -12.15 -22.63 20.52
CA PTR B 186 -10.74 -22.81 20.89
C PTR B 186 -10.17 -24.02 20.14
O PTR B 186 -9.95 -25.08 20.72
CB PTR B 186 -10.59 -23.00 22.40
CG PTR B 186 -9.18 -22.78 22.91
CD1 PTR B 186 -8.29 -23.83 23.02
CD2 PTR B 186 -8.76 -21.52 23.29
CE1 PTR B 186 -7.01 -23.64 23.49
CE2 PTR B 186 -7.48 -21.31 23.76
CZ PTR B 186 -6.60 -22.38 23.85
OH PTR B 186 -5.40 -22.17 24.31
P PTR B 186 -4.08 -22.54 23.47
O1P PTR B 186 -3.66 -21.33 22.59
O2P PTR B 186 -4.28 -23.77 22.59
O3P PTR B 186 -3.01 -22.81 24.45
N VAL B 187 -9.93 -23.84 18.84
CA VAL B 187 -9.56 -24.96 17.99
C VAL B 187 -8.15 -24.86 17.42
N ALA B 188 -7.87 -23.79 16.69
CA ALA B 188 -6.60 -23.69 15.97
C ALA B 188 -5.45 -23.39 16.92
N THR B 189 -4.25 -23.75 16.48
CA THR B 189 -3.05 -23.34 17.21
C THR B 189 -2.94 -21.81 17.20
N ARG B 190 -2.69 -21.24 18.38
CA ARG B 190 -2.77 -19.80 18.55
C ARG B 190 -1.90 -19.00 17.57
N TRP B 191 -0.60 -19.30 17.49
CA TRP B 191 0.26 -18.48 16.65
C TRP B 191 -0.25 -18.38 15.22
N TYR B 192 -1.08 -19.34 14.80
CA TYR B 192 -1.65 -19.36 13.46
C TYR B 192 -3.18 -19.47 13.53
N ARG B 193 -3.78 -18.88 14.55
CA ARG B 193 -5.23 -18.83 14.70
C ARG B 193 -5.71 -17.39 14.55
N ALA B 194 -6.97 -17.25 14.18
CA ALA B 194 -7.58 -15.96 13.95
C ALA B 194 -8.04 -15.33 15.26
N PRO B 195 -8.21 -14.01 15.28
CA PRO B 195 -8.79 -13.37 16.48
C PRO B 195 -10.27 -13.65 16.67
N GLU B 196 -10.95 -14.29 15.71
CA GLU B 196 -12.38 -14.55 15.87
C GLU B 196 -12.65 -15.61 16.92
N ILE B 197 -11.71 -16.55 17.12
CA ILE B 197 -12.01 -17.74 17.92
C ILE B 197 -12.32 -17.37 19.37
N MET B 198 -11.46 -16.58 19.99
CA MET B 198 -11.69 -16.21 21.38
C MET B 198 -12.64 -15.02 21.52
N LEU B 199 -12.71 -14.16 20.50
CA LEU B 199 -13.61 -13.01 20.56
C LEU B 199 -15.06 -13.45 20.39
N ASN B 200 -15.34 -14.33 19.43
CA ASN B 200 -16.67 -14.84 19.17
C ASN B 200 -16.63 -16.36 19.21
N TRP B 201 -17.58 -16.97 19.91
CA TRP B 201 -17.46 -18.39 20.25
C TRP B 201 -17.70 -19.27 19.02
N MET B 202 -18.90 -19.21 18.44
CA MET B 202 -19.23 -20.04 17.27
C MET B 202 -18.90 -19.34 15.95
N HIS B 203 -17.93 -18.44 15.97
CA HIS B 203 -17.41 -17.74 14.79
C HIS B 203 -16.47 -18.64 14.01
N TYR B 204 -15.55 -18.02 13.27
CA TYR B 204 -14.48 -18.66 12.50
C TYR B 204 -15.02 -19.39 11.26
N ASN B 205 -15.91 -18.69 10.55
CA ASN B 205 -16.56 -19.22 9.35
C ASN B 205 -15.55 -19.30 8.20
N GLN B 206 -14.74 -20.36 8.22
CA GLN B 206 -13.86 -20.71 7.10
C GLN B 206 -12.87 -19.59 6.77
N THR B 207 -12.41 -18.87 7.79
CA THR B 207 -11.46 -17.79 7.58
C THR B 207 -10.19 -17.90 8.42
N VAL B 208 -10.13 -18.81 9.40
CA VAL B 208 -8.92 -18.97 10.20
C VAL B 208 -7.78 -19.47 9.34
N ASP B 209 -8.04 -20.47 8.50
CA ASP B 209 -7.00 -21.02 7.64
C ASP B 209 -6.48 -19.96 6.66
N ILE B 210 -7.37 -19.12 6.14
CA ILE B 210 -6.92 -18.00 5.32
C ILE B 210 -6.07 -17.05 6.15
N TRP B 211 -6.54 -16.75 7.37
CA TRP B 211 -5.71 -16.00 8.31
C TRP B 211 -4.45 -16.76 8.68
N SER B 212 -4.52 -18.10 8.73
CA SER B 212 -3.35 -18.89 9.08
C SER B 212 -2.29 -18.83 8.00
N VAL B 213 -2.70 -18.86 6.73
CA VAL B 213 -1.73 -18.74 5.64
C VAL B 213 -1.06 -17.37 5.68
N GLY B 214 -1.82 -16.33 6.00
CA GLY B 214 -1.21 -15.02 6.20
C GLY B 214 -0.12 -15.06 7.25
N CYS B 215 -0.37 -15.77 8.36
CA CYS B 215 0.69 -16.00 9.33
C CYS B 215 1.80 -16.86 8.74
N ILE B 216 1.43 -17.88 7.97
CA ILE B 216 2.41 -18.77 7.36
C ILE B 216 3.18 -18.03 6.26
N MET B 217 2.49 -17.19 5.48
CA MET B 217 3.14 -16.47 4.40
C MET B 217 4.22 -15.53 4.94
N ALA B 218 3.98 -14.94 6.10
CA ALA B 218 5.00 -14.10 6.73
C ALA B 218 6.09 -14.91 7.43
N GLU B 219 5.81 -16.18 7.73
CA GLU B 219 6.86 -17.06 8.26
C GLU B 219 7.95 -17.28 7.21
N LEU B 220 7.54 -17.61 5.98
CA LEU B 220 8.51 -17.90 4.93
C LEU B 220 9.28 -16.64 4.53
N LEU B 221 8.61 -15.49 4.50
CA LEU B 221 9.26 -14.26 4.09
C LEU B 221 10.25 -13.75 5.13
N THR B 222 10.11 -14.17 6.39
CA THR B 222 10.95 -13.67 7.47
C THR B 222 11.85 -14.74 8.06
N GLY B 223 11.28 -15.85 8.51
CA GLY B 223 12.00 -16.87 9.25
C GLY B 223 11.65 -16.94 10.72
N ARG B 224 11.00 -15.91 11.24
CA ARG B 224 10.51 -15.88 12.61
C ARG B 224 8.99 -15.95 12.62
N THR B 225 8.42 -15.90 13.81
CA THR B 225 6.97 -15.99 13.98
C THR B 225 6.33 -14.61 13.99
N LEU B 226 5.22 -14.49 13.27
CA LEU B 226 4.46 -13.25 13.27
C LEU B 226 3.91 -12.95 14.66
N PHE B 227 3.10 -13.86 15.19
CA PHE B 227 2.41 -13.69 16.47
C PHE B 227 2.83 -14.82 17.41
N PRO B 228 4.00 -14.70 18.06
CA PRO B 228 4.40 -15.72 19.04
C PRO B 228 3.81 -15.45 20.42
N GLY B 229 2.48 -15.60 20.51
CA GLY B 229 1.78 -15.33 21.75
C GLY B 229 2.18 -16.24 22.90
N THR B 230 2.70 -15.64 23.98
CA THR B 230 3.14 -16.42 25.12
C THR B 230 1.96 -17.13 25.78
N ASP B 231 0.99 -16.36 26.26
CA ASP B 231 -0.25 -16.88 26.81
C ASP B 231 -1.39 -16.60 25.84
N HIS B 232 -2.59 -17.07 26.20
CA HIS B 232 -3.76 -16.83 25.36
C HIS B 232 -4.02 -15.34 25.20
N ILE B 233 -3.78 -14.56 26.27
CA ILE B 233 -4.06 -13.13 26.23
C ILE B 233 -3.00 -12.40 25.42
N ASP B 234 -1.74 -12.82 25.52
CA ASP B 234 -0.68 -12.19 24.76
C ASP B 234 -0.89 -12.30 23.27
N GLN B 235 -1.65 -13.31 22.81
CA GLN B 235 -2.00 -13.41 21.40
C GLN B 235 -2.82 -12.20 20.96
N LEU B 236 -3.79 -11.79 21.78
CA LEU B 236 -4.64 -10.67 21.40
C LEU B 236 -3.86 -9.36 21.38
N LYS B 237 -2.78 -9.27 22.15
CA LYS B 237 -1.96 -8.06 22.13
C LYS B 237 -1.12 -7.99 20.86
N LEU B 238 -0.45 -9.08 20.51
CA LEU B 238 0.43 -9.06 19.34
C LEU B 238 -0.35 -8.95 18.04
N ILE B 239 -1.57 -9.51 17.99
CA ILE B 239 -2.38 -9.39 16.79
C ILE B 239 -2.85 -7.96 16.62
N LEU B 240 -3.56 -7.42 17.62
CA LEU B 240 -4.09 -6.06 17.53
C LEU B 240 -2.99 -5.00 17.42
N ARG B 241 -1.74 -5.35 17.70
CA ARG B 241 -0.64 -4.40 17.50
C ARG B 241 -0.43 -4.12 16.02
N LEU B 242 -0.61 -5.13 15.17
CA LEU B 242 -0.41 -5.00 13.74
C LEU B 242 -1.70 -4.62 13.02
N VAL B 243 -2.80 -5.30 13.32
CA VAL B 243 -4.06 -5.04 12.64
C VAL B 243 -4.84 -3.87 13.23
N GLY B 244 -4.36 -3.29 14.33
CA GLY B 244 -5.04 -2.18 14.96
C GLY B 244 -6.22 -2.63 15.82
N THR B 245 -6.57 -1.76 16.76
CA THR B 245 -7.69 -2.06 17.63
C THR B 245 -9.01 -1.91 16.87
N PRO B 246 -10.01 -2.74 17.16
CA PRO B 246 -11.26 -2.68 16.40
C PRO B 246 -12.08 -1.44 16.76
N GLY B 247 -12.68 -0.85 15.74
CA GLY B 247 -13.53 0.31 15.94
C GLY B 247 -14.87 -0.07 16.54
N ALA B 248 -15.60 0.94 16.99
CA ALA B 248 -16.91 0.72 17.58
C ALA B 248 -17.88 0.08 16.59
N GLU B 249 -17.67 0.32 15.29
CA GLU B 249 -18.48 -0.36 14.28
C GLU B 249 -18.28 -1.87 14.36
N LEU B 250 -17.04 -2.31 14.56
CA LEU B 250 -16.73 -3.73 14.69
C LEU B 250 -16.80 -4.21 16.13
N LEU B 251 -16.59 -3.32 17.11
CA LEU B 251 -16.61 -3.72 18.51
C LEU B 251 -17.99 -4.17 18.97
N LYS B 252 -19.05 -3.86 18.22
CA LYS B 252 -20.38 -4.36 18.56
C LYS B 252 -20.53 -5.83 18.19
N LYS B 253 -19.75 -6.31 17.22
CA LYS B 253 -19.82 -7.71 16.80
C LYS B 253 -19.21 -8.66 17.82
N ILE B 254 -18.55 -8.13 18.86
CA ILE B 254 -17.93 -8.98 19.87
C ILE B 254 -19.01 -9.64 20.72
N SER B 255 -18.78 -10.91 21.07
CA SER B 255 -19.78 -11.69 21.80
C SER B 255 -19.66 -11.49 23.31
N SER B 256 -18.48 -11.74 23.87
CA SER B 256 -18.30 -11.71 25.31
C SER B 256 -18.20 -10.28 25.84
N GLU B 257 -18.63 -10.10 27.09
CA GLU B 257 -18.51 -8.81 27.75
C GLU B 257 -17.13 -8.64 28.39
N SER B 258 -16.63 -9.69 29.05
CA SER B 258 -15.30 -9.61 29.65
C SER B 258 -14.22 -9.42 28.61
N ALA B 259 -14.45 -9.89 27.39
CA ALA B 259 -13.49 -9.66 26.32
C ALA B 259 -13.53 -8.21 25.84
N ARG B 260 -14.73 -7.68 25.64
CA ARG B 260 -14.88 -6.31 25.14
C ARG B 260 -14.20 -5.32 26.09
N ASN B 261 -14.31 -5.55 27.40
CA ASN B 261 -13.65 -4.67 28.36
C ASN B 261 -12.13 -4.76 28.24
N TYR B 262 -11.61 -5.91 27.81
CA TYR B 262 -10.16 -6.03 27.66
C TYR B 262 -9.66 -5.24 26.47
N ILE B 263 -10.31 -5.38 25.31
CA ILE B 263 -9.90 -4.63 24.12
C ILE B 263 -9.95 -3.13 24.39
N GLN B 264 -10.95 -2.69 25.15
CA GLN B 264 -11.05 -1.28 25.52
C GLN B 264 -10.02 -0.88 26.58
N SER B 265 -9.21 -1.81 27.07
CA SER B 265 -8.21 -1.50 28.09
C SER B 265 -6.81 -1.27 27.51
N LEU B 266 -6.54 -1.76 26.30
CA LEU B 266 -5.26 -1.49 25.67
C LEU B 266 -5.23 -0.07 25.12
N THR B 267 -4.02 0.42 24.87
CA THR B 267 -3.87 1.69 24.17
C THR B 267 -4.34 1.52 22.73
N GLN B 268 -5.27 2.38 22.31
CA GLN B 268 -5.86 2.25 20.99
C GLN B 268 -4.85 2.60 19.91
N MET B 269 -4.70 1.71 18.94
CA MET B 269 -3.77 1.86 17.84
C MET B 269 -4.44 1.53 16.51
N PRO B 270 -4.03 2.19 15.43
CA PRO B 270 -4.60 1.85 14.12
C PRO B 270 -3.74 0.83 13.38
N LYS B 271 -4.22 0.38 12.22
CA LYS B 271 -3.40 -0.46 11.36
C LYS B 271 -2.20 0.32 10.85
N MET B 272 -1.03 -0.29 10.93
CA MET B 272 0.14 0.27 10.28
C MET B 272 0.31 -0.32 8.89
N ASN B 273 0.88 0.47 7.99
CA ASN B 273 1.13 -0.01 6.64
C ASN B 273 2.10 -1.18 6.68
N PHE B 274 1.64 -2.35 6.23
CA PHE B 274 2.44 -3.57 6.33
C PHE B 274 3.78 -3.45 5.61
N ALA B 275 3.90 -2.53 4.65
CA ALA B 275 5.17 -2.31 3.98
C ALA B 275 6.21 -1.68 4.89
N ASN B 276 5.82 -1.16 6.05
CA ASN B 276 6.76 -0.57 6.99
C ASN B 276 7.40 -1.60 7.91
N VAL B 277 6.82 -2.79 8.03
CA VAL B 277 7.33 -3.82 8.91
C VAL B 277 8.14 -4.86 8.13
N PHE B 278 7.69 -5.21 6.93
CA PHE B 278 8.37 -6.22 6.11
C PHE B 278 9.32 -5.50 5.17
N ILE B 279 10.57 -5.36 5.59
CA ILE B 279 11.58 -4.69 4.79
C ILE B 279 12.10 -5.65 3.73
N GLY B 280 12.22 -5.16 2.50
CA GLY B 280 12.72 -5.95 1.39
C GLY B 280 11.72 -6.91 0.78
N ALA B 281 10.53 -7.03 1.35
CA ALA B 281 9.53 -7.95 0.81
C ALA B 281 8.94 -7.40 -0.49
N ASN B 282 8.34 -8.29 -1.26
CA ASN B 282 7.68 -7.90 -2.49
C ASN B 282 6.46 -7.03 -2.16
N PRO B 283 6.33 -5.86 -2.78
CA PRO B 283 5.11 -5.05 -2.56
C PRO B 283 3.83 -5.81 -2.86
N LEU B 284 3.86 -6.75 -3.80
CA LEU B 284 2.68 -7.58 -4.05
C LEU B 284 2.48 -8.59 -2.94
N ALA B 285 3.58 -9.12 -2.38
CA ALA B 285 3.47 -10.01 -1.24
C ALA B 285 2.92 -9.28 -0.02
N VAL B 286 3.36 -8.04 0.18
CA VAL B 286 2.80 -7.22 1.26
C VAL B 286 1.35 -6.88 0.97
N ASP B 287 1.02 -6.64 -0.31
CA ASP B 287 -0.36 -6.32 -0.68
C ASP B 287 -1.29 -7.50 -0.41
N LEU B 288 -0.81 -8.73 -0.63
CA LEU B 288 -1.61 -9.89 -0.31
C LEU B 288 -1.75 -10.07 1.20
N LEU B 289 -0.67 -9.83 1.95
CA LEU B 289 -0.72 -9.96 3.39
C LEU B 289 -1.72 -8.98 4.00
N GLU B 290 -1.83 -7.78 3.41
CA GLU B 290 -2.82 -6.82 3.89
C GLU B 290 -4.23 -7.34 3.70
N LYS B 291 -4.46 -8.18 2.70
CA LYS B 291 -5.77 -8.77 2.45
C LYS B 291 -6.03 -10.02 3.27
N MET B 292 -4.99 -10.73 3.70
CA MET B 292 -5.14 -11.94 4.48
C MET B 292 -5.12 -11.69 5.98
N LEU B 293 -4.84 -10.48 6.42
CA LEU B 293 -4.74 -10.15 7.84
C LEU B 293 -5.64 -8.97 8.18
N VAL B 294 -6.90 -9.04 7.73
CA VAL B 294 -7.90 -8.02 8.02
C VAL B 294 -8.69 -8.47 9.24
N LEU B 295 -8.88 -7.55 10.20
CA LEU B 295 -9.65 -7.87 11.39
C LEU B 295 -11.07 -8.30 11.04
N ASP B 296 -11.72 -7.57 10.13
CA ASP B 296 -13.07 -7.91 9.71
C ASP B 296 -13.05 -9.23 8.96
N SER B 297 -13.61 -10.27 9.58
CA SER B 297 -13.61 -11.59 8.96
C SER B 297 -14.39 -11.59 7.66
N ASP B 298 -15.50 -10.84 7.60
CA ASP B 298 -16.31 -10.78 6.39
C ASP B 298 -15.59 -10.07 5.26
N LYS B 299 -14.58 -9.25 5.56
CA LYS B 299 -13.85 -8.51 4.54
C LYS B 299 -12.53 -9.16 4.17
N ARG B 300 -12.08 -10.17 4.90
CA ARG B 300 -10.83 -10.84 4.56
C ARG B 300 -10.97 -11.61 3.26
N ILE B 301 -9.88 -11.65 2.49
CA ILE B 301 -9.89 -12.26 1.17
C ILE B 301 -10.12 -13.76 1.30
N THR B 302 -10.72 -14.35 0.27
CA THR B 302 -10.94 -15.78 0.19
C THR B 302 -9.85 -16.45 -0.62
N ALA B 303 -9.77 -17.78 -0.49
CA ALA B 303 -8.74 -18.54 -1.20
C ALA B 303 -8.95 -18.49 -2.70
N ALA B 304 -10.22 -18.52 -3.15
CA ALA B 304 -10.49 -18.44 -4.58
C ALA B 304 -10.07 -17.10 -5.15
N GLN B 305 -10.28 -16.02 -4.40
CA GLN B 305 -9.82 -14.71 -4.82
C GLN B 305 -8.32 -14.52 -4.65
N ALA B 306 -7.70 -15.27 -3.73
CA ALA B 306 -6.27 -15.12 -3.49
C ALA B 306 -5.44 -15.65 -4.65
N LEU B 307 -5.95 -16.63 -5.38
CA LEU B 307 -5.20 -17.17 -6.52
C LEU B 307 -5.10 -16.16 -7.65
N ALA B 308 -6.13 -15.32 -7.82
CA ALA B 308 -6.11 -14.30 -8.87
C ALA B 308 -5.20 -13.12 -8.54
N HIS B 309 -4.55 -13.14 -7.37
CA HIS B 309 -3.64 -12.06 -7.01
C HIS B 309 -2.43 -12.04 -7.94
N ALA B 310 -1.92 -10.83 -8.20
CA ALA B 310 -0.78 -10.66 -9.08
C ALA B 310 0.50 -11.29 -8.53
N TYR B 311 0.49 -11.73 -7.27
CA TYR B 311 1.66 -12.39 -6.70
C TYR B 311 1.89 -13.77 -7.30
N PHE B 312 0.90 -14.33 -7.99
CA PHE B 312 0.99 -15.67 -8.57
C PHE B 312 0.83 -15.63 -10.08
N ALA B 313 1.17 -14.51 -10.71
CA ALA B 313 1.08 -14.41 -12.17
C ALA B 313 1.99 -15.40 -12.88
N GLN B 314 2.99 -15.94 -12.18
CA GLN B 314 3.88 -16.93 -12.77
C GLN B 314 3.30 -18.34 -12.75
N TYR B 315 2.35 -18.61 -11.85
CA TYR B 315 1.82 -19.96 -11.69
C TYR B 315 0.30 -20.04 -11.76
N HIS B 316 -0.41 -18.91 -11.87
CA HIS B 316 -1.86 -18.96 -11.89
C HIS B 316 -2.36 -19.49 -13.22
N ASP B 317 -3.22 -20.50 -13.16
CA ASP B 317 -3.89 -21.04 -14.33
C ASP B 317 -5.34 -21.35 -13.95
N PRO B 318 -6.30 -20.52 -14.37
CA PRO B 318 -7.69 -20.71 -13.91
C PRO B 318 -8.33 -22.00 -14.39
N ASP B 319 -7.71 -22.73 -15.31
CA ASP B 319 -8.25 -23.98 -15.81
C ASP B 319 -7.64 -25.20 -15.13
N ASP B 320 -6.64 -25.01 -14.26
CA ASP B 320 -6.03 -26.10 -13.51
C ASP B 320 -6.04 -25.79 -12.01
N GLU B 321 -7.18 -25.31 -11.52
CA GLU B 321 -7.41 -25.08 -10.09
C GLU B 321 -8.76 -25.71 -9.77
N PRO B 322 -8.80 -27.04 -9.66
CA PRO B 322 -10.10 -27.73 -9.60
C PRO B 322 -10.79 -27.54 -8.27
N VAL B 323 -12.10 -27.82 -8.28
CA VAL B 323 -12.93 -27.72 -7.09
C VAL B 323 -13.41 -29.11 -6.70
N ALA B 324 -14.17 -29.19 -5.61
CA ALA B 324 -14.61 -30.46 -5.05
C ALA B 324 -16.08 -30.72 -5.33
N ASP B 325 -16.44 -31.99 -5.25
CA ASP B 325 -17.83 -32.36 -5.08
C ASP B 325 -18.18 -32.28 -3.59
N PRO B 326 -19.31 -31.68 -3.22
CA PRO B 326 -19.59 -31.44 -1.80
C PRO B 326 -19.68 -32.74 -1.01
N TYR B 327 -19.06 -32.74 0.17
CA TYR B 327 -19.04 -33.89 1.06
C TYR B 327 -20.11 -33.71 2.14
N ASP B 328 -21.10 -34.59 2.15
CA ASP B 328 -22.19 -34.52 3.10
C ASP B 328 -21.80 -35.23 4.40
N GLN B 329 -22.50 -34.87 5.48
CA GLN B 329 -22.12 -35.28 6.82
C GLN B 329 -22.37 -36.78 7.02
N SER B 330 -23.66 -37.12 7.04
CA SER B 330 -24.27 -38.44 6.94
C SER B 330 -24.15 -39.36 8.15
N PHE B 331 -23.11 -39.22 8.98
CA PHE B 331 -23.10 -39.79 10.32
C PHE B 331 -22.22 -39.03 11.30
N GLU B 332 -21.57 -37.95 10.88
CA GLU B 332 -20.45 -37.38 11.64
C GLU B 332 -20.89 -36.73 12.94
N SER B 333 -22.16 -36.35 13.07
CA SER B 333 -22.67 -35.67 14.24
C SER B 333 -23.48 -36.58 15.16
N ARG B 334 -23.44 -37.89 14.94
CA ARG B 334 -24.16 -38.82 15.77
C ARG B 334 -23.28 -39.29 16.94
N ASP B 335 -23.93 -39.86 17.95
CA ASP B 335 -23.25 -40.41 19.12
C ASP B 335 -23.66 -41.86 19.28
N LEU B 336 -22.70 -42.78 19.07
CA LEU B 336 -22.99 -44.20 19.13
C LEU B 336 -22.02 -44.90 20.08
N LEU B 337 -22.08 -46.23 20.12
CA LEU B 337 -21.20 -47.02 20.97
C LEU B 337 -19.82 -47.13 20.32
N ILE B 338 -18.84 -47.55 21.13
CA ILE B 338 -17.48 -47.77 20.63
C ILE B 338 -17.49 -48.74 19.46
N ASP B 339 -18.23 -49.84 19.61
CA ASP B 339 -18.23 -50.87 18.56
C ASP B 339 -18.89 -50.36 17.28
N GLU B 340 -19.81 -49.40 17.38
CA GLU B 340 -20.47 -48.89 16.19
C GLU B 340 -19.50 -48.08 15.33
N TRP B 341 -18.71 -47.20 15.95
CA TRP B 341 -17.70 -46.47 15.21
C TRP B 341 -16.63 -47.40 14.65
N LYS B 342 -16.34 -48.50 15.36
CA LYS B 342 -15.39 -49.48 14.86
C LYS B 342 -15.92 -50.20 13.62
N SER B 343 -17.23 -50.45 13.58
CA SER B 343 -17.82 -51.06 12.39
C SER B 343 -18.00 -50.05 11.27
N LEU B 344 -18.38 -48.81 11.61
CA LEU B 344 -18.50 -47.78 10.60
C LEU B 344 -17.15 -47.46 9.97
N THR B 345 -16.08 -47.51 10.77
CA THR B 345 -14.74 -47.39 10.22
C THR B 345 -14.42 -48.58 9.32
N TYR B 346 -14.85 -49.77 9.72
CA TYR B 346 -14.60 -50.97 8.90
C TYR B 346 -15.29 -50.86 7.55
N ASP B 347 -16.53 -50.39 7.52
CA ASP B 347 -17.28 -50.30 6.27
C ASP B 347 -16.59 -49.37 5.28
N GLU B 348 -15.90 -48.35 5.76
CA GLU B 348 -15.20 -47.41 4.89
C GLU B 348 -13.79 -47.88 4.52
N VAL B 349 -13.26 -48.89 5.22
CA VAL B 349 -11.94 -49.42 4.85
C VAL B 349 -12.08 -50.37 3.66
N ILE B 350 -13.09 -51.24 3.67
CA ILE B 350 -13.27 -52.17 2.57
C ILE B 350 -13.82 -51.47 1.34
N SER B 351 -14.58 -50.38 1.54
CA SER B 351 -15.17 -49.65 0.43
C SER B 351 -14.17 -48.76 -0.29
N PHE B 352 -12.90 -48.75 0.13
CA PHE B 352 -11.91 -47.88 -0.47
C PHE B 352 -11.43 -48.45 -1.81
N VAL B 353 -11.52 -47.65 -2.85
CA VAL B 353 -11.03 -48.00 -4.18
C VAL B 353 -9.78 -47.17 -4.46
N PRO B 354 -8.61 -47.78 -4.61
CA PRO B 354 -7.40 -47.00 -4.88
C PRO B 354 -7.45 -46.40 -6.28
N PRO B 355 -6.83 -45.25 -6.48
CA PRO B 355 -6.88 -44.61 -7.80
C PRO B 355 -5.77 -45.10 -8.70
N PRO B 356 -5.97 -45.08 -10.02
CA PRO B 356 -4.90 -45.44 -10.94
C PRO B 356 -3.94 -44.28 -11.16
N LEU B 357 -2.65 -44.60 -11.25
CA LEU B 357 -1.61 -43.59 -11.43
C LEU B 357 -1.46 -43.32 -12.93
N ASP B 358 -2.34 -42.48 -13.45
CA ASP B 358 -2.33 -42.11 -14.85
C ASP B 358 -1.07 -41.34 -15.21
N GLY C 13 9.33 20.17 11.39
CA GLY C 13 10.12 19.21 10.65
C GLY C 13 10.62 18.06 11.50
N LEU C 14 9.70 17.42 12.23
CA LEU C 14 10.04 16.31 13.11
C LEU C 14 10.11 15.03 12.29
N GLN C 15 11.32 14.49 12.13
CA GLN C 15 11.53 13.23 11.42
C GLN C 15 11.80 12.14 12.45
N ILE C 16 10.76 11.39 12.80
CA ILE C 16 10.91 10.29 13.74
C ILE C 16 11.78 9.21 13.12
N LYS C 17 12.63 8.60 13.94
CA LYS C 17 13.58 7.60 13.46
C LYS C 17 13.06 6.20 13.78
N LYS C 18 13.20 5.29 12.81
CA LYS C 18 12.63 3.95 12.93
C LYS C 18 13.60 2.93 13.50
N ASN C 19 14.90 3.11 13.30
CA ASN C 19 15.87 2.12 13.72
C ASN C 19 16.01 2.10 15.23
N ALA C 20 16.75 1.11 15.73
CA ALA C 20 16.93 0.94 17.16
C ALA C 20 17.81 2.05 17.72
N ILE C 21 17.53 2.45 18.97
CA ILE C 21 18.29 3.53 19.59
C ILE C 21 19.69 3.05 19.98
N ILE C 22 19.85 1.74 20.23
CA ILE C 22 21.14 1.22 20.64
C ILE C 22 22.18 1.36 19.53
N ASP C 23 21.76 1.54 18.29
CA ASP C 23 22.72 1.68 17.19
C ASP C 23 23.41 3.03 17.23
N ASP C 24 22.77 4.04 17.81
CA ASP C 24 23.30 5.40 17.84
C ASP C 24 23.74 5.84 19.23
N TYR C 25 22.92 5.59 20.24
CA TYR C 25 23.21 6.02 21.61
C TYR C 25 23.55 4.84 22.49
N LYS C 26 24.26 5.13 23.59
CA LYS C 26 24.63 4.13 24.58
C LYS C 26 23.72 4.31 25.79
N VAL C 27 22.78 3.39 25.97
CA VAL C 27 21.85 3.42 27.09
C VAL C 27 22.49 2.73 28.29
N THR C 28 22.68 3.48 29.37
CA THR C 28 23.28 2.95 30.58
C THR C 28 22.20 2.61 31.61
N SER C 29 22.62 2.08 32.75
CA SER C 29 21.71 1.73 33.83
C SER C 29 21.49 2.88 34.80
N GLN C 30 22.13 4.03 34.59
CA GLN C 30 21.98 5.16 35.49
C GLN C 30 20.60 5.78 35.30
N VAL C 31 19.78 5.71 36.34
CA VAL C 31 18.43 6.28 36.32
C VAL C 31 18.51 7.73 36.79
N LEU C 32 17.86 8.62 36.04
CA LEU C 32 17.83 10.04 36.37
C LEU C 32 16.43 10.46 36.84
N GLY C 33 15.79 9.60 37.62
CA GLY C 33 14.46 9.87 38.11
C GLY C 33 13.41 9.08 37.34
N LEU C 34 12.31 8.78 38.02
CA LEU C 34 11.22 8.04 37.42
C LEU C 34 10.21 9.01 36.81
N GLY C 35 9.65 8.62 35.66
CA GLY C 35 8.68 9.43 34.96
C GLY C 35 7.26 8.97 35.22
N ILE C 36 6.37 9.31 34.29
CA ILE C 36 4.96 8.95 34.41
C ILE C 36 4.67 7.62 33.73
N ASN C 37 5.09 7.48 32.47
CA ASN C 37 4.88 6.26 31.70
C ASN C 37 6.06 5.30 31.76
N GLY C 38 7.17 5.70 32.37
CA GLY C 38 8.33 4.83 32.44
C GLY C 38 9.44 5.48 33.22
N LYS C 39 10.64 4.93 33.07
CA LYS C 39 11.83 5.44 33.74
C LYS C 39 12.61 6.34 32.81
N VAL C 40 13.39 7.25 33.40
CA VAL C 40 14.23 8.17 32.65
C VAL C 40 15.68 7.80 32.93
N LEU C 41 16.39 7.40 31.88
CA LEU C 41 17.78 6.98 31.97
C LEU C 41 18.67 7.97 31.24
N GLN C 42 19.93 8.02 31.64
CA GLN C 42 20.92 8.83 30.95
C GLN C 42 21.52 8.03 29.81
N ILE C 43 21.84 8.74 28.71
CA ILE C 43 22.35 8.12 27.51
C ILE C 43 23.50 8.97 26.97
N PHE C 44 24.30 8.36 26.10
CA PHE C 44 25.43 9.02 25.48
C PHE C 44 25.46 8.70 24.00
N ASN C 45 25.51 9.73 23.16
CA ASN C 45 25.67 9.54 21.73
C ASN C 45 27.09 9.02 21.47
N LYS C 46 27.20 7.83 20.88
CA LYS C 46 28.48 7.17 20.73
C LYS C 46 29.45 7.92 19.83
N ARG C 47 29.01 8.99 19.17
CA ARG C 47 29.88 9.80 18.33
C ARG C 47 30.43 11.02 19.06
N THR C 48 29.62 11.68 19.90
CA THR C 48 30.02 12.87 20.61
C THR C 48 29.95 12.77 22.12
N GLN C 49 29.40 11.67 22.66
CA GLN C 49 29.29 11.46 24.10
C GLN C 49 28.52 12.58 24.79
N GLU C 50 27.54 13.16 24.10
CA GLU C 50 26.72 14.21 24.68
C GLU C 50 25.73 13.59 25.67
N LYS C 51 25.82 13.99 26.94
CA LYS C 51 24.96 13.43 27.97
C LYS C 51 23.54 13.97 27.82
N PHE C 52 22.58 13.06 27.68
CA PHE C 52 21.18 13.41 27.55
C PHE C 52 20.35 12.59 28.53
N ALA C 53 19.05 12.88 28.55
CA ALA C 53 18.06 12.08 29.26
C ALA C 53 17.13 11.42 28.25
N LEU C 54 16.53 10.30 28.66
CA LEU C 54 15.70 9.48 27.77
C LEU C 54 14.35 9.23 28.44
N LYS C 55 13.34 9.95 27.99
CA LYS C 55 11.96 9.69 28.39
C LYS C 55 11.27 8.85 27.33
N MET C 56 10.46 7.90 27.76
CA MET C 56 9.76 6.98 26.87
C MET C 56 8.26 7.04 27.13
N LEU C 57 7.48 7.10 26.06
CA LEU C 57 6.04 7.12 26.13
C LEU C 57 5.47 6.03 25.24
N GLN C 58 4.34 5.47 25.68
CA GLN C 58 3.64 4.47 24.87
C GLN C 58 3.05 5.15 23.64
N ASP C 59 3.41 4.64 22.46
CA ASP C 59 2.92 5.22 21.21
C ASP C 59 1.40 5.13 21.14
N CYS C 60 0.78 6.25 20.76
CA CYS C 60 -0.67 6.34 20.64
C CYS C 60 -1.01 7.69 20.00
N PRO C 61 -2.22 7.83 19.45
CA PRO C 61 -2.60 9.14 18.89
C PRO C 61 -2.51 10.28 19.88
N LYS C 62 -2.72 10.02 21.17
CA LYS C 62 -2.58 11.06 22.17
C LYS C 62 -1.12 11.46 22.34
N ALA C 63 -0.23 10.47 22.48
CA ALA C 63 1.19 10.77 22.68
C ALA C 63 1.84 11.36 21.44
N ARG C 64 1.26 11.15 20.26
CA ARG C 64 1.86 11.70 19.04
C ARG C 64 1.55 13.19 18.89
N ARG C 65 0.43 13.65 19.44
CA ARG C 65 0.18 15.08 19.48
C ARG C 65 1.12 15.78 20.45
N GLU C 66 1.54 15.08 21.51
CA GLU C 66 2.39 15.69 22.51
C GLU C 66 3.79 15.95 21.99
N VAL C 67 4.29 15.13 21.06
CA VAL C 67 5.66 15.29 20.58
C VAL C 67 5.74 16.40 19.54
N GLU C 68 4.72 16.54 18.70
CA GLU C 68 4.76 17.54 17.64
C GLU C 68 4.75 18.95 18.20
N LEU C 69 3.86 19.22 19.17
CA LEU C 69 3.83 20.53 19.80
C LEU C 69 5.14 20.82 20.53
N HIS C 70 5.65 19.83 21.28
CA HIS C 70 6.94 20.00 21.94
C HIS C 70 8.06 20.23 20.93
N TRP C 71 7.96 19.62 19.76
CA TRP C 71 8.94 19.89 18.70
C TRP C 71 8.78 21.29 18.15
N ARG C 72 7.54 21.77 18.03
CA ARG C 72 7.30 23.15 17.61
C ARG C 72 7.72 24.15 18.69
N ALA C 73 7.80 23.72 19.95
CA ALA C 73 8.18 24.59 21.05
C ALA C 73 9.66 24.52 21.40
N SER C 74 10.41 23.62 20.77
CA SER C 74 11.84 23.50 21.04
C SER C 74 12.63 24.72 20.57
N GLN C 75 12.03 25.57 19.73
CA GLN C 75 12.73 26.76 19.27
C GLN C 75 12.88 27.81 20.35
N CYS C 76 12.11 27.69 21.45
CA CYS C 76 12.20 28.64 22.55
C CYS C 76 13.29 28.23 23.52
N PRO C 77 14.24 29.10 23.85
CA PRO C 77 15.32 28.72 24.78
C PRO C 77 14.81 28.37 26.16
N HIS C 78 13.67 28.94 26.59
CA HIS C 78 13.09 28.64 27.89
C HIS C 78 12.22 27.39 27.88
N ILE C 79 12.37 26.53 26.86
CA ILE C 79 11.69 25.25 26.78
C ILE C 79 12.72 24.20 26.43
N VAL C 80 12.67 23.06 27.13
CA VAL C 80 13.68 22.02 26.93
C VAL C 80 13.68 21.58 25.47
N ARG C 81 14.87 21.37 24.92
CA ARG C 81 15.04 21.03 23.51
C ARG C 81 15.03 19.51 23.35
N ILE C 82 14.06 19.01 22.58
CA ILE C 82 14.00 17.59 22.27
C ILE C 82 15.00 17.29 21.15
N VAL C 83 15.96 16.41 21.44
CA VAL C 83 17.02 16.13 20.46
C VAL C 83 16.55 15.11 19.44
N ASP C 84 16.19 13.91 19.89
CA ASP C 84 15.82 12.82 19.00
C ASP C 84 14.57 12.14 19.53
N VAL C 85 13.77 11.60 18.60
CA VAL C 85 12.56 10.86 18.92
C VAL C 85 12.60 9.56 18.11
N TYR C 86 12.86 8.45 18.79
CA TYR C 86 12.85 7.12 18.17
C TYR C 86 11.50 6.44 18.40
N GLU C 87 11.18 5.51 17.52
CA GLU C 87 10.02 4.63 17.69
C GLU C 87 10.54 3.20 17.70
N ASN C 88 10.66 2.62 18.89
CA ASN C 88 11.18 1.27 19.04
C ASN C 88 10.22 0.40 19.83
N LEU C 89 10.66 -0.81 20.19
CA LEU C 89 9.87 -1.74 20.98
C LEU C 89 10.61 -2.03 22.27
N TYR C 90 10.02 -1.63 23.40
CA TYR C 90 10.59 -1.89 24.71
C TYR C 90 9.63 -2.80 25.47
N ALA C 91 10.11 -3.99 25.83
CA ALA C 91 9.32 -4.97 26.58
C ALA C 91 8.01 -5.29 25.87
N GLY C 92 8.07 -5.37 24.55
CA GLY C 92 6.89 -5.66 23.75
C GLY C 92 5.87 -4.53 23.72
N ARG C 93 6.32 -3.30 23.91
CA ARG C 93 5.44 -2.13 23.91
C ARG C 93 5.90 -1.16 22.84
N LYS C 94 4.95 -0.63 22.08
CA LYS C 94 5.24 0.41 21.09
C LYS C 94 5.59 1.68 21.83
N CYS C 95 6.88 2.01 21.90
CA CYS C 95 7.37 3.13 22.67
C CYS C 95 7.84 4.25 21.76
N LEU C 96 7.71 5.48 22.26
CA LEU C 96 8.22 6.68 21.59
C LEU C 96 9.38 7.20 22.44
N LEU C 97 10.57 6.66 22.18
CA LEU C 97 11.76 7.07 22.92
C LEU C 97 12.12 8.51 22.55
N ILE C 98 12.20 9.37 23.56
CA ILE C 98 12.45 10.80 23.36
C ILE C 98 13.77 11.16 24.04
N VAL C 99 14.72 11.64 23.25
CA VAL C 99 16.00 12.12 23.75
C VAL C 99 15.88 13.61 24.00
N MET C 100 16.02 14.02 25.26
CA MET C 100 15.89 15.43 25.64
C MET C 100 17.19 15.92 26.27
N GLU C 101 17.29 17.24 26.40
CA GLU C 101 18.44 17.85 27.05
C GLU C 101 18.44 17.52 28.54
N CYS C 102 19.57 17.04 29.04
CA CYS C 102 19.67 16.67 30.45
C CYS C 102 19.71 17.91 31.31
N LEU C 103 18.88 17.93 32.35
CA LEU C 103 18.79 19.05 33.27
C LEU C 103 19.42 18.63 34.60
N ASP C 104 20.53 19.29 34.96
CA ASP C 104 21.28 18.97 36.16
C ASP C 104 21.20 20.02 37.24
N GLY C 105 20.48 21.12 36.99
CA GLY C 105 20.38 22.20 37.96
C GLY C 105 19.35 22.03 39.05
N GLY C 106 18.60 20.93 39.04
CA GLY C 106 17.56 20.71 40.03
C GLY C 106 16.35 21.56 39.74
N GLU C 107 15.39 21.50 40.67
CA GLU C 107 14.16 22.25 40.53
C GLU C 107 14.42 23.75 40.68
N LEU C 108 13.43 24.54 40.24
CA LEU C 108 13.53 25.98 40.39
C LEU C 108 13.48 26.38 41.87
N PHE C 109 12.57 25.76 42.63
CA PHE C 109 12.43 26.09 44.05
C PHE C 109 13.44 25.37 44.93
N SER C 110 13.98 24.23 44.47
CA SER C 110 15.05 23.58 45.20
C SER C 110 16.32 24.44 45.18
N ARG C 111 16.48 25.26 44.16
CA ARG C 111 17.58 26.23 44.16
C ARG C 111 17.29 27.38 45.13
N ILE C 112 16.02 27.79 45.23
CA ILE C 112 15.65 28.84 46.17
C ILE C 112 15.64 28.32 47.60
N GLN C 113 15.25 27.05 47.80
CA GLN C 113 15.27 26.45 49.13
C GLN C 113 16.68 26.48 49.71
N ASP C 114 17.65 25.97 48.97
CA ASP C 114 19.06 26.00 49.36
C ASP C 114 19.77 26.90 48.35
N ARG C 115 19.79 28.20 48.66
CA ARG C 115 20.35 29.22 47.78
C ARG C 115 21.64 29.78 48.38
N GLY C 116 22.45 28.91 48.97
CA GLY C 116 23.64 29.37 49.67
C GLY C 116 23.36 30.32 50.80
N ASP C 117 22.14 30.31 51.33
CA ASP C 117 21.70 31.21 52.39
C ASP C 117 21.88 32.67 51.97
N GLN C 118 21.13 33.05 50.95
CA GLN C 118 21.15 34.41 50.43
C GLN C 118 19.76 35.04 50.53
N ALA C 119 19.70 36.33 50.24
CA ALA C 119 18.47 37.09 50.46
C ALA C 119 17.42 36.79 49.40
N PHE C 120 17.83 36.41 48.18
CA PHE C 120 16.91 36.17 47.08
C PHE C 120 16.01 37.38 46.84
N THR C 121 16.65 38.48 46.43
CA THR C 121 15.97 39.75 46.24
C THR C 121 14.87 39.64 45.20
N GLU C 122 13.99 40.64 45.18
CA GLU C 122 12.87 40.63 44.25
C GLU C 122 13.31 40.88 42.82
N ARG C 123 14.54 41.36 42.60
CA ARG C 123 15.03 41.54 41.24
C ARG C 123 15.19 40.20 40.54
N GLU C 124 15.60 39.17 41.27
CA GLU C 124 15.65 37.83 40.70
C GLU C 124 14.25 37.29 40.42
N ALA C 125 13.26 37.68 41.24
CA ALA C 125 11.90 37.20 41.03
C ALA C 125 11.29 37.79 39.76
N SER C 126 11.77 38.96 39.32
CA SER C 126 11.25 39.56 38.10
C SER C 126 11.77 38.84 36.87
N GLU C 127 13.08 38.57 36.82
CA GLU C 127 13.65 37.82 35.70
C GLU C 127 13.14 36.39 35.70
N ILE C 128 12.89 35.81 36.87
CA ILE C 128 12.39 34.44 36.94
C ILE C 128 10.92 34.36 36.54
N MET C 129 10.17 35.46 36.60
CA MET C 129 8.80 35.48 36.12
C MET C 129 8.70 35.89 34.66
N LYS C 130 9.68 36.65 34.16
CA LYS C 130 9.71 36.99 32.75
C LYS C 130 10.21 35.81 31.91
N SER C 131 11.16 35.04 32.45
CA SER C 131 11.66 33.88 31.72
C SER C 131 10.55 32.87 31.47
N ILE C 132 9.74 32.59 32.49
CA ILE C 132 8.58 31.73 32.30
C ILE C 132 7.55 32.43 31.41
N GLY C 133 7.44 33.75 31.53
CA GLY C 133 6.51 34.48 30.69
C GLY C 133 6.89 34.43 29.21
N GLU C 134 8.19 34.50 28.92
CA GLU C 134 8.64 34.40 27.54
C GLU C 134 8.35 33.01 26.96
N ALA C 135 8.44 31.97 27.78
CA ALA C 135 8.11 30.63 27.31
C ALA C 135 6.61 30.48 27.07
N ILE C 136 5.79 30.98 28.01
CA ILE C 136 4.35 30.92 27.82
C ILE C 136 3.90 31.82 26.69
N GLN C 137 4.58 32.97 26.50
CA GLN C 137 4.24 33.84 25.38
C GLN C 137 4.52 33.16 24.04
N TYR C 138 5.65 32.46 23.93
CA TYR C 138 5.95 31.74 22.70
C TYR C 138 4.94 30.63 22.46
N LEU C 139 4.55 29.92 23.53
CA LEU C 139 3.55 28.87 23.38
C LEU C 139 2.19 29.44 23.01
N HIS C 140 1.78 30.53 23.67
CA HIS C 140 0.48 31.13 23.38
C HIS C 140 0.47 31.86 22.05
N SER C 141 1.64 32.26 21.54
CA SER C 141 1.68 32.90 20.22
C SER C 141 1.46 31.88 19.10
N ILE C 142 1.85 30.64 19.31
CA ILE C 142 1.66 29.59 18.32
C ILE C 142 0.40 28.76 18.61
N ASN C 143 -0.50 29.29 19.45
CA ASN C 143 -1.78 28.66 19.76
C ASN C 143 -1.58 27.28 20.39
N ILE C 144 -0.55 27.15 21.23
CA ILE C 144 -0.26 25.92 21.95
C ILE C 144 -0.35 26.24 23.44
N ALA C 145 -1.23 25.56 24.15
CA ALA C 145 -1.53 25.85 25.55
C ALA C 145 -0.98 24.74 26.44
N HIS C 146 0.18 24.98 27.03
CA HIS C 146 0.65 24.13 28.12
C HIS C 146 -0.25 24.33 29.33
N ARG C 147 -0.51 23.24 30.07
CA ARG C 147 -1.50 23.32 31.14
C ARG C 147 -1.02 22.62 32.42
N ASP C 148 0.30 22.49 32.60
CA ASP C 148 0.85 21.84 33.78
C ASP C 148 2.07 22.61 34.29
N VAL C 149 2.00 23.93 34.23
CA VAL C 149 3.11 24.78 34.69
C VAL C 149 3.09 24.79 36.21
N LYS C 150 4.02 24.06 36.82
CA LYS C 150 4.09 23.94 38.27
C LYS C 150 5.55 23.75 38.65
N PRO C 151 5.89 23.91 39.93
CA PRO C 151 7.29 23.73 40.35
C PRO C 151 7.90 22.39 39.94
N GLU C 152 7.08 21.34 39.78
CA GLU C 152 7.58 20.08 39.26
C GLU C 152 7.98 20.17 37.78
N ASN C 153 7.72 21.30 37.13
CA ASN C 153 7.96 21.48 35.71
C ASN C 153 9.00 22.56 35.42
N LEU C 154 9.63 23.11 36.45
CA LEU C 154 10.55 24.24 36.30
C LEU C 154 11.92 23.80 36.84
N LEU C 155 12.80 23.40 35.93
CA LEU C 155 14.13 22.92 36.28
C LEU C 155 15.19 23.75 35.57
N TYR C 156 16.32 23.94 36.25
CA TYR C 156 17.44 24.66 35.66
C TYR C 156 18.26 23.74 34.77
N THR C 157 19.07 24.35 33.90
CA THR C 157 19.88 23.57 32.98
C THR C 157 21.05 22.91 33.69
N SER C 158 21.85 23.70 34.42
CA SER C 158 23.02 23.19 35.11
C SER C 158 23.07 23.75 36.52
N LYS C 159 24.04 23.27 37.29
CA LYS C 159 24.24 23.70 38.67
C LYS C 159 25.04 25.00 38.79
N ARG C 160 25.11 25.78 37.72
CA ARG C 160 25.86 27.02 37.67
C ARG C 160 24.92 28.22 37.69
N PRO C 161 25.40 29.37 38.14
CA PRO C 161 24.52 30.56 38.20
C PRO C 161 24.07 31.05 36.83
N ASN C 162 24.74 30.66 35.75
CA ASN C 162 24.36 31.04 34.41
C ASN C 162 23.31 30.10 33.80
N ALA C 163 22.67 29.27 34.61
CA ALA C 163 21.69 28.32 34.11
C ALA C 163 20.44 29.04 33.62
N ILE C 164 19.63 28.32 32.83
CA ILE C 164 18.42 28.85 32.25
C ILE C 164 17.24 28.01 32.74
N LEU C 165 16.18 28.67 33.18
CA LEU C 165 14.96 27.99 33.56
C LEU C 165 14.19 27.56 32.32
N LYS C 166 13.79 26.29 32.29
CA LYS C 166 13.14 25.72 31.12
C LYS C 166 11.84 25.03 31.52
N LEU C 167 10.98 24.83 30.53
CA LEU C 167 9.70 24.14 30.70
C LEU C 167 9.80 22.72 30.18
N THR C 168 9.07 21.80 30.83
CA THR C 168 9.08 20.39 30.49
C THR C 168 7.65 19.86 30.52
N ASP C 169 7.52 18.56 30.28
CA ASP C 169 6.31 17.79 30.58
C ASP C 169 5.08 18.40 29.90
N PHE C 170 5.06 18.27 28.57
CA PHE C 170 3.97 18.76 27.74
C PHE C 170 2.72 17.86 27.79
N GLY C 171 2.60 17.03 28.82
CA GLY C 171 1.53 16.06 28.97
C GLY C 171 0.13 16.48 28.55
N PHE C 172 -0.28 17.70 28.88
CA PHE C 172 -1.60 18.21 28.52
C PHE C 172 -1.53 19.34 27.50
N ALA C 173 -0.47 19.38 26.69
CA ALA C 173 -0.35 20.39 25.67
C ALA C 173 -1.42 20.18 24.60
N LYS C 174 -2.23 21.21 24.37
CA LYS C 174 -3.35 21.12 23.43
C LYS C 174 -3.31 22.31 22.48
N GLU C 175 -3.46 22.04 21.18
CA GLU C 175 -3.63 23.10 20.20
C GLU C 175 -5.01 23.73 20.41
N THR C 176 -5.04 24.99 20.84
CA THR C 176 -6.27 25.68 21.20
C THR C 176 -6.42 26.95 20.39
N THR C 177 -7.58 27.59 20.54
CA THR C 177 -7.90 28.84 19.87
C THR C 177 -8.05 29.93 20.92
N SER C 178 -7.28 31.00 20.76
CA SER C 178 -7.27 32.10 21.71
C SER C 178 -8.49 32.99 21.47
N HIS C 179 -9.55 32.72 22.21
CA HIS C 179 -10.70 33.61 22.18
C HIS C 179 -10.44 34.84 23.03
N ASN C 180 -11.26 35.87 22.85
CA ASN C 180 -11.08 37.13 23.53
C ASN C 180 -12.27 37.43 24.44
N SER C 181 -12.02 38.20 25.49
CA SER C 181 -13.04 38.50 26.48
C SER C 181 -14.07 39.48 25.93
N LEU C 182 -15.31 39.31 26.38
CA LEU C 182 -16.42 40.12 25.91
C LEU C 182 -16.64 41.39 26.75
N THR C 183 -15.87 41.56 27.84
CA THR C 183 -15.90 42.80 28.60
C THR C 183 -17.28 43.09 29.19
N THR C 184 -17.63 42.38 30.28
CA THR C 184 -18.92 42.34 30.95
C THR C 184 -19.69 43.66 30.93
N PRO C 185 -21.00 43.62 30.68
CA PRO C 185 -21.79 44.85 30.67
C PRO C 185 -21.88 45.47 32.06
N CYS C 186 -22.05 46.79 32.08
CA CYS C 186 -22.15 47.52 33.34
C CYS C 186 -23.35 47.04 34.15
N TYR C 187 -24.50 46.86 33.49
CA TYR C 187 -25.71 46.38 34.13
C TYR C 187 -26.04 44.98 33.62
N THR C 188 -26.79 44.23 34.43
CA THR C 188 -27.08 42.84 34.13
C THR C 188 -28.36 42.44 34.86
N PRO C 189 -29.17 41.56 34.30
CA PRO C 189 -30.44 41.17 34.93
C PRO C 189 -30.19 40.22 36.11
N TYR C 190 -31.30 39.80 36.72
CA TYR C 190 -31.24 38.91 37.88
C TYR C 190 -30.99 37.47 37.47
N TYR C 191 -31.66 36.99 36.42
CA TYR C 191 -31.61 35.59 36.07
C TYR C 191 -30.23 35.23 35.50
N VAL C 192 -30.00 33.93 35.36
CA VAL C 192 -28.75 33.43 34.79
C VAL C 192 -28.85 33.47 33.27
N ALA C 193 -27.74 33.84 32.63
CA ALA C 193 -27.75 33.95 31.17
C ALA C 193 -27.47 32.59 30.53
N PRO C 194 -28.14 32.28 29.42
CA PRO C 194 -27.85 31.03 28.71
C PRO C 194 -26.46 31.05 28.08
N GLU C 195 -25.56 30.22 28.60
CA GLU C 195 -24.18 30.21 28.14
C GLU C 195 -23.97 29.15 27.07
N VAL C 196 -23.01 29.41 26.18
CA VAL C 196 -22.55 28.43 25.21
C VAL C 196 -21.29 27.77 25.77
N LEU C 197 -21.17 26.47 25.56
CA LEU C 197 -20.10 25.68 26.17
C LEU C 197 -18.86 25.72 25.30
N GLY C 198 -17.94 26.62 25.63
CA GLY C 198 -16.63 26.62 25.02
C GLY C 198 -15.56 26.25 26.04
N PRO C 199 -15.03 25.03 25.93
CA PRO C 199 -13.99 24.60 26.87
C PRO C 199 -12.61 25.16 26.57
N GLU C 200 -12.44 25.82 25.42
CA GLU C 200 -11.14 26.39 25.07
C GLU C 200 -10.76 27.57 25.95
N LYS C 201 -11.70 28.15 26.69
CA LYS C 201 -11.38 29.27 27.56
C LYS C 201 -10.57 28.84 28.77
N TYR C 202 -10.54 27.54 29.08
CA TYR C 202 -9.73 27.02 30.18
C TYR C 202 -8.32 26.62 29.74
N ASP C 203 -8.02 26.70 28.44
CA ASP C 203 -6.76 26.16 27.95
C ASP C 203 -5.59 27.11 28.23
N LYS C 204 -5.64 28.31 27.67
CA LYS C 204 -4.56 29.26 27.88
C LYS C 204 -4.71 30.04 29.18
N SER C 205 -5.93 30.16 29.69
CA SER C 205 -6.13 30.82 30.98
C SER C 205 -5.55 30.00 32.14
N CYS C 206 -5.31 28.70 31.93
CA CYS C 206 -4.68 27.90 32.96
C CYS C 206 -3.21 28.26 33.14
N ASP C 207 -2.54 28.69 32.06
CA ASP C 207 -1.17 29.15 32.17
C ASP C 207 -1.08 30.39 33.06
N MET C 208 -1.96 31.36 32.85
CA MET C 208 -1.91 32.60 33.61
C MET C 208 -2.29 32.37 35.07
N TRP C 209 -3.21 31.44 35.33
CA TRP C 209 -3.47 31.05 36.71
C TRP C 209 -2.26 30.37 37.32
N SER C 210 -1.54 29.58 36.52
CA SER C 210 -0.30 28.95 37.00
C SER C 210 0.80 29.98 37.21
N LEU C 211 0.79 31.06 36.41
CA LEU C 211 1.81 32.10 36.57
C LEU C 211 1.66 32.82 37.91
N GLY C 212 0.42 33.03 38.35
CA GLY C 212 0.21 33.73 39.61
C GLY C 212 0.54 32.89 40.83
N VAL C 213 0.21 31.60 40.78
CA VAL C 213 0.48 30.73 41.92
C VAL C 213 1.98 30.59 42.14
N ILE C 214 2.75 30.46 41.07
CA ILE C 214 4.21 30.42 41.21
C ILE C 214 4.74 31.76 41.68
N MET C 215 4.17 32.86 41.17
CA MET C 215 4.59 34.19 41.61
C MET C 215 4.20 34.45 43.06
N TYR C 216 3.05 33.93 43.50
CA TYR C 216 2.63 34.10 44.88
C TYR C 216 3.55 33.34 45.82
N ILE C 217 3.88 32.10 45.50
CA ILE C 217 4.78 31.31 46.34
C ILE C 217 6.17 31.92 46.36
N LEU C 218 6.61 32.51 45.25
CA LEU C 218 7.93 33.12 45.20
C LEU C 218 8.06 34.32 46.14
N LEU C 219 6.94 34.94 46.53
CA LEU C 219 6.97 36.14 47.35
C LEU C 219 6.72 35.88 48.83
N CYS C 220 6.14 34.75 49.18
CA CYS C 220 5.95 34.44 50.61
C CYS C 220 6.44 33.06 50.99
N GLY C 221 6.27 32.06 50.12
CA GLY C 221 6.66 30.69 50.41
C GLY C 221 5.52 29.75 50.68
N TYR C 222 4.27 30.20 50.56
CA TYR C 222 3.11 29.36 50.76
C TYR C 222 2.07 29.68 49.69
N PRO C 223 1.27 28.70 49.29
CA PRO C 223 0.28 28.94 48.24
C PRO C 223 -0.98 29.57 48.82
N PRO C 224 -1.76 30.29 47.99
CA PRO C 224 -2.98 30.96 48.49
C PRO C 224 -4.15 30.00 48.64
N PHE C 225 -4.02 29.04 49.55
CA PHE C 225 -5.07 28.06 49.79
C PHE C 225 -5.43 28.00 51.27
N GLU C 247 -5.99 39.05 50.47
CA GLU C 247 -5.57 37.91 51.27
C GLU C 247 -4.06 37.78 51.29
N PHE C 248 -3.37 38.85 51.69
CA PHE C 248 -1.92 38.88 51.74
C PHE C 248 -1.46 38.98 53.18
N PRO C 249 -1.05 37.87 53.81
CA PRO C 249 -0.61 37.92 55.21
C PRO C 249 0.56 38.87 55.41
N ASN C 250 0.37 39.83 56.32
CA ASN C 250 1.33 40.92 56.47
C ASN C 250 2.74 40.51 56.89
N PRO C 251 2.98 39.48 57.72
CA PRO C 251 4.37 39.20 58.15
C PRO C 251 5.39 39.08 57.03
N GLU C 252 5.00 38.51 55.89
CA GLU C 252 5.92 38.37 54.77
C GLU C 252 5.48 39.16 53.53
N TRP C 253 4.31 39.81 53.58
CA TRP C 253 3.82 40.60 52.46
C TRP C 253 4.08 42.09 52.62
N SER C 254 4.73 42.51 53.71
CA SER C 254 4.95 43.92 53.95
C SER C 254 5.91 44.53 52.94
N GLU C 255 7.00 43.82 52.62
CA GLU C 255 8.01 44.32 51.69
C GLU C 255 7.53 44.37 50.24
N VAL C 256 6.29 43.97 49.97
CA VAL C 256 5.77 43.90 48.61
C VAL C 256 5.05 45.20 48.28
N SER C 257 5.25 45.71 47.08
CA SER C 257 4.57 46.91 46.63
C SER C 257 3.10 46.61 46.33
N GLU C 258 2.33 47.69 46.15
CA GLU C 258 0.91 47.53 45.85
C GLU C 258 0.68 47.13 44.40
N GLU C 259 1.57 47.53 43.49
CA GLU C 259 1.42 47.16 42.09
C GLU C 259 1.69 45.68 41.86
N VAL C 260 2.44 45.02 42.75
CA VAL C 260 2.64 43.59 42.64
C VAL C 260 1.43 42.82 43.17
N LYS C 261 0.80 43.34 44.23
CA LYS C 261 -0.42 42.72 44.74
C LYS C 261 -1.55 42.80 43.72
N MET C 262 -1.58 43.86 42.92
CA MET C 262 -2.56 43.95 41.84
C MET C 262 -2.19 43.04 40.67
N LEU C 263 -0.91 42.73 40.50
CA LEU C 263 -0.50 41.80 39.46
C LEU C 263 -1.00 40.40 39.75
N ILE C 264 -0.88 39.95 41.00
CA ILE C 264 -1.27 38.59 41.35
C ILE C 264 -2.79 38.43 41.31
N ARG C 265 -3.54 39.48 41.68
CA ARG C 265 -4.99 39.41 41.57
C ARG C 265 -5.43 39.20 40.12
N ASN C 266 -4.77 39.89 39.18
CA ASN C 266 -5.10 39.70 37.78
C ASN C 266 -4.73 38.30 37.29
N LEU C 267 -3.68 37.71 37.87
CA LEU C 267 -3.28 36.37 37.48
C LEU C 267 -4.14 35.31 38.18
N LEU C 268 -4.51 35.54 39.43
CA LEU C 268 -5.35 34.63 40.18
C LEU C 268 -6.84 34.97 40.09
N LYS C 269 -7.25 35.66 39.03
CA LYS C 269 -8.67 35.94 38.84
C LYS C 269 -9.44 34.63 38.70
N THR C 270 -10.47 34.48 39.54
CA THR C 270 -11.21 33.21 39.58
C THR C 270 -11.90 32.88 38.28
N GLU C 271 -12.16 33.88 37.43
CA GLU C 271 -12.80 33.64 36.15
C GLU C 271 -11.74 33.45 35.07
N PRO C 272 -11.71 32.31 34.38
CA PRO C 272 -10.67 32.12 33.35
C PRO C 272 -10.78 33.08 32.18
N THR C 273 -12.00 33.50 31.81
CA THR C 273 -12.16 34.40 30.68
C THR C 273 -11.62 35.78 30.99
N GLN C 274 -11.99 36.35 32.13
CA GLN C 274 -11.52 37.66 32.54
C GLN C 274 -10.13 37.64 33.15
N ARG C 275 -9.51 36.47 33.28
CA ARG C 275 -8.16 36.39 33.80
C ARG C 275 -7.18 37.11 32.88
N MET C 276 -6.09 37.59 33.46
CA MET C 276 -5.08 38.31 32.70
C MET C 276 -4.53 37.43 31.58
N THR C 277 -4.13 38.07 30.48
CA THR C 277 -3.55 37.37 29.34
C THR C 277 -2.03 37.44 29.40
N ILE C 278 -1.40 36.58 28.59
CA ILE C 278 0.07 36.53 28.58
C ILE C 278 0.64 37.78 27.92
N THR C 279 -0.07 38.36 26.94
CA THR C 279 0.39 39.61 26.34
C THR C 279 0.34 40.75 27.34
N GLU C 280 -0.72 40.81 28.15
CA GLU C 280 -0.80 41.83 29.19
C GLU C 280 0.20 41.56 30.30
N PHE C 281 0.58 40.29 30.51
CA PHE C 281 1.59 39.98 31.51
C PHE C 281 2.96 40.50 31.11
N MET C 282 3.27 40.49 29.82
CA MET C 282 4.55 41.01 29.33
C MET C 282 4.58 42.53 29.27
N ASN C 283 3.42 43.18 29.24
CA ASN C 283 3.34 44.64 29.17
C ASN C 283 3.25 45.29 30.54
N HIS C 284 3.12 44.52 31.60
CA HIS C 284 3.10 45.11 32.94
C HIS C 284 4.49 45.64 33.29
N PRO C 285 4.57 46.81 33.93
CA PRO C 285 5.90 47.39 34.22
C PRO C 285 6.81 46.50 35.04
N TRP C 286 6.25 45.64 35.91
CA TRP C 286 7.09 44.76 36.70
C TRP C 286 7.79 43.71 35.83
N ILE C 287 7.18 43.36 34.69
CA ILE C 287 7.79 42.45 33.73
C ILE C 287 8.45 43.20 32.58
N MET C 288 7.83 44.28 32.12
CA MET C 288 8.42 45.09 31.06
C MET C 288 9.74 45.70 31.53
N GLN C 289 9.74 46.32 32.71
CA GLN C 289 10.96 46.88 33.29
C GLN C 289 11.55 45.88 34.29
N SER C 290 11.98 44.75 33.74
CA SER C 290 12.54 43.68 34.57
C SER C 290 13.92 44.02 35.11
N THR C 291 14.65 44.91 34.44
CA THR C 291 16.01 45.23 34.88
C THR C 291 15.99 46.17 36.08
N LYS C 292 15.17 47.21 36.03
CA LYS C 292 15.09 48.21 37.11
C LYS C 292 14.04 47.83 38.15
N VAL C 293 14.15 46.62 38.68
CA VAL C 293 13.21 46.11 39.67
C VAL C 293 13.81 46.33 41.06
N PRO C 294 13.02 46.76 42.04
CA PRO C 294 13.57 47.04 43.37
C PRO C 294 14.27 45.83 43.98
N GLN C 295 15.25 46.11 44.82
CA GLN C 295 16.11 45.09 45.44
C GLN C 295 15.65 44.76 46.86
N THR C 296 14.35 44.76 47.11
CA THR C 296 13.86 44.50 48.45
C THR C 296 14.12 43.03 48.84
N PRO C 297 14.64 42.78 50.03
CA PRO C 297 14.91 41.39 50.44
C PRO C 297 13.62 40.62 50.68
N LEU C 298 13.76 39.30 50.76
CA LEU C 298 12.61 38.42 50.86
C LEU C 298 13.05 37.14 51.57
N HIS C 299 12.14 36.57 52.36
CA HIS C 299 12.45 35.40 53.19
C HIS C 299 11.60 34.20 52.80
N THR C 300 11.30 34.04 51.51
CA THR C 300 10.67 32.81 51.06
C THR C 300 11.59 31.62 51.27
N SER C 301 12.88 31.81 51.04
CA SER C 301 13.85 30.74 51.29
C SER C 301 13.84 30.31 52.75
N ARG C 302 13.60 31.25 53.68
CA ARG C 302 13.59 30.91 55.09
C ARG C 302 12.25 30.34 55.53
N VAL C 303 11.14 30.88 55.00
CA VAL C 303 9.83 30.34 55.33
C VAL C 303 9.71 28.89 54.88
N LEU C 304 10.13 28.62 53.63
CA LEU C 304 10.14 27.24 53.16
C LEU C 304 11.12 26.38 53.94
N LYS C 305 12.24 26.95 54.37
CA LYS C 305 13.23 26.20 55.13
C LYS C 305 12.68 25.69 56.46
N GLU C 306 11.63 26.31 56.97
CA GLU C 306 11.07 25.90 58.25
C GLU C 306 10.47 24.49 58.20
N ASP C 307 10.14 24.00 57.01
CA ASP C 307 9.55 22.67 56.88
C ASP C 307 9.74 22.19 55.45
N LYS C 308 10.51 21.11 55.27
CA LYS C 308 10.62 20.49 53.96
C LYS C 308 9.39 19.64 53.63
N GLU C 309 8.73 19.09 54.66
CA GLU C 309 7.51 18.33 54.42
C GLU C 309 6.37 19.22 53.95
N ARG C 310 6.36 20.48 54.36
CA ARG C 310 5.34 21.40 53.89
C ARG C 310 5.48 21.68 52.40
N TRP C 311 6.71 21.65 51.88
CA TRP C 311 6.91 21.85 50.45
C TRP C 311 6.44 20.66 49.64
N GLU C 312 6.56 19.45 50.20
CA GLU C 312 6.09 18.26 49.49
C GLU C 312 4.57 18.27 49.31
N ASP C 313 3.85 18.85 50.26
CA ASP C 313 2.40 18.96 50.14
C ASP C 313 1.98 20.09 49.22
N VAL C 314 2.88 21.03 48.91
CA VAL C 314 2.56 22.08 47.94
C VAL C 314 2.42 21.47 46.54
N LYS C 315 3.27 20.51 46.20
CA LYS C 315 3.20 19.88 44.89
C LYS C 315 1.92 19.06 44.72
N GLU C 316 1.40 18.49 45.79
CA GLU C 316 0.17 17.71 45.70
C GLU C 316 -1.07 18.60 45.71
N GLU C 317 -1.03 19.71 46.44
CA GLU C 317 -2.18 20.61 46.49
C GLU C 317 -2.31 21.42 45.21
N MET C 318 -1.19 21.88 44.65
CA MET C 318 -1.23 22.67 43.43
C MET C 318 -1.68 21.85 42.23
N THR C 319 -1.24 20.59 42.16
CA THR C 319 -1.61 19.74 41.03
C THR C 319 -3.11 19.43 41.04
N SER C 320 -3.68 19.19 42.22
CA SER C 320 -5.12 18.94 42.31
C SER C 320 -5.92 20.18 41.95
N ALA C 321 -5.38 21.38 42.22
CA ALA C 321 -6.07 22.61 41.83
C ALA C 321 -6.02 22.80 40.32
N LEU C 322 -4.91 22.42 39.69
CA LEU C 322 -4.83 22.48 38.22
C LEU C 322 -5.77 21.50 37.56
N ALA C 323 -6.16 20.43 38.24
CA ALA C 323 -7.08 19.45 37.67
C ALA C 323 -8.46 20.06 37.43
N THR C 324 -8.85 21.06 38.23
CA THR C 324 -10.11 21.75 38.03
C THR C 324 -10.00 22.96 37.13
N MET C 325 -8.79 23.44 36.87
CA MET C 325 -8.61 24.58 35.98
C MET C 325 -8.47 24.19 34.52
N ARG C 326 -8.07 22.96 34.24
CA ARG C 326 -7.95 22.46 32.87
C ARG C 326 -9.08 21.49 32.57
N VAL C 327 -9.43 21.39 31.29
CA VAL C 327 -10.51 20.51 30.85
C VAL C 327 -9.92 19.16 30.48
N ASP C 328 -10.54 18.10 30.97
CA ASP C 328 -10.14 16.72 30.63
C ASP C 328 -10.92 16.31 29.39
N TYR C 329 -10.33 16.58 28.22
CA TYR C 329 -10.98 16.26 26.95
C TYR C 329 -11.08 14.76 26.70
N GLU C 330 -10.35 13.93 27.46
CA GLU C 330 -10.38 12.49 27.25
C GLU C 330 -11.58 11.82 27.90
N GLN C 331 -12.24 12.49 28.85
CA GLN C 331 -13.39 11.90 29.51
C GLN C 331 -14.57 11.79 28.55
N ILE C 332 -15.44 10.82 28.84
CA ILE C 332 -16.55 10.48 27.95
C ILE C 332 -17.64 11.55 27.99
N LYS C 333 -18.58 11.47 27.06
CA LYS C 333 -19.79 12.28 27.08
C LYS C 333 -20.95 11.44 27.60
N ILE C 334 -21.97 12.13 28.10
CA ILE C 334 -23.12 11.48 28.71
C ILE C 334 -24.18 11.24 27.64
N LYS C 335 -24.56 9.98 27.45
CA LYS C 335 -25.63 9.66 26.53
C LYS C 335 -26.96 10.17 27.09
N LYS C 336 -27.90 10.40 26.18
CA LYS C 336 -29.25 10.74 26.61
C LYS C 336 -29.88 9.57 27.35
N ILE C 337 -30.90 9.89 28.16
CA ILE C 337 -31.39 8.93 29.15
C ILE C 337 -31.95 7.69 28.48
N GLU C 338 -32.81 7.87 27.47
CA GLU C 338 -33.41 6.72 26.81
C GLU C 338 -32.41 5.92 25.99
N ASP C 339 -31.27 6.51 25.64
CA ASP C 339 -30.23 5.83 24.88
C ASP C 339 -29.24 5.10 25.77
N ALA C 340 -29.40 5.17 27.09
CA ALA C 340 -28.49 4.55 28.04
C ALA C 340 -29.22 3.49 28.85
N SER C 341 -28.45 2.55 29.39
CA SER C 341 -29.02 1.44 30.16
C SER C 341 -28.00 1.00 31.21
N ASN C 342 -28.37 1.13 32.47
CA ASN C 342 -27.51 0.80 33.60
C ASN C 342 -28.27 -0.10 34.57
N PRO C 343 -27.58 -0.79 35.48
CA PRO C 343 -28.29 -1.65 36.43
C PRO C 343 -29.32 -0.92 37.26
N LEU C 344 -29.06 0.32 37.66
CA LEU C 344 -30.05 1.08 38.43
C LEU C 344 -31.25 1.44 37.56
N LEU C 345 -31.01 1.79 36.30
CA LEU C 345 -32.10 2.15 35.40
C LEU C 345 -33.09 1.01 35.27
N LEU C 346 -32.62 -0.15 34.81
CA LEU C 346 -33.52 -1.30 34.63
C LEU C 346 -34.10 -1.78 35.95
N LYS C 347 -33.41 -1.53 37.06
CA LYS C 347 -33.96 -1.89 38.36
C LYS C 347 -35.23 -1.09 38.64
N ARG C 348 -35.18 0.22 38.43
CA ARG C 348 -36.37 1.06 38.63
C ARG C 348 -37.32 0.99 37.44
N ARG C 349 -36.80 0.71 36.25
CA ARG C 349 -37.69 0.47 35.11
C ARG C 349 -38.56 -0.75 35.35
N LYS C 350 -38.01 -1.78 36.02
CA LYS C 350 -38.76 -2.98 36.32
C LYS C 350 -40.02 -2.65 37.13
N LYS C 351 -39.87 -1.87 38.19
CA LYS C 351 -41.02 -1.51 39.00
C LYS C 351 -41.85 -0.42 38.35
N ALA C 352 -41.25 0.41 37.48
CA ALA C 352 -42.03 1.35 36.69
C ALA C 352 -42.87 0.63 35.65
N ARG C 353 -42.36 -0.48 35.10
CA ARG C 353 -43.15 -1.29 34.19
C ARG C 353 -44.28 -2.00 34.91
N ALA C 354 -44.08 -2.34 36.19
CA ALA C 354 -45.10 -3.03 36.99
C ALA C 354 -46.17 -2.01 37.39
N LEU C 355 -47.02 -1.67 36.42
CA LEU C 355 -48.10 -0.73 36.64
C LEU C 355 -49.42 -1.32 36.19
N GLU C 356 -49.38 -2.20 35.19
CA GLU C 356 -50.59 -2.86 34.71
C GLU C 356 -51.13 -3.87 35.69
N ALA C 357 -50.29 -4.36 36.61
CA ALA C 357 -50.76 -5.30 37.62
C ALA C 357 -51.67 -4.64 38.65
N ALA C 358 -51.57 -3.33 38.82
CA ALA C 358 -52.44 -2.61 39.74
C ALA C 358 -53.83 -2.43 39.14
N ALA C 359 -54.83 -2.42 40.01
CA ALA C 359 -56.21 -2.27 39.58
C ALA C 359 -56.46 -0.88 39.01
N GLU D 8 0.12 -17.99 51.02
CA GLU D 8 0.54 -17.86 49.64
C GLU D 8 0.26 -16.47 49.11
N ARG D 9 1.27 -15.60 49.15
CA ARG D 9 1.12 -14.24 48.63
C ARG D 9 1.08 -14.28 47.12
N PRO D 10 0.00 -13.80 46.48
CA PRO D 10 -0.06 -13.80 45.02
C PRO D 10 1.11 -13.03 44.42
N THR D 11 1.62 -13.56 43.30
CA THR D 11 2.84 -13.02 42.71
C THR D 11 2.66 -11.59 42.26
N PHE D 12 3.63 -10.74 42.58
CA PHE D 12 3.68 -9.36 42.12
C PHE D 12 4.74 -9.22 41.03
N TYR D 13 4.68 -8.10 40.31
CA TYR D 13 5.64 -7.83 39.25
C TYR D 13 5.95 -6.34 39.23
N ARG D 14 7.23 -6.02 39.03
CA ARG D 14 7.68 -4.63 39.06
C ARG D 14 7.15 -3.85 37.86
N GLN D 15 6.98 -2.55 38.06
CA GLN D 15 6.49 -1.66 37.02
C GLN D 15 6.76 -0.22 37.42
N GLU D 16 7.33 0.55 36.50
CA GLU D 16 7.66 1.95 36.75
C GLU D 16 6.50 2.81 36.27
N LEU D 17 5.81 3.46 37.21
CA LEU D 17 4.64 4.26 36.87
C LEU D 17 4.47 5.38 37.89
N ASN D 18 4.12 6.57 37.38
CA ASN D 18 3.76 7.72 38.21
C ASN D 18 4.87 8.08 39.19
N LYS D 19 6.10 8.15 38.68
CA LYS D 19 7.29 8.52 39.44
C LYS D 19 7.55 7.59 40.62
N THR D 20 6.89 6.43 40.68
CA THR D 20 7.05 5.46 41.75
C THR D 20 7.21 4.07 41.15
N ILE D 21 7.50 3.11 42.01
CA ILE D 21 7.68 1.72 41.62
C ILE D 21 6.45 0.93 42.06
N TRP D 22 5.72 0.40 41.09
CA TRP D 22 4.52 -0.38 41.34
C TRP D 22 4.84 -1.87 41.25
N GLU D 23 4.26 -2.64 42.18
CA GLU D 23 4.30 -4.11 42.12
C GLU D 23 2.95 -4.62 42.61
N VAL D 24 2.04 -4.84 41.67
CA VAL D 24 0.69 -5.29 41.97
C VAL D 24 0.58 -6.77 41.61
N PRO D 25 -0.43 -7.49 42.10
CA PRO D 25 -0.63 -8.87 41.66
C PRO D 25 -0.83 -8.94 40.15
N GLU D 26 -0.38 -10.05 39.55
CA GLU D 26 -0.45 -10.19 38.11
C GLU D 26 -1.87 -10.33 37.59
N ARG D 27 -2.89 -10.34 38.46
CA ARG D 27 -4.27 -10.33 38.01
C ARG D 27 -4.69 -8.99 37.42
N TYR D 28 -3.83 -7.97 37.50
CA TYR D 28 -4.11 -6.65 36.93
C TYR D 28 -3.14 -6.42 35.78
N GLN D 29 -3.69 -6.24 34.58
CA GLN D 29 -2.89 -6.05 33.37
C GLN D 29 -3.25 -4.73 32.72
N ASN D 30 -2.37 -4.31 31.81
CA ASN D 30 -2.52 -3.06 31.06
C ASN D 30 -2.60 -1.86 32.00
N LEU D 31 -1.55 -1.72 32.81
CA LEU D 31 -1.46 -0.58 33.71
C LEU D 31 -1.29 0.71 32.90
N SER D 32 -2.27 1.61 33.00
CA SER D 32 -2.19 2.91 32.38
C SER D 32 -2.35 4.00 33.44
N PRO D 33 -1.55 5.06 33.37
CA PRO D 33 -1.77 6.20 34.27
C PRO D 33 -2.81 7.18 33.76
N VAL D 34 -3.79 7.53 34.57
CA VAL D 34 -4.83 8.44 34.10
C VAL D 34 -4.74 9.74 34.89
N GLY D 35 -4.38 10.81 34.16
CA GLY D 35 -4.45 12.16 34.68
C GLY D 35 -3.51 12.36 35.87
N SER D 36 -4.09 12.82 36.97
CA SER D 36 -3.37 13.20 38.20
C SER D 36 -2.26 12.23 38.61
N SER D 41 -2.15 9.61 42.29
CA SER D 41 -1.45 8.48 41.72
C SER D 41 -2.40 7.31 41.47
N VAL D 42 -3.23 7.42 40.43
CA VAL D 42 -4.21 6.41 40.08
C VAL D 42 -3.84 5.82 38.73
N CYS D 43 -4.07 4.52 38.57
CA CYS D 43 -3.77 3.81 37.34
C CYS D 43 -4.98 2.98 36.91
N ALA D 44 -5.24 2.99 35.61
CA ALA D 44 -6.32 2.21 35.01
C ALA D 44 -5.76 0.90 34.47
N ALA D 45 -6.49 -0.19 34.71
CA ALA D 45 -6.01 -1.51 34.33
C ALA D 45 -7.21 -2.42 34.07
N PHE D 46 -6.94 -3.70 33.89
CA PHE D 46 -7.96 -4.72 33.64
C PHE D 46 -7.78 -5.84 34.66
N ASP D 47 -8.73 -5.94 35.57
CA ASP D 47 -8.72 -7.03 36.55
C ASP D 47 -9.12 -8.33 35.87
N THR D 48 -8.18 -9.28 35.80
CA THR D 48 -8.40 -10.47 34.99
C THR D 48 -9.32 -11.49 35.66
N LYS D 49 -9.28 -11.59 36.99
CA LYS D 49 -10.11 -12.58 37.66
C LYS D 49 -11.58 -12.15 37.68
N THR D 50 -11.83 -10.85 37.81
CA THR D 50 -13.20 -10.36 37.81
C THR D 50 -13.76 -10.17 36.41
N GLY D 51 -12.89 -10.04 35.40
CA GLY D 51 -13.36 -9.80 34.05
C GLY D 51 -13.93 -8.42 33.85
N LEU D 52 -13.41 -7.42 34.55
CA LEU D 52 -13.92 -6.05 34.49
C LEU D 52 -12.75 -5.09 34.30
N ARG D 53 -13.09 -3.83 34.03
CA ARG D 53 -12.11 -2.76 33.94
C ARG D 53 -12.10 -2.01 35.26
N VAL D 54 -10.93 -1.94 35.91
CA VAL D 54 -10.80 -1.38 37.23
C VAL D 54 -9.74 -0.29 37.21
N ALA D 55 -9.70 0.48 38.30
CA ALA D 55 -8.70 1.52 38.50
C ALA D 55 -7.97 1.24 39.81
N VAL D 56 -6.64 1.36 39.79
CA VAL D 56 -5.80 1.08 40.94
C VAL D 56 -5.13 2.37 41.36
N LYS D 57 -5.16 2.66 42.66
CA LYS D 57 -4.60 3.88 43.23
C LYS D 57 -3.53 3.54 44.25
N LYS D 58 -2.35 4.12 44.07
CA LYS D 58 -1.26 3.99 45.03
C LYS D 58 -1.26 5.22 45.93
N LEU D 59 -1.23 4.98 47.25
CA LEU D 59 -1.27 6.07 48.22
C LEU D 59 0.11 6.72 48.29
N SER D 60 0.17 8.00 47.91
CA SER D 60 1.43 8.74 47.93
C SER D 60 1.75 9.19 49.35
N ARG D 61 2.85 8.66 49.90
CA ARG D 61 3.33 9.00 51.24
C ARG D 61 2.26 8.73 52.28
N PRO D 62 1.91 7.46 52.55
CA PRO D 62 0.83 7.18 53.50
C PRO D 62 1.27 7.31 54.95
N PHE D 63 2.55 7.05 55.22
CA PHE D 63 3.10 7.11 56.58
C PHE D 63 4.28 8.06 56.58
N GLN D 64 4.00 9.35 56.78
CA GLN D 64 5.03 10.38 56.90
C GLN D 64 4.98 11.14 58.21
N SER D 65 3.79 11.33 58.78
CA SER D 65 3.65 12.01 60.06
C SER D 65 2.54 11.33 60.85
N ILE D 66 2.36 11.75 62.10
CA ILE D 66 1.26 11.25 62.91
C ILE D 66 -0.07 11.62 62.26
N ILE D 67 -0.15 12.82 61.68
CA ILE D 67 -1.36 13.23 60.98
C ILE D 67 -1.54 12.43 59.69
N HIS D 68 -0.43 12.05 59.05
CA HIS D 68 -0.52 11.26 57.81
C HIS D 68 -0.96 9.83 58.11
N ALA D 69 -0.28 9.17 59.03
CA ALA D 69 -0.60 7.77 59.33
C ALA D 69 -2.01 7.61 59.90
N LYS D 70 -2.50 8.64 60.61
CA LYS D 70 -3.83 8.55 61.18
C LYS D 70 -4.92 8.66 60.11
N ARG D 71 -4.76 9.62 59.19
CA ARG D 71 -5.78 9.81 58.16
C ARG D 71 -5.80 8.66 57.16
N THR D 72 -4.67 7.98 56.97
CA THR D 72 -4.64 6.82 56.09
C THR D 72 -5.45 5.67 56.68
N TYR D 73 -5.25 5.38 57.97
CA TYR D 73 -6.03 4.34 58.62
C TYR D 73 -7.50 4.73 58.72
N ARG D 74 -7.78 6.02 58.94
CA ARG D 74 -9.17 6.46 59.03
C ARG D 74 -9.87 6.35 57.67
N GLU D 75 -9.19 6.71 56.59
CA GLU D 75 -9.80 6.62 55.27
C GLU D 75 -10.01 5.17 54.86
N LEU D 76 -9.07 4.29 55.22
CA LEU D 76 -9.20 2.88 54.87
C LEU D 76 -10.39 2.24 55.60
N ARG D 77 -10.49 2.47 56.91
CA ARG D 77 -11.59 1.88 57.66
C ARG D 77 -12.93 2.40 57.19
N LEU D 78 -12.98 3.63 56.68
CA LEU D 78 -14.21 4.15 56.10
C LEU D 78 -14.54 3.43 54.79
N LEU D 79 -13.59 3.41 53.85
CA LEU D 79 -13.82 2.77 52.56
C LEU D 79 -14.14 1.29 52.71
N LYS D 80 -13.50 0.62 53.68
CA LYS D 80 -13.78 -0.79 53.92
C LYS D 80 -15.26 -1.01 54.23
N HIS D 81 -15.84 -0.14 55.04
CA HIS D 81 -17.28 -0.21 55.34
C HIS D 81 -18.03 0.82 54.48
N MET D 82 -18.01 0.58 53.17
CA MET D 82 -18.83 1.33 52.22
C MET D 82 -19.32 0.34 51.17
N LYS D 83 -20.50 -0.24 51.40
CA LYS D 83 -21.10 -1.23 50.51
C LYS D 83 -22.41 -0.65 49.98
N HIS D 84 -22.32 0.12 48.91
CA HIS D 84 -23.50 0.73 48.30
C HIS D 84 -23.23 0.97 46.83
N GLU D 85 -24.31 0.99 46.04
CA GLU D 85 -24.20 1.13 44.59
C GLU D 85 -23.69 2.50 44.20
N ASN D 86 -24.40 3.55 44.60
CA ASN D 86 -24.07 4.92 44.20
C ASN D 86 -22.90 5.50 44.97
N VAL D 87 -22.25 4.72 45.83
CA VAL D 87 -21.06 5.16 46.53
C VAL D 87 -19.89 4.28 46.10
N ILE D 88 -18.68 4.82 46.25
CA ILE D 88 -17.49 4.09 45.84
C ILE D 88 -17.39 2.77 46.61
N GLY D 89 -16.97 1.72 45.93
CA GLY D 89 -16.88 0.41 46.54
C GLY D 89 -15.54 -0.26 46.31
N LEU D 90 -14.80 -0.49 47.39
CA LEU D 90 -13.47 -1.07 47.28
C LEU D 90 -13.57 -2.52 46.80
N LEU D 91 -12.86 -2.82 45.72
CA LEU D 91 -12.83 -4.18 45.18
C LEU D 91 -11.73 -5.03 45.79
N ASP D 92 -10.53 -4.48 45.94
CA ASP D 92 -9.42 -5.22 46.51
C ASP D 92 -8.37 -4.23 47.01
N VAL D 93 -7.79 -4.53 48.17
CA VAL D 93 -6.69 -3.76 48.73
C VAL D 93 -5.57 -4.73 49.09
N PHE D 94 -4.35 -4.41 48.69
CA PHE D 94 -3.22 -5.30 48.86
C PHE D 94 -1.98 -4.49 49.21
N THR D 95 -0.86 -5.19 49.40
CA THR D 95 0.43 -4.57 49.64
C THR D 95 1.50 -5.61 49.35
N PRO D 96 2.60 -5.24 48.68
CA PRO D 96 3.66 -6.22 48.42
C PRO D 96 4.43 -6.64 49.67
N ALA D 97 4.20 -5.97 50.80
CA ALA D 97 4.90 -6.31 52.02
C ALA D 97 4.38 -7.63 52.59
N ARG D 98 5.31 -8.50 52.97
CA ARG D 98 4.98 -9.77 53.58
C ARG D 98 5.10 -9.73 55.10
N SER D 99 5.41 -8.56 55.67
CA SER D 99 5.51 -8.36 57.11
C SER D 99 5.52 -6.86 57.36
N LEU D 100 5.52 -6.48 58.64
CA LEU D 100 5.57 -5.07 59.01
C LEU D 100 6.91 -4.43 58.68
N GLU D 101 7.97 -5.25 58.54
CA GLU D 101 9.29 -4.70 58.22
C GLU D 101 9.32 -4.07 56.84
N GLU D 102 8.48 -4.54 55.92
CA GLU D 102 8.45 -4.05 54.55
C GLU D 102 7.24 -3.18 54.25
N PHE D 103 6.38 -2.93 55.23
CA PHE D 103 5.14 -2.19 55.01
C PHE D 103 5.48 -0.73 54.72
N ASN D 104 5.41 -0.35 53.44
CA ASN D 104 5.72 1.03 53.06
C ASN D 104 4.63 1.62 52.16
N ASP D 105 3.98 0.78 51.37
CA ASP D 105 3.02 1.24 50.37
C ASP D 105 1.73 0.42 50.44
N VAL D 106 0.62 1.08 50.14
CA VAL D 106 -0.69 0.46 50.10
C VAL D 106 -1.38 0.85 48.80
N TYR D 107 -2.07 -0.12 48.18
CA TYR D 107 -2.77 0.10 46.93
C TYR D 107 -4.26 -0.19 47.11
N LEU D 108 -5.08 0.57 46.39
CA LEU D 108 -6.53 0.41 46.44
C LEU D 108 -7.06 0.25 45.03
N VAL D 109 -7.91 -0.76 44.82
CA VAL D 109 -8.48 -1.09 43.52
C VAL D 109 -9.99 -0.85 43.60
N THR D 110 -10.53 -0.17 42.58
CA THR D 110 -11.94 0.17 42.55
C THR D 110 -12.41 0.18 41.11
N HIS D 111 -13.72 0.18 40.93
CA HIS D 111 -14.32 0.22 39.60
C HIS D 111 -13.82 1.44 38.82
N LEU D 112 -13.79 1.30 37.49
CA LEU D 112 -13.34 2.37 36.62
C LEU D 112 -14.55 3.18 36.15
N MET D 113 -14.51 4.48 36.37
CA MET D 113 -15.57 5.39 35.91
C MET D 113 -15.13 6.10 34.64
N GLY D 114 -16.09 6.77 34.01
CA GLY D 114 -15.84 7.37 32.71
C GLY D 114 -15.50 8.84 32.75
N ALA D 115 -16.14 9.59 33.64
CA ALA D 115 -15.91 11.03 33.73
C ALA D 115 -16.34 11.52 35.10
N ASP D 116 -16.01 12.76 35.40
CA ASP D 116 -16.42 13.43 36.63
C ASP D 116 -17.31 14.62 36.28
N LEU D 117 -18.23 14.94 37.19
CA LEU D 117 -19.20 16.01 36.93
C LEU D 117 -18.54 17.38 36.82
N ASN D 118 -17.34 17.55 37.36
CA ASN D 118 -16.62 18.82 37.20
C ASN D 118 -16.26 19.08 35.75
N ASN D 119 -15.80 18.05 35.05
CA ASN D 119 -15.43 18.18 33.64
C ASN D 119 -16.60 17.99 32.70
N ILE D 120 -17.66 17.31 33.14
CA ILE D 120 -18.84 17.15 32.30
C ILE D 120 -19.56 18.48 32.14
N VAL D 121 -19.58 19.29 33.21
CA VAL D 121 -20.26 20.58 33.15
C VAL D 121 -19.64 21.49 32.10
N LYS D 122 -18.31 21.45 31.97
CA LYS D 122 -17.62 22.34 31.04
C LYS D 122 -17.82 21.94 29.58
N CYS D 123 -18.28 20.72 29.32
CA CYS D 123 -18.33 20.20 27.95
C CYS D 123 -19.74 19.89 27.48
N GLN D 124 -20.54 19.18 28.28
CA GLN D 124 -21.84 18.70 27.85
C GLN D 124 -22.96 19.48 28.52
N LYS D 125 -23.97 19.84 27.72
CA LYS D 125 -25.16 20.53 28.23
C LYS D 125 -26.17 19.46 28.61
N LEU D 126 -26.24 19.16 29.91
CA LEU D 126 -27.13 18.12 30.40
C LEU D 126 -28.59 18.54 30.22
N THR D 127 -29.46 17.55 30.09
CA THR D 127 -30.89 17.78 29.98
C THR D 127 -31.54 17.64 31.35
N ASP D 128 -32.85 17.90 31.39
CA ASP D 128 -33.57 17.78 32.66
C ASP D 128 -33.65 16.35 33.15
N ASP D 129 -33.77 15.39 32.23
CA ASP D 129 -33.79 13.98 32.64
C ASP D 129 -32.42 13.52 33.13
N HIS D 130 -31.35 14.13 32.62
CA HIS D 130 -30.02 13.84 33.15
C HIS D 130 -29.92 14.24 34.62
N VAL D 131 -30.35 15.46 34.95
CA VAL D 131 -30.30 15.94 36.32
C VAL D 131 -31.19 15.09 37.22
N GLN D 132 -32.35 14.67 36.71
CA GLN D 132 -33.25 13.86 37.50
C GLN D 132 -32.58 12.57 37.98
N PHE D 133 -31.82 11.92 37.11
CA PHE D 133 -31.16 10.67 37.48
C PHE D 133 -29.85 10.92 38.21
N LEU D 134 -29.12 11.96 37.82
CA LEU D 134 -27.84 12.25 38.47
C LEU D 134 -28.03 12.65 39.93
N ILE D 135 -28.93 13.60 40.18
CA ILE D 135 -29.19 14.04 41.55
C ILE D 135 -29.80 12.91 42.38
N TYR D 136 -30.60 12.06 41.75
CA TYR D 136 -31.19 10.94 42.48
C TYR D 136 -30.12 10.00 43.01
N GLN D 137 -29.04 9.81 42.25
CA GLN D 137 -27.97 8.92 42.70
C GLN D 137 -27.17 9.54 43.83
N ILE D 138 -27.02 10.87 43.84
CA ILE D 138 -26.30 11.53 44.92
C ILE D 138 -27.06 11.38 46.23
N LEU D 139 -28.36 11.65 46.21
CA LEU D 139 -29.17 11.56 47.43
C LEU D 139 -29.30 10.11 47.88
N ARG D 140 -29.43 9.18 46.94
CA ARG D 140 -29.48 7.76 47.30
C ARG D 140 -28.16 7.30 47.91
N GLY D 141 -27.05 7.87 47.46
CA GLY D 141 -25.76 7.57 48.06
C GLY D 141 -25.57 8.26 49.38
N LEU D 142 -26.08 9.49 49.49
CA LEU D 142 -25.98 10.23 50.75
C LEU D 142 -26.86 9.61 51.82
N LYS D 143 -28.05 9.14 51.44
CA LYS D 143 -28.91 8.45 52.40
C LYS D 143 -28.18 7.25 53.00
N TYR D 144 -27.38 6.55 52.19
CA TYR D 144 -26.57 5.46 52.71
C TYR D 144 -25.45 5.98 53.61
N ILE D 145 -24.79 7.06 53.21
CA ILE D 145 -23.68 7.60 53.99
C ILE D 145 -24.19 8.21 55.29
N HIS D 146 -25.26 9.01 55.21
CA HIS D 146 -25.79 9.66 56.40
C HIS D 146 -26.44 8.66 57.34
N SER D 147 -27.10 7.63 56.80
CA SER D 147 -27.65 6.58 57.65
C SER D 147 -26.58 5.88 58.44
N ALA D 148 -25.31 5.99 58.02
CA ALA D 148 -24.19 5.46 58.77
C ALA D 148 -23.62 6.48 59.76
N ASP D 149 -24.30 7.60 59.95
CA ASP D 149 -23.84 8.67 60.84
C ASP D 149 -22.43 9.12 60.46
N ILE D 150 -22.22 9.30 59.16
CA ILE D 150 -20.97 9.78 58.63
C ILE D 150 -21.25 11.05 57.84
N ILE D 151 -20.33 12.00 57.89
CA ILE D 151 -20.45 13.25 57.16
C ILE D 151 -19.26 13.37 56.22
N HIS D 152 -19.54 13.58 54.94
CA HIS D 152 -18.48 13.63 53.93
C HIS D 152 -17.52 14.79 54.20
N ARG D 153 -18.05 15.93 54.61
CA ARG D 153 -17.31 17.16 54.88
C ARG D 153 -16.74 17.83 53.64
N ASP D 154 -16.78 17.15 52.49
CA ASP D 154 -16.21 17.73 51.28
C ASP D 154 -16.86 17.06 50.08
N LEU D 155 -17.75 17.77 49.39
CA LEU D 155 -18.47 17.17 48.29
C LEU D 155 -18.71 18.22 47.21
N LYS D 156 -18.30 17.91 45.99
CA LYS D 156 -18.32 18.84 44.88
C LYS D 156 -18.44 18.04 43.59
N PRO D 157 -18.66 18.71 42.45
CA PRO D 157 -18.70 17.97 41.17
C PRO D 157 -17.42 17.21 40.88
N SER D 158 -16.26 17.71 41.31
CA SER D 158 -15.00 17.04 41.04
C SER D 158 -14.88 15.72 41.78
N ASN D 159 -15.58 15.54 42.89
CA ASN D 159 -15.57 14.29 43.64
C ASN D 159 -16.80 13.45 43.37
N LEU D 160 -17.41 13.63 42.20
CA LEU D 160 -18.50 12.80 41.71
C LEU D 160 -18.13 12.29 40.33
N ALA D 161 -18.24 10.99 40.11
CA ALA D 161 -17.81 10.36 38.87
C ALA D 161 -18.98 9.69 38.16
N VAL D 162 -18.88 9.61 36.84
CA VAL D 162 -19.95 9.09 35.99
C VAL D 162 -19.32 8.43 34.77
N ASN D 163 -19.86 7.27 34.37
CA ASN D 163 -19.38 6.57 33.19
C ASN D 163 -20.15 7.02 31.94
N GLU D 164 -19.82 6.41 30.79
CA GLU D 164 -20.43 6.83 29.54
C GLU D 164 -21.94 6.58 29.54
N ASP D 165 -22.40 5.57 30.27
CA ASP D 165 -23.81 5.26 30.34
C ASP D 165 -24.50 5.90 31.55
N CYS D 166 -23.85 6.89 32.18
CA CYS D 166 -24.40 7.80 33.18
C CYS D 166 -24.50 7.18 34.58
N GLU D 167 -23.94 5.98 34.78
CA GLU D 167 -23.79 5.45 36.12
C GLU D 167 -22.95 6.39 36.97
N LEU D 168 -23.46 6.77 38.14
CA LEU D 168 -22.82 7.75 39.00
C LEU D 168 -22.30 7.10 40.28
N LYS D 169 -21.17 7.60 40.77
CA LYS D 169 -20.60 7.17 42.04
C LYS D 169 -19.97 8.35 42.76
N ILE D 170 -19.79 8.19 44.07
CA ILE D 170 -19.29 9.24 44.96
C ILE D 170 -17.88 8.86 45.41
N LEU D 171 -16.98 9.85 45.41
CA LEU D 171 -15.57 9.61 45.70
C LEU D 171 -15.10 10.50 46.85
N ASP D 172 -13.79 10.42 47.13
CA ASP D 172 -13.07 11.36 47.98
C ASP D 172 -13.64 11.40 49.41
N PHE D 173 -13.44 10.29 50.12
CA PHE D 173 -13.74 10.20 51.54
C PHE D 173 -12.57 10.64 52.41
N GLY D 174 -11.70 11.52 51.91
CA GLY D 174 -10.47 11.85 52.61
C GLY D 174 -10.69 12.36 54.02
N LEU D 175 -11.72 13.18 54.23
CA LEU D 175 -12.12 13.62 55.55
C LEU D 175 -13.57 13.23 55.79
N ALA D 176 -13.87 12.77 57.00
CA ALA D 176 -15.20 12.29 57.37
C ALA D 176 -15.20 11.95 58.86
N ARG D 177 -16.40 11.88 59.44
CA ARG D 177 -16.51 11.65 60.87
C ARG D 177 -17.90 11.13 61.22
N HIS D 178 -18.09 10.86 62.51
CA HIS D 178 -19.31 10.37 63.14
C HIS D 178 -20.20 11.54 63.55
N THR D 179 -21.37 11.23 64.11
CA THR D 179 -22.29 12.25 64.62
C THR D 179 -21.93 12.59 66.07
N ASP D 180 -20.76 13.20 66.23
CA ASP D 180 -20.32 13.68 67.53
C ASP D 180 -20.79 15.09 67.84
N ASP D 181 -21.52 15.72 66.91
CA ASP D 181 -22.03 17.08 67.08
C ASP D 181 -20.93 18.04 67.50
N GLU D 182 -19.74 17.83 66.93
CA GLU D 182 -18.57 18.69 67.05
C GLU D 182 -17.55 18.22 66.02
N MET D 183 -17.12 19.11 65.12
CA MET D 183 -16.21 18.72 64.06
C MET D 183 -15.14 19.78 63.80
N TPO D 184 -14.20 19.44 62.90
CA TPO D 184 -13.04 20.29 62.62
CB TPO D 184 -12.01 19.49 61.81
CG2 TPO D 184 -10.97 20.41 61.15
OG1 TPO D 184 -11.33 18.58 62.67
P TPO D 184 -11.88 17.12 62.30
O1P TPO D 184 -13.42 17.00 62.77
O2P TPO D 184 -11.06 16.09 62.97
O3P TPO D 184 -11.81 16.91 60.70
C TPO D 184 -13.42 21.57 61.89
O TPO D 184 -14.20 21.55 60.94
N GLY D 185 -12.86 22.69 62.36
CA GLY D 185 -13.11 23.98 61.76
C GLY D 185 -12.48 24.16 60.39
N PTR D 186 -12.98 25.16 59.65
CA PTR D 186 -12.58 25.41 58.28
C PTR D 186 -12.62 24.15 57.42
O PTR D 186 -11.59 23.63 56.99
CB PTR D 186 -11.18 26.02 58.16
CG PTR D 186 -10.86 26.41 56.73
CD1 PTR D 186 -11.73 27.21 56.02
CD2 PTR D 186 -9.71 25.95 56.10
CE1 PTR D 186 -11.47 27.56 54.71
CE2 PTR D 186 -9.43 26.32 54.79
CZ PTR D 186 -10.32 27.12 54.10
OH PTR D 186 -10.07 27.47 52.87
P PTR D 186 -10.83 28.69 52.14
O1P PTR D 186 -11.09 29.87 53.09
O2P PTR D 186 -9.95 29.20 50.98
O3P PTR D 186 -12.12 28.19 51.60
N VAL D 187 -13.82 23.65 57.17
CA VAL D 187 -13.99 22.52 56.28
C VAL D 187 -13.93 23.08 54.85
N ALA D 188 -13.53 22.24 53.90
CA ALA D 188 -13.24 22.66 52.53
C ALA D 188 -14.49 22.77 51.67
N THR D 189 -14.29 22.81 50.34
CA THR D 189 -15.33 23.03 49.33
C THR D 189 -15.94 24.43 49.44
N ARG D 190 -15.06 25.42 49.39
CA ARG D 190 -15.46 26.81 49.59
C ARG D 190 -16.70 27.18 48.79
N TRP D 191 -16.67 26.94 47.47
CA TRP D 191 -17.81 27.35 46.64
C TRP D 191 -19.10 26.64 47.05
N TYR D 192 -18.99 25.34 47.32
CA TYR D 192 -20.17 24.51 47.64
C TYR D 192 -20.31 24.31 49.15
N ARG D 193 -19.52 25.07 49.91
CA ARG D 193 -19.55 25.03 51.37
C ARG D 193 -20.89 25.51 51.89
N ALA D 194 -21.30 24.96 53.03
CA ALA D 194 -22.49 25.40 53.73
C ALA D 194 -22.21 26.70 54.48
N PRO D 195 -23.25 27.43 54.88
CA PRO D 195 -23.00 28.68 55.61
C PRO D 195 -22.56 28.47 57.04
N GLU D 196 -22.78 27.27 57.59
CA GLU D 196 -22.58 27.02 59.02
C GLU D 196 -21.18 27.36 59.51
N ILE D 197 -20.22 27.51 58.59
CA ILE D 197 -18.82 27.69 58.95
C ILE D 197 -18.55 29.18 59.07
N MET D 198 -19.63 29.96 59.20
CA MET D 198 -19.55 31.37 59.54
C MET D 198 -20.11 31.69 60.91
N LEU D 199 -21.10 30.94 61.38
CA LEU D 199 -21.75 31.20 62.66
C LEU D 199 -21.47 30.12 63.69
N ASN D 200 -21.78 28.87 63.39
CA ASN D 200 -21.47 27.73 64.26
C ASN D 200 -20.15 27.16 63.77
N TRP D 201 -19.04 27.73 64.24
CA TRP D 201 -17.74 27.45 63.67
C TRP D 201 -17.34 25.98 63.84
N MET D 202 -17.81 25.33 64.89
CA MET D 202 -17.44 23.94 65.16
C MET D 202 -18.68 23.11 65.50
N HIS D 203 -19.77 23.32 64.77
CA HIS D 203 -21.00 22.56 64.99
C HIS D 203 -21.76 22.50 63.67
N TYR D 204 -21.63 21.38 62.96
CA TYR D 204 -22.33 21.17 61.72
C TYR D 204 -23.32 20.02 61.86
N ASN D 205 -24.40 20.09 61.08
CA ASN D 205 -25.39 19.03 61.03
C ASN D 205 -25.14 18.16 59.80
N GLN D 206 -25.96 17.12 59.65
CA GLN D 206 -25.85 16.27 58.47
C GLN D 206 -26.33 16.98 57.21
N THR D 207 -27.08 18.07 57.36
CA THR D 207 -27.59 18.81 56.23
C THR D 207 -26.53 19.64 55.52
N VAL D 208 -25.29 19.69 56.03
CA VAL D 208 -24.23 20.41 55.35
C VAL D 208 -23.98 19.81 53.97
N ASP D 209 -23.99 18.48 53.87
CA ASP D 209 -23.85 17.83 52.57
C ASP D 209 -25.09 18.06 51.71
N ILE D 210 -26.26 18.18 52.33
CA ILE D 210 -27.48 18.44 51.58
C ILE D 210 -27.41 19.81 50.92
N TRP D 211 -26.79 20.78 51.59
CA TRP D 211 -26.59 22.09 50.98
C TRP D 211 -25.62 21.99 49.82
N SER D 212 -24.60 21.13 49.93
CA SER D 212 -23.63 20.98 48.85
C SER D 212 -24.28 20.43 47.59
N VAL D 213 -25.24 19.52 47.75
CA VAL D 213 -25.96 19.00 46.58
C VAL D 213 -26.81 20.10 45.95
N GLY D 214 -27.35 21.01 46.76
CA GLY D 214 -28.07 22.14 46.20
C GLY D 214 -27.20 23.04 45.37
N CYS D 215 -25.92 23.16 45.72
CA CYS D 215 -24.98 23.91 44.90
C CYS D 215 -24.53 23.11 43.68
N ILE D 216 -24.48 21.78 43.78
CA ILE D 216 -24.12 20.96 42.64
C ILE D 216 -25.27 20.86 41.65
N MET D 217 -26.47 20.58 42.17
CA MET D 217 -27.64 20.50 41.29
C MET D 217 -27.81 21.79 40.49
N ALA D 218 -27.53 22.93 41.12
CA ALA D 218 -27.59 24.20 40.40
C ALA D 218 -26.55 24.27 39.29
N GLU D 219 -25.40 23.62 39.49
CA GLU D 219 -24.37 23.62 38.45
C GLU D 219 -24.86 22.95 37.18
N LEU D 220 -25.48 21.77 37.32
CA LEU D 220 -25.99 21.06 36.15
C LEU D 220 -27.08 21.87 35.46
N LEU D 221 -27.91 22.57 36.24
CA LEU D 221 -28.97 23.39 35.66
C LEU D 221 -28.43 24.65 34.99
N THR D 222 -27.19 25.04 35.28
CA THR D 222 -26.64 26.28 34.78
C THR D 222 -25.38 26.10 33.95
N GLY D 223 -24.44 25.26 34.38
CA GLY D 223 -23.14 25.21 33.78
C GLY D 223 -22.12 26.10 34.45
N ARG D 224 -22.56 27.06 35.27
CA ARG D 224 -21.69 27.90 36.07
C ARG D 224 -21.97 27.64 37.55
N THR D 225 -21.17 28.27 38.41
CA THR D 225 -21.27 28.06 39.84
C THR D 225 -22.20 29.08 40.48
N LEU D 226 -23.00 28.63 41.45
CA LEU D 226 -23.88 29.52 42.17
C LEU D 226 -23.10 30.59 42.92
N PHE D 227 -22.15 30.17 43.77
CA PHE D 227 -21.41 31.06 44.65
C PHE D 227 -19.91 30.95 44.33
N PRO D 228 -19.43 31.68 43.32
CA PRO D 228 -17.99 31.73 43.04
C PRO D 228 -17.27 32.80 43.87
N GLY D 229 -17.30 32.63 45.18
CA GLY D 229 -16.73 33.65 46.06
C GLY D 229 -15.22 33.69 45.96
N THR D 230 -14.70 34.92 45.89
CA THR D 230 -13.25 35.12 45.81
C THR D 230 -12.58 35.08 47.18
N ASP D 231 -13.33 35.29 48.25
CA ASP D 231 -12.79 35.25 49.60
C ASP D 231 -13.89 34.80 50.55
N HIS D 232 -13.55 34.75 51.84
CA HIS D 232 -14.53 34.31 52.84
C HIS D 232 -15.70 35.28 52.94
N ILE D 233 -15.42 36.59 52.86
CA ILE D 233 -16.50 37.58 52.91
C ILE D 233 -17.31 37.54 51.63
N ASP D 234 -16.64 37.44 50.48
CA ASP D 234 -17.36 37.34 49.21
C ASP D 234 -18.21 36.08 49.15
N GLN D 235 -17.73 34.99 49.76
CA GLN D 235 -18.54 33.78 49.85
C GLN D 235 -19.81 34.03 50.65
N LEU D 236 -19.68 34.68 51.81
CA LEU D 236 -20.84 34.95 52.64
C LEU D 236 -21.74 36.02 52.03
N LYS D 237 -21.19 36.90 51.20
CA LYS D 237 -22.01 37.90 50.54
C LYS D 237 -22.83 37.29 49.40
N LEU D 238 -22.23 36.40 48.62
CA LEU D 238 -22.95 35.77 47.52
C LEU D 238 -23.99 34.78 48.05
N ILE D 239 -23.65 34.07 49.14
CA ILE D 239 -24.58 33.09 49.70
C ILE D 239 -25.84 33.78 50.21
N LEU D 240 -25.66 34.81 51.05
CA LEU D 240 -26.81 35.52 51.61
C LEU D 240 -27.51 36.38 50.57
N ARG D 241 -26.95 36.52 49.36
CA ARG D 241 -27.63 37.24 48.30
C ARG D 241 -28.77 36.43 47.69
N LEU D 242 -28.80 35.12 47.92
CA LEU D 242 -29.82 34.24 47.39
C LEU D 242 -30.79 33.73 48.45
N VAL D 243 -30.27 33.18 49.55
CA VAL D 243 -31.12 32.62 50.59
C VAL D 243 -31.72 33.66 51.51
N GLY D 244 -31.31 34.91 51.41
CA GLY D 244 -31.86 35.98 52.23
C GLY D 244 -31.12 36.14 53.54
N THR D 245 -31.51 37.19 54.27
CA THR D 245 -30.90 37.50 55.56
C THR D 245 -31.58 36.71 56.68
N PRO D 246 -30.82 36.30 57.69
CA PRO D 246 -31.40 35.48 58.76
C PRO D 246 -32.27 36.31 59.69
N GLY D 247 -33.35 35.70 60.17
CA GLY D 247 -34.23 36.36 61.10
C GLY D 247 -33.62 36.49 62.48
N ALA D 248 -34.26 37.32 63.31
CA ALA D 248 -33.75 37.56 64.65
C ALA D 248 -33.85 36.32 65.53
N GLU D 249 -34.83 35.45 65.27
CA GLU D 249 -34.96 34.22 66.05
C GLU D 249 -33.79 33.28 65.78
N LEU D 250 -33.30 33.25 64.54
CA LEU D 250 -32.16 32.43 64.18
C LEU D 250 -30.84 33.15 64.35
N LEU D 251 -30.85 34.49 64.38
CA LEU D 251 -29.61 35.24 64.49
C LEU D 251 -28.93 35.02 65.84
N LYS D 252 -29.72 34.86 66.90
CA LYS D 252 -29.14 34.64 68.23
C LYS D 252 -28.46 33.28 68.36
N LYS D 253 -28.63 32.39 67.38
CA LYS D 253 -27.95 31.10 67.37
C LYS D 253 -26.53 31.20 66.84
N ILE D 254 -26.07 32.39 66.48
CA ILE D 254 -24.71 32.59 65.98
C ILE D 254 -23.76 32.66 67.16
N SER D 255 -22.60 31.99 67.04
CA SER D 255 -21.67 31.90 68.16
C SER D 255 -20.77 33.13 68.24
N SER D 256 -20.10 33.48 67.15
CA SER D 256 -19.14 34.57 67.16
C SER D 256 -19.85 35.91 67.39
N GLU D 257 -19.20 36.77 68.19
CA GLU D 257 -19.78 38.07 68.50
C GLU D 257 -19.59 39.06 67.34
N SER D 258 -18.38 39.12 66.78
CA SER D 258 -18.13 40.01 65.65
C SER D 258 -18.89 39.59 64.40
N ALA D 259 -19.29 38.31 64.30
CA ALA D 259 -20.06 37.87 63.15
C ALA D 259 -21.50 38.37 63.21
N ARG D 260 -22.08 38.37 64.42
CA ARG D 260 -23.46 38.84 64.58
C ARG D 260 -23.62 40.28 64.10
N ASN D 261 -22.66 41.14 64.43
CA ASN D 261 -22.77 42.56 64.08
C ASN D 261 -22.53 42.80 62.59
N TYR D 262 -21.83 41.90 61.90
CA TYR D 262 -21.59 42.11 60.47
C TYR D 262 -22.86 41.85 59.67
N ILE D 263 -23.57 40.77 59.97
CA ILE D 263 -24.77 40.43 59.20
C ILE D 263 -25.84 41.51 59.37
N GLN D 264 -25.97 42.05 60.58
CA GLN D 264 -26.92 43.14 60.80
C GLN D 264 -26.49 44.44 60.13
N SER D 265 -25.22 44.56 59.76
CA SER D 265 -24.74 45.75 59.06
C SER D 265 -24.97 45.68 57.56
N LEU D 266 -25.37 44.51 57.04
CA LEU D 266 -25.71 44.40 55.63
C LEU D 266 -27.16 44.81 55.39
N THR D 267 -27.44 45.26 54.17
CA THR D 267 -28.80 45.64 53.80
C THR D 267 -29.70 44.41 53.86
N GLN D 268 -30.64 44.42 54.80
CA GLN D 268 -31.49 43.25 55.02
C GLN D 268 -32.43 43.04 53.85
N MET D 269 -32.41 41.82 53.29
CA MET D 269 -33.26 41.46 52.17
C MET D 269 -33.63 39.99 52.32
N PRO D 270 -34.89 39.63 52.08
CA PRO D 270 -35.30 38.23 52.17
C PRO D 270 -34.84 37.44 50.95
N LYS D 271 -35.15 36.15 50.96
CA LYS D 271 -34.80 35.29 49.83
C LYS D 271 -35.67 35.63 48.63
N MET D 272 -35.07 35.62 47.45
CA MET D 272 -35.80 35.89 46.22
C MET D 272 -36.37 34.60 45.65
N ASN D 273 -37.44 34.75 44.87
CA ASN D 273 -38.11 33.61 44.27
C ASN D 273 -37.17 32.89 43.32
N PHE D 274 -36.96 31.59 43.56
CA PHE D 274 -36.07 30.80 42.71
C PHE D 274 -36.59 30.69 41.28
N ALA D 275 -37.89 30.89 41.07
CA ALA D 275 -38.44 30.84 39.73
C ALA D 275 -37.99 32.01 38.86
N ASN D 276 -37.47 33.08 39.47
CA ASN D 276 -37.03 34.25 38.72
C ASN D 276 -35.55 34.17 38.35
N VAL D 277 -34.79 33.29 38.97
CA VAL D 277 -33.36 33.13 38.68
C VAL D 277 -33.11 31.96 37.74
N PHE D 278 -33.68 30.80 38.04
CA PHE D 278 -33.53 29.60 37.21
C PHE D 278 -34.74 29.53 36.28
N ILE D 279 -34.71 30.35 35.25
CA ILE D 279 -35.80 30.44 34.29
C ILE D 279 -35.72 29.27 33.31
N GLY D 280 -36.86 28.66 33.04
CA GLY D 280 -36.95 27.57 32.08
C GLY D 280 -36.68 26.19 32.65
N ALA D 281 -36.10 26.11 33.85
CA ALA D 281 -35.83 24.82 34.48
C ALA D 281 -37.14 24.12 34.84
N ASN D 282 -37.01 22.84 35.17
CA ASN D 282 -38.16 22.06 35.61
C ASN D 282 -38.70 22.66 36.90
N PRO D 283 -39.98 23.02 36.97
CA PRO D 283 -40.51 23.62 38.21
C PRO D 283 -40.39 22.71 39.42
N LEU D 284 -40.44 21.39 39.24
CA LEU D 284 -40.15 20.50 40.35
C LEU D 284 -38.69 20.57 40.76
N ALA D 285 -37.79 20.79 39.80
CA ALA D 285 -36.39 20.98 40.14
C ALA D 285 -36.18 22.27 40.92
N VAL D 286 -36.92 23.32 40.57
CA VAL D 286 -36.85 24.57 41.32
C VAL D 286 -37.43 24.38 42.71
N ASP D 287 -38.50 23.59 42.83
CA ASP D 287 -39.10 23.34 44.14
C ASP D 287 -38.15 22.59 45.06
N LEU D 288 -37.29 21.74 44.49
CA LEU D 288 -36.33 21.00 45.33
C LEU D 288 -35.22 21.93 45.83
N LEU D 289 -34.74 22.84 44.97
CA LEU D 289 -33.70 23.76 45.38
C LEU D 289 -34.16 24.64 46.53
N GLU D 290 -35.46 24.90 46.63
CA GLU D 290 -35.97 25.66 47.76
C GLU D 290 -35.81 24.90 49.06
N LYS D 291 -35.86 23.56 49.01
CA LYS D 291 -35.71 22.74 50.21
C LYS D 291 -34.26 22.44 50.55
N MET D 292 -33.37 22.46 49.56
CA MET D 292 -31.96 22.14 49.78
C MET D 292 -31.16 23.36 50.21
N LEU D 293 -31.47 24.53 49.67
CA LEU D 293 -30.74 25.76 49.97
C LEU D 293 -31.53 26.55 51.01
N VAL D 294 -31.44 26.11 52.26
CA VAL D 294 -32.10 26.75 53.39
C VAL D 294 -31.04 27.16 54.39
N LEU D 295 -31.15 28.38 54.91
CA LEU D 295 -30.16 28.89 55.86
C LEU D 295 -30.17 28.08 57.15
N ASP D 296 -31.34 27.93 57.77
CA ASP D 296 -31.46 27.18 59.01
C ASP D 296 -31.22 25.70 58.72
N SER D 297 -30.08 25.18 59.19
CA SER D 297 -29.76 23.78 58.94
C SER D 297 -30.76 22.84 59.59
N ASP D 298 -31.41 23.27 60.67
CA ASP D 298 -32.46 22.44 61.27
C ASP D 298 -33.68 22.36 60.37
N LYS D 299 -34.00 23.44 59.66
CA LYS D 299 -35.08 23.45 58.70
C LYS D 299 -34.68 22.89 57.34
N ARG D 300 -33.41 22.53 57.16
CA ARG D 300 -32.95 22.02 55.88
C ARG D 300 -33.44 20.58 55.68
N ILE D 301 -33.70 20.24 54.42
CA ILE D 301 -34.24 18.92 54.11
C ILE D 301 -33.16 17.86 54.31
N THR D 302 -33.59 16.64 54.62
CA THR D 302 -32.70 15.51 54.82
C THR D 302 -32.57 14.70 53.53
N ALA D 303 -31.56 13.83 53.51
CA ALA D 303 -31.33 13.00 52.32
C ALA D 303 -32.46 11.99 52.13
N ALA D 304 -33.03 11.47 53.21
CA ALA D 304 -34.12 10.52 53.08
C ALA D 304 -35.39 11.19 52.57
N GLN D 305 -35.64 12.43 52.99
CA GLN D 305 -36.82 13.16 52.52
C GLN D 305 -36.67 13.59 51.06
N ALA D 306 -35.44 13.89 50.64
CA ALA D 306 -35.23 14.40 49.29
C ALA D 306 -35.54 13.34 48.23
N LEU D 307 -35.42 12.06 48.58
CA LEU D 307 -35.73 11.00 47.62
C LEU D 307 -37.23 10.80 47.48
N ALA D 308 -38.00 11.12 48.52
CA ALA D 308 -39.46 11.06 48.46
C ALA D 308 -40.08 12.24 47.72
N HIS D 309 -39.26 13.17 47.23
CA HIS D 309 -39.76 14.32 46.50
C HIS D 309 -40.36 13.88 45.17
N ALA D 310 -41.35 14.65 44.71
CA ALA D 310 -42.02 14.36 43.43
C ALA D 310 -41.10 14.57 42.23
N TYR D 311 -39.94 15.21 42.42
CA TYR D 311 -39.01 15.39 41.32
C TYR D 311 -38.43 14.06 40.85
N PHE D 312 -38.36 13.06 41.73
CA PHE D 312 -37.83 11.74 41.42
C PHE D 312 -38.94 10.70 41.36
N ALA D 313 -40.12 11.09 40.85
CA ALA D 313 -41.23 10.16 40.72
C ALA D 313 -40.91 9.02 39.76
N GLN D 314 -39.98 9.24 38.82
CA GLN D 314 -39.58 8.18 37.90
C GLN D 314 -38.58 7.21 38.52
N TYR D 315 -37.99 7.55 39.66
CA TYR D 315 -36.94 6.73 40.25
C TYR D 315 -37.12 6.47 41.74
N HIS D 316 -38.20 6.94 42.36
CA HIS D 316 -38.34 6.78 43.80
C HIS D 316 -38.89 5.39 44.14
N ASP D 317 -38.17 4.68 44.99
CA ASP D 317 -38.63 3.41 45.54
C ASP D 317 -37.98 3.24 46.90
N PRO D 318 -38.71 3.51 47.98
CA PRO D 318 -38.08 3.48 49.32
C PRO D 318 -37.63 2.09 49.76
N ASP D 319 -38.02 1.03 49.06
CA ASP D 319 -37.58 -0.30 49.42
C ASP D 319 -36.21 -0.64 48.85
N ASP D 320 -35.75 0.10 47.84
CA ASP D 320 -34.44 -0.15 47.23
C ASP D 320 -33.54 1.07 47.34
N GLU D 321 -33.72 1.85 48.41
CA GLU D 321 -32.79 2.92 48.81
C GLU D 321 -32.20 2.52 50.16
N PRO D 322 -31.30 1.53 50.16
CA PRO D 322 -30.95 0.88 51.43
C PRO D 322 -30.06 1.75 52.30
N VAL D 323 -30.20 1.54 53.60
CA VAL D 323 -29.39 2.22 54.59
C VAL D 323 -28.27 1.30 55.05
N ALA D 324 -27.28 1.86 55.72
CA ALA D 324 -26.12 1.11 56.17
C ALA D 324 -26.18 0.86 57.67
N ASP D 325 -25.61 -0.26 58.09
CA ASP D 325 -25.37 -0.49 59.50
C ASP D 325 -24.33 0.49 60.03
N PRO D 326 -24.61 1.21 61.12
CA PRO D 326 -23.68 2.27 61.56
C PRO D 326 -22.29 1.73 61.86
N TYR D 327 -21.31 2.63 61.72
CA TYR D 327 -19.87 2.38 61.89
C TYR D 327 -19.36 3.06 63.17
N ASP D 328 -18.73 2.29 64.06
CA ASP D 328 -18.22 2.86 65.33
C ASP D 328 -16.97 3.71 65.05
N GLN D 329 -16.64 4.66 65.93
CA GLN D 329 -15.47 5.56 65.71
C GLN D 329 -14.15 4.82 65.99
N SER D 330 -14.22 3.77 66.80
CA SER D 330 -13.08 2.90 67.13
C SER D 330 -11.93 3.65 67.77
N PHE D 331 -10.71 3.40 67.29
CA PHE D 331 -9.45 3.91 67.89
C PHE D 331 -9.18 5.37 67.57
N GLU D 332 -10.00 6.02 66.76
CA GLU D 332 -9.71 7.41 66.36
C GLU D 332 -9.60 8.32 67.58
N SER D 333 -10.45 8.14 68.58
CA SER D 333 -10.42 8.97 69.81
C SER D 333 -9.06 8.98 70.54
N ARG D 334 -7.95 8.50 69.95
CA ARG D 334 -6.72 8.58 70.72
C ARG D 334 -5.56 8.99 69.82
N ASP D 335 -4.67 9.81 70.38
CA ASP D 335 -3.49 10.33 69.67
C ASP D 335 -2.34 9.36 69.89
N LEU D 336 -2.09 8.49 68.91
CA LEU D 336 -1.02 7.50 68.98
C LEU D 336 0.14 7.92 68.07
N LEU D 337 1.20 7.12 68.09
CA LEU D 337 2.40 7.40 67.33
C LEU D 337 2.26 6.87 65.90
N ILE D 338 3.21 7.26 65.05
CA ILE D 338 3.19 6.84 63.64
C ILE D 338 3.19 5.31 63.55
N ASP D 339 4.10 4.67 64.30
CA ASP D 339 4.21 3.21 64.24
C ASP D 339 2.98 2.51 64.79
N GLU D 340 2.22 3.16 65.66
CA GLU D 340 1.00 2.54 66.17
C GLU D 340 -0.07 2.48 65.09
N TRP D 341 -0.24 3.56 64.32
CA TRP D 341 -1.14 3.54 63.19
C TRP D 341 -0.64 2.62 62.09
N LYS D 342 0.67 2.35 62.04
CA LYS D 342 1.23 1.49 61.00
C LYS D 342 0.75 0.04 61.17
N SER D 343 0.66 -0.43 62.40
CA SER D 343 0.23 -1.81 62.64
C SER D 343 -1.27 -1.97 62.44
N LEU D 344 -2.06 -0.99 62.87
CA LEU D 344 -3.50 -1.06 62.69
C LEU D 344 -3.90 -1.01 61.22
N THR D 345 -3.12 -0.30 60.40
CA THR D 345 -3.40 -0.27 58.97
C THR D 345 -3.16 -1.64 58.34
N TYR D 346 -2.15 -2.35 58.82
CA TYR D 346 -1.87 -3.69 58.29
C TYR D 346 -3.02 -4.65 58.57
N ASP D 347 -3.64 -4.53 59.76
CA ASP D 347 -4.72 -5.45 60.13
C ASP D 347 -5.95 -5.25 59.26
N GLU D 348 -6.22 -4.03 58.82
CA GLU D 348 -7.39 -3.78 57.98
C GLU D 348 -7.20 -4.26 56.54
N VAL D 349 -5.95 -4.39 56.09
CA VAL D 349 -5.71 -4.84 54.72
C VAL D 349 -5.89 -6.35 54.60
N ILE D 350 -5.28 -7.11 55.52
CA ILE D 350 -5.36 -8.57 55.44
C ILE D 350 -6.75 -9.07 55.83
N SER D 351 -7.47 -8.30 56.66
CA SER D 351 -8.82 -8.67 57.07
C SER D 351 -9.88 -8.18 56.10
N PHE D 352 -9.50 -7.48 55.04
CA PHE D 352 -10.47 -7.02 54.05
C PHE D 352 -11.06 -8.21 53.31
N VAL D 353 -12.38 -8.23 53.18
CA VAL D 353 -13.10 -9.29 52.49
C VAL D 353 -13.59 -8.74 51.16
N PRO D 354 -13.24 -9.34 50.03
CA PRO D 354 -13.73 -8.86 48.75
C PRO D 354 -15.20 -9.16 48.59
N PRO D 355 -15.94 -8.32 47.86
CA PRO D 355 -17.38 -8.55 47.69
C PRO D 355 -17.63 -9.63 46.64
N PRO D 356 -18.78 -10.29 46.70
CA PRO D 356 -19.12 -11.30 45.68
C PRO D 356 -19.32 -10.66 44.31
N LEU D 357 -19.31 -11.51 43.29
CA LEU D 357 -19.50 -11.06 41.92
C LEU D 357 -20.94 -11.28 41.47
N GLY E 13 -46.53 39.77 5.14
CA GLY E 13 -46.63 40.30 6.49
C GLY E 13 -45.28 40.46 7.17
N LEU E 14 -44.24 40.66 6.36
CA LEU E 14 -42.89 40.82 6.90
C LEU E 14 -42.68 42.26 7.36
N GLN E 15 -42.28 42.42 8.62
CA GLN E 15 -42.02 43.74 9.20
C GLN E 15 -40.55 43.79 9.60
N ILE E 16 -39.77 44.58 8.86
CA ILE E 16 -38.35 44.73 9.14
C ILE E 16 -38.17 45.70 10.30
N LYS E 17 -37.51 45.23 11.37
CA LYS E 17 -37.26 46.05 12.54
C LYS E 17 -35.90 46.73 12.43
N LYS E 18 -35.81 47.94 12.98
CA LYS E 18 -34.65 48.80 12.80
C LYS E 18 -33.74 48.86 14.02
N ASN E 19 -34.18 48.38 15.18
CA ASN E 19 -33.36 48.46 16.37
C ASN E 19 -32.23 47.43 16.32
N ALA E 20 -31.27 47.59 17.23
CA ALA E 20 -30.12 46.69 17.28
C ALA E 20 -30.55 45.31 17.76
N ILE E 21 -29.88 44.28 17.22
CA ILE E 21 -30.22 42.91 17.58
C ILE E 21 -29.68 42.57 18.98
N ILE E 22 -28.61 43.23 19.42
CA ILE E 22 -28.04 42.95 20.73
C ILE E 22 -29.01 43.32 21.84
N ASP E 23 -30.02 44.15 21.54
CA ASP E 23 -31.03 44.48 22.53
C ASP E 23 -32.04 43.34 22.71
N ASP E 24 -32.25 42.54 21.67
CA ASP E 24 -33.23 41.46 21.69
C ASP E 24 -32.61 40.07 21.67
N TYR E 25 -31.53 39.87 20.91
CA TYR E 25 -30.86 38.59 20.80
C TYR E 25 -29.43 38.71 21.29
N LYS E 26 -28.89 37.59 21.76
CA LYS E 26 -27.52 37.53 22.30
C LYS E 26 -26.64 36.83 21.27
N VAL E 27 -25.83 37.60 20.55
CA VAL E 27 -24.94 37.05 19.53
C VAL E 27 -23.72 36.45 20.23
N THR E 28 -23.45 35.18 19.94
CA THR E 28 -22.34 34.47 20.55
C THR E 28 -21.22 34.25 19.53
N SER E 29 -20.10 33.71 20.02
CA SER E 29 -18.95 33.43 19.18
C SER E 29 -18.93 31.99 18.68
N GLN E 30 -19.92 31.18 19.04
CA GLN E 30 -20.01 29.80 18.59
C GLN E 30 -20.37 29.77 17.11
N VAL E 31 -19.38 29.59 16.25
CA VAL E 31 -19.63 29.56 14.81
C VAL E 31 -20.36 28.27 14.45
N LEU E 32 -21.39 28.40 13.62
CA LEU E 32 -22.21 27.27 13.19
C LEU E 32 -21.98 26.92 11.73
N GLY E 33 -20.77 27.10 11.25
CA GLY E 33 -20.46 26.83 9.86
C GLY E 33 -20.31 28.10 9.06
N LEU E 34 -19.42 28.05 8.07
CA LEU E 34 -19.13 29.22 7.23
C LEU E 34 -20.16 29.32 6.12
N GLY E 35 -20.78 30.49 6.00
CA GLY E 35 -21.79 30.75 5.00
C GLY E 35 -21.20 31.31 3.71
N ILE E 36 -22.09 31.67 2.80
CA ILE E 36 -21.66 32.18 1.50
C ILE E 36 -21.20 33.63 1.61
N ASN E 37 -22.04 34.49 2.17
CA ASN E 37 -21.73 35.91 2.27
C ASN E 37 -21.05 36.29 3.58
N GLY E 38 -21.05 35.41 4.57
CA GLY E 38 -20.42 35.73 5.83
C GLY E 38 -20.32 34.52 6.73
N LYS E 39 -20.14 34.79 8.02
CA LYS E 39 -20.03 33.74 9.03
C LYS E 39 -21.34 33.64 9.81
N VAL E 40 -21.88 32.44 9.88
CA VAL E 40 -23.13 32.19 10.60
C VAL E 40 -22.81 31.93 12.06
N LEU E 41 -23.46 32.66 12.95
CA LEU E 41 -23.23 32.56 14.39
C LEU E 41 -24.50 32.09 15.09
N GLN E 42 -24.32 31.71 16.35
CA GLN E 42 -25.41 31.22 17.18
C GLN E 42 -25.91 32.35 18.09
N ILE E 43 -27.23 32.54 18.13
CA ILE E 43 -27.84 33.58 18.93
C ILE E 43 -28.93 32.98 19.80
N PHE E 44 -29.32 33.73 20.82
CA PHE E 44 -30.35 33.33 21.76
C PHE E 44 -31.35 34.46 21.93
N ASN E 45 -32.63 34.13 21.86
CA ASN E 45 -33.69 35.11 22.11
C ASN E 45 -33.83 35.31 23.61
N LYS E 46 -33.63 36.55 24.08
CA LYS E 46 -33.59 36.80 25.52
C LYS E 46 -34.93 36.58 26.20
N ARG E 47 -36.03 36.54 25.45
CA ARG E 47 -37.33 36.29 26.05
C ARG E 47 -37.55 34.81 26.34
N THR E 48 -37.33 33.96 25.33
CA THR E 48 -37.63 32.54 25.43
C THR E 48 -36.40 31.65 25.47
N GLN E 49 -35.20 32.23 25.51
CA GLN E 49 -33.94 31.48 25.56
C GLN E 49 -33.82 30.50 24.39
N GLU E 50 -34.46 30.82 23.27
CA GLU E 50 -34.46 29.93 22.12
C GLU E 50 -33.21 30.12 21.28
N LYS E 51 -32.61 29.00 20.87
CA LYS E 51 -31.39 29.00 20.09
C LYS E 51 -31.71 29.16 18.61
N PHE E 52 -31.05 30.12 17.96
CA PHE E 52 -31.27 30.40 16.55
C PHE E 52 -29.92 30.58 15.86
N ALA E 53 -29.98 30.76 14.54
CA ALA E 53 -28.80 31.01 13.72
C ALA E 53 -28.88 32.40 13.11
N LEU E 54 -27.72 33.03 12.95
CA LEU E 54 -27.64 34.42 12.48
C LEU E 54 -26.82 34.44 11.20
N LYS E 55 -27.47 34.77 10.09
CA LYS E 55 -26.81 34.96 8.80
C LYS E 55 -26.88 36.43 8.42
N MET E 56 -25.75 36.98 7.99
CA MET E 56 -25.65 38.40 7.67
C MET E 56 -25.51 38.57 6.16
N LEU E 57 -26.35 39.43 5.59
CA LEU E 57 -26.32 39.75 4.17
C LEU E 57 -26.18 41.26 4.02
N GLN E 58 -25.30 41.69 3.13
CA GLN E 58 -25.15 43.11 2.85
C GLN E 58 -26.40 43.64 2.17
N ASP E 59 -26.84 44.81 2.60
CA ASP E 59 -28.12 45.36 2.16
C ASP E 59 -28.06 45.68 0.67
N CYS E 60 -28.99 45.12 -0.10
CA CYS E 60 -29.06 45.31 -1.54
C CYS E 60 -30.44 44.88 -2.00
N PRO E 61 -30.87 45.30 -3.20
CA PRO E 61 -32.18 44.85 -3.70
C PRO E 61 -32.33 43.34 -3.78
N LYS E 62 -31.22 42.61 -3.98
CA LYS E 62 -31.29 41.15 -3.98
C LYS E 62 -31.66 40.62 -2.60
N ALA E 63 -30.88 41.01 -1.58
CA ALA E 63 -31.11 40.51 -0.23
C ALA E 63 -32.49 40.88 0.30
N ARG E 64 -33.12 41.92 -0.24
CA ARG E 64 -34.45 42.29 0.21
C ARG E 64 -35.54 41.50 -0.52
N ARG E 65 -35.30 41.16 -1.79
CA ARG E 65 -36.24 40.29 -2.50
C ARG E 65 -36.13 38.84 -2.04
N GLU E 66 -34.91 38.39 -1.71
CA GLU E 66 -34.72 37.01 -1.26
C GLU E 66 -35.39 36.78 0.09
N VAL E 67 -35.16 37.68 1.05
CA VAL E 67 -35.80 37.56 2.36
C VAL E 67 -37.30 37.72 2.23
N GLU E 68 -37.75 38.53 1.28
CA GLU E 68 -39.18 38.66 1.02
C GLU E 68 -39.78 37.33 0.61
N LEU E 69 -39.13 36.62 -0.31
CA LEU E 69 -39.61 35.31 -0.73
C LEU E 69 -39.40 34.27 0.36
N HIS E 70 -38.27 34.33 1.06
CA HIS E 70 -38.00 33.40 2.15
C HIS E 70 -39.03 33.54 3.26
N TRP E 71 -39.51 34.77 3.50
CA TRP E 71 -40.56 34.96 4.50
C TRP E 71 -41.89 34.37 4.04
N ARG E 72 -42.24 34.58 2.77
CA ARG E 72 -43.52 34.09 2.26
C ARG E 72 -43.57 32.58 2.15
N ALA E 73 -42.41 31.91 2.17
CA ALA E 73 -42.35 30.46 2.13
C ALA E 73 -42.12 29.82 3.49
N SER E 74 -41.96 30.63 4.54
CA SER E 74 -41.71 30.11 5.87
C SER E 74 -42.91 29.38 6.46
N GLN E 75 -44.11 29.54 5.89
CA GLN E 75 -45.29 28.85 6.39
C GLN E 75 -45.32 27.38 5.98
N CYS E 76 -44.30 26.88 5.29
CA CYS E 76 -44.22 25.49 4.91
C CYS E 76 -43.51 24.69 5.99
N PRO E 77 -44.01 23.52 6.38
CA PRO E 77 -43.34 22.74 7.43
C PRO E 77 -41.96 22.26 7.03
N HIS E 78 -41.70 22.08 5.73
CA HIS E 78 -40.40 21.61 5.25
C HIS E 78 -39.55 22.75 4.70
N ILE E 79 -39.65 23.93 5.30
CA ILE E 79 -38.85 25.09 4.93
C ILE E 79 -38.40 25.77 6.22
N VAL E 80 -37.11 26.11 6.31
CA VAL E 80 -36.59 26.76 7.50
C VAL E 80 -37.34 28.08 7.71
N ARG E 81 -37.79 28.30 8.95
CA ARG E 81 -38.55 29.49 9.28
C ARG E 81 -37.62 30.66 9.52
N ILE E 82 -37.97 31.80 8.96
CA ILE E 82 -37.31 33.06 9.28
C ILE E 82 -38.08 33.71 10.43
N VAL E 83 -37.35 34.25 11.39
CA VAL E 83 -37.93 34.75 12.64
C VAL E 83 -37.92 36.28 12.67
N ASP E 84 -36.74 36.88 12.64
CA ASP E 84 -36.59 38.32 12.67
C ASP E 84 -35.63 38.76 11.58
N VAL E 85 -35.94 39.87 10.94
CA VAL E 85 -35.10 40.45 9.89
C VAL E 85 -34.74 41.85 10.35
N TYR E 86 -33.59 41.98 11.01
CA TYR E 86 -33.10 43.27 11.48
C TYR E 86 -32.17 43.88 10.44
N GLU E 87 -32.19 45.21 10.35
CA GLU E 87 -31.26 45.96 9.51
C GLU E 87 -30.35 46.77 10.43
N ASN E 88 -29.10 46.35 10.54
CA ASN E 88 -28.13 46.96 11.44
C ASN E 88 -26.83 47.21 10.70
N LEU E 89 -25.90 47.86 11.37
CA LEU E 89 -24.58 48.17 10.82
C LEU E 89 -23.53 47.31 11.52
N TYR E 90 -22.72 46.63 10.73
CA TYR E 90 -21.64 45.78 11.25
C TYR E 90 -20.34 46.16 10.55
N ALA E 91 -19.36 46.62 11.33
CA ALA E 91 -18.05 47.01 10.80
C ALA E 91 -18.17 48.04 9.69
N GLY E 92 -19.09 48.98 9.86
CA GLY E 92 -19.30 50.01 8.86
C GLY E 92 -19.99 49.54 7.61
N ARG E 93 -20.78 48.48 7.70
CA ARG E 93 -21.50 47.93 6.56
C ARG E 93 -23.00 47.89 6.86
N LYS E 94 -23.80 48.29 5.87
CA LYS E 94 -25.25 48.17 5.98
C LYS E 94 -25.63 46.70 5.79
N CYS E 95 -25.88 46.01 6.90
CA CYS E 95 -26.16 44.59 6.88
C CYS E 95 -27.64 44.33 7.15
N LEU E 96 -28.09 43.16 6.69
CA LEU E 96 -29.46 42.67 6.92
C LEU E 96 -29.33 41.41 7.78
N LEU E 97 -29.30 41.59 9.10
CA LEU E 97 -29.18 40.46 10.00
C LEU E 97 -30.45 39.62 9.96
N ILE E 98 -30.27 38.31 9.84
CA ILE E 98 -31.37 37.38 9.61
C ILE E 98 -31.38 36.34 10.73
N VAL E 99 -32.51 36.22 11.41
CA VAL E 99 -32.70 35.20 12.44
C VAL E 99 -33.47 34.05 11.81
N MET E 100 -32.88 32.86 11.82
CA MET E 100 -33.47 31.69 11.20
C MET E 100 -33.63 30.57 12.21
N GLU E 101 -34.50 29.61 11.88
CA GLU E 101 -34.64 28.41 12.67
C GLU E 101 -33.38 27.56 12.53
N CYS E 102 -32.81 27.15 13.67
CA CYS E 102 -31.55 26.45 13.66
C CYS E 102 -31.75 24.99 13.25
N LEU E 103 -30.95 24.55 12.28
CA LEU E 103 -30.99 23.17 11.78
C LEU E 103 -29.66 22.51 12.11
N ASP E 104 -29.72 21.41 12.87
CA ASP E 104 -28.52 20.73 13.34
C ASP E 104 -28.40 19.29 12.86
N GLY E 105 -29.38 18.78 12.12
CA GLY E 105 -29.34 17.40 11.67
C GLY E 105 -28.32 17.11 10.58
N GLY E 106 -27.61 18.11 10.09
CA GLY E 106 -26.64 17.90 9.04
C GLY E 106 -27.29 17.74 7.68
N GLU E 107 -26.47 17.39 6.71
CA GLU E 107 -26.95 17.21 5.34
C GLU E 107 -27.85 15.99 5.25
N LEU E 108 -28.72 16.00 4.23
CA LEU E 108 -29.61 14.87 4.01
C LEU E 108 -28.83 13.61 3.68
N PHE E 109 -27.76 13.74 2.89
CA PHE E 109 -26.95 12.59 2.53
C PHE E 109 -25.89 12.26 3.57
N SER E 110 -25.56 13.21 4.45
CA SER E 110 -24.71 12.89 5.59
C SER E 110 -25.40 11.93 6.56
N ARG E 111 -26.73 11.92 6.57
CA ARG E 111 -27.46 10.93 7.36
C ARG E 111 -27.35 9.54 6.74
N ILE E 112 -27.51 9.45 5.42
CA ILE E 112 -27.41 8.16 4.74
C ILE E 112 -25.99 7.61 4.85
N GLN E 113 -24.99 8.47 4.66
CA GLN E 113 -23.60 8.02 4.72
C GLN E 113 -23.21 7.59 6.12
N ASP E 114 -23.54 8.40 7.12
CA ASP E 114 -23.21 8.09 8.51
C ASP E 114 -24.25 7.11 9.04
N ARG E 115 -24.00 5.82 8.79
CA ARG E 115 -24.88 4.76 9.26
C ARG E 115 -24.04 3.52 9.54
N GLY E 116 -24.64 2.58 10.26
CA GLY E 116 -24.03 1.28 10.47
C GLY E 116 -24.47 0.29 9.42
N ASP E 117 -24.48 0.73 8.16
CA ASP E 117 -25.00 -0.04 7.04
C ASP E 117 -26.44 -0.47 7.30
N GLN E 118 -27.23 0.46 7.83
CA GLN E 118 -28.66 0.21 7.99
C GLN E 118 -29.33 0.12 6.63
N ALA E 119 -30.21 -0.87 6.47
CA ALA E 119 -30.87 -1.09 5.19
C ALA E 119 -31.73 0.10 4.82
N PHE E 120 -31.41 0.72 3.68
CA PHE E 120 -32.15 1.88 3.19
C PHE E 120 -33.23 1.39 2.23
N THR E 121 -34.49 1.50 2.64
CA THR E 121 -35.59 1.01 1.83
C THR E 121 -36.00 2.05 0.80
N GLU E 122 -36.94 1.65 -0.08
CA GLU E 122 -37.46 2.55 -1.09
C GLU E 122 -38.55 3.46 -0.53
N ARG E 123 -39.36 2.94 0.40
CA ARG E 123 -40.39 3.76 1.04
C ARG E 123 -39.77 4.93 1.78
N GLU E 124 -38.61 4.72 2.41
CA GLU E 124 -37.91 5.83 3.05
C GLU E 124 -37.45 6.86 2.02
N ALA E 125 -37.03 6.39 0.84
CA ALA E 125 -36.64 7.30 -0.23
C ALA E 125 -37.84 7.97 -0.89
N SER E 126 -39.02 7.37 -0.80
CA SER E 126 -40.21 7.97 -1.39
C SER E 126 -40.72 9.13 -0.55
N GLU E 127 -40.85 8.91 0.76
CA GLU E 127 -41.30 10.00 1.64
C GLU E 127 -40.28 11.13 1.69
N ILE E 128 -38.99 10.82 1.57
CA ILE E 128 -37.98 11.87 1.46
C ILE E 128 -38.26 12.74 0.24
N MET E 129 -38.69 12.12 -0.85
CA MET E 129 -39.10 12.87 -2.03
C MET E 129 -40.48 13.50 -1.84
N LYS E 130 -41.37 12.83 -1.10
CA LYS E 130 -42.70 13.38 -0.85
C LYS E 130 -42.62 14.66 -0.02
N SER E 131 -41.69 14.72 0.93
CA SER E 131 -41.54 15.91 1.75
C SER E 131 -41.01 17.08 0.95
N ILE E 132 -40.03 16.83 0.07
CA ILE E 132 -39.49 17.91 -0.76
C ILE E 132 -40.53 18.39 -1.76
N GLY E 133 -41.41 17.50 -2.21
CA GLY E 133 -42.44 17.92 -3.15
C GLY E 133 -43.41 18.92 -2.57
N GLU E 134 -43.74 18.77 -1.29
CA GLU E 134 -44.64 19.72 -0.64
C GLU E 134 -44.02 21.11 -0.55
N ALA E 135 -42.70 21.20 -0.45
CA ALA E 135 -42.04 22.49 -0.42
C ALA E 135 -42.04 23.13 -1.80
N ILE E 136 -41.74 22.36 -2.85
CA ILE E 136 -41.76 22.90 -4.20
C ILE E 136 -43.18 23.24 -4.62
N GLN E 137 -44.16 22.46 -4.17
CA GLN E 137 -45.56 22.76 -4.49
C GLN E 137 -46.00 24.07 -3.85
N TYR E 138 -45.47 24.39 -2.68
CA TYR E 138 -45.84 25.65 -2.02
C TYR E 138 -45.22 26.84 -2.72
N LEU E 139 -44.00 26.69 -3.23
CA LEU E 139 -43.33 27.81 -3.89
C LEU E 139 -43.97 28.10 -5.25
N HIS E 140 -44.20 27.06 -6.06
CA HIS E 140 -44.76 27.26 -7.39
C HIS E 140 -46.23 27.68 -7.34
N SER E 141 -46.93 27.41 -6.25
CA SER E 141 -48.31 27.84 -6.14
C SER E 141 -48.42 29.35 -5.95
N ILE E 142 -47.40 29.97 -5.38
CA ILE E 142 -47.37 31.42 -5.19
C ILE E 142 -46.41 32.09 -6.16
N ASN E 143 -46.03 31.39 -7.23
CA ASN E 143 -45.18 31.94 -8.30
C ASN E 143 -43.81 32.38 -7.77
N ILE E 144 -43.25 31.57 -6.86
CA ILE E 144 -41.90 31.76 -6.36
C ILE E 144 -41.07 30.56 -6.80
N ALA E 145 -39.92 30.83 -7.41
CA ALA E 145 -39.13 29.79 -8.06
C ALA E 145 -37.76 29.69 -7.40
N HIS E 146 -37.53 28.60 -6.67
CA HIS E 146 -36.20 28.27 -6.20
C HIS E 146 -35.36 27.73 -7.34
N ARG E 147 -34.06 28.06 -7.34
CA ARG E 147 -33.21 27.63 -8.45
C ARG E 147 -31.86 27.11 -7.99
N ASP E 148 -31.75 26.62 -6.74
CA ASP E 148 -30.49 26.11 -6.22
C ASP E 148 -30.70 24.86 -5.38
N VAL E 149 -31.68 24.04 -5.73
CA VAL E 149 -32.00 22.86 -4.94
C VAL E 149 -30.92 21.81 -5.17
N LYS E 150 -30.09 21.58 -4.16
CA LYS E 150 -29.04 20.57 -4.22
C LYS E 150 -28.79 20.05 -2.81
N PRO E 151 -28.13 18.90 -2.66
CA PRO E 151 -28.01 18.27 -1.34
C PRO E 151 -27.52 19.19 -0.23
N GLU E 152 -26.63 20.14 -0.51
CA GLU E 152 -26.13 21.00 0.55
C GLU E 152 -27.18 21.99 1.05
N ASN E 153 -28.31 22.12 0.37
CA ASN E 153 -29.43 22.92 0.83
C ASN E 153 -30.54 22.07 1.43
N LEU E 154 -30.24 20.82 1.78
CA LEU E 154 -31.20 19.89 2.37
C LEU E 154 -30.66 19.47 3.73
N LEU E 155 -31.23 20.05 4.80
CA LEU E 155 -30.76 19.83 6.15
C LEU E 155 -31.88 19.26 7.01
N TYR E 156 -31.52 18.33 7.89
CA TYR E 156 -32.43 17.85 8.93
C TYR E 156 -32.37 18.78 10.14
N THR E 157 -33.43 18.74 10.95
CA THR E 157 -33.49 19.62 12.11
C THR E 157 -32.58 19.14 13.23
N SER E 158 -32.61 17.84 13.52
CA SER E 158 -31.83 17.29 14.62
C SER E 158 -31.26 15.94 14.23
N LYS E 159 -30.34 15.43 15.05
CA LYS E 159 -29.78 14.11 14.83
C LYS E 159 -30.78 13.00 15.13
N ARG E 160 -31.83 13.30 15.89
CA ARG E 160 -32.84 12.30 16.19
C ARG E 160 -33.66 11.97 14.95
N PRO E 161 -34.15 10.73 14.83
CA PRO E 161 -34.94 10.36 13.65
C PRO E 161 -36.27 11.10 13.54
N ASN E 162 -36.69 11.81 14.59
CA ASN E 162 -37.90 12.61 14.54
C ASN E 162 -37.71 13.92 13.78
N ALA E 163 -36.55 14.12 13.16
CA ALA E 163 -36.23 15.38 12.50
C ALA E 163 -37.08 15.56 11.24
N ILE E 164 -37.12 16.81 10.78
CA ILE E 164 -37.89 17.20 9.60
C ILE E 164 -36.91 17.78 8.58
N LEU E 165 -37.02 17.31 7.34
CA LEU E 165 -36.15 17.80 6.26
C LEU E 165 -36.67 19.14 5.75
N LYS E 166 -35.79 20.15 5.75
CA LYS E 166 -36.16 21.50 5.35
C LYS E 166 -35.19 21.99 4.26
N LEU E 167 -35.59 23.08 3.60
CA LEU E 167 -34.85 23.64 2.48
C LEU E 167 -34.49 25.10 2.78
N THR E 168 -33.27 25.48 2.40
CA THR E 168 -32.74 26.82 2.69
C THR E 168 -32.23 27.50 1.42
N ASP E 169 -31.50 28.61 1.60
CA ASP E 169 -30.72 29.25 0.54
C ASP E 169 -31.61 29.72 -0.62
N PHE E 170 -32.43 30.73 -0.32
CA PHE E 170 -33.22 31.41 -1.33
C PHE E 170 -32.42 32.46 -2.11
N GLY E 171 -31.09 32.36 -2.11
CA GLY E 171 -30.28 33.34 -2.81
C GLY E 171 -30.53 33.39 -4.30
N PHE E 172 -30.67 32.23 -4.93
CA PHE E 172 -30.95 32.15 -6.35
C PHE E 172 -32.45 32.11 -6.65
N ALA E 173 -33.29 32.28 -5.64
CA ALA E 173 -34.73 32.26 -5.83
C ALA E 173 -35.21 33.58 -6.43
N LYS E 174 -36.33 33.51 -7.14
CA LYS E 174 -36.92 34.68 -7.78
C LYS E 174 -38.39 34.42 -8.04
N GLU E 175 -39.12 35.51 -8.29
CA GLU E 175 -40.52 35.40 -8.68
C GLU E 175 -40.62 35.13 -10.18
N THR E 176 -41.75 34.53 -10.57
CA THR E 176 -41.98 34.19 -11.96
C THR E 176 -43.46 34.32 -12.27
N THR E 177 -43.80 34.17 -13.54
CA THR E 177 -45.17 34.22 -14.00
C THR E 177 -45.69 32.79 -14.23
N SER E 178 -46.97 32.58 -13.92
CA SER E 178 -47.59 31.30 -14.18
C SER E 178 -47.67 31.06 -15.68
N HIS E 179 -47.44 29.81 -16.10
CA HIS E 179 -47.42 29.46 -17.51
C HIS E 179 -48.33 28.26 -17.74
N ASN E 180 -49.14 28.35 -18.79
CA ASN E 180 -50.01 27.25 -19.21
C ASN E 180 -49.28 26.40 -20.24
N SER E 181 -50.02 25.53 -20.93
CA SER E 181 -49.42 24.68 -21.95
C SER E 181 -48.94 25.51 -23.13
N LEU E 182 -47.73 25.19 -23.61
CA LEU E 182 -47.15 25.83 -24.78
C LEU E 182 -47.41 25.05 -26.06
N THR E 183 -47.35 23.71 -25.99
CA THR E 183 -47.76 22.82 -27.08
C THR E 183 -46.96 23.08 -28.36
N THR E 184 -45.67 22.80 -28.27
CA THR E 184 -44.86 22.69 -29.48
C THR E 184 -45.44 21.58 -30.34
N PRO E 185 -45.91 21.88 -31.55
CA PRO E 185 -46.68 20.89 -32.31
C PRO E 185 -45.85 19.68 -32.69
N CYS E 186 -46.56 18.65 -33.17
CA CYS E 186 -45.93 17.42 -33.62
C CYS E 186 -45.60 17.44 -35.11
N TYR E 187 -46.42 18.11 -35.91
CA TYR E 187 -46.18 18.22 -37.35
C TYR E 187 -45.49 19.55 -37.65
N THR E 188 -44.23 19.64 -37.23
CA THR E 188 -43.49 20.86 -37.50
C THR E 188 -42.71 20.73 -38.81
N PRO E 189 -42.60 21.81 -39.58
CA PRO E 189 -41.82 21.74 -40.82
C PRO E 189 -40.34 21.51 -40.53
N TYR E 190 -39.59 21.25 -41.60
CA TYR E 190 -38.19 20.89 -41.46
C TYR E 190 -37.29 22.07 -41.11
N TYR E 191 -37.70 23.30 -41.42
CA TYR E 191 -36.86 24.45 -41.15
C TYR E 191 -36.81 24.76 -39.66
N VAL E 192 -35.70 25.33 -39.23
CA VAL E 192 -35.49 25.75 -37.84
C VAL E 192 -35.31 27.26 -37.86
N ALA E 193 -36.41 28.00 -37.68
CA ALA E 193 -36.42 29.44 -37.70
C ALA E 193 -36.49 30.00 -36.28
N PRO E 194 -35.88 31.16 -36.02
CA PRO E 194 -35.96 31.76 -34.68
C PRO E 194 -37.36 32.28 -34.40
N GLU E 195 -37.99 31.77 -33.35
CA GLU E 195 -39.36 32.15 -33.08
C GLU E 195 -39.50 33.30 -32.08
N VAL E 196 -39.12 33.05 -30.82
CA VAL E 196 -39.30 34.00 -29.72
C VAL E 196 -38.29 33.68 -28.64
N LEU E 197 -38.19 34.59 -27.65
CA LEU E 197 -37.40 34.37 -26.45
C LEU E 197 -38.27 34.65 -25.24
N GLY E 198 -38.46 33.63 -24.39
CA GLY E 198 -39.35 33.70 -23.26
C GLY E 198 -38.71 33.35 -21.92
N PRO E 199 -37.50 33.91 -21.63
CA PRO E 199 -36.63 33.33 -20.58
C PRO E 199 -37.31 32.82 -19.31
N GLU E 200 -38.43 33.44 -18.93
CA GLU E 200 -39.10 33.07 -17.68
C GLU E 200 -39.58 31.63 -17.66
N LYS E 201 -39.58 30.93 -18.80
CA LYS E 201 -40.00 29.54 -18.82
C LYS E 201 -39.01 28.62 -18.12
N TYR E 202 -37.76 29.07 -17.94
CA TYR E 202 -36.75 28.23 -17.31
C TYR E 202 -36.91 28.15 -15.80
N ASP E 203 -37.50 29.18 -15.19
CA ASP E 203 -37.48 29.32 -13.73
C ASP E 203 -38.12 28.12 -13.04
N LYS E 204 -39.38 27.83 -13.37
CA LYS E 204 -40.07 26.73 -12.72
C LYS E 204 -39.49 25.38 -13.12
N SER E 205 -39.03 25.24 -14.36
CA SER E 205 -38.48 23.96 -14.82
C SER E 205 -37.16 23.62 -14.15
N CYS E 206 -36.43 24.63 -13.65
CA CYS E 206 -35.18 24.35 -12.95
C CYS E 206 -35.43 23.61 -11.64
N ASP E 207 -36.58 23.83 -11.02
CA ASP E 207 -36.93 23.09 -9.81
C ASP E 207 -37.17 21.61 -10.12
N MET E 208 -37.84 21.33 -11.25
CA MET E 208 -38.17 19.94 -11.58
C MET E 208 -36.93 19.14 -11.93
N TRP E 209 -35.96 19.76 -12.60
CA TRP E 209 -34.71 19.07 -12.90
C TRP E 209 -33.93 18.74 -11.64
N SER E 210 -33.99 19.63 -10.64
CA SER E 210 -33.33 19.36 -9.36
C SER E 210 -34.00 18.21 -8.63
N LEU E 211 -35.31 18.03 -8.81
CA LEU E 211 -36.00 16.92 -8.18
C LEU E 211 -35.50 15.58 -8.72
N GLY E 212 -35.30 15.49 -10.03
CA GLY E 212 -34.89 14.23 -10.62
C GLY E 212 -33.49 13.82 -10.22
N VAL E 213 -32.57 14.79 -10.13
CA VAL E 213 -31.19 14.48 -9.79
C VAL E 213 -31.09 13.95 -8.36
N ILE E 214 -31.78 14.63 -7.42
CA ILE E 214 -31.81 14.13 -6.06
C ILE E 214 -32.52 12.79 -5.99
N MET E 215 -33.63 12.66 -6.73
CA MET E 215 -34.33 11.37 -6.80
C MET E 215 -33.45 10.29 -7.42
N TYR E 216 -32.57 10.68 -8.35
CA TYR E 216 -31.68 9.70 -8.97
C TYR E 216 -30.58 9.28 -7.99
N ILE E 217 -29.97 10.24 -7.30
CA ILE E 217 -28.90 9.93 -6.37
C ILE E 217 -29.43 9.18 -5.15
N LEU E 218 -30.65 9.49 -4.73
CA LEU E 218 -31.24 8.80 -3.58
C LEU E 218 -31.42 7.31 -3.81
N LEU E 219 -31.55 6.90 -5.08
CA LEU E 219 -31.83 5.50 -5.38
C LEU E 219 -30.58 4.66 -5.60
N CYS E 220 -29.50 5.25 -6.13
CA CYS E 220 -28.27 4.53 -6.34
C CYS E 220 -27.09 5.13 -5.57
N GLY E 221 -26.89 6.43 -5.66
CA GLY E 221 -25.78 7.09 -4.99
C GLY E 221 -24.80 7.80 -5.90
N TYR E 222 -25.02 7.82 -7.21
CA TYR E 222 -24.14 8.52 -8.14
C TYR E 222 -24.98 9.40 -9.06
N PRO E 223 -24.43 10.53 -9.49
CA PRO E 223 -25.20 11.45 -10.33
C PRO E 223 -25.22 10.97 -11.78
N PRO E 224 -26.27 11.27 -12.54
CA PRO E 224 -26.38 10.87 -13.94
C PRO E 224 -25.57 11.74 -14.89
N PHE E 225 -24.30 11.97 -14.56
CA PHE E 225 -23.41 12.77 -15.39
C PHE E 225 -22.22 11.97 -15.90
N TYR E 226 -21.48 11.30 -15.01
CA TYR E 226 -20.28 10.55 -15.36
C TYR E 226 -19.30 11.42 -16.14
N SER E 227 -18.95 12.55 -15.55
CA SER E 227 -18.05 13.53 -16.15
C SER E 227 -18.49 13.94 -17.55
N GLN E 245 -26.71 0.74 -24.48
CA GLN E 245 -26.76 2.16 -24.19
C GLN E 245 -27.97 2.51 -23.32
N TYR E 246 -28.30 1.58 -22.42
CA TYR E 246 -29.36 1.81 -21.46
C TYR E 246 -29.09 3.05 -20.61
N GLU E 247 -27.88 3.12 -20.04
CA GLU E 247 -27.48 4.24 -19.17
C GLU E 247 -28.45 4.43 -18.01
N PHE E 248 -28.93 3.30 -17.47
CA PHE E 248 -29.70 3.27 -16.23
C PHE E 248 -29.13 2.13 -15.40
N PRO E 249 -27.86 2.28 -14.94
CA PRO E 249 -27.03 1.12 -14.62
C PRO E 249 -27.71 -0.02 -13.86
N ASN E 250 -27.75 -1.18 -14.50
CA ASN E 250 -28.46 -2.33 -13.93
C ASN E 250 -27.89 -2.86 -12.62
N PRO E 251 -26.58 -2.84 -12.35
CA PRO E 251 -26.09 -3.39 -11.07
C PRO E 251 -26.78 -2.85 -9.83
N GLU E 252 -27.20 -1.59 -9.83
CA GLU E 252 -27.88 -1.02 -8.68
C GLU E 252 -29.29 -0.50 -8.97
N TRP E 253 -29.72 -0.50 -10.23
CA TRP E 253 -31.06 -0.05 -10.59
C TRP E 253 -31.99 -1.19 -10.96
N SER E 254 -31.55 -2.44 -10.85
CA SER E 254 -32.39 -3.56 -11.24
C SER E 254 -33.60 -3.72 -10.33
N GLU E 255 -33.48 -3.31 -9.07
CA GLU E 255 -34.55 -3.44 -8.10
C GLU E 255 -35.55 -2.29 -8.14
N VAL E 256 -35.36 -1.33 -9.05
CA VAL E 256 -36.23 -0.15 -9.15
C VAL E 256 -37.25 -0.39 -10.26
N SER E 257 -38.50 -0.02 -9.99
CA SER E 257 -39.56 -0.20 -10.97
C SER E 257 -39.34 0.71 -12.17
N GLU E 258 -39.72 0.20 -13.35
CA GLU E 258 -39.55 0.97 -14.58
C GLU E 258 -40.48 2.18 -14.64
N GLU E 259 -41.58 2.17 -13.88
CA GLU E 259 -42.43 3.35 -13.82
C GLU E 259 -41.74 4.51 -13.11
N VAL E 260 -40.90 4.20 -12.13
CA VAL E 260 -40.05 5.24 -11.52
C VAL E 260 -39.01 5.71 -12.52
N LYS E 261 -38.51 4.79 -13.36
CA LYS E 261 -37.54 5.17 -14.38
C LYS E 261 -38.14 6.15 -15.38
N MET E 262 -39.42 5.96 -15.74
CA MET E 262 -40.10 6.92 -16.59
C MET E 262 -40.44 8.20 -15.84
N LEU E 263 -40.56 8.14 -14.51
CA LEU E 263 -40.78 9.35 -13.72
C LEU E 263 -39.53 10.23 -13.73
N ILE E 264 -38.36 9.64 -13.50
CA ILE E 264 -37.13 10.41 -13.54
C ILE E 264 -36.86 10.92 -14.94
N ARG E 265 -37.26 10.17 -15.97
CA ARG E 265 -37.15 10.65 -17.34
C ARG E 265 -37.95 11.93 -17.54
N ASN E 266 -39.17 11.97 -17.00
CA ASN E 266 -39.98 13.18 -17.10
C ASN E 266 -39.31 14.35 -16.38
N LEU E 267 -38.65 14.08 -15.26
CA LEU E 267 -37.96 15.14 -14.53
C LEU E 267 -36.65 15.52 -15.21
N LEU E 268 -35.93 14.55 -15.76
CA LEU E 268 -34.69 14.82 -16.49
C LEU E 268 -34.93 15.07 -17.98
N LYS E 269 -36.17 15.37 -18.36
CA LYS E 269 -36.45 15.76 -19.74
C LYS E 269 -35.65 17.00 -20.11
N THR E 270 -34.86 16.91 -21.18
CA THR E 270 -33.98 18.01 -21.55
C THR E 270 -34.74 19.25 -22.00
N GLU E 271 -36.03 19.12 -22.33
CA GLU E 271 -36.82 20.26 -22.75
C GLU E 271 -37.54 20.86 -21.55
N PRO E 272 -37.33 22.15 -21.24
CA PRO E 272 -38.02 22.73 -20.08
C PRO E 272 -39.52 22.81 -20.24
N THR E 273 -40.01 23.12 -21.45
CA THR E 273 -41.45 23.26 -21.64
C THR E 273 -42.16 21.91 -21.54
N GLN E 274 -41.57 20.86 -22.10
CA GLN E 274 -42.17 19.53 -22.04
C GLN E 274 -41.85 18.80 -20.75
N ARG E 275 -41.04 19.39 -19.86
CA ARG E 275 -40.72 18.75 -18.59
C ARG E 275 -41.96 18.66 -17.71
N MET E 276 -41.98 17.64 -16.85
CA MET E 276 -43.12 17.42 -15.97
C MET E 276 -43.29 18.59 -15.01
N THR E 277 -44.55 18.89 -14.70
CA THR E 277 -44.89 19.99 -13.80
C THR E 277 -44.93 19.51 -12.36
N ILE E 278 -44.90 20.48 -11.44
CA ILE E 278 -44.95 20.15 -10.02
C ILE E 278 -46.35 19.70 -9.62
N THR E 279 -47.38 20.16 -10.33
CA THR E 279 -48.74 19.73 -10.02
C THR E 279 -48.95 18.28 -10.43
N GLU E 280 -48.40 17.86 -11.58
CA GLU E 280 -48.50 16.47 -11.99
C GLU E 280 -47.60 15.56 -11.15
N PHE E 281 -46.51 16.10 -10.62
CA PHE E 281 -45.59 15.30 -9.83
C PHE E 281 -46.25 14.80 -8.55
N MET E 282 -47.13 15.60 -7.95
CA MET E 282 -47.82 15.20 -6.74
C MET E 282 -48.94 14.21 -6.99
N ASN E 283 -49.33 13.99 -8.24
CA ASN E 283 -50.43 13.10 -8.59
C ASN E 283 -49.97 11.72 -9.04
N HIS E 284 -48.66 11.50 -9.17
CA HIS E 284 -48.17 10.20 -9.60
C HIS E 284 -48.37 9.18 -8.48
N PRO E 285 -48.75 7.94 -8.82
CA PRO E 285 -49.00 6.94 -7.77
C PRO E 285 -47.78 6.66 -6.90
N TRP E 286 -46.57 6.78 -7.44
CA TRP E 286 -45.37 6.58 -6.63
C TRP E 286 -45.12 7.74 -5.68
N ILE E 287 -45.71 8.91 -5.95
CA ILE E 287 -45.57 10.07 -5.09
C ILE E 287 -46.84 10.32 -4.29
N MET E 288 -48.01 10.24 -4.92
CA MET E 288 -49.26 10.41 -4.20
C MET E 288 -49.44 9.33 -3.15
N GLN E 289 -49.29 8.07 -3.56
CA GLN E 289 -49.33 6.94 -2.63
C GLN E 289 -47.92 6.59 -2.14
N SER E 290 -47.22 7.58 -1.59
CA SER E 290 -45.85 7.37 -1.12
C SER E 290 -45.79 6.46 0.09
N THR E 291 -46.90 6.30 0.82
CA THR E 291 -46.88 5.45 2.02
C THR E 291 -46.96 3.98 1.66
N LYS E 292 -47.79 3.62 0.69
CA LYS E 292 -47.88 2.23 0.23
C LYS E 292 -46.91 1.96 -0.91
N VAL E 293 -45.64 2.33 -0.70
CA VAL E 293 -44.58 2.12 -1.67
C VAL E 293 -43.85 0.83 -1.30
N PRO E 294 -43.50 -0.02 -2.27
CA PRO E 294 -42.81 -1.28 -1.94
C PRO E 294 -41.54 -1.04 -1.13
N GLN E 295 -41.23 -2.02 -0.28
CA GLN E 295 -40.10 -1.94 0.65
C GLN E 295 -38.83 -2.57 0.09
N THR E 296 -38.63 -2.50 -1.22
CA THR E 296 -37.46 -3.11 -1.82
C THR E 296 -36.19 -2.42 -1.32
N PRO E 297 -35.12 -3.17 -1.06
CA PRO E 297 -33.90 -2.56 -0.55
C PRO E 297 -33.14 -1.81 -1.65
N LEU E 298 -32.20 -0.97 -1.20
CA LEU E 298 -31.41 -0.15 -2.09
C LEU E 298 -29.93 -0.39 -1.82
N HIS E 299 -29.10 0.03 -2.77
CA HIS E 299 -27.65 -0.08 -2.70
C HIS E 299 -26.98 1.26 -2.39
N THR E 300 -27.76 2.25 -1.94
CA THR E 300 -27.25 3.61 -1.82
C THR E 300 -26.33 3.77 -0.62
N SER E 301 -26.69 3.21 0.54
CA SER E 301 -25.96 3.47 1.77
C SER E 301 -24.48 3.11 1.65
N ARG E 302 -24.15 2.09 0.86
CA ARG E 302 -22.75 1.74 0.66
C ARG E 302 -22.10 2.51 -0.48
N VAL E 303 -22.87 2.91 -1.48
CA VAL E 303 -22.31 3.70 -2.58
C VAL E 303 -21.87 5.07 -2.08
N LEU E 304 -22.68 5.71 -1.24
CA LEU E 304 -22.25 6.94 -0.60
C LEU E 304 -21.14 6.68 0.41
N LYS E 305 -21.01 5.44 0.89
CA LYS E 305 -19.88 5.05 1.73
C LYS E 305 -18.65 4.65 0.93
N GLU E 306 -18.77 4.55 -0.41
CA GLU E 306 -17.63 4.14 -1.22
C GLU E 306 -16.52 5.18 -1.17
N ASP E 307 -16.88 6.47 -1.10
CA ASP E 307 -15.89 7.53 -1.07
C ASP E 307 -16.54 8.83 -0.61
N LYS E 308 -15.91 9.49 0.36
CA LYS E 308 -16.31 10.84 0.72
C LYS E 308 -15.86 11.84 -0.35
N GLU E 309 -14.67 11.63 -0.92
CA GLU E 309 -14.10 12.60 -1.84
C GLU E 309 -14.90 12.68 -3.14
N ARG E 310 -15.35 11.54 -3.66
CA ARG E 310 -16.15 11.55 -4.87
C ARG E 310 -17.51 12.21 -4.64
N TRP E 311 -18.06 12.08 -3.43
CA TRP E 311 -19.31 12.75 -3.12
C TRP E 311 -19.14 14.28 -3.07
N GLU E 312 -17.98 14.75 -2.62
CA GLU E 312 -17.73 16.19 -2.60
C GLU E 312 -17.71 16.77 -4.01
N ASP E 313 -17.21 16.00 -4.98
CA ASP E 313 -17.23 16.45 -6.38
C ASP E 313 -18.61 16.37 -7.00
N VAL E 314 -19.51 15.55 -6.44
CA VAL E 314 -20.88 15.50 -6.95
C VAL E 314 -21.57 16.85 -6.74
N LYS E 315 -21.35 17.46 -5.57
CA LYS E 315 -21.90 18.79 -5.32
C LYS E 315 -21.26 19.84 -6.21
N GLU E 316 -20.03 19.60 -6.66
CA GLU E 316 -19.37 20.54 -7.57
C GLU E 316 -19.98 20.46 -8.97
N GLU E 317 -20.23 19.25 -9.46
CA GLU E 317 -20.78 19.10 -10.80
C GLU E 317 -22.25 19.51 -10.86
N MET E 318 -23.00 19.27 -9.79
CA MET E 318 -24.42 19.64 -9.77
C MET E 318 -24.59 21.15 -9.78
N THR E 319 -23.71 21.87 -9.08
CA THR E 319 -23.80 23.33 -9.06
C THR E 319 -23.51 23.91 -10.43
N SER E 320 -22.52 23.36 -11.14
CA SER E 320 -22.22 23.85 -12.48
C SER E 320 -23.34 23.54 -13.46
N ALA E 321 -24.04 22.41 -13.27
CA ALA E 321 -25.15 22.08 -14.15
C ALA E 321 -26.35 22.99 -13.90
N LEU E 322 -26.68 23.24 -12.64
CA LEU E 322 -27.81 24.10 -12.32
C LEU E 322 -27.55 25.55 -12.74
N ALA E 323 -26.29 25.97 -12.73
CA ALA E 323 -25.97 27.34 -13.12
C ALA E 323 -26.30 27.61 -14.58
N THR E 324 -26.22 26.59 -15.44
CA THR E 324 -26.55 26.74 -16.84
C THR E 324 -28.02 26.51 -17.12
N MET E 325 -28.70 25.70 -16.30
CA MET E 325 -30.11 25.42 -16.52
C MET E 325 -31.02 26.55 -16.05
N ARG E 326 -30.52 27.46 -15.23
CA ARG E 326 -31.25 28.65 -14.81
C ARG E 326 -30.69 29.86 -15.51
N VAL E 327 -31.48 30.92 -15.54
CA VAL E 327 -31.11 32.16 -16.21
C VAL E 327 -30.48 33.11 -15.19
N ASP E 328 -29.27 33.58 -15.49
CA ASP E 328 -28.60 34.58 -14.66
C ASP E 328 -29.01 35.95 -15.19
N TYR E 329 -30.09 36.49 -14.62
CA TYR E 329 -30.62 37.77 -15.06
C TYR E 329 -29.68 38.94 -14.72
N GLU E 330 -28.65 38.71 -13.91
CA GLU E 330 -27.74 39.78 -13.55
C GLU E 330 -26.65 40.01 -14.59
N GLN E 331 -26.48 39.08 -15.52
CA GLN E 331 -25.53 39.28 -16.60
C GLN E 331 -26.05 40.35 -17.56
N ILE E 332 -25.14 41.10 -18.14
CA ILE E 332 -25.47 42.27 -18.95
C ILE E 332 -26.13 41.85 -20.27
N LYS E 333 -26.73 42.80 -20.97
CA LYS E 333 -27.28 42.62 -22.31
C LYS E 333 -26.36 43.23 -23.35
N ILE E 334 -26.14 42.52 -24.45
CA ILE E 334 -25.19 42.97 -25.46
C ILE E 334 -25.73 44.23 -26.16
N LYS E 335 -24.98 45.32 -26.08
CA LYS E 335 -25.30 46.51 -26.85
C LYS E 335 -25.07 46.25 -28.34
N LYS E 336 -25.87 46.92 -29.17
CA LYS E 336 -25.73 46.76 -30.61
C LYS E 336 -24.39 47.30 -31.09
N ILE E 337 -23.94 46.77 -32.24
CA ILE E 337 -22.60 47.06 -32.72
C ILE E 337 -22.43 48.54 -33.04
N GLU E 338 -23.50 49.22 -33.48
CA GLU E 338 -23.41 50.62 -33.86
C GLU E 338 -23.08 51.53 -32.68
N ASP E 339 -23.08 51.03 -31.45
CA ASP E 339 -22.77 51.83 -30.28
C ASP E 339 -21.62 51.28 -29.43
N ALA E 340 -21.26 50.01 -29.60
CA ALA E 340 -20.19 49.42 -28.81
C ALA E 340 -18.82 49.82 -29.38
N SER E 341 -17.79 49.68 -28.54
CA SER E 341 -16.43 50.00 -28.94
C SER E 341 -15.47 49.32 -27.99
N ASN E 342 -14.35 48.84 -28.53
CA ASN E 342 -13.32 48.17 -27.76
C ASN E 342 -12.03 48.15 -28.59
N PRO E 343 -10.88 47.88 -27.97
CA PRO E 343 -9.63 47.83 -28.75
C PRO E 343 -9.67 46.90 -29.94
N LEU E 344 -10.39 45.77 -29.84
CA LEU E 344 -10.49 44.87 -30.99
C LEU E 344 -11.48 45.36 -32.02
N LEU E 345 -12.57 46.01 -31.59
CA LEU E 345 -13.56 46.51 -32.54
C LEU E 345 -13.02 47.70 -33.32
N LEU E 346 -12.42 48.66 -32.62
CA LEU E 346 -11.92 49.86 -33.28
C LEU E 346 -10.69 49.59 -34.14
N LYS E 347 -9.93 48.52 -33.83
CA LYS E 347 -8.76 48.19 -34.63
C LYS E 347 -9.16 47.83 -36.06
N ARG E 348 -10.11 46.91 -36.21
CA ARG E 348 -10.53 46.50 -37.54
C ARG E 348 -11.44 47.53 -38.20
N ARG E 349 -12.27 48.21 -37.41
CA ARG E 349 -13.17 49.22 -37.97
C ARG E 349 -12.38 50.40 -38.55
N LYS E 350 -11.19 50.67 -38.01
CA LYS E 350 -10.33 51.69 -38.60
C LYS E 350 -9.83 51.26 -39.97
N LYS E 351 -9.47 49.99 -40.11
CA LYS E 351 -8.93 49.50 -41.39
C LYS E 351 -9.99 49.54 -42.48
N ALA E 352 -11.19 49.05 -42.20
CA ALA E 352 -12.23 48.99 -43.22
C ALA E 352 -12.73 50.39 -43.59
N ARG E 353 -12.79 51.30 -42.61
CA ARG E 353 -13.35 52.63 -42.89
C ARG E 353 -12.34 53.54 -43.57
N ALA E 354 -11.08 53.54 -43.11
CA ALA E 354 -10.10 54.48 -43.65
C ALA E 354 -9.64 54.07 -45.05
N LEU E 355 -9.59 52.77 -45.34
CA LEU E 355 -9.13 52.33 -46.64
C LEU E 355 -10.11 52.72 -47.75
N GLU E 356 -11.40 52.76 -47.44
CA GLU E 356 -12.43 53.10 -48.42
C GLU E 356 -12.17 54.47 -49.07
N PRO F 10 4.25 41.46 0.21
CA PRO F 10 2.80 41.63 0.11
C PRO F 10 2.03 40.85 1.18
N THR F 11 1.42 41.57 2.11
CA THR F 11 0.67 40.94 3.19
C THR F 11 -0.77 40.68 2.76
N PHE F 12 -1.40 39.73 3.45
CA PHE F 12 -2.75 39.30 3.15
C PHE F 12 -3.67 39.62 4.31
N TYR F 13 -4.97 39.40 4.09
CA TYR F 13 -5.98 39.57 5.12
C TYR F 13 -7.08 38.56 4.90
N ARG F 14 -7.56 37.96 5.99
CA ARG F 14 -8.54 36.88 5.88
C ARG F 14 -9.94 37.43 5.78
N GLN F 15 -10.81 36.67 5.13
CA GLN F 15 -12.20 37.07 4.90
C GLN F 15 -13.03 35.82 4.64
N GLU F 16 -14.22 35.76 5.24
CA GLU F 16 -15.11 34.62 5.07
C GLU F 16 -15.98 34.82 3.84
N LEU F 17 -15.81 33.96 2.84
CA LEU F 17 -16.56 34.03 1.60
C LEU F 17 -16.68 32.65 0.98
N ASN F 18 -17.84 32.36 0.40
CA ASN F 18 -18.08 31.12 -0.34
C ASN F 18 -17.79 29.89 0.54
N LYS F 19 -18.33 29.90 1.75
CA LYS F 19 -18.24 28.82 2.72
C LYS F 19 -16.79 28.51 3.12
N THR F 20 -15.84 29.35 2.76
CA THR F 20 -14.44 29.15 3.08
C THR F 20 -13.85 30.46 3.61
N ILE F 21 -12.61 30.38 4.08
CA ILE F 21 -11.87 31.53 4.61
C ILE F 21 -10.87 31.97 3.54
N TRP F 22 -11.15 33.10 2.90
CA TRP F 22 -10.28 33.63 1.86
C TRP F 22 -9.26 34.58 2.47
N GLU F 23 -8.01 34.44 2.05
CA GLU F 23 -6.93 35.34 2.45
C GLU F 23 -6.19 35.77 1.18
N VAL F 24 -6.50 36.97 0.70
CA VAL F 24 -5.93 37.50 -0.53
C VAL F 24 -5.03 38.68 -0.19
N PRO F 25 -4.12 39.09 -1.07
CA PRO F 25 -3.26 40.24 -0.77
C PRO F 25 -4.07 41.51 -0.59
N GLU F 26 -3.39 42.53 -0.03
CA GLU F 26 -4.04 43.81 0.25
C GLU F 26 -4.42 44.57 -1.02
N ARG F 27 -3.80 44.25 -2.16
CA ARG F 27 -4.08 44.97 -3.40
C ARG F 27 -5.50 44.71 -3.92
N TYR F 28 -6.13 43.62 -3.51
CA TYR F 28 -7.46 43.27 -3.96
C TYR F 28 -8.48 43.65 -2.90
N GLN F 29 -9.37 44.57 -3.23
CA GLN F 29 -10.38 45.08 -2.31
C GLN F 29 -11.77 44.84 -2.88
N ASN F 30 -12.77 44.98 -2.01
CA ASN F 30 -14.18 44.85 -2.37
C ASN F 30 -14.48 43.46 -2.92
N LEU F 31 -14.12 42.43 -2.15
CA LEU F 31 -14.37 41.05 -2.54
C LEU F 31 -15.87 40.77 -2.49
N SER F 32 -16.47 40.57 -3.66
CA SER F 32 -17.90 40.28 -3.76
C SER F 32 -18.10 38.98 -4.51
N PRO F 33 -18.65 37.94 -3.88
CA PRO F 33 -18.85 36.67 -4.59
C PRO F 33 -19.95 36.80 -5.64
N VAL F 34 -19.76 36.08 -6.74
CA VAL F 34 -20.68 36.13 -7.87
C VAL F 34 -20.68 34.79 -8.58
N GLY F 35 -21.82 34.42 -9.13
CA GLY F 35 -21.93 33.21 -9.92
C GLY F 35 -22.19 31.97 -9.08
N SER F 36 -21.91 30.82 -9.69
CA SER F 36 -22.11 29.54 -9.04
C SER F 36 -21.15 29.36 -7.87
N SER F 41 -15.64 28.74 -6.86
CA SER F 41 -15.44 29.81 -5.89
C SER F 41 -14.81 31.03 -6.54
N VAL F 42 -15.65 31.87 -7.14
CA VAL F 42 -15.19 33.07 -7.83
C VAL F 42 -15.73 34.30 -7.10
N CYS F 43 -14.94 35.37 -7.11
CA CYS F 43 -15.31 36.62 -6.45
C CYS F 43 -14.97 37.79 -7.35
N ALA F 44 -15.89 38.76 -7.42
CA ALA F 44 -15.67 39.99 -8.17
C ALA F 44 -15.10 41.05 -7.23
N ALA F 45 -14.00 41.67 -7.63
CA ALA F 45 -13.30 42.62 -6.77
C ALA F 45 -12.69 43.72 -7.62
N PHE F 46 -11.83 44.53 -6.99
CA PHE F 46 -11.16 45.64 -7.65
C PHE F 46 -9.67 45.55 -7.34
N ASP F 47 -8.84 45.66 -8.37
CA ASP F 47 -7.39 45.57 -8.21
C ASP F 47 -6.81 46.98 -8.22
N THR F 48 -6.16 47.35 -7.12
CA THR F 48 -5.58 48.69 -7.02
C THR F 48 -4.23 48.79 -7.74
N LYS F 49 -3.50 47.68 -7.86
CA LYS F 49 -2.21 47.71 -8.53
C LYS F 49 -2.37 47.95 -10.03
N THR F 50 -3.42 47.39 -10.64
CA THR F 50 -3.68 47.56 -12.06
C THR F 50 -4.64 48.70 -12.36
N GLY F 51 -5.67 48.88 -11.54
CA GLY F 51 -6.58 49.99 -11.70
C GLY F 51 -7.90 49.67 -12.37
N LEU F 52 -8.15 48.41 -12.71
CA LEU F 52 -9.39 48.02 -13.37
C LEU F 52 -10.02 46.85 -12.61
N ARG F 53 -11.25 46.53 -13.00
CA ARG F 53 -12.00 45.47 -12.34
C ARG F 53 -11.46 44.10 -12.77
N VAL F 54 -11.22 43.24 -11.79
CA VAL F 54 -10.70 41.90 -12.04
C VAL F 54 -11.61 40.88 -11.35
N ALA F 55 -11.41 39.61 -11.69
CA ALA F 55 -12.16 38.51 -11.12
C ALA F 55 -11.18 37.50 -10.53
N VAL F 56 -11.40 37.12 -9.28
CA VAL F 56 -10.51 36.21 -8.55
C VAL F 56 -11.28 34.94 -8.24
N LYS F 57 -10.69 33.80 -8.58
CA LYS F 57 -11.27 32.49 -8.32
C LYS F 57 -10.35 31.68 -7.43
N LYS F 58 -10.88 31.21 -6.31
CA LYS F 58 -10.14 30.34 -5.40
C LYS F 58 -10.39 28.88 -5.79
N LEU F 59 -9.32 28.19 -6.18
CA LEU F 59 -9.43 26.79 -6.55
C LEU F 59 -9.78 25.97 -5.32
N SER F 60 -11.02 25.49 -5.25
CA SER F 60 -11.49 24.71 -4.11
C SER F 60 -10.94 23.30 -4.19
N ARG F 61 -10.09 22.93 -3.23
CA ARG F 61 -9.52 21.59 -3.12
C ARG F 61 -8.75 21.21 -4.38
N PRO F 62 -7.61 21.84 -4.65
CA PRO F 62 -6.85 21.47 -5.86
C PRO F 62 -6.00 20.23 -5.70
N PHE F 63 -5.69 19.82 -4.46
CA PHE F 63 -4.85 18.66 -4.20
C PHE F 63 -5.57 17.76 -3.20
N GLN F 64 -6.40 16.86 -3.72
CA GLN F 64 -7.10 15.87 -2.89
C GLN F 64 -6.71 14.44 -3.22
N SER F 65 -6.41 14.13 -4.48
CA SER F 65 -5.95 12.81 -4.88
C SER F 65 -4.91 12.99 -5.99
N ILE F 66 -4.43 11.86 -6.52
CA ILE F 66 -3.52 11.92 -7.67
C ILE F 66 -4.22 12.54 -8.87
N ILE F 67 -5.52 12.27 -9.02
CA ILE F 67 -6.28 12.84 -10.13
C ILE F 67 -6.42 14.35 -9.96
N HIS F 68 -6.67 14.80 -8.73
CA HIS F 68 -6.80 16.23 -8.49
C HIS F 68 -5.45 16.94 -8.61
N ALA F 69 -4.39 16.30 -8.13
CA ALA F 69 -3.08 16.97 -8.10
C ALA F 69 -2.49 17.11 -9.50
N LYS F 70 -2.59 16.05 -10.31
CA LYS F 70 -2.01 16.11 -11.65
C LYS F 70 -2.79 17.06 -12.55
N ARG F 71 -4.12 17.08 -12.43
CA ARG F 71 -4.93 17.96 -13.27
C ARG F 71 -4.76 19.42 -12.90
N THR F 72 -4.42 19.70 -11.63
CA THR F 72 -4.17 21.08 -11.23
C THR F 72 -2.87 21.60 -11.81
N TYR F 73 -1.83 20.75 -11.85
CA TYR F 73 -0.56 21.14 -12.45
C TYR F 73 -0.70 21.39 -13.95
N ARG F 74 -1.64 20.73 -14.60
CA ARG F 74 -1.82 20.89 -16.04
C ARG F 74 -2.59 22.17 -16.37
N GLU F 75 -3.65 22.46 -15.60
CA GLU F 75 -4.49 23.62 -15.90
C GLU F 75 -3.76 24.93 -15.62
N LEU F 76 -2.90 24.96 -14.60
CA LEU F 76 -2.21 26.19 -14.26
C LEU F 76 -1.27 26.62 -15.39
N ARG F 77 -0.45 25.68 -15.88
CA ARG F 77 0.52 26.02 -16.91
C ARG F 77 -0.13 26.29 -18.26
N LEU F 78 -1.36 25.81 -18.48
CA LEU F 78 -2.07 26.17 -19.70
C LEU F 78 -2.51 27.62 -19.67
N LEU F 79 -3.01 28.09 -18.54
CA LEU F 79 -3.44 29.48 -18.41
C LEU F 79 -2.25 30.45 -18.40
N LYS F 80 -1.04 29.97 -18.12
CA LYS F 80 0.14 30.82 -18.11
C LYS F 80 0.68 31.09 -19.50
N HIS F 81 0.38 30.23 -20.48
CA HIS F 81 0.88 30.37 -21.83
C HIS F 81 -0.19 30.87 -22.79
N MET F 82 -1.17 31.61 -22.29
CA MET F 82 -2.29 32.11 -23.10
C MET F 82 -2.25 33.64 -23.09
N LYS F 83 -1.59 34.23 -24.09
CA LYS F 83 -1.47 35.68 -24.24
C LYS F 83 -2.19 36.06 -25.54
N HIS F 84 -3.47 36.38 -25.43
CA HIS F 84 -4.27 36.72 -26.59
C HIS F 84 -5.51 37.44 -26.10
N GLU F 85 -6.20 38.06 -27.04
CA GLU F 85 -7.39 38.84 -26.74
C GLU F 85 -8.63 38.00 -26.73
N ASN F 86 -8.69 37.00 -27.56
CA ASN F 86 -9.86 36.18 -27.58
C ASN F 86 -9.58 34.84 -26.91
N VAL F 87 -8.40 34.69 -26.20
CA VAL F 87 -8.15 33.51 -25.35
C VAL F 87 -7.94 34.03 -23.91
N ILE F 88 -8.47 33.30 -22.93
CA ILE F 88 -8.39 33.70 -21.53
C ILE F 88 -6.97 34.05 -21.12
N GLY F 89 -6.86 35.04 -20.21
CA GLY F 89 -5.59 35.52 -19.72
C GLY F 89 -5.38 35.68 -18.21
N LEU F 90 -4.43 34.92 -17.66
CA LEU F 90 -4.17 34.93 -16.23
C LEU F 90 -3.50 36.23 -15.80
N LEU F 91 -4.18 37.01 -14.96
CA LEU F 91 -3.62 38.26 -14.47
C LEU F 91 -2.69 38.04 -13.28
N ASP F 92 -3.07 37.14 -12.37
CA ASP F 92 -2.23 36.85 -11.22
C ASP F 92 -2.66 35.51 -10.63
N VAL F 93 -1.67 34.80 -10.09
CA VAL F 93 -1.89 33.57 -9.34
C VAL F 93 -0.97 33.58 -8.13
N PHE F 94 -1.54 33.42 -6.94
CA PHE F 94 -0.79 33.57 -5.70
C PHE F 94 -1.22 32.46 -4.74
N THR F 95 -0.69 32.53 -3.51
CA THR F 95 -1.07 31.64 -2.43
C THR F 95 -0.68 32.30 -1.13
N PRO F 96 -1.49 32.20 -0.08
CA PRO F 96 -1.09 32.76 1.23
C PRO F 96 0.05 32.01 1.89
N ALA F 97 0.52 30.91 1.29
CA ALA F 97 1.59 30.13 1.88
C ALA F 97 2.92 30.85 1.74
N ARG F 98 3.65 30.96 2.86
CA ARG F 98 4.99 31.52 2.85
C ARG F 98 6.05 30.50 2.46
N SER F 99 5.65 29.25 2.22
CA SER F 99 6.58 28.19 1.83
C SER F 99 5.77 27.05 1.24
N LEU F 100 6.47 26.03 0.75
CA LEU F 100 5.79 24.85 0.20
C LEU F 100 5.09 24.05 1.28
N GLU F 101 5.59 24.10 2.52
CA GLU F 101 4.98 23.35 3.61
C GLU F 101 3.59 23.87 3.96
N GLU F 102 3.28 25.12 3.64
CA GLU F 102 1.97 25.69 3.89
C GLU F 102 1.08 25.74 2.66
N PHE F 103 1.56 25.21 1.53
CA PHE F 103 0.82 25.28 0.27
C PHE F 103 -0.44 24.42 0.37
N ASN F 104 -1.59 25.06 0.46
CA ASN F 104 -2.86 24.35 0.55
C ASN F 104 -3.90 24.82 -0.46
N ASP F 105 -3.93 26.13 -0.77
CA ASP F 105 -4.94 26.69 -1.65
C ASP F 105 -4.27 27.56 -2.71
N VAL F 106 -4.94 27.66 -3.86
CA VAL F 106 -4.45 28.43 -5.00
C VAL F 106 -5.56 29.39 -5.45
N TYR F 107 -5.17 30.60 -5.82
CA TYR F 107 -6.09 31.61 -6.34
C TYR F 107 -5.67 32.00 -7.75
N LEU F 108 -6.66 32.38 -8.56
CA LEU F 108 -6.43 32.80 -9.93
C LEU F 108 -7.15 34.12 -10.19
N VAL F 109 -6.46 35.07 -10.81
CA VAL F 109 -7.01 36.39 -11.11
C VAL F 109 -7.09 36.54 -12.61
N THR F 110 -8.24 37.03 -13.09
CA THR F 110 -8.49 37.20 -14.52
C THR F 110 -9.38 38.42 -14.72
N HIS F 111 -9.47 38.87 -15.97
CA HIS F 111 -10.33 39.98 -16.32
C HIS F 111 -11.78 39.70 -15.92
N LEU F 112 -12.49 40.75 -15.54
CA LEU F 112 -13.89 40.64 -15.18
C LEU F 112 -14.75 40.85 -16.41
N MET F 113 -15.62 39.88 -16.69
CA MET F 113 -16.47 39.91 -17.87
C MET F 113 -17.90 40.31 -17.49
N GLY F 114 -18.79 40.30 -18.48
CA GLY F 114 -20.14 40.75 -18.25
C GLY F 114 -21.22 39.68 -18.36
N ALA F 115 -21.02 38.71 -19.24
CA ALA F 115 -22.03 37.69 -19.47
C ALA F 115 -21.39 36.53 -20.23
N ASP F 116 -22.16 35.46 -20.39
CA ASP F 116 -21.77 34.31 -21.18
C ASP F 116 -22.80 34.07 -22.27
N LEU F 117 -22.38 33.46 -23.39
CA LEU F 117 -23.27 33.32 -24.52
C LEU F 117 -24.44 32.37 -24.25
N ASN F 118 -24.31 31.48 -23.27
CA ASN F 118 -25.44 30.59 -22.95
C ASN F 118 -26.60 31.39 -22.37
N ASN F 119 -26.30 32.35 -21.50
CA ASN F 119 -27.35 33.17 -20.90
C ASN F 119 -27.85 34.25 -21.85
N ILE F 120 -26.99 34.72 -22.75
CA ILE F 120 -27.41 35.75 -23.71
C ILE F 120 -28.42 35.18 -24.70
N VAL F 121 -28.20 33.94 -25.14
CA VAL F 121 -29.08 33.33 -26.13
C VAL F 121 -30.49 33.19 -25.58
N LYS F 122 -30.62 32.88 -24.29
CA LYS F 122 -31.94 32.69 -23.69
C LYS F 122 -32.70 34.00 -23.52
N CYS F 123 -32.03 35.14 -23.55
CA CYS F 123 -32.66 36.42 -23.27
C CYS F 123 -32.59 37.42 -24.41
N GLN F 124 -31.66 37.25 -25.36
CA GLN F 124 -31.43 38.25 -26.40
C GLN F 124 -31.42 37.58 -27.76
N LYS F 125 -32.25 38.10 -28.67
CA LYS F 125 -32.26 37.64 -30.06
C LYS F 125 -31.22 38.45 -30.81
N LEU F 126 -30.01 37.91 -30.88
CA LEU F 126 -28.89 38.63 -31.49
C LEU F 126 -29.14 38.84 -32.98
N THR F 127 -28.58 39.94 -33.49
CA THR F 127 -28.70 40.27 -34.90
C THR F 127 -27.64 39.50 -35.70
N ASP F 128 -27.71 39.65 -37.04
CA ASP F 128 -26.73 39.00 -37.88
C ASP F 128 -25.33 39.60 -37.69
N ASP F 129 -25.26 40.91 -37.42
CA ASP F 129 -23.96 41.54 -37.20
C ASP F 129 -23.34 41.11 -35.89
N HIS F 130 -24.16 40.74 -34.91
CA HIS F 130 -23.63 40.17 -33.67
C HIS F 130 -22.87 38.88 -33.96
N VAL F 131 -23.48 37.97 -34.73
CA VAL F 131 -22.85 36.71 -35.04
C VAL F 131 -21.62 36.91 -35.93
N GLN F 132 -21.61 37.97 -36.73
CA GLN F 132 -20.45 38.26 -37.56
C GLN F 132 -19.20 38.48 -36.71
N PHE F 133 -19.32 39.30 -35.66
CA PHE F 133 -18.19 39.63 -34.83
C PHE F 133 -17.94 38.60 -33.73
N LEU F 134 -19.00 38.02 -33.16
CA LEU F 134 -18.82 37.01 -32.12
C LEU F 134 -18.07 35.79 -32.65
N ILE F 135 -18.53 35.25 -33.79
CA ILE F 135 -17.88 34.08 -34.36
C ILE F 135 -16.49 34.45 -34.88
N TYR F 136 -16.29 35.69 -35.30
CA TYR F 136 -14.95 36.14 -35.67
C TYR F 136 -13.99 35.98 -34.50
N GLN F 137 -14.46 36.27 -33.29
CA GLN F 137 -13.60 36.15 -32.12
C GLN F 137 -13.41 34.70 -31.67
N ILE F 138 -14.44 33.87 -31.84
CA ILE F 138 -14.33 32.47 -31.45
C ILE F 138 -13.29 31.76 -32.32
N LEU F 139 -13.31 32.03 -33.63
CA LEU F 139 -12.35 31.42 -34.54
C LEU F 139 -10.99 32.07 -34.44
N ARG F 140 -10.93 33.36 -34.11
CA ARG F 140 -9.64 34.02 -33.93
C ARG F 140 -8.94 33.50 -32.68
N GLY F 141 -9.71 33.21 -31.62
CA GLY F 141 -9.12 32.62 -30.43
C GLY F 141 -8.71 31.17 -30.66
N LEU F 142 -9.49 30.44 -31.46
CA LEU F 142 -9.14 29.06 -31.78
C LEU F 142 -7.87 29.00 -32.64
N LYS F 143 -7.71 29.97 -33.55
CA LYS F 143 -6.49 30.02 -34.36
C LYS F 143 -5.27 30.19 -33.49
N TYR F 144 -5.39 30.99 -32.42
CA TYR F 144 -4.28 31.12 -31.46
C TYR F 144 -4.09 29.86 -30.66
N ILE F 145 -5.19 29.20 -30.29
CA ILE F 145 -5.11 27.96 -29.52
C ILE F 145 -4.43 26.87 -30.33
N HIS F 146 -5.05 26.46 -31.43
CA HIS F 146 -4.49 25.39 -32.25
C HIS F 146 -3.11 25.73 -32.80
N SER F 147 -2.66 26.98 -32.66
CA SER F 147 -1.30 27.34 -33.04
C SER F 147 -0.28 26.61 -32.20
N ALA F 148 -0.63 26.25 -30.97
CA ALA F 148 0.20 25.37 -30.15
C ALA F 148 -0.16 23.91 -30.32
N ASP F 149 -0.99 23.59 -31.31
CA ASP F 149 -1.51 22.24 -31.52
C ASP F 149 -2.10 21.70 -30.21
N ILE F 150 -2.96 22.51 -29.61
CA ILE F 150 -3.59 22.26 -28.33
C ILE F 150 -5.09 22.20 -28.57
N ILE F 151 -5.77 21.22 -27.96
CA ILE F 151 -7.20 21.03 -28.19
C ILE F 151 -7.95 21.38 -26.92
N HIS F 152 -8.83 22.37 -27.01
CA HIS F 152 -9.72 22.68 -25.90
C HIS F 152 -10.69 21.52 -25.65
N ARG F 153 -11.25 20.96 -26.72
CA ARG F 153 -12.18 19.83 -26.72
C ARG F 153 -13.51 20.12 -26.03
N ASP F 154 -13.79 21.36 -25.59
CA ASP F 154 -15.05 21.57 -24.89
C ASP F 154 -15.67 22.95 -25.16
N LEU F 155 -15.54 23.50 -26.37
CA LEU F 155 -16.11 24.81 -26.61
C LEU F 155 -17.63 24.75 -26.53
N LYS F 156 -18.22 25.70 -25.81
CA LYS F 156 -19.65 25.74 -25.59
C LYS F 156 -20.05 27.15 -25.19
N PRO F 157 -21.35 27.48 -25.25
CA PRO F 157 -21.78 28.82 -24.84
C PRO F 157 -21.39 29.19 -23.43
N SER F 158 -21.38 28.23 -22.50
CA SER F 158 -21.05 28.52 -21.12
C SER F 158 -19.60 28.95 -20.93
N ASN F 159 -18.71 28.60 -21.85
CA ASN F 159 -17.33 29.02 -21.77
C ASN F 159 -17.03 30.21 -22.67
N LEU F 160 -18.07 30.90 -23.13
CA LEU F 160 -17.94 32.07 -23.98
C LEU F 160 -18.30 33.28 -23.13
N ALA F 161 -17.30 34.07 -22.76
CA ALA F 161 -17.48 35.21 -21.86
C ALA F 161 -17.58 36.50 -22.67
N VAL F 162 -18.67 37.23 -22.51
CA VAL F 162 -18.99 38.40 -23.33
C VAL F 162 -19.28 39.58 -22.43
N ASN F 163 -18.66 40.73 -22.73
CA ASN F 163 -19.04 41.98 -22.10
C ASN F 163 -20.05 42.73 -22.98
N GLU F 164 -20.62 43.79 -22.44
CA GLU F 164 -21.60 44.57 -23.20
C GLU F 164 -21.00 45.12 -24.46
N ASP F 165 -19.70 45.44 -24.43
CA ASP F 165 -18.96 45.98 -25.55
C ASP F 165 -18.61 44.93 -26.60
N CYS F 166 -18.95 43.66 -26.34
CA CYS F 166 -18.70 42.47 -27.17
C CYS F 166 -17.25 42.00 -27.10
N GLU F 167 -16.37 42.63 -26.35
CA GLU F 167 -15.04 42.07 -26.17
C GLU F 167 -15.17 40.66 -25.57
N LEU F 168 -14.62 39.64 -26.24
CA LEU F 168 -14.84 38.27 -25.78
C LEU F 168 -13.57 37.43 -25.72
N LYS F 169 -13.48 36.59 -24.70
CA LYS F 169 -12.37 35.65 -24.52
C LYS F 169 -12.96 34.29 -24.17
N ILE F 170 -12.41 33.22 -24.76
CA ILE F 170 -12.84 31.91 -24.33
C ILE F 170 -11.99 31.52 -23.12
N LEU F 171 -12.43 30.49 -22.40
CA LEU F 171 -11.87 30.17 -21.10
C LEU F 171 -12.13 28.69 -20.79
N ASP F 172 -11.98 28.35 -19.50
CA ASP F 172 -12.30 27.03 -18.94
C ASP F 172 -11.50 25.94 -19.65
N PHE F 173 -10.19 26.01 -19.48
CA PHE F 173 -9.29 24.97 -19.99
C PHE F 173 -9.05 23.91 -18.90
N GLY F 174 -10.15 23.30 -18.45
CA GLY F 174 -10.01 22.18 -17.53
C GLY F 174 -9.27 21.03 -18.16
N LEU F 175 -9.53 20.78 -19.44
CA LEU F 175 -8.95 19.69 -20.21
C LEU F 175 -8.36 20.24 -21.51
N ALA F 176 -7.17 19.75 -21.87
CA ALA F 176 -6.43 20.21 -23.04
C ALA F 176 -5.18 19.35 -23.21
N ARG F 177 -4.77 19.18 -24.47
CA ARG F 177 -3.62 18.32 -24.77
C ARG F 177 -3.14 18.55 -26.19
N HIS F 178 -1.95 18.02 -26.46
CA HIS F 178 -1.44 17.90 -27.83
C HIS F 178 -2.37 17.03 -28.65
N THR F 179 -2.46 17.33 -29.95
CA THR F 179 -3.27 16.55 -30.87
C THR F 179 -2.44 15.34 -31.29
N ASP F 180 -2.25 14.42 -30.34
CA ASP F 180 -1.51 13.19 -30.57
C ASP F 180 -2.47 12.03 -30.78
N ASP F 181 -1.90 10.88 -31.17
CA ASP F 181 -2.71 9.68 -31.37
C ASP F 181 -3.38 9.27 -30.07
N GLU F 182 -2.64 9.32 -28.97
CA GLU F 182 -3.25 9.08 -27.66
C GLU F 182 -4.27 10.18 -27.38
N MET F 183 -5.41 9.77 -26.84
CA MET F 183 -6.59 10.61 -26.76
C MET F 183 -7.46 10.15 -25.60
N TPO F 184 -8.45 10.93 -25.24
CA TPO F 184 -9.32 10.54 -24.13
CB TPO F 184 -9.16 11.51 -22.98
CG2 TPO F 184 -9.87 10.97 -21.73
OG1 TPO F 184 -7.76 11.54 -22.76
P TPO F 184 -7.27 12.54 -21.59
O1P TPO F 184 -8.06 13.79 -21.58
O2P TPO F 184 -7.40 11.80 -20.16
O3P TPO F 184 -5.71 12.87 -21.85
C TPO F 184 -10.77 10.42 -24.61
O TPO F 184 -11.19 11.09 -25.55
N GLY F 185 -11.52 9.51 -23.98
CA GLY F 185 -12.88 9.21 -24.36
C GLY F 185 -13.94 10.00 -23.60
N PTR F 186 -15.07 10.23 -24.28
CA PTR F 186 -16.17 11.05 -23.76
C PTR F 186 -15.69 12.43 -23.34
O PTR F 186 -15.38 12.67 -22.17
CB PTR F 186 -16.89 10.38 -22.59
CG PTR F 186 -18.30 10.87 -22.33
CD1 PTR F 186 -19.35 9.99 -22.17
CD2 PTR F 186 -18.58 12.24 -22.28
CE1 PTR F 186 -20.65 10.44 -21.94
CE2 PTR F 186 -19.87 12.69 -22.07
CZ PTR F 186 -20.90 11.80 -21.90
OH PTR F 186 -22.10 12.23 -21.68
P PTR F 186 -23.25 12.17 -22.81
O1P PTR F 186 -23.04 13.28 -23.86
O2P PTR F 186 -24.56 12.38 -22.14
O3P PTR F 186 -23.26 10.79 -23.50
N VAL F 187 -15.65 13.34 -24.30
CA VAL F 187 -15.44 14.76 -24.04
C VAL F 187 -16.58 15.50 -24.75
N ALA F 188 -16.64 16.83 -24.65
CA ALA F 188 -17.52 17.61 -25.52
C ALA F 188 -19.01 17.31 -25.38
N THR F 189 -19.68 17.95 -24.41
CA THR F 189 -21.12 17.79 -24.16
C THR F 189 -21.94 17.55 -25.42
N ARG F 190 -22.98 16.71 -25.31
CA ARG F 190 -23.53 16.01 -26.47
C ARG F 190 -24.05 16.97 -27.55
N TRP F 191 -24.76 18.03 -27.15
CA TRP F 191 -25.33 18.93 -28.17
C TRP F 191 -24.24 19.55 -29.02
N TYR F 192 -23.16 20.00 -28.40
CA TYR F 192 -22.01 20.58 -29.09
C TYR F 192 -20.96 19.53 -29.40
N ARG F 193 -21.27 18.26 -29.17
CA ARG F 193 -20.36 17.18 -29.55
C ARG F 193 -20.24 17.06 -31.06
N ALA F 194 -19.00 16.92 -31.52
CA ALA F 194 -18.70 16.54 -32.89
C ALA F 194 -18.75 15.02 -32.99
N PRO F 195 -19.30 14.46 -34.08
CA PRO F 195 -19.30 12.99 -34.19
C PRO F 195 -17.88 12.46 -34.13
N GLU F 196 -17.54 11.88 -32.99
CA GLU F 196 -16.28 11.19 -32.78
C GLU F 196 -16.44 9.89 -32.02
N ILE F 197 -17.58 9.67 -31.37
CA ILE F 197 -17.95 8.32 -30.92
C ILE F 197 -18.26 7.42 -32.11
N MET F 198 -18.62 8.01 -33.25
CA MET F 198 -18.86 7.25 -34.45
C MET F 198 -17.56 6.89 -35.14
N LEU F 199 -16.60 7.79 -35.13
CA LEU F 199 -15.26 7.51 -35.62
C LEU F 199 -14.43 6.87 -34.51
N ASN F 200 -13.13 6.79 -34.72
CA ASN F 200 -12.24 6.08 -33.79
C ASN F 200 -12.39 6.61 -32.37
N TRP F 201 -12.48 5.68 -31.41
CA TRP F 201 -12.66 6.05 -30.01
C TRP F 201 -11.48 6.87 -29.49
N MET F 202 -10.26 6.51 -29.89
CA MET F 202 -9.05 7.14 -29.40
C MET F 202 -8.22 7.73 -30.53
N HIS F 203 -8.87 8.43 -31.45
CA HIS F 203 -8.16 9.10 -32.54
C HIS F 203 -9.01 10.27 -33.01
N TYR F 204 -8.58 11.49 -32.69
CA TYR F 204 -9.23 12.71 -33.14
C TYR F 204 -8.25 13.59 -33.89
N ASN F 205 -8.78 14.65 -34.49
CA ASN F 205 -7.99 15.71 -35.11
C ASN F 205 -8.29 17.02 -34.39
N GLN F 206 -7.75 18.12 -34.92
CA GLN F 206 -7.99 19.42 -34.31
C GLN F 206 -9.41 19.90 -34.58
N THR F 207 -10.00 19.47 -35.70
CA THR F 207 -11.30 19.97 -36.12
C THR F 207 -12.43 19.60 -35.16
N VAL F 208 -12.17 18.76 -34.17
CA VAL F 208 -13.18 18.47 -33.16
C VAL F 208 -13.60 19.75 -32.45
N ASP F 209 -12.64 20.63 -32.17
CA ASP F 209 -12.98 21.93 -31.60
C ASP F 209 -13.74 22.79 -32.59
N ILE F 210 -13.35 22.71 -33.88
CA ILE F 210 -13.95 23.58 -34.89
C ILE F 210 -15.43 23.24 -35.08
N TRP F 211 -15.79 21.96 -34.99
CA TRP F 211 -17.17 21.56 -35.24
C TRP F 211 -18.13 22.24 -34.29
N SER F 212 -17.79 22.29 -33.00
CA SER F 212 -18.69 22.87 -32.00
C SER F 212 -19.04 24.30 -32.34
N VAL F 213 -18.14 25.04 -32.99
CA VAL F 213 -18.41 26.42 -33.37
C VAL F 213 -19.63 26.49 -34.28
N GLY F 214 -19.74 25.55 -35.22
CA GLY F 214 -20.91 25.53 -36.10
C GLY F 214 -22.21 25.37 -35.34
N CYS F 215 -22.21 24.53 -34.31
CA CYS F 215 -23.41 24.38 -33.48
C CYS F 215 -23.64 25.64 -32.65
N ILE F 216 -22.57 26.23 -32.11
CA ILE F 216 -22.71 27.50 -31.41
C ILE F 216 -23.12 28.60 -32.39
N MET F 217 -22.68 28.51 -33.64
CA MET F 217 -23.08 29.49 -34.65
C MET F 217 -24.59 29.46 -34.85
N ALA F 218 -25.15 28.29 -35.15
CA ALA F 218 -26.57 28.19 -35.47
C ALA F 218 -27.45 28.50 -34.26
N GLU F 219 -26.93 28.30 -33.04
CA GLU F 219 -27.71 28.63 -31.86
C GLU F 219 -27.93 30.13 -31.74
N LEU F 220 -26.94 30.93 -32.13
CA LEU F 220 -27.12 32.37 -32.12
C LEU F 220 -28.14 32.82 -33.16
N LEU F 221 -28.09 32.21 -34.35
CA LEU F 221 -29.07 32.54 -35.38
C LEU F 221 -30.46 32.05 -34.99
N THR F 222 -30.57 30.79 -34.57
CA THR F 222 -31.87 30.20 -34.32
C THR F 222 -32.42 30.54 -32.94
N GLY F 223 -31.56 30.66 -31.94
CA GLY F 223 -32.02 30.77 -30.57
C GLY F 223 -32.39 29.45 -29.94
N ARG F 224 -32.33 28.35 -30.68
CA ARG F 224 -32.61 27.02 -30.18
C ARG F 224 -31.38 26.14 -30.37
N THR F 225 -31.24 25.15 -29.49
CA THR F 225 -30.13 24.21 -29.59
C THR F 225 -30.19 23.47 -30.92
N LEU F 226 -29.03 23.36 -31.58
CA LEU F 226 -29.00 22.80 -32.93
C LEU F 226 -29.26 21.30 -32.91
N PHE F 227 -28.49 20.56 -32.11
CA PHE F 227 -28.57 19.10 -32.09
C PHE F 227 -29.08 18.63 -30.73
N PRO F 228 -30.38 18.77 -30.44
CA PRO F 228 -30.91 18.49 -29.09
C PRO F 228 -31.10 16.99 -28.82
N GLY F 229 -29.98 16.28 -28.71
CA GLY F 229 -30.05 14.86 -28.42
C GLY F 229 -30.55 14.59 -27.01
N THR F 230 -31.36 13.54 -26.87
CA THR F 230 -31.86 13.16 -25.56
C THR F 230 -30.82 12.35 -24.78
N ASP F 231 -30.35 11.26 -25.37
CA ASP F 231 -29.29 10.45 -24.80
C ASP F 231 -28.10 10.42 -25.77
N HIS F 232 -27.10 9.60 -25.44
CA HIS F 232 -25.89 9.54 -26.25
C HIS F 232 -26.15 8.96 -27.63
N ILE F 233 -27.15 8.07 -27.75
CA ILE F 233 -27.44 7.46 -29.04
C ILE F 233 -28.25 8.40 -29.93
N ASP F 234 -29.27 9.05 -29.36
CA ASP F 234 -30.08 10.01 -30.11
C ASP F 234 -29.25 11.15 -30.67
N GLN F 235 -28.01 11.33 -30.21
CA GLN F 235 -27.10 12.30 -30.79
C GLN F 235 -26.86 12.01 -32.27
N LEU F 236 -26.63 10.74 -32.61
CA LEU F 236 -26.27 10.40 -33.98
C LEU F 236 -27.48 10.46 -34.91
N LYS F 237 -28.69 10.28 -34.38
CA LYS F 237 -29.88 10.38 -35.22
C LYS F 237 -30.10 11.82 -35.69
N LEU F 238 -29.81 12.80 -34.83
CA LEU F 238 -30.05 14.19 -35.18
C LEU F 238 -28.95 14.75 -36.08
N ILE F 239 -27.72 14.25 -35.94
CA ILE F 239 -26.63 14.75 -36.76
C ILE F 239 -26.77 14.23 -38.19
N LEU F 240 -26.90 12.91 -38.35
CA LEU F 240 -27.01 12.32 -39.68
C LEU F 240 -28.29 12.74 -40.40
N ARG F 241 -29.34 13.13 -39.67
CA ARG F 241 -30.56 13.59 -40.30
C ARG F 241 -30.37 14.91 -41.03
N LEU F 242 -29.37 15.70 -40.64
CA LEU F 242 -29.10 17.00 -41.26
C LEU F 242 -27.94 16.95 -42.24
N VAL F 243 -26.79 16.44 -41.82
CA VAL F 243 -25.61 16.42 -42.69
C VAL F 243 -25.56 15.21 -43.62
N GLY F 244 -26.49 14.28 -43.48
CA GLY F 244 -26.56 13.14 -44.35
C GLY F 244 -25.88 11.91 -43.76
N THR F 245 -26.29 10.74 -44.26
CA THR F 245 -25.72 9.48 -43.82
C THR F 245 -24.38 9.22 -44.49
N PRO F 246 -23.45 8.58 -43.81
CA PRO F 246 -22.13 8.32 -44.41
C PRO F 246 -22.20 7.20 -45.43
N GLY F 247 -21.16 7.14 -46.26
CA GLY F 247 -21.04 6.11 -47.28
C GLY F 247 -20.11 4.99 -46.87
N ALA F 248 -19.72 4.19 -47.86
CA ALA F 248 -18.79 3.09 -47.61
C ALA F 248 -17.40 3.60 -47.26
N GLU F 249 -17.02 4.77 -47.77
CA GLU F 249 -15.71 5.33 -47.45
C GLU F 249 -15.62 5.70 -45.98
N LEU F 250 -16.60 6.45 -45.48
CA LEU F 250 -16.60 6.82 -44.06
C LEU F 250 -16.79 5.58 -43.18
N LEU F 251 -17.47 4.55 -43.69
CA LEU F 251 -17.63 3.32 -42.94
C LEU F 251 -16.31 2.58 -42.75
N LYS F 252 -15.32 2.85 -43.60
CA LYS F 252 -14.02 2.20 -43.49
C LYS F 252 -13.10 2.87 -42.48
N LYS F 253 -13.51 4.01 -41.92
CA LYS F 253 -12.76 4.70 -40.88
C LYS F 253 -13.35 4.51 -39.49
N ILE F 254 -14.52 3.87 -39.38
CA ILE F 254 -15.15 3.64 -38.09
C ILE F 254 -14.40 2.55 -37.35
N SER F 255 -14.31 2.70 -36.02
CA SER F 255 -13.57 1.76 -35.19
C SER F 255 -14.45 0.61 -34.70
N SER F 256 -15.51 0.94 -33.96
CA SER F 256 -16.34 -0.08 -33.34
C SER F 256 -17.26 -0.75 -34.37
N GLU F 257 -17.34 -2.08 -34.29
CA GLU F 257 -18.20 -2.84 -35.19
C GLU F 257 -19.66 -2.73 -34.79
N SER F 258 -19.95 -2.75 -33.48
CA SER F 258 -21.33 -2.61 -33.03
C SER F 258 -21.88 -1.23 -33.34
N ALA F 259 -21.02 -0.23 -33.46
CA ALA F 259 -21.47 1.10 -33.85
C ALA F 259 -21.80 1.15 -35.33
N ARG F 260 -21.09 0.39 -36.16
CA ARG F 260 -21.36 0.37 -37.59
C ARG F 260 -22.74 -0.18 -37.90
N ASN F 261 -23.24 -1.10 -37.06
CA ASN F 261 -24.57 -1.66 -37.29
C ASN F 261 -25.67 -0.63 -37.06
N TYR F 262 -25.43 0.34 -36.18
CA TYR F 262 -26.46 1.32 -35.86
C TYR F 262 -26.73 2.25 -37.03
N ILE F 263 -25.68 2.71 -37.71
CA ILE F 263 -25.86 3.64 -38.82
C ILE F 263 -26.61 2.96 -39.96
N GLN F 264 -26.32 1.68 -40.20
CA GLN F 264 -27.01 0.94 -41.26
C GLN F 264 -28.48 0.72 -40.94
N SER F 265 -28.87 0.82 -39.67
CA SER F 265 -30.27 0.67 -39.28
C SER F 265 -31.10 1.91 -39.56
N LEU F 266 -30.47 3.05 -39.84
CA LEU F 266 -31.18 4.26 -40.18
C LEU F 266 -31.55 4.27 -41.66
N THR F 267 -32.70 4.89 -41.96
CA THR F 267 -33.12 5.06 -43.34
C THR F 267 -32.16 6.04 -44.02
N GLN F 268 -31.50 5.58 -45.09
CA GLN F 268 -30.46 6.37 -45.74
C GLN F 268 -31.03 7.64 -46.35
N MET F 269 -30.39 8.77 -46.04
CA MET F 269 -30.81 10.07 -46.52
C MET F 269 -29.59 10.99 -46.58
N PRO F 270 -29.37 11.69 -47.67
CA PRO F 270 -28.18 12.53 -47.82
C PRO F 270 -28.38 13.90 -47.17
N LYS F 271 -27.37 14.74 -47.34
CA LYS F 271 -27.43 16.10 -46.81
C LYS F 271 -28.44 16.93 -47.58
N MET F 272 -29.31 17.63 -46.86
CA MET F 272 -30.24 18.57 -47.46
C MET F 272 -29.60 19.95 -47.50
N ASN F 273 -30.11 20.78 -48.41
CA ASN F 273 -29.55 22.12 -48.59
C ASN F 273 -29.73 22.95 -47.33
N PHE F 274 -28.63 23.53 -46.85
CA PHE F 274 -28.68 24.31 -45.63
C PHE F 274 -29.56 25.55 -45.77
N ALA F 275 -29.80 26.00 -47.00
CA ALA F 275 -30.72 27.12 -47.21
C ALA F 275 -32.17 26.71 -46.97
N ASN F 276 -32.45 25.41 -46.92
CA ASN F 276 -33.80 24.92 -46.65
C ASN F 276 -34.10 24.78 -45.16
N VAL F 277 -33.11 25.02 -44.30
CA VAL F 277 -33.27 24.90 -42.86
C VAL F 277 -33.21 26.25 -42.17
N PHE F 278 -32.17 27.03 -42.47
CA PHE F 278 -31.97 28.35 -41.85
C PHE F 278 -32.78 29.38 -42.66
N ILE F 279 -34.01 29.61 -42.21
CA ILE F 279 -34.88 30.59 -42.87
C ILE F 279 -34.46 31.99 -42.46
N GLY F 280 -34.26 32.86 -43.45
CA GLY F 280 -33.88 34.23 -43.20
C GLY F 280 -32.46 34.46 -42.78
N ALA F 281 -31.63 33.42 -42.73
CA ALA F 281 -30.25 33.57 -42.31
C ALA F 281 -29.42 34.20 -43.42
N ASN F 282 -28.20 34.59 -43.06
CA ASN F 282 -27.30 35.22 -44.02
C ASN F 282 -26.82 34.17 -45.02
N PRO F 283 -26.96 34.42 -46.32
CA PRO F 283 -26.44 33.46 -47.32
C PRO F 283 -24.97 33.15 -47.15
N LEU F 284 -24.16 34.13 -46.74
CA LEU F 284 -22.74 33.85 -46.48
C LEU F 284 -22.57 32.99 -45.24
N ALA F 285 -23.43 33.14 -44.24
CA ALA F 285 -23.37 32.27 -43.07
C ALA F 285 -23.75 30.84 -43.44
N VAL F 286 -24.70 30.68 -44.35
CA VAL F 286 -25.05 29.34 -44.84
C VAL F 286 -23.87 28.74 -45.59
N ASP F 287 -23.21 29.54 -46.43
CA ASP F 287 -22.04 29.06 -47.15
C ASP F 287 -20.89 28.73 -46.20
N LEU F 288 -20.83 29.42 -45.05
CA LEU F 288 -19.81 29.12 -44.06
C LEU F 288 -20.18 27.88 -43.24
N LEU F 289 -21.45 27.78 -42.82
CA LEU F 289 -21.87 26.63 -42.02
C LEU F 289 -21.78 25.33 -42.81
N GLU F 290 -21.86 25.41 -44.14
CA GLU F 290 -21.68 24.20 -44.95
C GLU F 290 -20.26 23.68 -44.84
N LYS F 291 -19.28 24.55 -44.63
CA LYS F 291 -17.88 24.15 -44.55
C LYS F 291 -17.44 23.77 -43.15
N MET F 292 -18.22 24.09 -42.13
CA MET F 292 -17.88 23.77 -40.75
C MET F 292 -18.51 22.47 -40.27
N LEU F 293 -19.76 22.21 -40.64
CA LEU F 293 -20.45 20.98 -40.23
C LEU F 293 -20.27 19.88 -41.28
N VAL F 294 -19.02 19.54 -41.54
CA VAL F 294 -18.65 18.52 -42.51
C VAL F 294 -18.41 17.22 -41.76
N LEU F 295 -19.05 16.14 -42.22
CA LEU F 295 -18.87 14.84 -41.59
C LEU F 295 -17.44 14.33 -41.77
N ASP F 296 -16.92 14.42 -43.00
CA ASP F 296 -15.54 14.02 -43.25
C ASP F 296 -14.61 14.92 -42.46
N SER F 297 -13.98 14.35 -41.42
CA SER F 297 -13.18 15.16 -40.51
C SER F 297 -11.94 15.75 -41.18
N ASP F 298 -11.49 15.17 -42.29
CA ASP F 298 -10.39 15.77 -43.03
C ASP F 298 -10.87 16.99 -43.81
N LYS F 299 -12.06 16.92 -44.40
CA LYS F 299 -12.62 18.01 -45.19
C LYS F 299 -13.21 19.12 -44.34
N ARG F 300 -13.18 18.99 -43.01
CA ARG F 300 -13.70 20.05 -42.15
C ARG F 300 -12.77 21.25 -42.19
N ILE F 301 -13.37 22.45 -42.21
CA ILE F 301 -12.59 23.67 -42.38
C ILE F 301 -11.74 23.93 -41.14
N THR F 302 -10.60 24.57 -41.35
CA THR F 302 -9.69 24.91 -40.26
C THR F 302 -10.00 26.33 -39.77
N ALA F 303 -9.28 26.75 -38.72
CA ALA F 303 -9.52 28.08 -38.15
C ALA F 303 -8.97 29.18 -39.05
N ALA F 304 -7.81 28.96 -39.64
CA ALA F 304 -7.21 29.99 -40.50
C ALA F 304 -8.03 30.19 -41.77
N GLN F 305 -8.60 29.11 -42.31
CA GLN F 305 -9.41 29.24 -43.52
C GLN F 305 -10.73 29.93 -43.24
N ALA F 306 -11.31 29.71 -42.06
CA ALA F 306 -12.61 30.29 -41.75
C ALA F 306 -12.55 31.80 -41.69
N LEU F 307 -11.45 32.36 -41.17
CA LEU F 307 -11.31 33.81 -41.12
C LEU F 307 -11.14 34.42 -42.51
N ALA F 308 -10.66 33.64 -43.47
CA ALA F 308 -10.56 34.11 -44.85
C ALA F 308 -11.88 34.05 -45.61
N HIS F 309 -12.91 33.46 -45.02
CA HIS F 309 -14.21 33.39 -45.66
C HIS F 309 -14.84 34.77 -45.75
N ALA F 310 -15.76 34.92 -46.70
CA ALA F 310 -16.40 36.21 -46.96
C ALA F 310 -17.31 36.66 -45.82
N TYR F 311 -17.62 35.78 -44.86
CA TYR F 311 -18.51 36.18 -43.77
C TYR F 311 -17.84 37.19 -42.84
N PHE F 312 -16.52 37.17 -42.73
CA PHE F 312 -15.79 38.07 -41.86
C PHE F 312 -15.08 39.18 -42.63
N ALA F 313 -15.60 39.54 -43.81
CA ALA F 313 -15.02 40.62 -44.59
C ALA F 313 -15.08 41.95 -43.87
N GLN F 314 -16.00 42.09 -42.89
CA GLN F 314 -16.09 43.31 -42.11
C GLN F 314 -14.98 43.44 -41.07
N TYR F 315 -14.37 42.32 -40.66
CA TYR F 315 -13.38 42.34 -39.60
C TYR F 315 -12.09 41.60 -39.93
N HIS F 316 -11.95 41.08 -41.15
CA HIS F 316 -10.77 40.28 -41.47
C HIS F 316 -9.53 41.14 -41.56
N ASP F 317 -8.48 40.75 -40.85
CA ASP F 317 -7.19 41.43 -40.90
C ASP F 317 -6.12 40.39 -40.60
N PRO F 318 -5.39 39.92 -41.62
CA PRO F 318 -4.41 38.84 -41.41
C PRO F 318 -3.19 39.26 -40.60
N ASP F 319 -2.95 40.55 -40.41
CA ASP F 319 -1.78 41.02 -39.67
C ASP F 319 -2.02 41.11 -38.17
N ASP F 320 -3.26 40.93 -37.70
CA ASP F 320 -3.57 40.96 -36.28
C ASP F 320 -4.38 39.75 -35.88
N GLU F 321 -4.06 38.59 -36.48
CA GLU F 321 -4.60 37.30 -36.07
C GLU F 321 -3.42 36.44 -35.65
N PRO F 322 -2.81 36.73 -34.50
CA PRO F 322 -1.51 36.16 -34.18
C PRO F 322 -1.60 34.69 -33.81
N VAL F 323 -0.54 33.96 -34.17
CA VAL F 323 -0.38 32.57 -33.77
C VAL F 323 0.40 32.53 -32.47
N ALA F 324 0.31 31.40 -31.77
CA ALA F 324 1.00 31.18 -30.50
C ALA F 324 2.21 30.28 -30.70
N ASP F 325 3.22 30.50 -29.89
CA ASP F 325 4.39 29.64 -29.90
C ASP F 325 4.04 28.30 -29.26
N PRO F 326 4.41 27.18 -29.87
CA PRO F 326 4.02 25.87 -29.34
C PRO F 326 4.64 25.59 -27.97
N TYR F 327 3.96 24.74 -27.21
CA TYR F 327 4.32 24.44 -25.83
C TYR F 327 4.52 22.93 -25.67
N ASP F 328 5.44 22.56 -24.77
CA ASP F 328 5.95 21.20 -24.66
C ASP F 328 5.35 20.44 -23.48
N GLN F 329 5.58 19.12 -23.48
CA GLN F 329 5.34 18.29 -22.29
C GLN F 329 6.62 18.27 -21.47
N SER F 330 6.72 19.19 -20.51
CA SER F 330 7.89 19.18 -19.65
C SER F 330 7.92 17.91 -18.79
N PHE F 331 6.84 17.65 -18.05
CA PHE F 331 6.79 16.47 -17.21
C PHE F 331 5.42 15.78 -17.20
N GLU F 332 4.50 16.14 -18.09
CA GLU F 332 3.17 15.54 -18.09
C GLU F 332 3.21 14.04 -18.38
N SER F 333 4.26 13.55 -19.05
CA SER F 333 4.30 12.14 -19.42
C SER F 333 4.43 11.25 -18.19
N ARG F 334 5.48 11.45 -17.39
CA ARG F 334 5.74 10.59 -16.25
C ARG F 334 4.86 10.97 -15.07
N ASP F 335 4.31 9.95 -14.40
CA ASP F 335 3.42 10.15 -13.27
C ASP F 335 4.20 10.18 -11.97
N LEU F 336 3.59 10.77 -10.94
CA LEU F 336 4.23 10.95 -9.65
C LEU F 336 3.18 10.85 -8.55
N LEU F 337 3.59 11.11 -7.31
CA LEU F 337 2.72 11.03 -6.15
C LEU F 337 2.05 12.38 -5.90
N ILE F 338 1.04 12.37 -5.02
CA ILE F 338 0.30 13.58 -4.68
C ILE F 338 1.24 14.69 -4.24
N ASP F 339 2.14 14.38 -3.29
CA ASP F 339 3.08 15.38 -2.80
C ASP F 339 4.05 15.83 -3.88
N GLU F 340 4.35 14.95 -4.85
CA GLU F 340 5.24 15.33 -5.94
C GLU F 340 4.57 16.31 -6.88
N TRP F 341 3.31 16.04 -7.26
CA TRP F 341 2.56 17.00 -8.07
C TRP F 341 2.33 18.30 -7.31
N LYS F 342 2.18 18.23 -5.98
CA LYS F 342 1.98 19.43 -5.18
C LYS F 342 3.23 20.30 -5.17
N SER F 343 4.40 19.71 -5.35
CA SER F 343 5.64 20.48 -5.35
C SER F 343 5.84 21.20 -6.68
N LEU F 344 5.45 20.56 -7.80
CA LEU F 344 5.60 21.20 -9.10
C LEU F 344 4.68 22.39 -9.27
N THR F 345 3.53 22.38 -8.57
CA THR F 345 2.62 23.53 -8.64
C THR F 345 3.20 24.75 -7.95
N TYR F 346 3.99 24.55 -6.89
CA TYR F 346 4.58 25.68 -6.17
C TYR F 346 5.54 26.46 -7.05
N ASP F 347 6.20 25.79 -8.00
CA ASP F 347 7.14 26.48 -8.88
C ASP F 347 6.44 27.51 -9.76
N GLU F 348 5.24 27.17 -10.25
CA GLU F 348 4.52 28.06 -11.16
C GLU F 348 3.89 29.24 -10.44
N VAL F 349 3.70 29.17 -9.13
CA VAL F 349 3.02 30.25 -8.41
C VAL F 349 3.98 31.40 -8.14
N ILE F 350 5.08 31.13 -7.44
CA ILE F 350 6.00 32.20 -7.07
C ILE F 350 6.79 32.72 -8.26
N SER F 351 6.95 31.92 -9.32
CA SER F 351 7.67 32.34 -10.51
C SER F 351 6.76 32.92 -11.59
N PHE F 352 5.46 33.02 -11.32
CA PHE F 352 4.55 33.61 -12.29
C PHE F 352 4.83 35.09 -12.47
N VAL F 353 4.74 35.56 -13.71
CA VAL F 353 4.96 36.97 -14.05
C VAL F 353 3.66 37.49 -14.66
N PRO F 354 3.17 38.66 -14.23
CA PRO F 354 1.94 39.21 -14.82
C PRO F 354 2.22 39.80 -16.19
N PRO F 355 1.19 40.01 -16.99
CA PRO F 355 1.37 40.69 -18.28
C PRO F 355 1.70 42.16 -18.07
N PRO F 356 2.29 42.82 -19.07
CA PRO F 356 2.69 44.23 -18.91
C PRO F 356 1.47 45.13 -18.70
N LEU F 357 1.78 46.36 -18.29
CA LEU F 357 0.75 47.36 -18.04
C LEU F 357 0.23 47.95 -19.35
N GLY G 13 24.40 22.04 -55.94
CA GLY G 13 24.42 23.44 -55.60
C GLY G 13 23.95 23.74 -54.18
N LEU G 14 24.07 22.74 -53.31
CA LEU G 14 23.67 22.89 -51.91
C LEU G 14 24.78 23.60 -51.15
N GLN G 15 24.47 24.76 -50.61
CA GLN G 15 25.40 25.52 -49.77
C GLN G 15 25.01 25.32 -48.31
N ILE G 16 25.85 24.60 -47.57
CA ILE G 16 25.62 24.39 -46.16
C ILE G 16 25.75 25.74 -45.46
N LYS G 17 24.63 26.28 -44.99
CA LYS G 17 24.61 27.64 -44.46
C LYS G 17 25.44 27.74 -43.19
N LYS G 18 26.01 28.93 -42.97
CA LYS G 18 26.94 29.16 -41.88
C LYS G 18 26.29 29.73 -40.63
N ASN G 19 25.05 30.20 -40.73
CA ASN G 19 24.36 30.78 -39.57
C ASN G 19 23.68 29.67 -38.77
N ALA G 20 23.23 30.03 -37.57
CA ALA G 20 22.58 29.08 -36.68
C ALA G 20 21.22 28.66 -37.23
N ILE G 21 20.82 27.43 -36.90
CA ILE G 21 19.54 26.92 -37.38
C ILE G 21 18.38 27.58 -36.65
N ILE G 22 18.60 28.06 -35.42
CA ILE G 22 17.53 28.68 -34.64
C ILE G 22 17.18 30.08 -35.13
N ASP G 23 17.91 30.62 -36.10
CA ASP G 23 17.62 31.95 -36.63
C ASP G 23 16.60 31.90 -37.76
N ASP G 24 16.68 30.90 -38.63
CA ASP G 24 15.73 30.74 -39.73
C ASP G 24 14.59 29.80 -39.39
N TYR G 25 14.87 28.71 -38.68
CA TYR G 25 13.86 27.74 -38.28
C TYR G 25 13.71 27.73 -36.77
N LYS G 26 12.47 27.64 -36.30
CA LYS G 26 12.16 27.62 -34.87
C LYS G 26 11.99 26.17 -34.45
N VAL G 27 13.01 25.64 -33.76
CA VAL G 27 13.03 24.23 -33.38
C VAL G 27 12.13 24.02 -32.16
N THR G 28 11.32 22.96 -32.21
CA THR G 28 10.45 22.57 -31.12
C THR G 28 10.89 21.20 -30.58
N SER G 29 10.16 20.71 -29.59
CA SER G 29 10.46 19.43 -28.95
C SER G 29 9.59 18.29 -29.49
N GLN G 30 8.78 18.54 -30.51
CA GLN G 30 7.94 17.50 -31.08
C GLN G 30 8.81 16.50 -31.81
N VAL G 31 8.88 15.29 -31.28
CA VAL G 31 9.74 14.24 -31.86
C VAL G 31 9.03 13.64 -33.06
N LEU G 32 9.75 13.53 -34.18
CA LEU G 32 9.22 12.95 -35.41
C LEU G 32 9.88 11.61 -35.73
N GLY G 33 10.22 10.86 -34.71
CA GLY G 33 10.88 9.58 -34.87
C GLY G 33 12.33 9.63 -34.44
N LEU G 34 12.88 8.44 -34.16
CA LEU G 34 14.25 8.30 -33.71
C LEU G 34 15.14 7.89 -34.88
N GLY G 35 16.25 8.59 -35.05
CA GLY G 35 17.19 8.34 -36.12
C GLY G 35 18.37 7.50 -35.69
N ILE G 36 19.40 7.49 -36.53
CA ILE G 36 20.58 6.69 -36.26
C ILE G 36 21.52 7.41 -35.29
N ASN G 37 21.79 8.68 -35.56
CA ASN G 37 22.75 9.45 -34.77
C ASN G 37 22.11 10.39 -33.76
N GLY G 38 20.79 10.46 -33.72
CA GLY G 38 20.14 11.33 -32.76
C GLY G 38 18.63 11.29 -32.90
N LYS G 39 17.98 12.27 -32.30
CA LYS G 39 16.53 12.39 -32.30
C LYS G 39 16.08 13.37 -33.36
N VAL G 40 15.06 12.99 -34.11
CA VAL G 40 14.50 13.85 -35.17
C VAL G 40 13.37 14.67 -34.56
N LEU G 41 13.47 15.99 -34.69
CA LEU G 41 12.49 16.91 -34.12
C LEU G 41 11.80 17.70 -35.22
N GLN G 42 10.67 18.29 -34.88
CA GLN G 42 9.89 19.09 -35.81
C GLN G 42 10.32 20.55 -35.74
N ILE G 43 10.53 21.16 -36.91
CA ILE G 43 10.95 22.56 -36.99
C ILE G 43 10.00 23.30 -37.94
N PHE G 44 9.99 24.62 -37.80
CA PHE G 44 9.15 25.48 -38.63
C PHE G 44 9.94 26.71 -39.04
N ASN G 45 9.85 27.07 -40.32
CA ASN G 45 10.51 28.27 -40.82
C ASN G 45 9.65 29.49 -40.53
N LYS G 46 10.26 30.54 -39.98
CA LYS G 46 9.51 31.70 -39.52
C LYS G 46 8.99 32.57 -40.66
N ARG G 47 9.42 32.32 -41.90
CA ARG G 47 8.95 33.12 -43.02
C ARG G 47 7.74 32.52 -43.72
N THR G 48 7.71 31.20 -43.90
CA THR G 48 6.65 30.53 -44.64
C THR G 48 5.87 29.52 -43.81
N GLN G 49 6.29 29.26 -42.56
CA GLN G 49 5.64 28.27 -41.69
C GLN G 49 5.58 26.89 -42.34
N GLU G 50 6.59 26.54 -43.13
CA GLU G 50 6.64 25.24 -43.78
C GLU G 50 7.18 24.20 -42.81
N LYS G 51 6.39 23.16 -42.56
CA LYS G 51 6.76 22.11 -41.61
C LYS G 51 7.78 21.17 -42.23
N PHE G 52 8.88 20.94 -41.52
CA PHE G 52 9.92 20.02 -41.96
C PHE G 52 10.44 19.23 -40.78
N ALA G 53 11.29 18.25 -41.08
CA ALA G 53 11.94 17.42 -40.08
C ALA G 53 13.41 17.82 -39.95
N LEU G 54 13.98 17.50 -38.79
CA LEU G 54 15.37 17.87 -38.47
C LEU G 54 16.13 16.60 -38.09
N LYS G 55 16.98 16.13 -39.00
CA LYS G 55 17.86 15.00 -38.73
C LYS G 55 19.29 15.50 -38.51
N MET G 56 19.95 14.96 -37.49
CA MET G 56 21.28 15.40 -37.10
C MET G 56 22.28 14.28 -37.34
N LEU G 57 23.41 14.63 -37.95
CA LEU G 57 24.51 13.71 -38.19
C LEU G 57 25.81 14.35 -37.74
N GLN G 58 26.65 13.58 -37.06
CA GLN G 58 27.92 14.10 -36.59
C GLN G 58 28.80 14.50 -37.77
N ASP G 59 29.42 15.67 -37.67
CA ASP G 59 30.23 16.20 -38.76
C ASP G 59 31.43 15.31 -39.00
N CYS G 60 31.52 14.74 -40.21
CA CYS G 60 32.60 13.84 -40.58
C CYS G 60 32.63 13.74 -42.09
N PRO G 61 33.76 13.32 -42.67
CA PRO G 61 33.82 13.17 -44.13
C PRO G 61 32.77 12.23 -44.71
N LYS G 62 32.23 11.31 -43.91
CA LYS G 62 31.16 10.44 -44.39
C LYS G 62 29.89 11.23 -44.67
N ALA G 63 29.45 12.03 -43.70
CA ALA G 63 28.19 12.77 -43.86
C ALA G 63 28.29 13.83 -44.93
N ARG G 64 29.48 14.38 -45.16
CA ARG G 64 29.63 15.40 -46.19
C ARG G 64 29.57 14.81 -47.59
N ARG G 65 30.04 13.56 -47.76
CA ARG G 65 29.82 12.87 -49.02
C ARG G 65 28.38 12.40 -49.18
N GLU G 66 27.65 12.25 -48.07
CA GLU G 66 26.25 11.84 -48.15
C GLU G 66 25.34 13.00 -48.52
N VAL G 67 25.56 14.17 -47.91
CA VAL G 67 24.74 15.33 -48.22
C VAL G 67 25.08 15.89 -49.60
N GLU G 68 26.29 15.65 -50.10
CA GLU G 68 26.64 16.09 -51.44
C GLU G 68 25.89 15.28 -52.50
N LEU G 69 25.63 14.00 -52.23
CA LEU G 69 24.85 13.17 -53.14
C LEU G 69 23.35 13.24 -52.85
N HIS G 70 22.97 13.49 -51.60
CA HIS G 70 21.56 13.63 -51.27
C HIS G 70 20.95 14.86 -51.94
N TRP G 71 21.74 15.93 -52.09
CA TRP G 71 21.26 17.08 -52.83
C TRP G 71 21.17 16.79 -54.33
N ARG G 72 22.17 16.09 -54.87
CA ARG G 72 22.09 15.67 -56.27
C ARG G 72 20.96 14.69 -56.51
N ALA G 73 20.49 14.01 -55.45
CA ALA G 73 19.35 13.11 -55.57
C ALA G 73 18.02 13.83 -55.45
N SER G 74 18.01 15.08 -54.97
CA SER G 74 16.77 15.84 -54.86
C SER G 74 16.19 16.18 -56.21
N GLN G 75 16.99 16.17 -57.28
CA GLN G 75 16.49 16.43 -58.62
C GLN G 75 15.57 15.31 -59.12
N CYS G 76 15.55 14.16 -58.44
CA CYS G 76 14.62 13.09 -58.77
C CYS G 76 13.30 13.30 -58.04
N PRO G 77 12.16 13.21 -58.74
CA PRO G 77 10.87 13.46 -58.07
C PRO G 77 10.53 12.44 -57.00
N HIS G 78 11.16 11.27 -57.00
CA HIS G 78 10.85 10.21 -56.04
C HIS G 78 11.96 10.04 -55.01
N ILE G 79 12.56 11.16 -54.59
CA ILE G 79 13.56 11.18 -53.53
C ILE G 79 13.28 12.37 -52.64
N VAL G 80 13.39 12.17 -51.33
CA VAL G 80 12.98 13.19 -50.37
C VAL G 80 13.73 14.49 -50.61
N ARG G 81 13.01 15.61 -50.50
CA ARG G 81 13.56 16.92 -50.79
C ARG G 81 14.34 17.43 -49.59
N ILE G 82 15.63 17.68 -49.79
CA ILE G 82 16.45 18.37 -48.79
C ILE G 82 16.32 19.87 -49.06
N VAL G 83 15.75 20.60 -48.10
CA VAL G 83 15.60 22.04 -48.27
C VAL G 83 16.86 22.77 -47.86
N ASP G 84 17.50 22.33 -46.77
CA ASP G 84 18.72 22.95 -46.29
C ASP G 84 19.40 22.00 -45.32
N VAL G 85 20.66 22.30 -45.01
CA VAL G 85 21.45 21.55 -44.05
C VAL G 85 22.33 22.55 -43.32
N TYR G 86 22.06 22.77 -42.03
CA TYR G 86 22.79 23.74 -41.23
C TYR G 86 23.90 23.05 -40.45
N GLU G 87 25.04 23.73 -40.32
CA GLU G 87 26.17 23.25 -39.53
C GLU G 87 26.16 23.96 -38.19
N ASN G 88 26.25 23.20 -37.10
CA ASN G 88 26.18 23.74 -35.75
C ASN G 88 27.02 22.87 -34.82
N LEU G 89 26.83 23.08 -33.51
CA LEU G 89 27.52 22.34 -32.47
C LEU G 89 26.50 21.88 -31.44
N TYR G 90 26.63 20.63 -31.00
CA TYR G 90 25.69 20.04 -30.06
C TYR G 90 26.44 19.16 -29.06
N ALA G 91 26.37 19.53 -27.78
CA ALA G 91 26.88 18.71 -26.67
C ALA G 91 28.36 18.39 -26.85
N GLY G 92 29.10 19.35 -27.40
CA GLY G 92 30.52 19.14 -27.63
C GLY G 92 30.87 18.32 -28.85
N ARG G 93 29.88 18.01 -29.70
CA ARG G 93 30.11 17.25 -30.92
C ARG G 93 29.66 18.07 -32.12
N LYS G 94 30.54 18.19 -33.11
CA LYS G 94 30.20 18.90 -34.35
C LYS G 94 29.14 18.11 -35.09
N CYS G 95 27.93 18.65 -35.17
CA CYS G 95 26.80 17.98 -35.80
C CYS G 95 26.33 18.75 -37.02
N LEU G 96 25.76 18.03 -37.98
CA LEU G 96 25.22 18.60 -39.20
C LEU G 96 23.70 18.50 -39.13
N LEU G 97 23.05 19.62 -38.79
CA LEU G 97 21.60 19.66 -38.69
C LEU G 97 21.01 19.82 -40.09
N ILE G 98 20.19 18.85 -40.50
CA ILE G 98 19.67 18.77 -41.86
C ILE G 98 18.17 19.03 -41.84
N VAL G 99 17.71 19.85 -42.79
CA VAL G 99 16.30 20.16 -42.97
C VAL G 99 15.82 19.40 -44.20
N MET G 100 14.99 18.39 -44.00
CA MET G 100 14.47 17.55 -45.07
C MET G 100 12.97 17.72 -45.18
N GLU G 101 12.42 17.26 -46.30
CA GLU G 101 10.98 17.26 -46.51
C GLU G 101 10.34 16.27 -45.54
N CYS G 102 9.43 16.78 -44.69
CA CYS G 102 8.79 15.93 -43.69
C CYS G 102 7.87 14.94 -44.37
N LEU G 103 8.07 13.66 -44.10
CA LEU G 103 7.30 12.56 -44.69
C LEU G 103 6.39 11.98 -43.61
N ASP G 104 5.09 12.14 -43.79
CA ASP G 104 4.11 11.70 -42.82
C ASP G 104 3.24 10.54 -43.27
N GLY G 105 3.35 10.13 -44.54
CA GLY G 105 2.53 9.05 -45.04
C GLY G 105 2.83 7.68 -44.46
N GLY G 106 3.97 7.53 -43.78
CA GLY G 106 4.35 6.26 -43.21
C GLY G 106 5.11 5.38 -44.18
N GLU G 107 5.40 4.16 -43.72
CA GLU G 107 6.12 3.22 -44.55
C GLU G 107 5.25 2.72 -45.70
N LEU G 108 5.91 2.23 -46.75
CA LEU G 108 5.19 1.72 -47.91
C LEU G 108 4.33 0.52 -47.54
N PHE G 109 4.90 -0.42 -46.78
CA PHE G 109 4.14 -1.59 -46.35
C PHE G 109 3.21 -1.29 -45.18
N SER G 110 3.53 -0.27 -44.38
CA SER G 110 2.60 0.16 -43.34
C SER G 110 1.35 0.79 -43.93
N ARG G 111 1.46 1.37 -45.13
CA ARG G 111 0.29 1.85 -45.86
C ARG G 111 -0.54 0.71 -46.42
N ILE G 112 0.06 -0.48 -46.54
CA ILE G 112 -0.65 -1.65 -47.04
C ILE G 112 -1.06 -2.61 -45.92
N GLN G 113 -0.34 -2.61 -44.79
CA GLN G 113 -0.71 -3.48 -43.69
C GLN G 113 -2.01 -3.02 -43.04
N ASP G 114 -2.09 -1.73 -42.68
CA ASP G 114 -3.26 -1.18 -42.03
C ASP G 114 -4.23 -0.52 -43.00
N ARG G 115 -4.26 -0.99 -44.24
CA ARG G 115 -5.21 -0.48 -45.22
C ARG G 115 -6.61 -1.03 -44.93
N GLY G 116 -7.60 -0.43 -45.57
CA GLY G 116 -8.96 -0.91 -45.48
C GLY G 116 -9.33 -1.94 -46.51
N ASP G 117 -8.35 -2.50 -47.22
CA ASP G 117 -8.58 -3.43 -48.33
C ASP G 117 -9.53 -2.83 -49.36
N GLN G 118 -9.46 -1.50 -49.52
CA GLN G 118 -10.37 -0.80 -50.42
C GLN G 118 -10.10 -1.20 -51.87
N ALA G 119 -8.88 -0.96 -52.34
CA ALA G 119 -8.53 -1.31 -53.72
C ALA G 119 -7.02 -1.47 -53.79
N PHE G 120 -6.55 -2.70 -53.93
CA PHE G 120 -5.14 -2.98 -54.19
C PHE G 120 -5.06 -4.14 -55.17
N THR G 121 -4.29 -3.94 -56.23
CA THR G 121 -4.20 -4.89 -57.33
C THR G 121 -2.76 -4.94 -57.83
N GLU G 122 -2.55 -5.64 -58.94
CA GLU G 122 -1.20 -5.74 -59.50
C GLU G 122 -0.77 -4.44 -60.16
N ARG G 123 -1.72 -3.65 -60.65
CA ARG G 123 -1.37 -2.39 -61.30
C ARG G 123 -0.74 -1.41 -60.31
N GLU G 124 -1.23 -1.39 -59.07
CA GLU G 124 -0.63 -0.52 -58.07
C GLU G 124 0.75 -1.00 -57.64
N ALA G 125 0.96 -2.32 -57.59
CA ALA G 125 2.28 -2.86 -57.26
C ALA G 125 3.29 -2.63 -58.37
N SER G 126 2.83 -2.40 -59.60
CA SER G 126 3.75 -2.15 -60.71
C SER G 126 4.18 -0.69 -60.76
N GLU G 127 3.25 0.24 -60.49
CA GLU G 127 3.60 1.66 -60.51
C GLU G 127 4.49 2.03 -59.34
N ILE G 128 4.25 1.43 -58.18
CA ILE G 128 5.07 1.73 -57.00
C ILE G 128 6.51 1.31 -57.24
N MET G 129 6.71 0.17 -57.91
CA MET G 129 8.06 -0.25 -58.26
C MET G 129 8.63 0.56 -59.40
N LYS G 130 7.78 0.92 -60.38
CA LYS G 130 8.24 1.72 -61.51
C LYS G 130 8.65 3.12 -61.06
N SER G 131 7.93 3.69 -60.09
CA SER G 131 8.30 5.00 -59.57
C SER G 131 9.67 4.95 -58.91
N ILE G 132 9.93 3.91 -58.10
CA ILE G 132 11.26 3.74 -57.52
C ILE G 132 12.26 3.35 -58.60
N GLY G 133 11.81 2.63 -59.63
CA GLY G 133 12.70 2.27 -60.73
C GLY G 133 13.23 3.48 -61.47
N GLU G 134 12.38 4.50 -61.67
CA GLU G 134 12.84 5.74 -62.28
C GLU G 134 13.83 6.46 -61.38
N ALA G 135 13.69 6.32 -60.05
CA ALA G 135 14.65 6.92 -59.14
C ALA G 135 16.00 6.24 -59.26
N ILE G 136 16.02 4.91 -59.38
CA ILE G 136 17.28 4.20 -59.56
C ILE G 136 17.86 4.49 -60.93
N GLN G 137 17.01 4.73 -61.93
CA GLN G 137 17.52 5.06 -63.26
C GLN G 137 18.22 6.42 -63.26
N TYR G 138 17.71 7.38 -62.50
CA TYR G 138 18.38 8.67 -62.40
C TYR G 138 19.64 8.59 -61.56
N LEU G 139 19.66 7.74 -60.54
CA LEU G 139 20.86 7.58 -59.73
C LEU G 139 21.98 6.89 -60.51
N HIS G 140 21.63 5.94 -61.39
CA HIS G 140 22.62 5.31 -62.24
C HIS G 140 23.07 6.19 -63.39
N SER G 141 22.24 7.15 -63.80
CA SER G 141 22.64 8.07 -64.86
C SER G 141 23.79 8.96 -64.40
N ILE G 142 23.80 9.35 -63.12
CA ILE G 142 24.85 10.18 -62.57
C ILE G 142 25.85 9.30 -61.83
N ASN G 143 25.66 7.97 -61.95
CA ASN G 143 26.58 6.99 -61.38
C ASN G 143 26.70 7.13 -59.87
N ILE G 144 25.57 7.33 -59.20
CA ILE G 144 25.49 7.38 -57.74
C ILE G 144 24.73 6.14 -57.28
N ALA G 145 25.35 5.34 -56.43
CA ALA G 145 24.81 4.04 -56.02
C ALA G 145 24.38 4.09 -54.57
N HIS G 146 23.08 4.22 -54.34
CA HIS G 146 22.52 3.99 -53.02
C HIS G 146 22.59 2.51 -52.70
N ARG G 147 22.94 2.18 -51.45
CA ARG G 147 23.18 0.80 -51.06
C ARG G 147 22.32 0.37 -49.88
N ASP G 148 21.20 1.05 -49.63
CA ASP G 148 20.32 0.69 -48.52
C ASP G 148 18.86 0.80 -48.92
N VAL G 149 18.54 0.53 -50.19
CA VAL G 149 17.17 0.66 -50.68
C VAL G 149 16.33 -0.46 -50.07
N LYS G 150 15.50 -0.11 -49.09
CA LYS G 150 14.59 -1.06 -48.47
C LYS G 150 13.37 -0.29 -47.98
N PRO G 151 12.24 -0.97 -47.74
CA PRO G 151 10.99 -0.25 -47.45
C PRO G 151 11.07 0.76 -46.32
N GLU G 152 11.87 0.51 -45.27
CA GLU G 152 11.93 1.46 -44.17
C GLU G 152 12.62 2.76 -44.58
N ASN G 153 13.33 2.77 -45.71
CA ASN G 153 13.87 4.00 -46.28
C ASN G 153 13.03 4.51 -47.45
N LEU G 154 11.77 4.08 -47.54
CA LEU G 154 10.85 4.48 -48.60
C LEU G 154 9.55 4.93 -47.94
N LEU G 155 9.44 6.23 -47.70
CA LEU G 155 8.29 6.82 -47.00
C LEU G 155 7.49 7.70 -47.94
N TYR G 156 6.18 7.73 -47.73
CA TYR G 156 5.31 8.63 -48.48
C TYR G 156 5.32 10.02 -47.86
N THR G 157 4.93 11.01 -48.67
CA THR G 157 4.98 12.39 -48.20
C THR G 157 3.86 12.69 -47.22
N SER G 158 2.62 12.37 -47.59
CA SER G 158 1.46 12.69 -46.76
C SER G 158 0.50 11.51 -46.78
N LYS G 159 -0.61 11.65 -46.04
CA LYS G 159 -1.63 10.63 -45.99
C LYS G 159 -2.56 10.64 -47.20
N ARG G 160 -2.50 11.69 -48.03
CA ARG G 160 -3.34 11.74 -49.21
C ARG G 160 -2.88 10.70 -50.23
N PRO G 161 -3.81 10.17 -51.04
CA PRO G 161 -3.42 9.17 -52.05
C PRO G 161 -2.52 9.72 -53.14
N ASN G 162 -2.44 11.05 -53.29
CA ASN G 162 -1.56 11.67 -54.27
C ASN G 162 -0.12 11.79 -53.78
N ALA G 163 0.21 11.16 -52.66
CA ALA G 163 1.56 11.25 -52.11
C ALA G 163 2.54 10.51 -53.02
N ILE G 164 3.80 10.95 -52.96
CA ILE G 164 4.87 10.38 -53.77
C ILE G 164 5.81 9.60 -52.86
N LEU G 165 6.05 8.35 -53.20
CA LEU G 165 6.99 7.52 -52.45
C LEU G 165 8.42 7.93 -52.79
N LYS G 166 9.20 8.25 -51.75
CA LYS G 166 10.55 8.79 -51.94
C LYS G 166 11.55 8.00 -51.11
N LEU G 167 12.79 7.97 -51.61
CA LEU G 167 13.88 7.26 -50.95
C LEU G 167 14.62 8.19 -49.99
N THR G 168 14.94 7.68 -48.80
CA THR G 168 15.59 8.44 -47.75
C THR G 168 16.85 7.71 -47.29
N ASP G 169 17.52 8.31 -46.31
CA ASP G 169 18.64 7.69 -45.59
C ASP G 169 19.78 7.30 -46.55
N PHE G 170 20.40 8.34 -47.10
CA PHE G 170 21.53 8.18 -48.01
C PHE G 170 22.86 8.03 -47.27
N GLY G 171 22.84 7.57 -46.01
CA GLY G 171 24.07 7.41 -45.25
C GLY G 171 25.01 6.34 -45.77
N PHE G 172 24.49 5.41 -46.57
CA PHE G 172 25.32 4.36 -47.16
C PHE G 172 25.62 4.61 -48.63
N ALA G 173 25.11 5.71 -49.20
CA ALA G 173 25.39 6.01 -50.59
C ALA G 173 26.85 6.40 -50.79
N LYS G 174 27.31 6.28 -52.03
CA LYS G 174 28.69 6.61 -52.37
C LYS G 174 28.79 6.84 -53.87
N GLU G 175 29.83 7.59 -54.26
CA GLU G 175 30.13 7.79 -55.67
C GLU G 175 30.86 6.57 -56.21
N THR G 176 30.24 5.88 -57.16
CA THR G 176 30.79 4.68 -57.74
C THR G 176 31.12 4.90 -59.21
N THR G 177 31.90 3.98 -59.77
CA THR G 177 32.24 3.99 -61.18
C THR G 177 31.33 3.05 -61.95
N SER G 178 31.06 3.40 -63.21
CA SER G 178 30.25 2.58 -64.08
C SER G 178 31.12 1.54 -64.77
N HIS G 179 30.70 0.27 -64.69
CA HIS G 179 31.40 -0.81 -65.39
C HIS G 179 30.39 -1.94 -65.58
N ASN G 180 29.86 -2.05 -66.80
CA ASN G 180 28.83 -3.03 -67.07
C ASN G 180 29.43 -4.44 -67.11
N SER G 181 28.54 -5.43 -67.19
CA SER G 181 28.95 -6.83 -67.13
C SER G 181 29.58 -7.26 -68.45
N LEU G 182 30.05 -8.51 -68.48
CA LEU G 182 30.67 -9.08 -69.67
C LEU G 182 30.10 -10.44 -70.05
N THR G 183 28.98 -10.85 -69.44
CA THR G 183 28.22 -12.03 -69.86
C THR G 183 29.07 -13.29 -69.82
N THR G 184 29.40 -13.71 -68.60
CA THR G 184 30.13 -14.94 -68.29
C THR G 184 29.68 -16.08 -69.21
N PRO G 185 30.61 -16.71 -69.93
CA PRO G 185 30.22 -17.68 -70.96
C PRO G 185 29.68 -18.97 -70.35
N CYS G 186 29.18 -19.83 -71.23
CA CYS G 186 28.62 -21.11 -70.81
C CYS G 186 29.72 -22.13 -70.55
N TYR G 187 30.70 -22.23 -71.46
CA TYR G 187 31.79 -23.20 -71.34
C TYR G 187 32.90 -22.60 -70.49
N THR G 188 33.14 -23.21 -69.33
CA THR G 188 34.18 -22.75 -68.41
C THR G 188 35.08 -23.93 -68.03
N PRO G 189 36.38 -23.68 -67.85
CA PRO G 189 37.30 -24.77 -67.51
C PRO G 189 37.01 -25.33 -66.12
N TYR G 190 37.63 -26.49 -65.85
CA TYR G 190 37.44 -27.15 -64.56
C TYR G 190 38.00 -26.32 -63.42
N TYR G 191 39.17 -25.72 -63.62
CA TYR G 191 39.82 -24.97 -62.56
C TYR G 191 39.07 -23.67 -62.29
N VAL G 192 39.21 -23.18 -61.06
CA VAL G 192 38.60 -21.91 -60.66
C VAL G 192 39.57 -20.79 -61.01
N ALA G 193 39.11 -19.86 -61.85
CA ALA G 193 39.96 -18.78 -62.30
C ALA G 193 40.16 -17.76 -61.18
N PRO G 194 41.37 -17.24 -61.01
CA PRO G 194 41.59 -16.18 -60.00
C PRO G 194 40.78 -14.93 -60.35
N GLU G 195 39.88 -14.58 -59.45
CA GLU G 195 38.95 -13.46 -59.69
C GLU G 195 39.72 -12.15 -59.79
N VAL G 196 39.47 -11.42 -60.89
CA VAL G 196 39.98 -10.05 -60.99
C VAL G 196 39.20 -9.18 -60.02
N LEU G 197 39.91 -8.53 -59.10
CA LEU G 197 39.27 -7.81 -58.01
C LEU G 197 38.44 -6.65 -58.52
N GLY G 198 37.11 -6.80 -58.50
CA GLY G 198 36.20 -5.80 -58.99
C GLY G 198 35.23 -5.29 -57.94
N PRO G 199 35.75 -4.93 -56.74
CA PRO G 199 34.85 -4.71 -55.58
C PRO G 199 33.67 -3.78 -55.86
N GLU G 200 33.80 -2.92 -56.86
CA GLU G 200 32.69 -2.05 -57.24
C GLU G 200 31.55 -2.81 -57.93
N LYS G 201 31.75 -4.08 -58.26
CA LYS G 201 30.67 -4.85 -58.88
C LYS G 201 29.55 -5.15 -57.89
N TYR G 202 29.80 -5.00 -56.60
CA TYR G 202 28.76 -5.18 -55.58
C TYR G 202 28.01 -3.88 -55.28
N ASP G 203 28.42 -2.75 -55.86
CA ASP G 203 27.82 -1.47 -55.52
C ASP G 203 26.50 -1.27 -56.24
N LYS G 204 26.52 -1.23 -57.57
CA LYS G 204 25.30 -0.99 -58.33
C LYS G 204 24.42 -2.23 -58.39
N SER G 205 25.01 -3.42 -58.34
CA SER G 205 24.23 -4.65 -58.37
C SER G 205 23.40 -4.84 -57.12
N CYS G 206 23.80 -4.25 -56.00
CA CYS G 206 23.02 -4.37 -54.77
C CYS G 206 21.67 -3.70 -54.90
N ASP G 207 21.58 -2.62 -55.69
CA ASP G 207 20.29 -1.98 -55.94
C ASP G 207 19.34 -2.92 -56.66
N MET G 208 19.83 -3.58 -57.71
CA MET G 208 18.99 -4.50 -58.47
C MET G 208 18.58 -5.71 -57.63
N TRP G 209 19.40 -6.10 -56.64
CA TRP G 209 18.98 -7.09 -55.68
C TRP G 209 17.82 -6.57 -54.83
N SER G 210 17.90 -5.31 -54.41
CA SER G 210 16.82 -4.71 -53.64
C SER G 210 15.55 -4.55 -54.47
N LEU G 211 15.69 -4.25 -55.77
CA LEU G 211 14.52 -4.13 -56.62
C LEU G 211 13.73 -5.44 -56.66
N GLY G 212 14.43 -6.57 -56.73
CA GLY G 212 13.75 -7.85 -56.76
C GLY G 212 13.11 -8.19 -55.43
N VAL G 213 13.81 -7.92 -54.32
CA VAL G 213 13.29 -8.27 -53.00
C VAL G 213 12.06 -7.43 -52.68
N ILE G 214 12.14 -6.12 -52.88
CA ILE G 214 10.99 -5.25 -52.64
C ILE G 214 9.82 -5.65 -53.52
N MET G 215 10.09 -5.95 -54.79
CA MET G 215 9.03 -6.39 -55.69
C MET G 215 8.50 -7.76 -55.29
N TYR G 216 9.37 -8.65 -54.81
CA TYR G 216 8.94 -9.99 -54.41
C TYR G 216 8.06 -9.93 -53.16
N ILE G 217 8.40 -9.05 -52.21
CA ILE G 217 7.59 -8.93 -51.01
C ILE G 217 6.29 -8.18 -51.30
N LEU G 218 6.33 -7.22 -52.23
CA LEU G 218 5.13 -6.44 -52.55
C LEU G 218 4.04 -7.30 -53.18
N LEU G 219 4.43 -8.40 -53.84
CA LEU G 219 3.45 -9.16 -54.61
C LEU G 219 2.67 -10.15 -53.76
N CYS G 220 3.26 -10.65 -52.67
CA CYS G 220 2.54 -11.60 -51.82
C CYS G 220 2.82 -11.44 -50.34
N GLY G 221 3.55 -10.40 -49.93
CA GLY G 221 4.02 -10.36 -48.55
C GLY G 221 4.97 -11.47 -48.20
N TYR G 222 5.55 -12.13 -49.21
CA TYR G 222 6.45 -13.26 -49.00
C TYR G 222 7.89 -12.79 -49.17
N PRO G 223 8.77 -12.98 -48.19
CA PRO G 223 10.20 -12.86 -48.43
C PRO G 223 10.86 -14.22 -48.59
N PRO G 224 11.82 -14.37 -49.52
CA PRO G 224 12.46 -15.68 -49.73
C PRO G 224 13.48 -16.01 -48.64
N PHE G 225 13.32 -17.21 -48.05
CA PHE G 225 14.12 -17.64 -46.90
C PHE G 225 14.20 -19.17 -46.85
N TYR G 226 14.36 -19.76 -45.66
CA TYR G 226 14.56 -21.22 -45.53
C TYR G 226 13.52 -22.03 -46.31
N SER G 227 13.92 -23.24 -46.76
CA SER G 227 12.95 -24.10 -47.47
C SER G 227 12.62 -25.50 -46.93
N ASN G 228 13.57 -26.45 -47.05
CA ASN G 228 13.38 -27.87 -46.67
C ASN G 228 12.24 -28.57 -47.44
N HIS G 229 12.23 -28.45 -48.77
CA HIS G 229 11.11 -29.00 -49.54
C HIS G 229 11.22 -30.51 -49.73
N GLY G 230 12.42 -31.05 -49.96
CA GLY G 230 12.51 -32.46 -50.28
C GLY G 230 13.72 -33.20 -49.74
N LEU G 231 14.39 -32.63 -48.74
CA LEU G 231 15.55 -33.33 -48.20
C LEU G 231 15.10 -34.59 -47.46
N ALA G 232 15.70 -35.72 -47.85
CA ALA G 232 15.33 -37.03 -47.32
C ALA G 232 13.81 -37.24 -47.42
N ILE G 233 13.29 -37.06 -48.64
CA ILE G 233 11.86 -37.12 -48.89
C ILE G 233 11.48 -38.54 -49.32
N SER G 234 10.36 -39.03 -48.81
CA SER G 234 9.85 -40.34 -49.20
C SER G 234 8.35 -40.42 -48.99
N GLN G 245 7.30 -24.54 -58.54
CA GLN G 245 6.10 -24.08 -57.85
C GLN G 245 6.31 -24.09 -56.33
N TYR G 246 7.54 -24.33 -55.91
CA TYR G 246 7.89 -24.37 -54.49
C TYR G 246 8.57 -23.08 -54.03
N GLU G 247 9.67 -22.70 -54.69
CA GLU G 247 10.39 -21.50 -54.30
C GLU G 247 9.51 -20.26 -54.47
N PHE G 248 8.78 -20.18 -55.59
CA PHE G 248 7.59 -19.35 -55.62
C PHE G 248 6.46 -20.18 -55.05
N PRO G 249 5.99 -19.89 -53.83
CA PRO G 249 4.82 -20.61 -53.32
C PRO G 249 3.64 -20.46 -54.26
N ASN G 250 3.13 -21.60 -54.74
CA ASN G 250 2.07 -21.61 -55.74
C ASN G 250 0.85 -20.78 -55.36
N PRO G 251 0.27 -20.90 -54.14
CA PRO G 251 -0.99 -20.18 -53.85
C PRO G 251 -1.00 -18.70 -54.24
N GLU G 252 -0.02 -17.95 -53.74
CA GLU G 252 0.01 -16.51 -53.96
C GLU G 252 0.62 -16.14 -55.30
N TRP G 253 1.47 -17.00 -55.86
CA TRP G 253 2.05 -16.81 -57.17
C TRP G 253 1.21 -17.48 -58.24
N SER G 254 0.05 -18.01 -57.86
CA SER G 254 -0.92 -18.68 -58.73
C SER G 254 -1.18 -17.95 -60.02
N GLU G 255 -1.68 -16.73 -59.89
CA GLU G 255 -2.15 -15.91 -61.00
C GLU G 255 -1.12 -14.89 -61.46
N VAL G 256 0.06 -14.85 -60.84
CA VAL G 256 1.09 -13.91 -61.28
C VAL G 256 1.65 -14.38 -62.61
N SER G 257 1.78 -13.45 -63.55
CA SER G 257 2.26 -13.80 -64.89
C SER G 257 3.69 -14.32 -64.83
N GLU G 258 3.99 -15.24 -65.75
CA GLU G 258 5.32 -15.83 -65.80
C GLU G 258 6.38 -14.79 -66.17
N GLU G 259 6.02 -13.79 -66.96
CA GLU G 259 6.97 -12.72 -67.28
C GLU G 259 7.36 -11.92 -66.04
N VAL G 260 6.55 -11.97 -64.99
CA VAL G 260 6.92 -11.34 -63.73
C VAL G 260 7.82 -12.25 -62.92
N LYS G 261 7.54 -13.55 -62.92
CA LYS G 261 8.37 -14.50 -62.18
C LYS G 261 9.78 -14.55 -62.75
N MET G 262 9.91 -14.58 -64.07
CA MET G 262 11.24 -14.59 -64.69
C MET G 262 11.94 -13.24 -64.54
N LEU G 263 11.19 -12.16 -64.34
CA LEU G 263 11.81 -10.86 -64.08
C LEU G 263 12.47 -10.84 -62.72
N ILE G 264 11.85 -11.45 -61.71
CA ILE G 264 12.42 -11.46 -60.36
C ILE G 264 13.63 -12.38 -60.30
N ARG G 265 13.58 -13.51 -61.00
CA ARG G 265 14.71 -14.44 -61.00
C ARG G 265 15.96 -13.78 -61.55
N ASN G 266 15.83 -13.03 -62.65
CA ASN G 266 16.99 -12.37 -63.24
C ASN G 266 17.52 -11.24 -62.35
N LEU G 267 16.68 -10.68 -61.48
CA LEU G 267 17.13 -9.66 -60.53
C LEU G 267 17.70 -10.25 -59.26
N LEU G 268 17.21 -11.41 -58.83
CA LEU G 268 17.71 -12.08 -57.64
C LEU G 268 18.86 -13.05 -57.93
N LYS G 269 19.49 -12.93 -59.10
CA LYS G 269 20.64 -13.77 -59.41
C LYS G 269 21.77 -13.49 -58.42
N THR G 270 22.30 -14.54 -57.81
CA THR G 270 23.23 -14.38 -56.71
C THR G 270 24.54 -13.71 -57.15
N GLU G 271 24.92 -13.87 -58.41
CA GLU G 271 26.16 -13.28 -58.89
C GLU G 271 25.95 -11.82 -59.27
N PRO G 272 26.69 -10.88 -58.68
CA PRO G 272 26.49 -9.46 -59.04
C PRO G 272 26.75 -9.16 -60.50
N THR G 273 27.82 -9.73 -61.08
CA THR G 273 28.11 -9.50 -62.49
C THR G 273 27.04 -10.10 -63.39
N GLN G 274 26.31 -11.12 -62.92
CA GLN G 274 25.26 -11.74 -63.70
C GLN G 274 23.88 -11.21 -63.35
N ARG G 275 23.81 -10.00 -62.79
CA ARG G 275 22.54 -9.40 -62.39
C ARG G 275 22.13 -8.33 -63.40
N MET G 276 20.83 -8.26 -63.67
CA MET G 276 20.29 -7.31 -64.64
C MET G 276 20.56 -5.88 -64.19
N THR G 277 20.55 -4.97 -65.16
CA THR G 277 20.77 -3.55 -64.90
C THR G 277 19.45 -2.81 -64.79
N ILE G 278 19.54 -1.56 -64.30
CA ILE G 278 18.34 -0.76 -64.09
C ILE G 278 17.78 -0.26 -65.41
N THR G 279 18.65 0.07 -66.38
CA THR G 279 18.17 0.54 -67.68
C THR G 279 17.41 -0.55 -68.41
N GLU G 280 17.86 -1.81 -68.29
CA GLU G 280 17.11 -2.92 -68.85
C GLU G 280 15.82 -3.15 -68.09
N PHE G 281 15.79 -2.82 -66.80
CA PHE G 281 14.57 -2.97 -66.01
C PHE G 281 13.51 -1.97 -66.40
N MET G 282 13.92 -0.75 -66.79
CA MET G 282 12.96 0.28 -67.17
C MET G 282 12.47 0.16 -68.60
N ASN G 283 13.24 -0.51 -69.46
CA ASN G 283 12.83 -0.72 -70.85
C ASN G 283 12.06 -2.03 -71.04
N HIS G 284 11.90 -2.82 -69.98
CA HIS G 284 11.13 -4.05 -70.08
C HIS G 284 9.67 -3.72 -70.38
N PRO G 285 9.00 -4.50 -71.23
CA PRO G 285 7.61 -4.17 -71.58
C PRO G 285 6.66 -4.14 -70.39
N TRP G 286 6.93 -4.93 -69.35
CA TRP G 286 6.07 -4.92 -68.18
C TRP G 286 6.25 -3.67 -67.33
N ILE G 287 7.39 -2.99 -67.45
CA ILE G 287 7.68 -1.78 -66.69
C ILE G 287 7.35 -0.52 -67.48
N MET G 288 7.78 -0.48 -68.74
CA MET G 288 7.44 0.67 -69.59
C MET G 288 5.92 0.76 -69.77
N GLN G 289 5.27 -0.36 -70.08
CA GLN G 289 3.82 -0.42 -70.13
C GLN G 289 3.23 -0.89 -68.80
N SER G 290 3.61 -0.21 -67.72
CA SER G 290 3.07 -0.55 -66.40
C SER G 290 1.63 -0.14 -66.24
N THR G 291 1.16 0.83 -67.03
CA THR G 291 -0.23 1.28 -66.89
C THR G 291 -1.21 0.23 -67.39
N LYS G 292 -0.86 -0.47 -68.47
CA LYS G 292 -1.70 -1.54 -69.00
C LYS G 292 -1.32 -2.89 -68.41
N VAL G 293 -1.26 -2.96 -67.09
CA VAL G 293 -0.98 -4.19 -66.36
C VAL G 293 -2.31 -4.79 -65.93
N PRO G 294 -2.48 -6.11 -66.02
CA PRO G 294 -3.77 -6.73 -65.62
C PRO G 294 -4.14 -6.36 -64.19
N GLN G 295 -5.45 -6.31 -63.94
CA GLN G 295 -5.99 -5.84 -62.67
C GLN G 295 -6.26 -6.98 -61.70
N THR G 296 -5.48 -8.04 -61.74
CA THR G 296 -5.68 -9.16 -60.83
C THR G 296 -5.24 -8.78 -59.42
N PRO G 297 -5.99 -9.19 -58.40
CA PRO G 297 -5.61 -8.86 -57.02
C PRO G 297 -4.47 -9.75 -56.52
N LEU G 298 -3.89 -9.33 -55.41
CA LEU G 298 -2.76 -10.01 -54.78
C LEU G 298 -3.17 -10.47 -53.38
N HIS G 299 -2.19 -10.96 -52.63
CA HIS G 299 -2.44 -11.52 -51.30
C HIS G 299 -1.64 -10.84 -50.19
N THR G 300 -0.98 -9.72 -50.50
CA THR G 300 -0.11 -9.07 -49.52
C THR G 300 -0.88 -8.45 -48.37
N SER G 301 -2.16 -8.11 -48.57
CA SER G 301 -2.91 -7.39 -47.54
C SER G 301 -3.04 -8.22 -46.26
N ARG G 302 -3.43 -9.48 -46.39
CA ARG G 302 -3.63 -10.31 -45.20
C ARG G 302 -2.32 -10.84 -44.64
N VAL G 303 -1.30 -11.02 -45.48
CA VAL G 303 -0.01 -11.51 -44.98
C VAL G 303 0.64 -10.48 -44.07
N LEU G 304 0.51 -9.20 -44.41
CA LEU G 304 1.01 -8.15 -43.52
C LEU G 304 0.22 -8.10 -42.22
N LYS G 305 -1.05 -8.51 -42.25
CA LYS G 305 -1.87 -8.58 -41.05
C LYS G 305 -1.60 -9.83 -40.22
N GLU G 306 -0.79 -10.77 -40.72
CA GLU G 306 -0.50 -11.99 -39.98
C GLU G 306 0.29 -11.68 -38.71
N ASP G 307 1.40 -10.96 -38.84
CA ASP G 307 2.23 -10.63 -37.68
C ASP G 307 3.10 -9.43 -38.03
N LYS G 308 2.93 -8.34 -37.29
CA LYS G 308 3.83 -7.20 -37.43
C LYS G 308 5.12 -7.37 -36.66
N GLU G 309 5.16 -8.31 -35.70
CA GLU G 309 6.38 -8.58 -34.96
C GLU G 309 7.40 -9.29 -35.86
N ARG G 310 6.95 -10.27 -36.64
CA ARG G 310 7.83 -10.89 -37.62
C ARG G 310 8.25 -9.91 -38.69
N TRP G 311 7.42 -8.89 -38.94
CA TRP G 311 7.81 -7.83 -39.88
C TRP G 311 9.02 -7.07 -39.39
N GLU G 312 9.21 -6.98 -38.07
CA GLU G 312 10.42 -6.37 -37.53
C GLU G 312 11.65 -7.23 -37.84
N ASP G 313 11.51 -8.55 -37.73
CA ASP G 313 12.62 -9.44 -38.05
C ASP G 313 12.89 -9.50 -39.55
N VAL G 314 11.85 -9.26 -40.37
CA VAL G 314 12.07 -9.13 -41.80
C VAL G 314 12.93 -7.90 -42.10
N LYS G 315 12.68 -6.80 -41.36
CA LYS G 315 13.52 -5.62 -41.49
C LYS G 315 14.94 -5.89 -41.00
N GLU G 316 15.07 -6.69 -39.94
CA GLU G 316 16.39 -7.07 -39.46
C GLU G 316 17.10 -7.97 -40.46
N GLU G 317 16.37 -8.92 -41.04
CA GLU G 317 16.97 -9.86 -41.97
C GLU G 317 17.32 -9.17 -43.29
N MET G 318 16.46 -8.26 -43.76
CA MET G 318 16.78 -7.51 -44.96
C MET G 318 17.97 -6.59 -44.74
N THR G 319 18.07 -5.97 -43.55
CA THR G 319 19.23 -5.17 -43.22
C THR G 319 20.48 -6.04 -43.11
N SER G 320 20.34 -7.24 -42.54
CA SER G 320 21.47 -8.16 -42.48
C SER G 320 21.84 -8.68 -43.87
N ALA G 321 20.85 -8.88 -44.74
CA ALA G 321 21.14 -9.31 -46.09
C ALA G 321 21.79 -8.18 -46.89
N LEU G 322 21.28 -6.96 -46.76
CA LEU G 322 21.86 -5.83 -47.46
C LEU G 322 23.28 -5.54 -46.97
N ALA G 323 23.52 -5.72 -45.66
CA ALA G 323 24.85 -5.50 -45.13
C ALA G 323 25.87 -6.46 -45.72
N THR G 324 25.43 -7.66 -46.12
CA THR G 324 26.30 -8.62 -46.79
C THR G 324 26.34 -8.42 -48.30
N MET G 325 25.34 -7.75 -48.87
CA MET G 325 25.31 -7.52 -50.32
C MET G 325 26.22 -6.37 -50.73
N ARG G 326 26.42 -5.39 -49.85
CA ARG G 326 27.29 -4.26 -50.13
C ARG G 326 28.63 -4.44 -49.43
N VAL G 327 29.60 -3.64 -49.86
CA VAL G 327 30.96 -3.70 -49.33
C VAL G 327 31.11 -2.66 -48.22
N ASP G 328 31.68 -3.08 -47.10
CA ASP G 328 31.98 -2.17 -45.99
C ASP G 328 33.38 -1.59 -46.22
N TYR G 329 33.43 -0.54 -47.05
CA TYR G 329 34.71 0.03 -47.46
C TYR G 329 35.47 0.68 -46.30
N GLU G 330 34.80 0.95 -45.19
CA GLU G 330 35.46 1.59 -44.05
C GLU G 330 36.35 0.63 -43.27
N GLN G 331 36.35 -0.66 -43.61
CA GLN G 331 37.18 -1.62 -42.91
C GLN G 331 38.59 -1.63 -43.49
N ILE G 332 39.56 -2.01 -42.65
CA ILE G 332 40.98 -1.92 -43.00
C ILE G 332 41.36 -2.99 -44.02
N LYS G 333 42.54 -2.84 -44.60
CA LYS G 333 43.14 -3.85 -45.46
C LYS G 333 44.31 -4.49 -44.73
N ILE G 334 44.47 -5.81 -44.91
CA ILE G 334 45.49 -6.54 -44.17
C ILE G 334 46.88 -6.09 -44.60
N LYS G 335 47.76 -5.89 -43.62
CA LYS G 335 49.14 -5.56 -43.90
C LYS G 335 49.86 -6.75 -44.54
N LYS G 336 50.96 -6.46 -45.23
CA LYS G 336 51.86 -7.53 -45.65
C LYS G 336 52.44 -8.22 -44.43
N ILE G 337 52.60 -9.53 -44.53
CA ILE G 337 52.87 -10.36 -43.34
C ILE G 337 54.11 -9.87 -42.62
N GLU G 338 55.14 -9.46 -43.37
CA GLU G 338 56.37 -8.98 -42.73
C GLU G 338 56.14 -7.70 -41.93
N ASP G 339 55.17 -6.89 -42.33
CA ASP G 339 54.91 -5.61 -41.69
C ASP G 339 53.91 -5.71 -40.54
N ALA G 340 53.42 -6.90 -40.22
CA ALA G 340 52.46 -7.11 -39.14
C ALA G 340 53.13 -7.83 -37.98
N SER G 341 52.60 -7.59 -36.78
CA SER G 341 53.16 -8.20 -35.57
C SER G 341 52.10 -8.14 -34.47
N ASN G 342 51.72 -9.28 -33.94
CA ASN G 342 50.65 -9.40 -32.96
C ASN G 342 51.05 -10.41 -31.90
N PRO G 343 50.41 -10.38 -30.72
CA PRO G 343 50.82 -11.29 -29.64
C PRO G 343 50.95 -12.75 -30.04
N LEU G 344 50.02 -13.28 -30.83
CA LEU G 344 50.19 -14.64 -31.35
C LEU G 344 51.37 -14.72 -32.31
N LEU G 345 51.60 -13.67 -33.08
CA LEU G 345 52.74 -13.64 -34.00
C LEU G 345 54.03 -13.25 -33.28
N LEU G 346 53.94 -12.36 -32.28
CA LEU G 346 55.11 -12.00 -31.48
C LEU G 346 55.71 -13.22 -30.81
N LYS G 347 54.88 -14.06 -30.19
CA LYS G 347 55.38 -15.24 -29.51
C LYS G 347 55.91 -16.27 -30.50
N ARG G 348 55.32 -16.36 -31.69
CA ARG G 348 55.78 -17.33 -32.68
C ARG G 348 57.03 -16.85 -33.41
N ARG G 349 57.21 -15.52 -33.54
CA ARG G 349 58.44 -15.00 -34.13
C ARG G 349 59.65 -15.47 -33.35
N LYS G 350 59.56 -15.48 -32.02
CA LYS G 350 60.69 -15.84 -31.18
C LYS G 350 61.11 -17.29 -31.40
N LYS G 351 60.14 -18.18 -31.65
CA LYS G 351 60.46 -19.59 -31.81
C LYS G 351 61.40 -19.83 -32.99
N ALA G 352 61.31 -19.00 -34.03
CA ALA G 352 62.25 -19.12 -35.14
C ALA G 352 63.68 -18.80 -34.69
N ARG G 353 63.83 -17.82 -33.80
CA ARG G 353 65.15 -17.53 -33.26
C ARG G 353 65.64 -18.67 -32.37
N ALA G 354 64.76 -19.24 -31.55
CA ALA G 354 65.12 -20.41 -30.77
C ALA G 354 65.33 -21.62 -31.66
N LEU G 355 64.59 -21.71 -32.78
CA LEU G 355 64.84 -22.77 -33.76
C LEU G 355 66.24 -22.62 -34.34
N GLU G 356 66.66 -21.38 -34.63
CA GLU G 356 68.02 -21.15 -35.10
C GLU G 356 69.03 -21.40 -33.99
N ALA G 357 68.67 -21.07 -32.74
CA ALA G 357 69.57 -21.24 -31.60
C ALA G 357 69.62 -22.72 -31.22
N ALA G 358 70.25 -23.51 -32.08
CA ALA G 358 70.41 -24.93 -31.88
C ALA G 358 71.47 -25.44 -32.85
N ALA G 359 72.22 -26.45 -32.41
CA ALA G 359 73.28 -27.06 -33.22
C ALA G 359 74.29 -26.02 -33.71
N GLU H 8 32.11 -1.90 -7.32
CA GLU H 8 30.74 -1.40 -7.23
C GLU H 8 30.29 -0.85 -8.57
N ARG H 9 28.97 -0.85 -8.79
CA ARG H 9 28.39 -0.40 -10.04
C ARG H 9 28.71 1.07 -10.30
N PRO H 10 29.40 1.39 -11.39
CA PRO H 10 29.63 2.80 -11.74
C PRO H 10 28.38 3.43 -12.33
N THR H 11 28.28 4.75 -12.15
CA THR H 11 27.13 5.49 -12.67
C THR H 11 27.15 5.47 -14.19
N PHE H 12 26.04 5.01 -14.79
CA PHE H 12 25.92 4.96 -16.24
C PHE H 12 25.48 6.33 -16.77
N TYR H 13 25.32 6.40 -18.09
CA TYR H 13 24.83 7.61 -18.73
C TYR H 13 24.10 7.24 -20.01
N ARG H 14 23.02 7.96 -20.29
CA ARG H 14 22.21 7.68 -21.46
C ARG H 14 22.80 8.34 -22.70
N GLN H 15 22.52 7.74 -23.86
CA GLN H 15 23.01 8.27 -25.13
C GLN H 15 22.12 7.71 -26.25
N GLU H 16 21.62 8.60 -27.10
CA GLU H 16 20.74 8.21 -28.20
C GLU H 16 21.59 7.70 -29.35
N LEU H 17 21.49 6.41 -29.65
CA LEU H 17 22.31 5.80 -30.70
C LEU H 17 21.55 4.65 -31.35
N ASN H 18 21.55 4.62 -32.68
CA ASN H 18 21.03 3.49 -33.46
C ASN H 18 19.56 3.20 -33.12
N LYS H 19 18.76 4.26 -33.03
CA LYS H 19 17.33 4.18 -32.75
C LYS H 19 17.03 3.50 -31.42
N THR H 20 18.03 3.37 -30.56
CA THR H 20 17.89 2.74 -29.26
C THR H 20 18.51 3.63 -28.19
N ILE H 21 18.19 3.32 -26.93
CA ILE H 21 18.68 4.07 -25.79
C ILE H 21 19.76 3.24 -25.12
N TRP H 22 21.00 3.73 -25.15
CA TRP H 22 22.14 3.05 -24.57
C TRP H 22 22.47 3.63 -23.20
N GLU H 23 22.78 2.76 -22.24
CA GLU H 23 23.18 3.16 -20.89
C GLU H 23 24.42 2.35 -20.52
N VAL H 24 25.59 2.90 -20.82
CA VAL H 24 26.86 2.21 -20.55
C VAL H 24 27.55 2.89 -19.37
N PRO H 25 28.46 2.22 -18.68
CA PRO H 25 29.19 2.88 -17.59
C PRO H 25 30.01 4.05 -18.10
N GLU H 26 30.41 4.91 -17.15
CA GLU H 26 31.17 6.11 -17.49
C GLU H 26 32.55 5.78 -18.05
N ARG H 27 33.04 4.56 -17.87
CA ARG H 27 34.37 4.21 -18.33
C ARG H 27 34.44 4.05 -19.85
N TYR H 28 33.31 3.86 -20.52
CA TYR H 28 33.27 3.70 -21.96
C TYR H 28 32.95 5.04 -22.62
N GLN H 29 33.82 5.47 -23.53
CA GLN H 29 33.69 6.77 -24.18
C GLN H 29 33.73 6.61 -25.69
N ASN H 30 33.29 7.66 -26.38
CA ASN H 30 33.32 7.74 -27.84
C ASN H 30 32.52 6.60 -28.48
N LEU H 31 31.25 6.53 -28.10
CA LEU H 31 30.33 5.54 -28.65
C LEU H 31 29.94 5.95 -30.07
N SER H 32 30.39 5.18 -31.05
CA SER H 32 30.06 5.45 -32.45
C SER H 32 29.54 4.19 -33.10
N PRO H 33 28.47 4.28 -33.89
CA PRO H 33 27.92 3.08 -34.54
C PRO H 33 28.88 2.51 -35.57
N VAL H 34 28.75 1.20 -35.81
CA VAL H 34 29.63 0.51 -36.73
C VAL H 34 28.87 -0.68 -37.33
N GLY H 35 29.02 -0.85 -38.64
CA GLY H 35 28.46 -2.00 -39.32
C GLY H 35 26.94 -1.99 -39.34
N SER H 36 26.36 -3.19 -39.24
CA SER H 36 24.92 -3.35 -39.26
C SER H 36 24.27 -2.76 -38.00
N SER H 41 23.14 -4.17 -34.01
CA SER H 41 23.25 -3.04 -33.10
C SER H 41 24.52 -3.13 -32.28
N VAL H 42 25.65 -2.83 -32.91
CA VAL H 42 26.96 -2.85 -32.26
C VAL H 42 27.57 -1.46 -32.36
N CYS H 43 28.38 -1.10 -31.37
CA CYS H 43 29.01 0.20 -31.31
C CYS H 43 30.45 0.06 -30.85
N ALA H 44 31.34 0.86 -31.42
CA ALA H 44 32.73 0.91 -31.02
C ALA H 44 32.94 2.03 -30.01
N ALA H 45 33.75 1.76 -28.99
CA ALA H 45 33.96 2.70 -27.89
C ALA H 45 35.40 2.60 -27.43
N PHE H 46 35.70 3.33 -26.35
CA PHE H 46 37.02 3.34 -25.72
C PHE H 46 36.85 3.13 -24.23
N ASP H 47 37.49 2.09 -23.70
CA ASP H 47 37.39 1.76 -22.28
C ASP H 47 38.55 2.39 -21.54
N THR H 48 38.24 3.27 -20.58
CA THR H 48 39.28 3.95 -19.82
C THR H 48 39.88 3.07 -18.73
N LYS H 49 39.09 2.15 -18.16
CA LYS H 49 39.60 1.29 -17.10
C LYS H 49 40.63 0.30 -17.62
N THR H 50 40.53 -0.08 -18.90
CA THR H 50 41.47 -1.01 -19.50
C THR H 50 42.47 -0.36 -20.44
N GLY H 51 42.12 0.78 -21.04
CA GLY H 51 43.02 1.43 -21.97
C GLY H 51 43.13 0.75 -23.31
N LEU H 52 42.05 0.12 -23.78
CA LEU H 52 42.05 -0.63 -25.02
C LEU H 52 40.75 -0.34 -25.77
N ARG H 53 40.85 -0.21 -27.09
CA ARG H 53 39.68 0.08 -27.91
C ARG H 53 38.75 -1.13 -27.92
N VAL H 54 37.56 -0.97 -27.34
CA VAL H 54 36.61 -2.06 -27.19
C VAL H 54 35.36 -1.76 -28.01
N ALA H 55 34.54 -2.80 -28.20
CA ALA H 55 33.28 -2.69 -28.91
C ALA H 55 32.15 -3.19 -28.02
N VAL H 56 31.04 -2.45 -28.02
CA VAL H 56 29.89 -2.75 -27.16
C VAL H 56 28.73 -3.22 -28.04
N LYS H 57 28.05 -4.26 -27.60
CA LYS H 57 26.91 -4.82 -28.31
C LYS H 57 25.69 -4.82 -27.39
N LYS H 58 24.67 -4.04 -27.76
CA LYS H 58 23.40 -4.06 -27.05
C LYS H 58 22.54 -5.18 -27.62
N LEU H 59 22.23 -6.17 -26.79
CA LEU H 59 21.43 -7.31 -27.23
C LEU H 59 20.03 -6.87 -27.66
N SER H 60 19.74 -6.99 -28.94
CA SER H 60 18.46 -6.56 -29.49
C SER H 60 17.39 -7.56 -29.11
N ARG H 61 16.45 -7.14 -28.27
CA ARG H 61 15.32 -7.97 -27.84
C ARG H 61 15.78 -9.30 -27.24
N PRO H 62 16.52 -9.27 -26.13
CA PRO H 62 17.05 -10.53 -25.58
C PRO H 62 15.99 -11.38 -24.87
N PHE H 63 14.86 -10.78 -24.48
CA PHE H 63 13.81 -11.50 -23.77
C PHE H 63 12.47 -11.20 -24.46
N GLN H 64 12.16 -11.99 -25.49
CA GLN H 64 10.88 -11.92 -26.17
C GLN H 64 10.02 -13.16 -25.97
N SER H 65 10.66 -14.32 -25.81
CA SER H 65 9.95 -15.59 -25.66
C SER H 65 10.86 -16.55 -24.90
N ILE H 66 10.34 -17.73 -24.61
CA ILE H 66 11.16 -18.76 -23.97
C ILE H 66 12.35 -19.09 -24.86
N ILE H 67 12.10 -19.33 -26.15
CA ILE H 67 13.18 -19.64 -27.08
C ILE H 67 14.16 -18.48 -27.16
N HIS H 68 13.65 -17.25 -27.22
CA HIS H 68 14.54 -16.08 -27.27
C HIS H 68 15.34 -15.93 -25.98
N ALA H 69 14.68 -16.12 -24.84
CA ALA H 69 15.39 -16.03 -23.57
C ALA H 69 16.29 -17.24 -23.33
N LYS H 70 15.88 -18.42 -23.79
CA LYS H 70 16.71 -19.61 -23.64
C LYS H 70 18.00 -19.47 -24.44
N ARG H 71 17.90 -19.04 -25.69
CA ARG H 71 19.11 -18.85 -26.51
C ARG H 71 19.98 -17.74 -25.96
N THR H 72 19.38 -16.73 -25.33
CA THR H 72 20.17 -15.68 -24.70
C THR H 72 20.95 -16.22 -23.51
N TYR H 73 20.30 -17.05 -22.68
CA TYR H 73 20.99 -17.70 -21.57
C TYR H 73 22.03 -18.70 -22.08
N ARG H 74 21.68 -19.48 -23.10
CA ARG H 74 22.62 -20.42 -23.67
C ARG H 74 23.83 -19.71 -24.26
N GLU H 75 23.60 -18.62 -24.98
CA GLU H 75 24.70 -17.90 -25.61
C GLU H 75 25.61 -17.26 -24.57
N LEU H 76 25.02 -16.57 -23.58
CA LEU H 76 25.82 -15.85 -22.59
C LEU H 76 26.79 -16.78 -21.87
N ARG H 77 26.33 -17.97 -21.48
CA ARG H 77 27.20 -18.91 -20.82
C ARG H 77 28.32 -19.40 -21.72
N LEU H 78 28.13 -19.35 -23.04
CA LEU H 78 29.17 -19.79 -23.97
C LEU H 78 30.30 -18.78 -24.05
N LEU H 79 29.96 -17.49 -24.18
CA LEU H 79 31.00 -16.47 -24.23
C LEU H 79 31.75 -16.33 -22.92
N LYS H 80 31.08 -16.60 -21.79
CA LYS H 80 31.74 -16.48 -20.51
C LYS H 80 32.83 -17.54 -20.32
N HIS H 81 32.69 -18.68 -20.99
CA HIS H 81 33.65 -19.77 -20.89
C HIS H 81 34.66 -19.78 -22.01
N MET H 82 34.75 -18.70 -22.79
CA MET H 82 35.67 -18.62 -23.92
C MET H 82 36.91 -17.83 -23.49
N LYS H 83 37.80 -18.51 -22.76
CA LYS H 83 39.07 -17.93 -22.34
C LYS H 83 40.17 -18.44 -23.29
N HIS H 84 40.19 -17.88 -24.50
CA HIS H 84 41.20 -18.22 -25.48
C HIS H 84 41.50 -16.99 -26.33
N GLU H 85 42.73 -16.95 -26.87
CA GLU H 85 43.18 -15.78 -27.60
C GLU H 85 42.57 -15.71 -29.00
N ASN H 86 42.56 -16.84 -29.72
CA ASN H 86 42.04 -16.85 -31.07
C ASN H 86 40.52 -16.98 -31.13
N VAL H 87 39.85 -17.11 -29.99
CA VAL H 87 38.39 -17.09 -29.94
C VAL H 87 37.96 -15.76 -29.33
N ILE H 88 36.73 -15.36 -29.66
CA ILE H 88 36.23 -14.09 -29.16
C ILE H 88 36.17 -14.14 -27.63
N GLY H 89 36.50 -13.01 -27.00
CA GLY H 89 36.59 -12.97 -25.56
C GLY H 89 35.74 -11.90 -24.92
N LEU H 90 34.86 -12.30 -24.01
CA LEU H 90 33.99 -11.36 -23.32
C LEU H 90 34.80 -10.58 -22.29
N LEU H 91 34.97 -9.28 -22.51
CA LEU H 91 35.73 -8.45 -21.58
C LEU H 91 34.88 -8.05 -20.38
N ASP H 92 33.66 -7.55 -20.64
CA ASP H 92 32.77 -7.13 -19.57
C ASP H 92 31.33 -7.26 -20.04
N VAL H 93 30.45 -7.53 -19.09
CA VAL H 93 29.01 -7.61 -19.35
C VAL H 93 28.31 -6.85 -18.23
N PHE H 94 27.33 -6.02 -18.59
CA PHE H 94 26.64 -5.19 -17.62
C PHE H 94 25.20 -4.97 -18.07
N THR H 95 24.45 -4.24 -17.26
CA THR H 95 23.07 -3.88 -17.56
C THR H 95 22.71 -2.67 -16.72
N PRO H 96 21.92 -1.73 -17.24
CA PRO H 96 21.53 -0.56 -16.44
C PRO H 96 20.62 -0.89 -15.27
N ALA H 97 20.20 -2.14 -15.14
CA ALA H 97 19.30 -2.55 -14.06
C ALA H 97 20.09 -2.69 -12.76
N ARG H 98 19.71 -1.91 -11.75
CA ARG H 98 20.27 -2.05 -10.41
C ARG H 98 19.66 -3.21 -9.64
N SER H 99 18.62 -3.85 -10.19
CA SER H 99 17.97 -4.98 -9.55
C SER H 99 17.31 -5.83 -10.63
N LEU H 100 16.90 -7.04 -10.23
CA LEU H 100 16.31 -7.96 -11.20
C LEU H 100 14.98 -7.46 -11.73
N GLU H 101 14.24 -6.70 -10.92
CA GLU H 101 12.95 -6.18 -11.36
C GLU H 101 13.08 -5.14 -12.47
N GLU H 102 14.29 -4.63 -12.72
CA GLU H 102 14.54 -3.68 -13.79
C GLU H 102 15.24 -4.30 -14.99
N PHE H 103 15.54 -5.60 -14.94
CA PHE H 103 16.28 -6.28 -16.00
C PHE H 103 15.52 -6.24 -17.31
N ASN H 104 16.02 -5.46 -18.29
CA ASN H 104 15.36 -5.35 -19.58
C ASN H 104 16.34 -5.49 -20.74
N ASP H 105 17.60 -5.13 -20.52
CA ASP H 105 18.59 -5.12 -21.59
C ASP H 105 19.92 -5.65 -21.07
N VAL H 106 20.74 -6.15 -21.98
CA VAL H 106 22.06 -6.69 -21.67
C VAL H 106 23.06 -6.13 -22.68
N TYR H 107 24.26 -5.80 -22.20
CA TYR H 107 25.34 -5.31 -23.05
C TYR H 107 26.55 -6.21 -22.90
N LEU H 108 27.33 -6.30 -23.99
CA LEU H 108 28.53 -7.12 -24.02
C LEU H 108 29.69 -6.29 -24.57
N VAL H 109 30.88 -6.51 -24.02
CA VAL H 109 32.08 -5.76 -24.38
C VAL H 109 33.12 -6.73 -24.90
N THR H 110 33.74 -6.39 -26.04
CA THR H 110 34.74 -7.24 -26.66
C THR H 110 35.77 -6.36 -27.36
N HIS H 111 36.94 -6.93 -27.62
CA HIS H 111 37.99 -6.23 -28.36
C HIS H 111 37.46 -5.74 -29.71
N LEU H 112 38.01 -4.62 -30.15
CA LEU H 112 37.68 -4.07 -31.46
C LEU H 112 38.55 -4.71 -32.53
N MET H 113 37.92 -5.26 -33.55
CA MET H 113 38.63 -5.85 -34.67
C MET H 113 38.65 -4.89 -35.85
N GLY H 114 39.37 -5.29 -36.90
CA GLY H 114 39.56 -4.42 -38.04
C GLY H 114 38.61 -4.65 -39.19
N ALA H 115 38.37 -5.91 -39.53
CA ALA H 115 37.51 -6.26 -40.65
C ALA H 115 37.06 -7.71 -40.51
N ASP H 116 36.23 -8.14 -41.45
CA ASP H 116 35.79 -9.53 -41.54
C ASP H 116 36.25 -10.12 -42.86
N LEU H 117 36.44 -11.44 -42.88
CA LEU H 117 36.95 -12.11 -44.07
C LEU H 117 35.97 -12.04 -45.24
N ASN H 118 34.67 -11.87 -44.96
CA ASN H 118 33.71 -11.76 -46.06
C ASN H 118 33.93 -10.48 -46.85
N ASN H 119 34.29 -9.40 -46.18
CA ASN H 119 34.57 -8.13 -46.85
C ASN H 119 36.02 -8.02 -47.31
N ILE H 120 36.93 -8.80 -46.74
CA ILE H 120 38.33 -8.76 -47.14
C ILE H 120 38.51 -9.47 -48.49
N VAL H 121 37.82 -10.60 -48.69
CA VAL H 121 37.96 -11.36 -49.93
C VAL H 121 37.53 -10.52 -51.12
N LYS H 122 36.43 -9.78 -50.99
CA LYS H 122 35.87 -9.01 -52.09
C LYS H 122 36.67 -7.74 -52.40
N CYS H 123 37.72 -7.45 -51.63
CA CYS H 123 38.52 -6.25 -51.85
C CYS H 123 40.00 -6.51 -52.05
N GLN H 124 40.55 -7.53 -51.43
CA GLN H 124 41.99 -7.77 -51.45
C GLN H 124 42.28 -9.20 -51.88
N LYS H 125 43.37 -9.38 -52.62
CA LYS H 125 43.85 -10.69 -53.05
C LYS H 125 44.92 -11.14 -52.05
N LEU H 126 44.52 -12.01 -51.14
CA LEU H 126 45.44 -12.46 -50.09
C LEU H 126 46.56 -13.32 -50.68
N THR H 127 47.79 -13.03 -50.28
CA THR H 127 48.94 -13.78 -50.76
C THR H 127 48.94 -15.19 -50.18
N ASP H 128 49.88 -16.01 -50.65
CA ASP H 128 50.00 -17.38 -50.15
C ASP H 128 50.43 -17.40 -48.69
N ASP H 129 51.11 -16.36 -48.22
CA ASP H 129 51.51 -16.28 -46.83
C ASP H 129 50.36 -15.85 -45.91
N HIS H 130 49.37 -15.14 -46.46
CA HIS H 130 48.18 -14.80 -45.67
C HIS H 130 47.46 -16.06 -45.21
N VAL H 131 47.25 -17.00 -46.13
CA VAL H 131 46.50 -18.21 -45.82
C VAL H 131 47.23 -19.05 -44.78
N GLN H 132 48.57 -19.02 -44.77
CA GLN H 132 49.32 -19.81 -43.81
C GLN H 132 49.01 -19.40 -42.38
N PHE H 133 48.98 -18.10 -42.11
CA PHE H 133 48.77 -17.62 -40.75
C PHE H 133 47.29 -17.53 -40.40
N LEU H 134 46.42 -17.26 -41.39
CA LEU H 134 44.99 -17.14 -41.11
C LEU H 134 44.38 -18.48 -40.76
N ILE H 135 44.63 -19.50 -41.59
CA ILE H 135 44.05 -20.82 -41.34
C ILE H 135 44.58 -21.41 -40.06
N TYR H 136 45.84 -21.08 -39.69
CA TYR H 136 46.38 -21.57 -38.44
C TYR H 136 45.58 -21.05 -37.24
N GLN H 137 45.12 -19.81 -37.31
CA GLN H 137 44.35 -19.24 -36.22
C GLN H 137 42.95 -19.84 -36.15
N ILE H 138 42.35 -20.15 -37.31
CA ILE H 138 41.03 -20.76 -37.31
C ILE H 138 41.08 -22.15 -36.70
N LEU H 139 42.11 -22.93 -37.01
CA LEU H 139 42.23 -24.28 -36.48
C LEU H 139 42.66 -24.27 -35.01
N ARG H 140 43.52 -23.32 -34.63
CA ARG H 140 43.93 -23.22 -33.24
C ARG H 140 42.75 -22.89 -32.33
N GLY H 141 41.83 -22.04 -32.82
CA GLY H 141 40.63 -21.77 -32.05
C GLY H 141 39.64 -22.92 -32.08
N LEU H 142 39.56 -23.64 -33.19
CA LEU H 142 38.63 -24.76 -33.29
C LEU H 142 39.05 -25.92 -32.41
N LYS H 143 40.36 -26.15 -32.28
CA LYS H 143 40.83 -27.17 -31.34
C LYS H 143 40.40 -26.81 -29.93
N TYR H 144 40.58 -25.54 -29.54
CA TYR H 144 40.10 -25.08 -28.24
C TYR H 144 38.60 -25.29 -28.10
N ILE H 145 37.84 -25.00 -29.15
CA ILE H 145 36.38 -25.11 -29.09
C ILE H 145 35.95 -26.58 -29.05
N HIS H 146 36.59 -27.43 -29.85
CA HIS H 146 36.23 -28.84 -29.91
C HIS H 146 36.73 -29.59 -28.69
N SER H 147 37.92 -29.23 -28.22
CA SER H 147 38.49 -29.88 -27.04
C SER H 147 37.66 -29.61 -25.80
N ALA H 148 37.17 -28.39 -25.64
CA ALA H 148 36.19 -28.12 -24.61
C ALA H 148 34.84 -28.76 -24.90
N ASP H 149 34.75 -29.57 -25.95
CA ASP H 149 33.50 -30.17 -26.37
C ASP H 149 32.46 -29.09 -26.67
N ILE H 150 32.69 -28.39 -27.79
CA ILE H 150 31.70 -27.49 -28.37
C ILE H 150 31.76 -27.61 -29.89
N ILE H 151 30.62 -27.89 -30.50
CA ILE H 151 30.48 -27.79 -31.95
C ILE H 151 30.10 -26.36 -32.29
N HIS H 152 30.68 -25.83 -33.37
CA HIS H 152 30.37 -24.46 -33.75
C HIS H 152 29.21 -24.39 -34.73
N ARG H 153 29.09 -25.38 -35.62
CA ARG H 153 27.97 -25.60 -36.52
C ARG H 153 27.56 -24.40 -37.37
N ASP H 154 28.38 -23.35 -37.37
CA ASP H 154 28.14 -22.23 -38.28
C ASP H 154 29.46 -21.47 -38.41
N LEU H 155 30.16 -21.69 -39.52
CA LEU H 155 31.44 -21.07 -39.75
C LEU H 155 31.45 -20.49 -41.16
N LYS H 156 31.75 -19.21 -41.27
CA LYS H 156 31.76 -18.52 -42.56
C LYS H 156 32.68 -17.31 -42.43
N PRO H 157 33.09 -16.71 -43.56
CA PRO H 157 33.90 -15.50 -43.47
C PRO H 157 33.23 -14.35 -42.74
N SER H 158 31.90 -14.22 -42.88
CA SER H 158 31.19 -13.13 -42.21
C SER H 158 31.26 -13.27 -40.69
N ASN H 159 31.34 -14.49 -40.18
CA ASN H 159 31.53 -14.74 -38.76
C ASN H 159 33.00 -14.93 -38.41
N LEU H 160 33.91 -14.37 -39.20
CA LEU H 160 35.34 -14.43 -38.96
C LEU H 160 35.89 -13.02 -39.04
N ALA H 161 36.50 -12.55 -37.96
CA ALA H 161 36.94 -11.16 -37.84
C ALA H 161 38.45 -11.10 -37.67
N VAL H 162 39.06 -10.10 -38.30
CA VAL H 162 40.51 -9.93 -38.29
C VAL H 162 40.82 -8.44 -38.20
N ASN H 163 41.96 -8.12 -37.59
CA ASN H 163 42.37 -6.74 -37.40
C ASN H 163 43.41 -6.35 -38.47
N GLU H 164 43.96 -5.14 -38.32
CA GLU H 164 44.91 -4.65 -39.30
C GLU H 164 46.23 -5.43 -39.27
N ASP H 165 46.61 -5.92 -38.10
CA ASP H 165 47.84 -6.70 -37.96
C ASP H 165 47.60 -8.20 -38.11
N CYS H 166 46.44 -8.60 -38.61
CA CYS H 166 46.08 -9.94 -39.09
C CYS H 166 45.74 -10.90 -37.94
N GLU H 167 45.80 -10.46 -36.69
CA GLU H 167 45.30 -11.29 -35.60
C GLU H 167 43.79 -11.47 -35.74
N LEU H 168 43.31 -12.70 -35.60
CA LEU H 168 41.94 -13.05 -35.95
C LEU H 168 41.25 -13.79 -34.81
N LYS H 169 39.93 -13.65 -34.74
CA LYS H 169 39.11 -14.28 -33.71
C LYS H 169 37.80 -14.77 -34.32
N ILE H 170 37.22 -15.80 -33.68
CA ILE H 170 35.97 -16.40 -34.15
C ILE H 170 34.79 -15.61 -33.60
N LEU H 171 33.60 -15.83 -34.20
CA LEU H 171 32.42 -15.03 -33.87
C LEU H 171 31.16 -15.90 -33.90
N ASP H 172 30.04 -15.28 -33.53
CA ASP H 172 28.68 -15.78 -33.73
C ASP H 172 28.49 -17.17 -33.11
N PHE H 173 28.53 -17.19 -31.78
CA PHE H 173 28.23 -18.40 -31.03
C PHE H 173 26.74 -18.65 -30.85
N GLY H 174 25.88 -17.97 -31.61
CA GLY H 174 24.45 -18.11 -31.41
C GLY H 174 23.96 -19.53 -31.62
N LEU H 175 24.45 -20.19 -32.68
CA LEU H 175 24.16 -21.59 -32.93
C LEU H 175 25.34 -22.40 -32.42
N ALA H 176 25.16 -23.09 -31.29
CA ALA H 176 26.25 -23.84 -30.69
C ALA H 176 25.67 -24.98 -29.84
N ARG H 177 26.54 -25.94 -29.53
CA ARG H 177 26.17 -27.11 -28.74
C ARG H 177 27.41 -27.96 -28.50
N HIS H 178 27.27 -29.03 -27.71
CA HIS H 178 28.32 -30.04 -27.60
C HIS H 178 27.82 -31.48 -27.63
N THR H 179 26.58 -31.75 -27.24
CA THR H 179 26.07 -33.12 -27.21
C THR H 179 26.05 -33.71 -28.62
N ASP H 180 25.82 -35.02 -28.72
CA ASP H 180 25.82 -35.69 -30.02
C ASP H 180 24.62 -36.64 -30.14
N ASP H 181 24.45 -37.18 -31.36
CA ASP H 181 23.43 -38.12 -31.80
C ASP H 181 22.02 -37.53 -31.82
N GLU H 182 21.86 -36.38 -31.18
CA GLU H 182 20.66 -35.57 -31.24
C GLU H 182 21.11 -34.15 -31.54
N MET H 183 20.68 -33.64 -32.69
CA MET H 183 20.98 -32.31 -33.13
C MET H 183 19.79 -31.71 -33.84
N TPO H 184 19.68 -30.39 -33.83
CA TPO H 184 18.75 -29.74 -34.72
CB TPO H 184 18.52 -28.28 -34.34
CG2 TPO H 184 17.24 -28.13 -33.52
OG1 TPO H 184 19.70 -27.72 -33.77
P TPO H 184 19.89 -27.83 -32.17
O1P TPO H 184 19.21 -26.71 -31.50
O2P TPO H 184 21.44 -27.70 -31.79
O3P TPO H 184 19.38 -29.22 -31.56
C TPO H 184 19.29 -29.85 -36.14
O TPO H 184 20.49 -29.74 -36.36
N GLY H 185 18.40 -30.09 -37.09
CA GLY H 185 18.79 -30.15 -38.48
C GLY H 185 18.70 -28.80 -39.13
N PTR H 186 18.99 -28.73 -40.44
CA PTR H 186 19.01 -27.46 -41.17
C PTR H 186 19.85 -26.44 -40.41
O PTR H 186 19.39 -25.38 -39.98
CB PTR H 186 17.58 -26.96 -41.39
CG PTR H 186 17.46 -26.01 -42.56
CD1 PTR H 186 18.31 -24.91 -42.67
CD2 PTR H 186 16.52 -26.19 -43.55
CE1 PTR H 186 18.21 -24.04 -43.71
CE2 PTR H 186 16.41 -25.33 -44.61
CZ PTR H 186 17.25 -24.25 -44.68
OH PTR H 186 17.14 -23.47 -45.69
P PTR H 186 18.49 -23.27 -46.53
O1P PTR H 186 18.82 -21.82 -46.10
O2P PTR H 186 18.26 -23.42 -48.04
O3P PTR H 186 19.58 -24.22 -46.18
N VAL H 187 21.13 -26.75 -40.23
CA VAL H 187 21.95 -26.00 -39.32
C VAL H 187 22.75 -24.90 -40.03
N ALA H 188 23.88 -25.31 -40.59
CA ALA H 188 24.90 -24.37 -41.05
C ALA H 188 24.47 -23.65 -42.32
N THR H 189 25.24 -22.61 -42.65
CA THR H 189 25.01 -21.85 -43.87
C THR H 189 25.28 -22.73 -45.09
N ARG H 190 24.43 -22.56 -46.11
CA ARG H 190 24.36 -23.53 -47.22
C ARG H 190 25.72 -23.76 -47.87
N TRP H 191 26.41 -22.69 -48.26
CA TRP H 191 27.68 -22.86 -48.96
C TRP H 191 28.72 -23.53 -48.09
N TYR H 192 28.76 -23.17 -46.81
CA TYR H 192 29.73 -23.74 -45.88
C TYR H 192 29.10 -24.84 -45.03
N ARG H 193 27.97 -25.39 -45.48
CA ARG H 193 27.35 -26.54 -44.85
C ARG H 193 27.98 -27.82 -45.39
N ALA H 194 28.43 -28.68 -44.47
CA ALA H 194 29.01 -29.96 -44.86
C ALA H 194 27.89 -30.93 -45.28
N PRO H 195 28.22 -31.92 -46.12
CA PRO H 195 27.14 -32.77 -46.67
C PRO H 195 26.44 -33.65 -45.64
N GLU H 196 27.11 -34.03 -44.54
CA GLU H 196 26.52 -34.99 -43.61
C GLU H 196 25.15 -34.56 -43.12
N ILE H 197 25.00 -33.30 -42.73
CA ILE H 197 23.76 -32.84 -42.12
C ILE H 197 22.66 -32.76 -43.17
N MET H 198 23.00 -33.09 -44.42
CA MET H 198 21.99 -33.36 -45.44
C MET H 198 21.64 -34.85 -45.47
N LEU H 199 22.64 -35.71 -45.68
CA LEU H 199 22.41 -37.14 -45.75
C LEU H 199 22.11 -37.73 -44.38
N ASN H 200 23.07 -37.64 -43.46
CA ASN H 200 22.81 -37.97 -42.06
C ASN H 200 21.99 -36.84 -41.46
N TRP H 201 20.66 -37.01 -41.48
CA TRP H 201 19.75 -35.88 -41.28
C TRP H 201 19.96 -35.19 -39.95
N MET H 202 20.25 -35.95 -38.89
CA MET H 202 20.22 -35.40 -37.55
C MET H 202 21.41 -35.82 -36.70
N HIS H 203 22.40 -36.50 -37.29
CA HIS H 203 23.54 -37.05 -36.55
C HIS H 203 24.83 -36.64 -37.24
N TYR H 204 25.48 -35.60 -36.72
CA TYR H 204 26.79 -35.18 -37.18
C TYR H 204 27.71 -34.98 -35.99
N ASN H 205 29.00 -34.83 -36.28
CA ASN H 205 30.04 -34.71 -35.26
C ASN H 205 30.82 -33.41 -35.45
N GLN H 206 31.86 -33.25 -34.63
CA GLN H 206 32.66 -32.03 -34.64
C GLN H 206 33.38 -31.78 -35.96
N THR H 207 33.40 -32.76 -36.86
CA THR H 207 34.07 -32.59 -38.15
C THR H 207 33.34 -31.64 -39.09
N VAL H 208 32.09 -31.25 -38.76
CA VAL H 208 31.37 -30.31 -39.61
C VAL H 208 32.08 -28.97 -39.65
N ASP H 209 32.74 -28.59 -38.54
CA ASP H 209 33.49 -27.34 -38.53
C ASP H 209 34.71 -27.42 -39.44
N ILE H 210 35.35 -28.59 -39.50
CA ILE H 210 36.55 -28.74 -40.31
C ILE H 210 36.23 -28.58 -41.79
N TRP H 211 35.07 -29.08 -42.23
CA TRP H 211 34.66 -28.92 -43.62
C TRP H 211 34.39 -27.46 -43.95
N SER H 212 33.79 -26.72 -43.02
CA SER H 212 33.50 -25.31 -43.25
C SER H 212 34.79 -24.50 -43.40
N VAL H 213 35.87 -24.93 -42.73
CA VAL H 213 37.15 -24.25 -42.91
C VAL H 213 37.72 -24.54 -44.30
N GLY H 214 37.44 -25.71 -44.86
CA GLY H 214 37.92 -26.02 -46.19
C GLY H 214 37.32 -25.11 -47.25
N CYS H 215 36.02 -24.80 -47.12
CA CYS H 215 35.39 -23.91 -48.07
C CYS H 215 35.96 -22.49 -47.98
N ILE H 216 36.37 -22.06 -46.78
CA ILE H 216 36.92 -20.73 -46.62
C ILE H 216 38.36 -20.67 -47.11
N MET H 217 39.17 -21.66 -46.73
CA MET H 217 40.56 -21.69 -47.17
C MET H 217 40.66 -21.66 -48.69
N ALA H 218 39.75 -22.35 -49.37
CA ALA H 218 39.72 -22.30 -50.82
C ALA H 218 39.17 -20.97 -51.33
N GLU H 219 38.29 -20.33 -50.56
CA GLU H 219 37.80 -19.02 -50.97
C GLU H 219 38.88 -17.96 -50.87
N LEU H 220 39.76 -18.08 -49.87
CA LEU H 220 40.87 -17.14 -49.76
C LEU H 220 41.86 -17.30 -50.90
N LEU H 221 42.16 -18.54 -51.28
CA LEU H 221 43.10 -18.80 -52.37
C LEU H 221 42.50 -18.52 -53.74
N THR H 222 41.19 -18.30 -53.83
CA THR H 222 40.53 -18.08 -55.11
C THR H 222 39.90 -16.71 -55.22
N GLY H 223 39.20 -16.26 -54.18
CA GLY H 223 38.41 -15.06 -54.25
C GLY H 223 36.94 -15.30 -54.52
N ARG H 224 36.59 -16.49 -55.00
CA ARG H 224 35.22 -16.91 -55.21
C ARG H 224 34.87 -18.03 -54.24
N THR H 225 33.58 -18.27 -54.08
CA THR H 225 33.11 -19.33 -53.20
C THR H 225 33.21 -20.68 -53.89
N LEU H 226 33.55 -21.72 -53.11
CA LEU H 226 33.69 -23.06 -53.67
C LEU H 226 32.37 -23.58 -54.19
N PHE H 227 31.33 -23.57 -53.36
CA PHE H 227 30.04 -24.18 -53.67
C PHE H 227 28.93 -23.13 -53.56
N PRO H 228 28.69 -22.35 -54.62
CA PRO H 228 27.55 -21.43 -54.64
C PRO H 228 26.28 -22.12 -55.15
N GLY H 229 25.80 -23.10 -54.39
CA GLY H 229 24.63 -23.85 -54.81
C GLY H 229 23.37 -23.03 -54.67
N THR H 230 22.52 -23.07 -55.69
CA THR H 230 21.27 -22.33 -55.65
C THR H 230 20.31 -22.90 -54.61
N ASP H 231 20.13 -24.22 -54.62
CA ASP H 231 19.33 -24.94 -53.64
C ASP H 231 20.20 -26.01 -52.98
N HIS H 232 19.59 -26.75 -52.05
CA HIS H 232 20.37 -27.75 -51.31
C HIS H 232 20.58 -29.04 -52.09
N ILE H 233 19.87 -29.26 -53.19
CA ILE H 233 20.18 -30.40 -54.05
C ILE H 233 21.29 -30.06 -55.05
N ASP H 234 21.27 -28.84 -55.59
CA ASP H 234 22.40 -28.38 -56.39
C ASP H 234 23.63 -28.15 -55.53
N GLN H 235 23.45 -27.89 -54.24
CA GLN H 235 24.57 -27.87 -53.31
C GLN H 235 25.27 -29.22 -53.28
N LEU H 236 24.50 -30.30 -53.22
CA LEU H 236 25.10 -31.63 -53.24
C LEU H 236 25.68 -31.96 -54.61
N LYS H 237 25.12 -31.39 -55.67
CA LYS H 237 25.68 -31.58 -57.00
C LYS H 237 27.02 -30.86 -57.16
N LEU H 238 27.12 -29.65 -56.58
CA LEU H 238 28.36 -28.89 -56.69
C LEU H 238 29.46 -29.46 -55.80
N ILE H 239 29.08 -30.14 -54.71
CA ILE H 239 30.08 -30.75 -53.85
C ILE H 239 30.62 -32.03 -54.47
N LEU H 240 29.73 -32.93 -54.89
CA LEU H 240 30.16 -34.18 -55.52
C LEU H 240 30.89 -33.93 -56.84
N ARG H 241 30.66 -32.78 -57.47
CA ARG H 241 31.40 -32.43 -58.68
C ARG H 241 32.89 -32.27 -58.39
N LEU H 242 33.26 -31.97 -57.16
CA LEU H 242 34.64 -31.79 -56.75
C LEU H 242 35.19 -32.99 -55.99
N VAL H 243 34.46 -33.48 -54.99
CA VAL H 243 34.95 -34.57 -54.15
C VAL H 243 34.61 -35.95 -54.70
N GLY H 244 33.67 -36.04 -55.63
CA GLY H 244 33.33 -37.34 -56.19
C GLY H 244 32.24 -38.05 -55.40
N THR H 245 31.44 -38.82 -56.11
CA THR H 245 30.35 -39.57 -55.49
C THR H 245 30.92 -40.63 -54.55
N PRO H 246 30.21 -40.95 -53.47
CA PRO H 246 30.74 -41.90 -52.49
C PRO H 246 30.69 -43.33 -52.97
N GLY H 247 31.65 -44.13 -52.51
CA GLY H 247 31.65 -45.54 -52.83
C GLY H 247 30.55 -46.30 -52.10
N ALA H 248 30.31 -47.53 -52.57
CA ALA H 248 29.20 -48.31 -52.03
C ALA H 248 29.42 -48.68 -50.57
N GLU H 249 30.67 -48.91 -50.16
CA GLU H 249 30.93 -49.27 -48.77
C GLU H 249 30.64 -48.11 -47.83
N LEU H 250 30.85 -46.88 -48.29
CA LEU H 250 30.48 -45.69 -47.51
C LEU H 250 29.06 -45.24 -47.80
N LEU H 251 28.54 -45.57 -48.98
CA LEU H 251 27.15 -45.24 -49.31
C LEU H 251 26.18 -45.91 -48.34
N LYS H 252 26.53 -47.09 -47.82
CA LYS H 252 25.69 -47.78 -46.86
C LYS H 252 25.58 -47.02 -45.54
N LYS H 253 26.53 -46.14 -45.24
CA LYS H 253 26.46 -45.36 -44.01
C LYS H 253 25.38 -44.28 -44.07
N ILE H 254 24.95 -43.90 -45.26
CA ILE H 254 23.85 -42.94 -45.40
C ILE H 254 22.57 -43.58 -44.89
N SER H 255 21.83 -42.86 -44.04
CA SER H 255 20.70 -43.45 -43.35
C SER H 255 19.47 -43.53 -44.23
N SER H 256 19.07 -42.42 -44.84
CA SER H 256 17.79 -42.35 -45.52
C SER H 256 17.74 -43.25 -46.75
N GLU H 257 16.55 -43.75 -47.05
CA GLU H 257 16.36 -44.67 -48.18
C GLU H 257 16.41 -43.90 -49.50
N SER H 258 15.56 -42.87 -49.63
CA SER H 258 15.53 -42.09 -50.86
C SER H 258 16.80 -41.30 -51.07
N ALA H 259 17.60 -41.10 -50.02
CA ALA H 259 18.91 -40.47 -50.21
C ALA H 259 19.88 -41.42 -50.91
N ARG H 260 19.88 -42.69 -50.50
CA ARG H 260 20.72 -43.68 -51.18
C ARG H 260 20.33 -43.83 -52.64
N ASN H 261 19.04 -43.67 -52.96
CA ASN H 261 18.59 -43.82 -54.33
C ASN H 261 18.98 -42.61 -55.19
N TYR H 262 19.05 -41.43 -54.59
CA TYR H 262 19.33 -40.23 -55.37
C TYR H 262 20.80 -40.14 -55.77
N ILE H 263 21.71 -40.52 -54.87
CA ILE H 263 23.13 -40.47 -55.19
C ILE H 263 23.45 -41.45 -56.32
N GLN H 264 22.87 -42.65 -56.28
CA GLN H 264 23.07 -43.61 -57.35
C GLN H 264 22.41 -43.17 -58.65
N SER H 265 21.48 -42.21 -58.59
CA SER H 265 20.86 -41.69 -59.80
C SER H 265 21.75 -40.67 -60.51
N LEU H 266 22.78 -40.17 -59.84
CA LEU H 266 23.72 -39.24 -60.46
C LEU H 266 24.80 -40.00 -61.22
N THR H 267 25.42 -39.32 -62.17
CA THR H 267 26.54 -39.89 -62.92
C THR H 267 27.72 -40.07 -61.98
N GLN H 268 28.10 -41.32 -61.73
CA GLN H 268 29.19 -41.61 -60.81
C GLN H 268 30.51 -41.10 -61.36
N MET H 269 31.33 -40.51 -60.49
CA MET H 269 32.61 -39.96 -60.86
C MET H 269 33.53 -40.00 -59.66
N PRO H 270 34.83 -40.23 -59.86
CA PRO H 270 35.76 -40.30 -58.74
C PRO H 270 36.23 -38.91 -58.33
N LYS H 271 37.00 -38.87 -57.25
CA LYS H 271 37.63 -37.62 -56.81
C LYS H 271 38.68 -37.20 -57.82
N MET H 272 38.77 -35.90 -58.07
CA MET H 272 39.74 -35.36 -59.00
C MET H 272 40.86 -34.65 -58.24
N ASN H 273 42.05 -34.68 -58.82
CA ASN H 273 43.22 -34.07 -58.20
C ASN H 273 43.00 -32.57 -58.06
N PHE H 274 43.06 -32.07 -56.82
CA PHE H 274 42.80 -30.66 -56.56
C PHE H 274 43.84 -29.76 -57.21
N ALA H 275 45.01 -30.29 -57.56
CA ALA H 275 45.99 -29.49 -58.29
C ALA H 275 45.51 -29.09 -59.67
N ASN H 276 44.54 -29.83 -60.22
CA ASN H 276 43.94 -29.45 -61.50
C ASN H 276 42.87 -28.37 -61.34
N VAL H 277 42.39 -28.14 -60.13
CA VAL H 277 41.40 -27.09 -59.86
C VAL H 277 42.06 -25.84 -59.30
N PHE H 278 42.92 -26.01 -58.29
CA PHE H 278 43.64 -24.88 -57.71
C PHE H 278 45.00 -24.73 -58.40
N ILE H 279 44.94 -24.22 -59.62
CA ILE H 279 46.14 -24.03 -60.42
C ILE H 279 46.99 -22.92 -59.81
N GLY H 280 48.29 -23.17 -59.65
CA GLY H 280 49.20 -22.19 -59.11
C GLY H 280 49.19 -22.08 -57.60
N ALA H 281 48.28 -22.75 -56.91
CA ALA H 281 48.23 -22.71 -55.47
C ALA H 281 49.39 -23.50 -54.86
N ASN H 282 49.63 -23.26 -53.58
CA ASN H 282 50.70 -23.95 -52.86
C ASN H 282 50.42 -25.45 -52.82
N PRO H 283 51.32 -26.29 -53.31
CA PRO H 283 51.09 -27.75 -53.25
C PRO H 283 50.86 -28.25 -51.84
N LEU H 284 51.53 -27.67 -50.84
CA LEU H 284 51.27 -28.06 -49.46
C LEU H 284 49.89 -27.62 -49.01
N ALA H 285 49.46 -26.43 -49.42
CA ALA H 285 48.13 -25.96 -49.09
C ALA H 285 47.05 -26.79 -49.79
N VAL H 286 47.32 -27.21 -51.03
CA VAL H 286 46.37 -28.05 -51.75
C VAL H 286 46.25 -29.41 -51.06
N ASP H 287 47.36 -29.93 -50.55
CA ASP H 287 47.31 -31.21 -49.84
C ASP H 287 46.45 -31.13 -48.60
N LEU H 288 46.51 -30.01 -47.88
CA LEU H 288 45.66 -29.84 -46.69
C LEU H 288 44.20 -29.71 -47.08
N LEU H 289 43.92 -28.98 -48.17
CA LEU H 289 42.54 -28.87 -48.65
C LEU H 289 41.98 -30.23 -49.02
N GLU H 290 42.84 -31.15 -49.47
CA GLU H 290 42.40 -32.51 -49.74
C GLU H 290 42.02 -33.23 -48.44
N LYS H 291 42.81 -33.06 -47.39
CA LYS H 291 42.55 -33.75 -46.13
C LYS H 291 41.32 -33.21 -45.42
N MET H 292 40.96 -31.96 -45.67
CA MET H 292 39.79 -31.37 -45.03
C MET H 292 38.50 -31.68 -45.78
N LEU H 293 38.54 -31.67 -47.12
CA LEU H 293 37.35 -31.91 -47.93
C LEU H 293 37.26 -33.38 -48.33
N VAL H 294 37.21 -34.25 -47.34
CA VAL H 294 37.01 -35.68 -47.53
C VAL H 294 35.54 -35.99 -47.34
N LEU H 295 34.97 -36.82 -48.22
CA LEU H 295 33.55 -37.15 -48.13
C LEU H 295 33.25 -37.89 -46.84
N ASP H 296 34.06 -38.89 -46.50
CA ASP H 296 33.84 -39.65 -45.28
C ASP H 296 34.17 -38.78 -44.07
N SER H 297 33.21 -38.65 -43.16
CA SER H 297 33.42 -37.79 -41.98
C SER H 297 34.48 -38.38 -41.07
N ASP H 298 34.50 -39.70 -40.90
CA ASP H 298 35.50 -40.32 -40.03
C ASP H 298 36.90 -40.20 -40.62
N LYS H 299 37.02 -40.18 -41.95
CA LYS H 299 38.30 -39.99 -42.60
C LYS H 299 38.75 -38.53 -42.59
N ARG H 300 37.85 -37.59 -42.27
CA ARG H 300 38.18 -36.18 -42.30
C ARG H 300 39.14 -35.83 -41.18
N ILE H 301 40.13 -34.99 -41.49
CA ILE H 301 41.15 -34.62 -40.52
C ILE H 301 40.52 -33.80 -39.40
N THR H 302 41.05 -33.95 -38.19
CA THR H 302 40.56 -33.22 -37.04
C THR H 302 41.35 -31.93 -36.85
N ALA H 303 40.86 -31.08 -35.94
CA ALA H 303 41.51 -29.80 -35.70
C ALA H 303 42.89 -29.98 -35.07
N ALA H 304 43.00 -30.91 -34.11
CA ALA H 304 44.29 -31.15 -33.47
C ALA H 304 45.29 -31.73 -34.46
N GLN H 305 44.83 -32.59 -35.37
CA GLN H 305 45.73 -33.15 -36.37
C GLN H 305 46.09 -32.13 -37.43
N ALA H 306 45.21 -31.15 -37.68
CA ALA H 306 45.48 -30.16 -38.71
C ALA H 306 46.64 -29.25 -38.35
N LEU H 307 46.86 -29.00 -37.05
CA LEU H 307 47.97 -28.16 -36.63
C LEU H 307 49.32 -28.83 -36.86
N ALA H 308 49.37 -30.15 -36.94
CA ALA H 308 50.61 -30.88 -37.17
C ALA H 308 50.98 -30.96 -38.64
N HIS H 309 50.17 -30.40 -39.54
CA HIS H 309 50.48 -30.45 -40.96
C HIS H 309 51.70 -29.60 -41.28
N ALA H 310 52.41 -30.00 -42.34
CA ALA H 310 53.63 -29.30 -42.72
C ALA H 310 53.36 -27.92 -43.29
N TYR H 311 52.10 -27.64 -43.66
CA TYR H 311 51.75 -26.32 -44.18
C TYR H 311 51.92 -25.24 -43.12
N PHE H 312 51.80 -25.61 -41.83
CA PHE H 312 51.97 -24.68 -40.72
C PHE H 312 53.32 -24.86 -40.03
N ALA H 313 54.35 -25.24 -40.79
CA ALA H 313 55.68 -25.40 -40.20
C ALA H 313 56.25 -24.08 -39.71
N GLN H 314 55.67 -22.95 -40.14
CA GLN H 314 56.15 -21.64 -39.70
C GLN H 314 55.58 -21.21 -38.36
N TYR H 315 54.44 -21.77 -37.95
CA TYR H 315 53.75 -21.33 -36.74
C TYR H 315 53.37 -22.46 -35.80
N HIS H 316 53.81 -23.69 -36.07
CA HIS H 316 53.40 -24.83 -35.26
C HIS H 316 54.19 -24.89 -33.95
N ASP H 317 53.47 -25.00 -32.84
CA ASP H 317 54.07 -25.19 -31.52
C ASP H 317 53.09 -25.93 -30.63
N PRO H 318 53.34 -27.20 -30.32
CA PRO H 318 52.35 -27.98 -29.55
C PRO H 318 52.22 -27.56 -28.10
N ASP H 319 53.16 -26.78 -27.57
CA ASP H 319 53.12 -26.36 -26.18
C ASP H 319 52.29 -25.10 -25.95
N ASP H 320 51.86 -24.42 -27.00
CA ASP H 320 51.05 -23.21 -26.89
C ASP H 320 49.88 -23.27 -27.86
N GLU H 321 49.22 -24.43 -27.90
CA GLU H 321 47.93 -24.59 -28.58
C GLU H 321 46.97 -25.18 -27.57
N PRO H 322 46.51 -24.39 -26.62
CA PRO H 322 45.88 -24.94 -25.42
C PRO H 322 44.46 -25.44 -25.68
N VAL H 323 43.99 -26.16 -24.68
CA VAL H 323 42.70 -26.80 -24.56
C VAL H 323 41.88 -25.99 -23.56
N ALA H 324 40.63 -26.35 -23.34
CA ALA H 324 39.82 -25.73 -22.31
C ALA H 324 39.23 -26.81 -21.42
N ASP H 325 38.97 -26.45 -20.16
CA ASP H 325 38.24 -27.34 -19.28
C ASP H 325 36.89 -27.65 -19.91
N PRO H 326 36.47 -28.92 -19.96
CA PRO H 326 35.23 -29.27 -20.65
C PRO H 326 34.03 -28.46 -20.17
N TYR H 327 33.19 -28.10 -21.11
CA TYR H 327 31.99 -27.31 -20.85
C TYR H 327 30.89 -28.19 -20.28
N ASP H 328 30.29 -27.77 -19.16
CA ASP H 328 29.15 -28.49 -18.64
C ASP H 328 27.93 -28.23 -19.52
N GLN H 329 26.93 -29.12 -19.45
CA GLN H 329 25.80 -28.92 -20.35
C GLN H 329 25.04 -27.64 -19.99
N SER H 330 24.07 -27.72 -19.07
CA SER H 330 23.58 -26.67 -18.19
C SER H 330 22.17 -27.05 -17.75
N PHE H 331 21.45 -26.10 -17.15
CA PHE H 331 20.00 -26.12 -17.18
C PHE H 331 19.46 -26.05 -18.62
N GLU H 332 20.37 -25.99 -19.61
CA GLU H 332 19.96 -25.89 -21.01
C GLU H 332 18.96 -26.98 -21.40
N SER H 333 19.12 -28.18 -20.88
CA SER H 333 18.25 -29.29 -21.27
C SER H 333 16.81 -29.05 -20.81
N ARG H 334 16.64 -28.64 -19.55
CA ARG H 334 15.30 -28.40 -19.03
C ARG H 334 14.70 -27.14 -19.65
N ASP H 335 13.36 -27.08 -19.62
CA ASP H 335 12.61 -25.99 -20.21
C ASP H 335 11.96 -25.13 -19.13
N LEU H 336 12.05 -23.82 -19.30
CA LEU H 336 11.58 -22.87 -18.29
C LEU H 336 10.81 -21.74 -18.96
N LEU H 337 10.17 -20.91 -18.13
CA LEU H 337 9.38 -19.78 -18.58
C LEU H 337 10.28 -18.59 -18.88
N ILE H 338 9.68 -17.52 -19.42
CA ILE H 338 10.43 -16.29 -19.72
C ILE H 338 11.20 -15.83 -18.50
N ASP H 339 10.47 -15.57 -17.40
CA ASP H 339 11.08 -14.96 -16.22
C ASP H 339 12.12 -15.87 -15.57
N GLU H 340 11.96 -17.19 -15.70
CA GLU H 340 12.97 -18.10 -15.15
C GLU H 340 14.26 -18.01 -15.96
N TRP H 341 14.16 -18.03 -17.29
CA TRP H 341 15.34 -17.80 -18.12
C TRP H 341 15.83 -16.37 -17.99
N LYS H 342 14.91 -15.41 -17.89
CA LYS H 342 15.28 -14.01 -17.72
C LYS H 342 16.03 -13.82 -16.40
N SER H 343 15.60 -14.52 -15.34
CA SER H 343 16.31 -14.46 -14.08
C SER H 343 17.66 -15.17 -14.17
N LEU H 344 17.67 -16.36 -14.78
CA LEU H 344 18.92 -17.10 -14.93
C LEU H 344 19.96 -16.31 -15.73
N THR H 345 19.49 -15.43 -16.63
CA THR H 345 20.42 -14.56 -17.36
C THR H 345 21.16 -13.62 -16.41
N TYR H 346 20.45 -13.12 -15.39
CA TYR H 346 21.07 -12.20 -14.43
C TYR H 346 22.21 -12.87 -13.67
N ASP H 347 21.94 -14.06 -13.11
CA ASP H 347 22.92 -14.70 -12.24
C ASP H 347 24.25 -14.96 -12.93
N GLU H 348 24.25 -15.06 -14.25
CA GLU H 348 25.51 -15.22 -14.99
C GLU H 348 26.14 -13.88 -15.36
N VAL H 349 25.42 -12.77 -15.21
CA VAL H 349 26.01 -11.47 -15.49
C VAL H 349 26.85 -10.99 -14.32
N ILE H 350 26.24 -10.91 -13.13
CA ILE H 350 26.96 -10.40 -11.96
C ILE H 350 28.06 -11.36 -11.51
N SER H 351 27.95 -12.65 -11.85
CA SER H 351 28.98 -13.61 -11.49
C SER H 351 30.16 -13.58 -12.43
N PHE H 352 30.05 -12.89 -13.56
CA PHE H 352 31.17 -12.76 -14.48
C PHE H 352 32.26 -11.91 -13.86
N VAL H 353 33.49 -12.37 -14.00
CA VAL H 353 34.68 -11.67 -13.49
C VAL H 353 35.50 -11.21 -14.68
N PRO H 354 35.93 -9.95 -14.73
CA PRO H 354 36.70 -9.49 -15.88
C PRO H 354 38.04 -10.19 -15.95
N PRO H 355 38.64 -10.29 -17.13
CA PRO H 355 39.96 -10.94 -17.25
C PRO H 355 41.05 -10.08 -16.67
N PRO H 356 42.22 -10.65 -16.40
CA PRO H 356 43.32 -9.85 -15.83
C PRO H 356 43.78 -8.75 -16.78
N LEU H 357 44.55 -7.82 -16.24
CA LEU H 357 45.06 -6.69 -16.99
C LEU H 357 46.42 -7.02 -17.63
C1 39G I . 4.28 -36.66 10.34
C2 39G I . 4.83 -36.45 8.93
C3 39G I . 5.28 -37.79 8.35
C9 39G I . 7.68 -37.01 6.05
C10 39G I . 8.10 -35.87 6.73
C11 39G I . 9.44 -35.52 6.73
C12 39G I . 10.36 -36.32 6.06
C13 39G I . 9.93 -37.46 5.39
C14 39G I . 8.59 -37.81 5.39
C15 39G I . 2.76 -38.34 6.45
C19 39G I . -0.36 -38.41 6.55
C20 39G I . -1.61 -38.80 7.02
C21 39G I . -1.98 -40.14 6.95
C22 39G I . -1.12 -41.07 6.41
C24 39G I . 0.65 -42.02 5.46
C30 39G I . -3.16 -37.88 10.43
C4 39G I . 5.24 -37.70 6.82
C5 39G I . 4.17 -37.93 6.00
C6 39G I . 4.59 -37.73 4.72
N7 39G I . 5.87 -37.39 4.74
N8 39G I . 6.28 -37.37 6.07
O16 39G I . 2.42 -38.19 7.57
N17 39G I . 1.82 -38.95 5.51
C18 39G I . 0.51 -39.34 6.01
C23 39G I . 0.13 -40.67 5.94
S25 39G I . -2.75 -37.58 7.75
O26 39G I . -2.74 -36.33 6.99
O27 39G I . -4.14 -38.00 7.61
N28 39G I . -2.33 -37.32 9.39
C29 39G I . -1.00 -36.84 9.73
C1 39G J . -8.74 10.31 40.57
C2 39G J . -9.95 9.88 39.73
C3 39G J . -9.63 8.58 39.00
C9 39G J . -11.89 8.18 36.45
C10 39G J . -12.64 9.32 36.25
C11 39G J . -12.84 9.79 34.95
C12 39G J . -12.30 9.12 33.87
C13 39G J . -11.54 7.97 34.08
C14 39G J . -11.33 7.50 35.37
C15 39G J . -10.90 6.64 41.23
C19 39G J . -11.16 6.25 44.37
C20 39G J . -10.59 6.16 45.63
C21 39G J . -9.61 5.22 45.88
C22 39G J . -9.20 4.36 44.87
C24 39G J . -8.99 3.34 42.92
C30 39G J . -9.47 9.34 47.69
C4 39G J . -10.89 7.74 38.88
C5 39G J . -11.44 6.91 39.82
C6 39G J . -12.58 6.36 39.28
N7 39G J . -12.72 6.84 38.05
N8 39G J . -11.66 7.70 37.80
O16 39G J . -10.07 7.34 41.70
N17 39G J . -11.37 5.52 42.04
C18 39G J . -10.76 5.40 43.36
C23 39G J . -9.77 4.45 43.61
S25 39G J . -11.14 7.30 46.95
O26 39G J . -12.61 7.38 47.01
O27 39G J . -10.83 6.77 48.27
N28 39G J . -10.44 8.85 46.73
C29 39G J . -10.61 9.56 45.46
C1 39G K . -17.72 30.69 -14.33
C2 39G K . -17.59 32.04 -15.02
C3 39G K . -17.39 33.13 -13.97
C9 39G K . -18.59 36.12 -15.22
C10 39G K . -19.77 35.49 -14.88
C11 39G K . -20.99 36.14 -15.03
C12 39G K . -21.02 37.44 -15.51
C13 39G K . -19.84 38.07 -15.85
C14 39G K . -18.62 37.42 -15.71
C15 39G K . -14.23 33.50 -14.56
C19 39G K . -11.78 31.67 -15.22
C20 39G K . -10.84 30.69 -14.93
C21 39G K . -9.97 30.86 -13.87
C22 39G K . -10.03 32.01 -13.09
C24 39G K . -10.62 34.00 -12.30
C30 39G K . -11.58 26.80 -14.87
C4 39G K . -16.69 34.33 -14.63
C5 39G K . -15.35 34.49 -14.88
C6 39G K . -15.19 35.71 -15.47
N7 39G K . -16.39 36.29 -15.59
N8 39G K . -17.33 35.43 -15.06
O16 39G K . -14.48 32.43 -14.12
N17 39G K . -12.83 33.84 -14.79
C18 39G K . -11.83 32.84 -14.45
C23 39G K . -10.96 33.00 -13.40
S25 39G K . -10.79 29.19 -15.95
O26 39G K . -10.96 29.53 -17.37
O27 39G K . -9.47 28.58 -15.95
N28 39G K . -11.99 28.08 -15.43
C29 39G K . -13.36 28.53 -15.26
C1 39G L . 28.64 -7.75 -35.74
C2 39G L . 30.15 -7.71 -35.92
C3 39G L . 30.69 -6.41 -35.31
C9 39G L . 33.80 -5.53 -36.53
C10 39G L . 32.98 -5.11 -37.56
C11 39G L . 33.53 -4.45 -38.67
C12 39G L . 34.89 -4.24 -38.73
C13 39G L . 35.71 -4.66 -37.70
C14 39G L . 35.17 -5.31 -36.59
C15 39G L . 31.56 -7.93 -32.59
C19 39G L . 30.69 -10.42 -30.76
C20 39G L . 29.75 -11.03 -29.95
C21 39G L . 29.25 -10.37 -28.85
C22 39G L . 29.67 -9.07 -28.58
C24 39G L . 30.72 -7.11 -28.66
C30 39G L . 26.86 -13.27 -31.65
C4 39G L . 32.11 -6.64 -34.78
C5 39G L . 32.49 -7.28 -33.62
C6 39G L . 33.85 -7.24 -33.56
N7 39G L . 34.30 -6.59 -34.62
N8 39G L . 33.21 -6.22 -35.39
O16 39G L . 30.40 -8.01 -32.77
N17 39G L . 32.10 -8.52 -31.37
C18 39G L . 31.13 -9.13 -30.48
C23 39G L . 30.62 -8.46 -29.39
S25 39G L . 29.21 -12.73 -30.35
O26 39G L . 30.37 -13.62 -30.54
O27 39G L . 28.55 -13.35 -29.20
N28 39G L . 28.20 -12.73 -31.74
C29 39G L . 28.65 -12.15 -32.99
#